data_7VBZ
#
_entry.id   7VBZ
#
_cell.length_a   1.00
_cell.length_b   1.00
_cell.length_c   1.00
_cell.angle_alpha   90.00
_cell.angle_beta   90.00
_cell.angle_gamma   90.00
#
_symmetry.space_group_name_H-M   'P 1'
#
loop_
_entity.id
_entity.type
_entity.pdbx_description
1 polymer 'NADH dehydrogenase [ubiquinone] flavoprotein 1, mitochondrial'
2 polymer 'NADH dehydrogenase [ubiquinone] iron-sulfur protein 8, mitochondrial'
3 polymer 'NADH dehydrogenase [ubiquinone] iron-sulfur protein 7, mitochondrial'
4 polymer 'NADH dehydrogenase [ubiquinone] 1 alpha subcomplex subunit 6'
5 polymer 'NADH dehydrogenase [ubiquinone] 1 alpha subcomplex subunit 2'
6 polymer 'Acyl carrier protein, mitochondrial'
7 polymer 'NADH dehydrogenase [ubiquinone] 1 alpha subcomplex subunit 5'
8 polymer 'NADH dehydrogenase [ubiquinone] 1 alpha subcomplex subunit 7'
9 polymer 'NADH dehydrogenase ubiquinone 1 alpha subcomplex subunit 9, mitochondrial'
10 polymer 'NADH dehydrogenase [ubiquinone] flavoprotein 3, mitochondrial'
11 polymer 'NADH dehydrogenase [ubiquinone] iron-sulfur protein 4, mitochondrial'
12 polymer 'NADH-ubiquinone oxidoreductase 75 kDa subunit, mitochondrial'
13 polymer 'NADH dehydrogenase [ubiquinone] 1 alpha subcomplex subunit 12'
14 polymer 'NADH dehydrogenase [ubiquinone] flavoprotein 2, mitochondrial'
15 polymer 'NADH dehydrogenase [ubiquinone] iron-sulfur protein 3, mitochondrial'
16 polymer 'NADH dehydrogenase [ubiquinone] iron-sulfur protein 2, mitochondrial'
17 polymer 'NADH dehydrogenase [ubiquinone] iron-sulfur protein 6, mitochondrial'
18 polymer 'NADH dehydrogenase [ubiquinone] 1 alpha subcomplex subunit 13'
19 non-polymer 'IRON/SULFUR CLUSTER'
20 non-polymer 'FLAVIN MONONUCLEOTIDE'
21 non-polymer '1,4-DIHYDRONICOTINAMIDE ADENINE DINUCLEOTIDE'
22 non-polymer 1,2-dioleoyl-sn-glycero-3-phosphoethanolamine
23 non-polymer (9R,11S)-9-({[(1S)-1-HYDROXYHEXADECYL]OXY}METHYL)-2,2-DIMETHYL-5,7,10-TRIOXA-2LAMBDA~5~-AZA-6LAMBDA~5~-PHOSPHAOCTACOSANE-6,6,11-TRIOL
24 non-polymer 'S-[2-({N-[(2R)-2-hydroxy-3,3-dimethyl-4-(phosphonooxy)butanoyl]-beta-alanyl}amino)ethyl] dodecanethioate'
25 non-polymer 'NADPH DIHYDRO-NICOTINAMIDE-ADENINE-DINUCLEOTIDE PHOSPHATE'
26 non-polymer 'Coenzyme Q10, (2Z,6E,10Z,14E,18E,22E,26Z)-isomer'
27 non-polymer 'FE2/S2 (INORGANIC) CLUSTER'
28 non-polymer 'MAGNESIUM ION'
29 non-polymer CARDIOLIPIN
30 non-polymer "(2R,6aS,12aS)-8,9-dimethoxy-2-(prop-1-en-2-yl)-1,2,12,12a-tetrahydrofuro[2',3':7,8][1]benzopyrano[2,3-c][1]benzopyran-6(6aH)-one"
31 non-polymer 'ZINC ION'
32 water water
#
loop_
_entity_poly.entity_id
_entity_poly.type
_entity_poly.pdbx_seq_one_letter_code
_entity_poly.pdbx_strand_id
1 'polypeptide(L)'
;APKKTSFGSLKDEDRIFTNLYGRHDWRLKGAQSRGDWYKTKEILLKGPDWILGEVKTSGLRGRGGAGFPTGLKWSFMNKP
SDGRPKYLVVNADEGEPGTCKDREIIRHDPHKLVEGCLVGGRAMGARAAYIYIRGEFYNEASNLQVAIREAYEAGLIGKN
ACGSGYDFDVFVVRGAGAYICGEETALIESIEGKQGKPRLKPPFPADVGVFGCPTTVANVETVAVSPTICRRGGAWFASF
GRERNSGTKLFNISGHVNHPCTVEEEMSVPLKELIEKHAGGVIGGWDNLLAVIPGGSSTPLIPKSVCETVLMDFDALVQA
QTGLGTAAVIVMDRSTDIVKAIARLIEFYKHESCGQCTPCREGVDWMNKVMARFVKGDARPAEIDSLWEISKQIEGHTIC
ALGDGAAWPVQGLIRHFRPELEERMQQFALQHQ
;
A
2 'polypeptide(L)'
;TYKFVNMREPSMDMKSVTDRAAQTLLWTELVRGLGMTLSYLFREPATINYPFEKGPLSPRFRGEHALRRYPSGEERCIAC
KLCEAVCPAQAITIEAEPRADGSRRTTRYDIDMTKCIYCGFCQEACPVDAIVEGPNFEFSTETHEELLYNKEKLLNNGDK
WEAEIAANIQADYLYR
;
B
3 'polypeptide(L)'
;SRGEYVVAKLDDLVNWARRSSLWPMTFGLACCAVEMMHMAAPRYDMDRFGVVFRASPRQSDVMIVAGTLTNKMAPALRKV
YDQMPEPRYVVSMGSCANGGGYYHYSYSVVRGCDRIVPVDIYVPGCPPTAEALLYGILQLQRKIKREKRLRIWYRR
;
C
4 'polypeptide(L)'
;GTSVKPIFSRDMNEAKRRVRELYRAWYREVPNTVHLFQLDISVKQGRDKVREMFMKNAHVTDPRVVDLLVIKGKMELEET
INVWKQRTHIMRFFHETEAPRPTDFLSKFYVGHDP
;
E
5 'polypeptide(L)'
;LGLREIRIHLCQRSPGSQGVRDFIEKRYVELKKANPDLPILIRECSDVQPKLWARYAFGQEKNVSLNNFSADQVTRTLEN
VLSGKA
;
F
6 'polypeptide(L)'
;SDAPPLTLEAIKDRVLYVLKLYDKIDPEKLSVNSHFMKDLGLDSLDQVEIIMAMEDEFGFEIPDIDAEKLMCPQEIVDYI
ADKKDVYE
;
G
7 'polypeptide(L)'
;LKKTTGLVGLAVCETPHERLKILYTKILDVLGQIPKNAAYRKYTEQITNEKLGMVKAEPDVKKLEEQLQGGQIEEVILQA
ENELSLARKMLRWKPWEPLVEEPPANQWKWPI
;
H
8 'polypeptide(L)'
;ASATRVIQLLRNWASGRDLQAKLQLRYQEISKRTQPPPKLPVGPSHKLSNNYYCTRDGRREAMPPSIVMSSQKVLASGKP
AESSAVAETEKKAVTPAPPIKRWELSKDQPYL
;
I
9 'polypeptide(L)'
;LHHALIPHGKGGRSSVSGIVATVFGATGFLGRYVVNHLGRMGSQVIVPYRCEPYDTMHLRPMGDLGQIIFMEWNGKDKDS
IRKVVEHSNVVINLVGREWETKNFDFEDVFVKIPHAIAQVSKEAGVEKLIHISHLNADIKSPSRYLRSKAVGEKEVRAAF
PEATIIKPSDIFGREDRFLNYFASMRWFGGVPLISLGKETVKQPVYIVDVSKGIINAIKDPDAKGKTFAFVGPNRYLLFD
LVQYIFAVAYRPFLPYPLPHFAYRWVGRLFEVSPFEPWTTRDKVERVHMSDMTLPHLPGLEDLGIQATPLELKAIEVLRR
HRTYRWLTSEMEDVKPAKTVNI
;
J
10 'polypeptide(L)' FDNSTYRNLQHHEYSTYTFLDLNVELSKFRMPQPSSGRQSPRH K
11 'polypeptide(L)'
;QLIAVDEKLDITTLTGVPEEHIKTRKVRIFVPARNNMQSGVNNTKKWKMEFDTRERWENPLMGWSSTADPLSNLVLTFST
KEDAVAFAEKNGWSFDVEERKVPKPKSKSYGANFSWNKRTRVSTK
;
L
12 'polypeptide(L)'
;SNLIEVFVDGQSVMVEPGTTVLQACEKVGMQIPRFCYHERLSVAGNCRMCLVEIEKAPKVVAACAMPVMKGWNILTNSEK
SKKAREGVMEFLLANHPLDCPICDQGGECDLQDQSMMFGSDRSRFLEGKRAVEDKNIGPLVKTIMTRCIQCTRCIRFASE
IAGVDDLGTTGRGNDMQVGTYIEKMFMSELSGNIIDICPVGALTSKPYAFTARPWETRKTESIDVMDAVGSNIVVSTRTG
EVMRILPRMHEDINEEWISDKTRFAYDGLKRQRLTQPMIRNEKGLLTYTTWEDALSRVAGMLQSFQGNDVAAIAGGLVDA
EALVALKDLLNRVDSDSLCTEEVFPTAGAGTDLRSNYLLNTTIAGVEEADVILLVGTNPRFEAPLFNARIRKSWLHNDLK
VALIGSPVDLTYRYDHLGDSPKILQDIASGNHPFSQILKEAKKPMVVLGSSALQRSDGTAILAAVSNIAQNIRLSSGVTG
DWKVMNILHRIASQVAALDLGYKPGVEAIRKNPPKVLFLLGADGGCITRQDLPKDCFIIYQGHHGDVGAPMADVILPGAA
YTEKSATYVNTEGRAQQTKVAVTPPGLAREDWKIIRALSEIAGMTLPYDTLDQVRSRLEEVSPNLVRYDDVEGANYFQQA
NELSKLVNQQLLADPLVPPQLTIKDFYMTDSISRASQTMAKCVKAVTEGI
;
M
13 'polypeptide(L)'
;ELVQVLRRGLQQVSGHGGLRGYLRVLFRANDVRVGTLVGEDKYGNKYYEDNKQFFGRHRWVIYTTEMNGRDTFWDVDGSM
VPPEWHRWLHCMTDDPPTTKPPTARKYIWTNHKFNVSGTPQQYVPYSTTRKKIQEWVPPSTPYK
;
N
14 'polypeptide(L)'
;GAGGALFVHRDTPENNPDTPFDFTPENYKRIEAIVKNYPEGHKAAAVLPVLDLAQRQNGWLPISAMNKVAEILQVPPMRV
YEVATFYTMYNRKPVGKYHIQVCTTTPCMLRNSDSILEAIQKKLGIKVGETTPDKLFTLIEVECLGACVNAPMVQINDNY
YEDLTPKDIEEIIDELKAGKIPKPGPRSGRFSCEPAGGLTSLTEPPKGPGFGVQAGL
;
O
15 'polypeptide(L)'
;TRPTIRPRNDVVHKQLSAFGQYVAEILPKYVQQVQVSCFNELEIFIHPDGVIPVLTFLRDHTNAQFKSLADLTAVDVPTR
QNRFEIVYNLLSLRFNSRIRVKTYTDELTPIESSVTVYKAANWYEREIWDMFGVFFANHPDLRRILTDYGFEGHPFRKDF
PLSGYVELRYDDEVKRVVAEPVELAQEFRKFDLNSPWEAFPAYRQPPE
;
P
16 'polypeptide(L)'
;SNLTLNFGPQHPAAHGVLRLVMELSGEMVRKCDPHIGLLH(2MR)GTEKLIEYKTYLQALPYFDRLDYVSMMCNEQAYSL
AVEKLLNIQPPPRAQWIRVLFGEITRLLNHIMAVTTHALDIGAMTPFFWMFEEREKMFEFYERVSGARMHAAYIRPGGVH
QDLPLGLLDDIYEFSKNFSFRIDELEEMLTNNRIWRNRTVDIGVVTAEDALNYGFSGVMLRGSGIQWDLRKTQPYDVYDQ
VEFDVPIGSRGDCYDRYLCRVEEMRQSLRIISQCLNKMPPGEIKVDDAKVSPPKRAEMKTSMESLIHHFKLYTEGYQVPP
GATYTAIEAPKGEFGVYLVSDGSSRPYRCKIKAPGFAHLAGLDKMSKGHMLADVVAIIGTQDIVFGEVDR
;
Q
17 'polypeptide(L)'
;GVRTSPTGEKVTHTGQAYDDGDYRRVRFSDRQKEVNENFAIDLIAEQPVSEVGSRVISCDGGGGALGHPRVYINLDKETK
TGTCGYCGLQFRQPHH
;
T
18 'polypeptide(L)' ASKVKQDMPPPGGYGPIDYKRNLPRRGLS W
#
# COMPACT_ATOMS: atom_id res chain seq x y z
N ALA A 1 76.03 1.70 31.29
CA ALA A 1 75.73 1.30 29.92
C ALA A 1 74.24 1.46 29.63
N PRO A 2 73.92 1.96 28.44
CA PRO A 2 72.51 2.17 28.09
C PRO A 2 71.77 0.88 27.78
N LYS A 3 70.51 1.02 27.35
CA LYS A 3 69.63 -0.08 26.96
C LYS A 3 69.71 -1.27 27.93
N LYS A 4 69.31 -1.03 29.18
CA LYS A 4 69.20 -2.10 30.16
C LYS A 4 68.27 -3.20 29.64
N THR A 5 68.36 -4.39 30.24
CA THR A 5 67.50 -5.48 29.83
C THR A 5 66.78 -6.14 31.00
N SER A 6 67.27 -6.00 32.23
CA SER A 6 66.65 -6.61 33.40
C SER A 6 66.17 -5.47 34.30
N PHE A 7 64.94 -5.03 34.05
CA PHE A 7 64.31 -3.98 34.84
C PHE A 7 63.56 -4.61 36.00
N GLY A 8 63.40 -3.83 37.07
CA GLY A 8 62.55 -4.28 38.15
C GLY A 8 63.22 -4.42 39.50
N SER A 9 64.31 -3.69 39.71
CA SER A 9 64.94 -3.61 41.04
C SER A 9 65.44 -2.18 41.20
N LEU A 10 64.58 -1.32 41.74
CA LEU A 10 64.94 0.07 42.02
C LEU A 10 64.75 0.33 43.49
N LYS A 11 65.71 1.03 44.08
CA LYS A 11 65.69 1.30 45.51
C LYS A 11 64.82 2.52 45.81
N ASP A 12 64.65 2.78 47.10
CA ASP A 12 63.76 3.85 47.54
C ASP A 12 64.29 5.24 47.23
N GLU A 13 65.54 5.36 46.79
CA GLU A 13 66.06 6.68 46.43
C GLU A 13 65.45 7.20 45.14
N ASP A 14 64.79 6.33 44.36
CA ASP A 14 64.23 6.71 43.08
C ASP A 14 62.71 6.56 43.02
N ARG A 15 62.05 6.48 44.16
CA ARG A 15 60.60 6.38 44.19
C ARG A 15 60.00 7.76 44.41
N ILE A 16 59.06 8.14 43.55
CA ILE A 16 58.39 9.42 43.69
C ILE A 16 57.49 9.42 44.92
N PHE A 17 56.65 8.39 45.06
CA PHE A 17 55.67 8.32 46.14
C PHE A 17 56.31 7.69 47.37
N THR A 18 57.04 8.52 48.12
CA THR A 18 57.78 8.02 49.27
C THR A 18 56.88 7.73 50.46
N ASN A 19 55.71 8.37 50.53
CA ASN A 19 54.74 8.12 51.59
C ASN A 19 53.57 7.29 51.09
N LEU A 20 53.84 6.29 50.26
CA LEU A 20 52.77 5.46 49.72
C LEU A 20 52.01 4.74 50.82
N TYR A 21 52.71 4.34 51.87
CA TYR A 21 52.11 3.61 52.98
C TYR A 21 51.56 4.48 54.12
N GLY A 22 51.80 5.78 54.05
CA GLY A 22 51.30 6.70 55.04
C GLY A 22 51.98 6.66 56.40
N ARG A 23 53.16 6.06 56.46
CA ARG A 23 53.90 5.99 57.71
C ARG A 23 54.29 7.40 58.16
N HIS A 24 54.72 8.21 57.20
CA HIS A 24 55.12 9.59 57.44
C HIS A 24 53.92 10.54 57.46
N ASP A 25 54.11 11.74 58.00
CA ASP A 25 52.99 12.68 58.06
C ASP A 25 52.53 13.05 56.66
N TRP A 26 51.22 13.02 56.45
CA TRP A 26 50.61 13.32 55.16
C TRP A 26 50.36 14.80 54.99
N ARG A 27 50.53 15.55 56.08
CA ARG A 27 50.32 16.99 56.12
C ARG A 27 51.44 17.76 55.43
N LEU A 28 51.23 19.05 55.22
CA LEU A 28 52.19 19.87 54.49
C LEU A 28 53.58 19.89 55.07
N LYS A 29 53.69 19.94 56.40
CA LYS A 29 54.98 19.96 57.06
C LYS A 29 55.79 18.74 56.67
N GLY A 30 55.12 17.60 56.57
CA GLY A 30 55.78 16.36 56.20
C GLY A 30 56.13 16.33 54.73
N ALA A 31 55.23 16.84 53.90
CA ALA A 31 55.45 16.88 52.46
C ALA A 31 56.70 17.68 52.13
N GLN A 32 56.80 18.87 52.70
CA GLN A 32 57.95 19.75 52.47
C GLN A 32 59.26 19.10 52.89
N SER A 33 59.24 18.40 54.02
CA SER A 33 60.42 17.72 54.54
C SER A 33 60.91 16.62 53.60
N ARG A 34 59.98 15.93 52.96
CA ARG A 34 60.33 14.85 52.04
C ARG A 34 60.95 15.39 50.77
N GLY A 35 60.45 16.51 50.29
CA GLY A 35 60.99 17.13 49.08
C GLY A 35 59.92 17.79 48.23
N ASP A 36 58.72 17.94 48.78
CA ASP A 36 57.63 18.56 48.04
C ASP A 36 57.70 20.08 48.10
N TRP A 37 56.90 20.71 47.25
CA TRP A 37 56.85 22.18 47.15
C TRP A 37 58.24 22.81 47.21
N TYR A 38 59.19 22.21 46.51
CA TYR A 38 60.56 22.70 46.49
C TYR A 38 60.82 23.27 45.10
N LYS A 39 61.27 24.53 45.07
CA LYS A 39 61.58 25.28 43.85
C LYS A 39 60.38 25.42 42.90
N THR A 40 59.17 25.51 43.45
CA THR A 40 57.97 25.64 42.64
C THR A 40 57.98 26.94 41.88
N LYS A 41 58.44 28.00 42.55
CA LYS A 41 58.52 29.32 41.93
C LYS A 41 59.48 29.28 40.75
N GLU A 42 60.61 28.61 40.93
CA GLU A 42 61.59 28.50 39.86
C GLU A 42 60.99 27.76 38.69
N ILE A 43 60.27 26.68 38.97
CA ILE A 43 59.63 25.89 37.91
C ILE A 43 58.57 26.70 37.19
N LEU A 44 57.78 27.47 37.95
CA LEU A 44 56.74 28.30 37.38
C LEU A 44 57.34 29.41 36.52
N LEU A 45 58.43 29.98 37.00
CA LEU A 45 59.12 31.04 36.29
C LEU A 45 59.81 30.55 35.02
N LYS A 46 60.14 29.26 34.94
CA LYS A 46 60.74 28.73 33.73
C LYS A 46 59.79 28.78 32.54
N GLY A 47 58.48 28.86 32.77
CA GLY A 47 57.53 29.02 31.70
C GLY A 47 56.87 27.74 31.26
N PRO A 48 55.73 27.85 30.58
CA PRO A 48 55.04 26.65 30.09
C PRO A 48 55.84 25.84 29.09
N ASP A 49 56.64 26.48 28.24
CA ASP A 49 57.40 25.73 27.23
C ASP A 49 58.43 24.82 27.88
N TRP A 50 59.12 25.33 28.89
CA TRP A 50 60.12 24.54 29.58
C TRP A 50 59.47 23.37 30.30
N ILE A 51 58.32 23.63 30.93
CA ILE A 51 57.59 22.58 31.64
C ILE A 51 57.10 21.51 30.68
N LEU A 52 56.59 21.95 29.53
CA LEU A 52 56.09 21.03 28.52
C LEU A 52 57.21 20.15 27.98
N GLY A 53 58.39 20.74 27.81
CA GLY A 53 59.55 20.04 27.32
C GLY A 53 60.00 18.93 28.25
N GLU A 54 59.97 19.20 29.56
CA GLU A 54 60.38 18.20 30.55
C GLU A 54 59.47 16.99 30.49
N VAL A 55 58.17 17.23 30.34
CA VAL A 55 57.22 16.13 30.24
C VAL A 55 57.50 15.34 28.97
N LYS A 56 57.76 16.05 27.88
CA LYS A 56 58.05 15.42 26.60
C LYS A 56 59.33 14.59 26.60
N THR A 57 60.40 15.13 27.19
CA THR A 57 61.69 14.43 27.26
C THR A 57 61.59 13.16 28.10
N SER A 58 60.83 13.21 29.18
CA SER A 58 60.63 12.07 30.06
C SER A 58 59.96 10.88 29.35
N GLY A 59 59.05 11.18 28.42
CA GLY A 59 58.35 10.13 27.70
C GLY A 59 57.15 9.69 28.49
N LEU A 60 56.87 10.43 29.54
CA LEU A 60 55.73 10.16 30.42
C LEU A 60 54.51 9.80 29.59
N ARG A 61 53.89 8.68 29.94
CA ARG A 61 52.65 8.24 29.31
C ARG A 61 51.54 8.21 30.35
N GLY A 62 50.31 8.45 29.90
CA GLY A 62 49.18 8.56 30.79
C GLY A 62 48.95 7.34 31.67
N ARG A 63 48.98 7.54 32.98
CA ARG A 63 48.83 6.46 33.93
C ARG A 63 47.39 6.14 34.23
N GLY A 64 46.44 6.84 33.60
CA GLY A 64 45.04 6.51 33.79
C GLY A 64 44.62 5.23 33.12
N GLY A 65 45.40 4.74 32.16
CA GLY A 65 45.09 3.47 31.53
C GLY A 65 45.33 3.41 30.04
N ALA A 66 45.18 4.52 29.33
CA ALA A 66 45.34 4.50 27.88
C ALA A 66 46.79 4.64 27.46
N GLY A 67 47.62 5.30 28.27
CA GLY A 67 49.03 5.42 27.94
C GLY A 67 49.32 6.40 26.81
N PHE A 68 48.43 7.34 26.57
CA PHE A 68 48.72 8.39 25.60
C PHE A 68 49.89 9.24 26.10
N PRO A 69 50.82 9.61 25.23
CA PRO A 69 51.97 10.41 25.69
C PRO A 69 51.53 11.73 26.31
N THR A 70 52.05 12.00 27.50
CA THR A 70 51.54 13.12 28.30
C THR A 70 51.98 14.46 27.74
N GLY A 71 53.24 14.58 27.31
CA GLY A 71 53.73 15.86 26.84
C GLY A 71 52.99 16.37 25.62
N LEU A 72 52.78 15.50 24.64
CA LEU A 72 52.04 15.89 23.44
C LEU A 72 50.61 16.30 23.78
N LYS A 73 49.97 15.52 24.64
CA LYS A 73 48.60 15.80 25.05
C LYS A 73 48.49 17.13 25.77
N TRP A 74 49.44 17.42 26.64
CA TRP A 74 49.43 18.68 27.40
C TRP A 74 49.74 19.86 26.49
N SER A 75 50.55 19.62 25.46
CA SER A 75 50.89 20.67 24.51
C SER A 75 49.72 21.12 23.66
N PHE A 76 48.60 20.40 23.71
CA PHE A 76 47.42 20.77 22.93
C PHE A 76 46.75 22.04 23.44
N MET A 77 47.03 22.46 24.68
CA MET A 77 46.48 23.69 25.21
C MET A 77 47.47 24.84 25.17
N ASN A 78 48.57 24.71 24.44
CA ASN A 78 49.55 25.77 24.31
C ASN A 78 49.13 26.85 23.33
N LYS A 79 47.87 26.88 22.94
CA LYS A 79 47.35 27.91 22.07
C LYS A 79 47.18 29.22 22.85
N PRO A 80 47.22 30.35 22.15
CA PRO A 80 46.90 31.63 22.81
C PRO A 80 45.44 31.69 23.24
N SER A 81 45.18 32.56 24.21
CA SER A 81 43.84 32.69 24.77
C SER A 81 42.87 33.23 23.72
N ASP A 82 41.63 32.75 23.80
CA ASP A 82 40.57 33.15 22.89
C ASP A 82 39.42 33.84 23.62
N GLY A 83 39.64 34.27 24.86
CA GLY A 83 38.62 34.88 25.68
C GLY A 83 37.98 33.94 26.67
N ARG A 84 38.10 32.65 26.47
CA ARG A 84 37.60 31.64 27.40
C ARG A 84 38.65 31.32 28.45
N PRO A 85 38.23 31.05 29.68
CA PRO A 85 39.19 30.55 30.68
C PRO A 85 39.60 29.12 30.36
N LYS A 86 40.77 28.75 30.86
CA LYS A 86 41.32 27.42 30.65
C LYS A 86 41.35 26.66 31.97
N TYR A 87 41.10 25.37 31.90
CA TYR A 87 40.95 24.57 33.12
C TYR A 87 41.72 23.27 32.99
N LEU A 88 42.23 22.81 34.12
CA LEU A 88 42.81 21.48 34.23
C LEU A 88 41.93 20.65 35.15
N VAL A 89 41.56 19.45 34.71
CA VAL A 89 40.74 18.55 35.49
C VAL A 89 41.60 17.34 35.85
N VAL A 90 41.60 16.99 37.14
CA VAL A 90 42.33 15.83 37.62
C VAL A 90 41.33 14.70 37.81
N ASN A 91 41.59 13.57 37.16
CA ASN A 91 40.70 12.42 37.21
C ASN A 91 41.08 11.58 38.43
N ALA A 92 40.30 11.71 39.50
CA ALA A 92 40.48 10.93 40.71
C ALA A 92 39.33 9.96 40.95
N ASP A 93 38.65 9.55 39.88
CA ASP A 93 37.49 8.66 40.04
C ASP A 93 37.91 7.28 40.54
N GLU A 94 38.90 6.67 39.89
CA GLU A 94 39.42 5.35 40.27
C GLU A 94 38.30 4.33 40.43
N GLY A 95 37.67 4.02 39.31
CA GLY A 95 36.58 3.06 39.32
C GLY A 95 36.95 1.68 38.85
N GLU A 96 38.14 1.52 38.27
CA GLU A 96 38.53 0.23 37.70
C GLU A 96 38.68 -0.81 38.80
N PRO A 97 38.00 -1.94 38.71
CA PRO A 97 38.20 -3.01 39.70
C PRO A 97 39.66 -3.46 39.71
N GLY A 98 40.18 -3.66 40.92
CA GLY A 98 41.57 -4.01 41.08
C GLY A 98 42.52 -2.85 41.25
N THR A 99 42.05 -1.61 41.18
CA THR A 99 42.91 -0.44 41.16
C THR A 99 42.70 0.40 42.42
N CYS A 100 43.80 0.70 43.12
CA CYS A 100 43.75 1.49 44.34
C CYS A 100 44.93 2.46 44.46
N LYS A 101 45.57 2.79 43.34
CA LYS A 101 46.72 3.69 43.40
C LYS A 101 46.32 5.13 43.72
N ASP A 102 45.31 5.65 43.02
CA ASP A 102 44.91 7.05 43.20
C ASP A 102 44.40 7.29 44.61
N ARG A 103 43.73 6.30 45.20
CA ARG A 103 43.26 6.44 46.59
C ARG A 103 44.43 6.70 47.52
N GLU A 104 45.51 5.93 47.36
CA GLU A 104 46.67 6.09 48.23
C GLU A 104 47.39 7.41 47.97
N ILE A 105 47.51 7.80 46.70
CA ILE A 105 48.14 9.08 46.39
C ILE A 105 47.35 10.22 47.04
N ILE A 106 46.02 10.15 46.98
CA ILE A 106 45.20 11.23 47.53
C ILE A 106 45.27 11.25 49.05
N ARG A 107 45.15 10.08 49.69
CA ARG A 107 45.06 10.07 51.14
C ARG A 107 46.40 10.29 51.82
N HIS A 108 47.51 9.86 51.20
CA HIS A 108 48.80 9.89 51.88
C HIS A 108 49.79 10.88 51.29
N ASP A 109 49.59 11.35 50.06
CA ASP A 109 50.49 12.37 49.52
C ASP A 109 49.69 13.46 48.79
N PRO A 110 48.70 14.09 49.45
CA PRO A 110 47.88 15.06 48.72
C PRO A 110 48.64 16.27 48.22
N HIS A 111 49.69 16.70 48.93
CA HIS A 111 50.42 17.88 48.49
C HIS A 111 51.17 17.63 47.19
N LYS A 112 51.58 16.38 46.95
CA LYS A 112 52.12 16.03 45.65
C LYS A 112 51.11 16.32 44.55
N LEU A 113 49.86 15.94 44.77
CA LEU A 113 48.81 16.19 43.80
C LEU A 113 48.53 17.68 43.64
N VAL A 114 48.52 18.44 44.74
CA VAL A 114 48.25 19.87 44.65
C VAL A 114 49.36 20.58 43.87
N GLU A 115 50.61 20.24 44.16
CA GLU A 115 51.71 20.84 43.41
C GLU A 115 51.68 20.40 41.95
N GLY A 116 51.32 19.15 41.69
CA GLY A 116 51.17 18.70 40.32
C GLY A 116 50.11 19.47 39.58
N CYS A 117 49.00 19.77 40.26
CA CYS A 117 47.95 20.60 39.67
C CYS A 117 48.50 21.98 39.32
N LEU A 118 49.26 22.58 40.24
CA LEU A 118 49.80 23.91 39.98
C LEU A 118 50.74 23.89 38.77
N VAL A 119 51.67 22.94 38.73
CA VAL A 119 52.64 22.90 37.64
C VAL A 119 51.97 22.56 36.32
N GLY A 120 51.02 21.60 36.33
CA GLY A 120 50.31 21.28 35.10
C GLY A 120 49.47 22.43 34.59
N GLY A 121 48.79 23.15 35.48
CA GLY A 121 48.04 24.32 35.06
C GLY A 121 48.93 25.40 34.49
N ARG A 122 50.11 25.58 35.08
CA ARG A 122 51.06 26.53 34.51
C ARG A 122 51.50 26.09 33.12
N ALA A 123 51.76 24.80 32.94
CA ALA A 123 52.17 24.31 31.62
C ALA A 123 51.07 24.51 30.59
N MET A 124 49.82 24.20 30.94
CA MET A 124 48.70 24.37 30.03
C MET A 124 48.25 25.81 29.92
N GLY A 125 48.72 26.70 30.78
CA GLY A 125 48.15 28.02 30.85
C GLY A 125 46.80 28.05 31.51
N ALA A 126 46.46 27.04 32.30
CA ALA A 126 45.15 26.91 32.90
C ALA A 126 44.95 27.93 34.01
N ARG A 127 43.68 28.21 34.29
CA ARG A 127 43.30 29.20 35.29
C ARG A 127 43.05 28.57 36.66
N ALA A 128 42.48 27.38 36.69
CA ALA A 128 42.20 26.69 37.94
C ALA A 128 42.15 25.19 37.67
N ALA A 129 42.22 24.41 38.75
CA ALA A 129 42.22 22.95 38.66
C ALA A 129 41.03 22.40 39.41
N TYR A 130 40.22 21.60 38.71
CA TYR A 130 39.11 20.89 39.32
C TYR A 130 39.52 19.43 39.53
N ILE A 131 39.47 18.97 40.77
CA ILE A 131 39.84 17.60 41.10
C ILE A 131 38.56 16.82 41.34
N TYR A 132 38.18 16.01 40.36
CA TYR A 132 36.97 15.20 40.46
C TYR A 132 37.33 13.89 41.16
N ILE A 133 36.89 13.74 42.38
CA ILE A 133 37.21 12.58 43.20
C ILE A 133 35.99 11.69 43.32
N ARG A 134 36.23 10.40 43.56
CA ARG A 134 35.16 9.45 43.78
C ARG A 134 34.32 9.85 44.99
N GLY A 135 33.01 9.65 44.88
CA GLY A 135 32.13 9.99 45.98
C GLY A 135 32.31 9.11 47.20
N GLU A 136 32.70 7.85 46.99
CA GLU A 136 32.89 6.92 48.09
C GLU A 136 34.17 7.21 48.87
N PHE A 137 35.07 8.03 48.32
CA PHE A 137 36.30 8.42 48.98
C PHE A 137 36.07 9.70 49.79
N TYR A 138 35.24 9.58 50.82
CA TYR A 138 34.93 10.76 51.62
C TYR A 138 36.14 11.22 52.44
N ASN A 139 36.79 10.29 53.13
CA ASN A 139 37.95 10.64 53.95
C ASN A 139 39.12 11.09 53.08
N GLU A 140 39.33 10.46 51.93
CA GLU A 140 40.39 10.90 51.03
C GLU A 140 40.13 12.31 50.54
N ALA A 141 38.89 12.62 50.19
CA ALA A 141 38.54 13.97 49.76
C ALA A 141 38.73 14.97 50.89
N SER A 142 38.41 14.59 52.12
CA SER A 142 38.59 15.50 53.25
C SER A 142 40.06 15.76 53.52
N ASN A 143 40.89 14.72 53.44
CA ASN A 143 42.33 14.92 53.55
C ASN A 143 42.84 15.84 52.44
N LEU A 144 42.33 15.65 51.23
CA LEU A 144 42.71 16.51 50.13
C LEU A 144 42.33 17.97 50.40
N GLN A 145 41.15 18.19 50.96
CA GLN A 145 40.70 19.55 51.26
C GLN A 145 41.54 20.17 52.36
N VAL A 146 41.93 19.38 53.36
CA VAL A 146 42.83 19.89 54.40
C VAL A 146 44.16 20.30 53.80
N ALA A 147 44.69 19.48 52.88
CA ALA A 147 45.95 19.81 52.23
C ALA A 147 45.83 21.10 51.41
N ILE A 148 44.73 21.24 50.68
CA ILE A 148 44.53 22.44 49.87
C ILE A 148 44.38 23.67 50.78
N ARG A 149 43.74 23.49 51.94
CA ARG A 149 43.59 24.59 52.89
C ARG A 149 44.94 25.05 53.40
N GLU A 150 45.78 24.12 53.83
CA GLU A 150 47.09 24.52 54.33
C GLU A 150 48.02 25.00 53.23
N ALA A 151 47.77 24.63 51.98
CA ALA A 151 48.51 25.23 50.88
C ALA A 151 48.05 26.66 50.61
N TYR A 152 46.75 26.92 50.71
CA TYR A 152 46.24 28.28 50.57
C TYR A 152 46.77 29.19 51.66
N GLU A 153 46.79 28.70 52.90
CA GLU A 153 47.27 29.52 54.02
C GLU A 153 48.74 29.88 53.84
N ALA A 154 49.56 28.93 53.40
CA ALA A 154 50.99 29.16 53.20
C ALA A 154 51.29 29.89 51.91
N GLY A 155 50.26 30.30 51.15
CA GLY A 155 50.50 31.02 49.93
C GLY A 155 51.05 30.20 48.80
N LEU A 156 50.92 28.87 48.87
CA LEU A 156 51.43 28.00 47.81
C LEU A 156 50.47 27.90 46.63
N ILE A 157 49.22 28.31 46.80
CA ILE A 157 48.25 28.40 45.71
C ILE A 157 47.42 29.66 45.93
N GLY A 158 46.47 29.89 45.03
CA GLY A 158 45.61 31.05 45.13
C GLY A 158 46.16 32.24 44.37
N LYS A 159 46.04 33.43 44.95
CA LYS A 159 46.60 34.61 44.32
C LYS A 159 48.12 34.55 44.38
N ASN A 160 48.74 34.53 43.20
CA ASN A 160 50.18 34.65 43.01
C ASN A 160 50.92 33.39 43.43
N ALA A 161 50.27 32.54 44.23
CA ALA A 161 50.60 31.12 44.38
C ALA A 161 52.01 30.87 44.90
N CYS A 162 52.83 31.91 44.92
CA CYS A 162 54.26 31.83 45.19
C CYS A 162 54.79 33.26 45.13
N GLY A 163 56.10 33.42 45.13
CA GLY A 163 56.64 34.66 44.62
C GLY A 163 56.67 34.63 43.10
N SER A 164 55.58 34.18 42.48
CA SER A 164 55.56 33.81 41.07
C SER A 164 54.81 34.79 40.18
N GLY A 165 53.70 35.35 40.65
CA GLY A 165 52.88 36.19 39.80
C GLY A 165 51.81 35.45 39.03
N TYR A 166 51.49 34.22 39.40
CA TYR A 166 50.53 33.39 38.69
C TYR A 166 49.42 32.99 39.65
N ASP A 167 48.18 33.26 39.26
CA ASP A 167 47.02 32.96 40.09
C ASP A 167 46.41 31.63 39.69
N PHE A 168 46.20 30.76 40.67
CA PHE A 168 45.71 29.41 40.40
C PHE A 168 44.84 28.94 41.54
N ASP A 169 43.70 28.32 41.21
CA ASP A 169 42.76 27.80 42.18
C ASP A 169 42.66 26.29 42.04
N VAL A 170 42.37 25.61 43.14
CA VAL A 170 42.21 24.16 43.16
C VAL A 170 40.88 23.84 43.84
N PHE A 171 39.96 23.22 43.11
CA PHE A 171 38.66 22.84 43.62
C PHE A 171 38.51 21.33 43.62
N VAL A 172 37.84 20.82 44.64
CA VAL A 172 37.54 19.40 44.75
C VAL A 172 36.04 19.22 44.60
N VAL A 173 35.65 18.49 43.56
CA VAL A 173 34.25 18.14 43.33
C VAL A 173 34.12 16.63 43.48
N ARG A 174 33.14 16.20 44.28
CA ARG A 174 32.91 14.80 44.55
C ARG A 174 31.85 14.25 43.60
N GLY A 175 32.11 13.06 43.07
CA GLY A 175 31.10 12.35 42.30
C GLY A 175 30.10 11.69 43.23
N ALA A 176 29.14 11.00 42.62
CA ALA A 176 28.17 10.20 43.37
C ALA A 176 28.04 8.82 42.72
N GLY A 177 28.96 7.93 43.05
CA GLY A 177 28.85 6.54 42.66
C GLY A 177 28.54 6.25 41.20
N ALA A 178 29.48 6.53 40.31
CA ALA A 178 29.31 6.21 38.90
C ALA A 178 30.67 5.93 38.30
N TYR A 179 30.90 4.68 37.92
CA TYR A 179 32.17 4.30 37.31
C TYR A 179 32.38 4.97 35.96
N ILE A 180 31.30 5.14 35.18
CA ILE A 180 31.41 5.81 33.89
C ILE A 180 31.92 7.24 34.04
N CYS A 181 31.70 7.86 35.18
CA CYS A 181 32.21 9.20 35.37
C CYS A 181 33.71 9.25 35.43
N GLY A 182 34.43 8.12 35.35
CA GLY A 182 35.86 8.17 35.19
C GLY A 182 36.30 8.54 33.79
N GLU A 183 35.47 8.27 32.80
CA GLU A 183 35.75 8.72 31.44
C GLU A 183 35.80 10.24 31.40
N GLU A 184 36.75 10.78 30.63
CA GLU A 184 37.06 12.21 30.71
C GLU A 184 35.86 13.07 30.33
N THR A 185 35.18 12.74 29.23
CA THR A 185 34.04 13.53 28.80
C THR A 185 32.84 13.32 29.72
N ALA A 186 32.62 12.08 30.17
CA ALA A 186 31.56 11.83 31.13
C ALA A 186 31.86 12.53 32.46
N LEU A 187 33.13 12.57 32.84
CA LEU A 187 33.53 13.34 34.02
C LEU A 187 33.22 14.82 33.84
N ILE A 188 33.51 15.36 32.66
CA ILE A 188 33.22 16.77 32.39
C ILE A 188 31.73 17.02 32.49
N GLU A 189 30.92 16.12 31.93
CA GLU A 189 29.47 16.27 32.00
C GLU A 189 28.97 16.20 33.44
N SER A 190 29.56 15.32 34.24
CA SER A 190 29.14 15.21 35.63
C SER A 190 29.57 16.42 36.45
N ILE A 191 30.67 17.07 36.08
CA ILE A 191 31.05 18.31 36.75
C ILE A 191 30.04 19.41 36.45
N GLU A 192 29.51 19.44 35.24
CA GLU A 192 28.56 20.45 34.81
C GLU A 192 27.13 20.18 35.25
N GLY A 193 26.93 19.23 36.16
CA GLY A 193 25.61 19.00 36.72
C GLY A 193 24.67 18.16 35.87
N LYS A 194 25.18 17.31 35.00
CA LYS A 194 24.36 16.45 34.18
C LYS A 194 24.61 14.99 34.54
N GLN A 195 23.87 14.09 33.89
CA GLN A 195 24.19 12.68 33.96
C GLN A 195 25.59 12.43 33.41
N GLY A 196 26.28 11.45 33.99
CA GLY A 196 27.61 11.14 33.54
C GLY A 196 27.62 10.39 32.23
N LYS A 197 27.25 11.06 31.16
CA LYS A 197 27.22 10.44 29.84
C LYS A 197 28.33 11.00 28.98
N PRO A 198 29.16 10.15 28.40
CA PRO A 198 30.30 10.62 27.61
C PRO A 198 29.88 11.41 26.38
N ARG A 199 30.73 12.32 25.96
CA ARG A 199 30.54 13.06 24.72
C ARG A 199 31.19 12.32 23.56
N LEU A 200 30.85 12.75 22.35
CA LEU A 200 31.53 12.27 21.17
C LEU A 200 32.74 13.15 20.89
N LYS A 201 33.80 12.53 20.36
CA LYS A 201 35.00 13.25 20.00
C LYS A 201 35.27 13.04 18.52
N PRO A 202 35.56 14.10 17.76
CA PRO A 202 35.71 15.50 18.15
C PRO A 202 34.39 16.18 18.50
N PRO A 203 34.44 17.28 19.26
CA PRO A 203 35.63 17.98 19.75
C PRO A 203 36.33 17.29 20.91
N PHE A 204 37.63 17.48 21.00
CA PHE A 204 38.39 17.01 22.14
C PHE A 204 38.39 18.06 23.23
N PRO A 205 38.60 17.66 24.49
CA PRO A 205 38.50 18.64 25.59
C PRO A 205 39.41 19.84 25.44
N ALA A 206 40.53 19.70 24.73
CA ALA A 206 41.41 20.83 24.51
C ALA A 206 40.76 21.92 23.66
N ASP A 207 39.69 21.59 22.94
CA ASP A 207 38.92 22.58 22.18
C ASP A 207 37.66 23.00 22.93
N VAL A 208 36.80 22.04 23.26
CA VAL A 208 35.57 22.29 24.00
C VAL A 208 35.54 21.29 25.15
N GLY A 209 35.76 21.75 26.37
CA GLY A 209 35.78 20.89 27.52
C GLY A 209 34.76 21.25 28.59
N VAL A 210 35.22 21.45 29.81
CA VAL A 210 34.32 21.77 30.91
C VAL A 210 33.80 23.19 30.74
N PHE A 211 32.50 23.37 31.00
CA PHE A 211 31.79 24.63 30.77
C PHE A 211 31.98 25.13 29.34
N GLY A 212 32.33 24.24 28.42
CA GLY A 212 32.62 24.61 27.06
C GLY A 212 33.97 25.23 26.81
N CYS A 213 34.87 25.22 27.78
CA CYS A 213 36.15 25.88 27.73
C CYS A 213 37.29 24.88 27.49
N PRO A 214 38.45 25.37 27.02
CA PRO A 214 39.52 24.40 26.78
C PRO A 214 39.88 23.70 28.08
N THR A 215 39.94 22.38 28.03
CA THR A 215 40.24 21.59 29.22
C THR A 215 41.19 20.45 28.94
N THR A 216 41.94 20.06 29.98
CA THR A 216 42.84 18.93 29.89
C THR A 216 42.49 18.02 31.03
N VAL A 217 42.24 16.75 30.73
CA VAL A 217 41.91 15.76 31.76
C VAL A 217 43.12 14.88 31.99
N ALA A 218 43.61 14.84 33.23
CA ALA A 218 44.77 14.04 33.56
C ALA A 218 44.55 13.15 34.78
N ASN A 219 45.13 11.96 34.73
CA ASN A 219 45.03 11.00 35.82
C ASN A 219 45.82 11.50 37.02
N VAL A 220 45.31 11.23 38.22
CA VAL A 220 45.96 11.64 39.46
C VAL A 220 47.45 11.27 39.50
N GLU A 221 47.77 10.02 39.16
CA GLU A 221 49.15 9.57 39.16
C GLU A 221 49.97 10.33 38.14
N THR A 222 49.37 10.60 36.98
CA THR A 222 50.03 11.33 35.90
C THR A 222 50.43 12.74 36.34
N VAL A 223 49.57 13.38 37.12
CA VAL A 223 49.82 14.74 37.59
C VAL A 223 50.79 14.80 38.76
N ALA A 224 50.62 13.92 39.73
CA ALA A 224 51.50 13.90 40.91
C ALA A 224 52.99 13.84 40.58
N VAL A 225 53.35 13.03 39.60
CA VAL A 225 54.74 12.88 39.19
C VAL A 225 55.26 14.07 38.41
N SER A 226 54.35 14.95 37.98
CA SER A 226 54.73 16.09 37.16
C SER A 226 55.79 17.01 37.78
N PRO A 227 55.68 17.30 39.08
CA PRO A 227 56.70 18.17 39.68
C PRO A 227 58.03 17.48 39.93
N THR A 228 58.00 16.19 40.28
CA THR A 228 59.24 15.45 40.47
C THR A 228 60.00 15.32 39.15
N ILE A 229 59.27 15.10 38.06
CA ILE A 229 59.90 15.09 36.74
C ILE A 229 60.51 16.45 36.44
N CYS A 230 59.82 17.53 36.78
CA CYS A 230 60.40 18.83 36.49
C CYS A 230 61.70 19.08 37.26
N ARG A 231 61.69 18.82 38.56
CA ARG A 231 62.85 19.05 39.42
C ARG A 231 64.06 18.19 39.07
N ARG A 232 63.83 16.91 38.82
CA ARG A 232 64.91 15.99 38.49
C ARG A 232 65.22 15.98 36.99
N GLY A 233 64.20 16.25 36.19
CA GLY A 233 64.36 16.29 34.75
C GLY A 233 63.74 15.09 34.04
N GLY A 234 63.37 15.28 32.78
CA GLY A 234 62.77 14.23 31.99
C GLY A 234 63.75 13.14 31.65
N ALA A 235 65.03 13.50 31.53
CA ALA A 235 66.08 12.55 31.20
C ALA A 235 66.24 11.49 32.29
N TRP A 236 66.09 11.91 33.54
CA TRP A 236 66.20 10.99 34.66
C TRP A 236 65.01 10.04 34.68
N PHE A 237 63.81 10.60 34.54
CA PHE A 237 62.60 9.78 34.55
C PHE A 237 62.67 8.71 33.47
N ALA A 238 63.17 9.11 32.31
CA ALA A 238 63.30 8.22 31.18
C ALA A 238 64.27 7.07 31.46
N SER A 239 65.34 7.37 32.19
CA SER A 239 66.36 6.36 32.47
C SER A 239 65.79 5.09 33.11
N PHE A 240 64.47 4.97 33.23
CA PHE A 240 63.83 3.79 33.78
C PHE A 240 62.86 3.20 32.75
N GLY A 241 62.80 1.87 32.71
CA GLY A 241 61.92 1.18 31.79
C GLY A 241 62.46 1.11 30.38
N ARG A 242 61.82 0.31 29.52
CA ARG A 242 62.27 0.19 28.15
C ARG A 242 61.96 1.47 27.37
N GLU A 243 62.36 1.48 26.10
CA GLU A 243 62.04 2.60 25.23
C GLU A 243 60.53 2.68 25.01
N ARG A 244 60.01 3.90 25.02
CA ARG A 244 58.57 4.20 24.97
C ARG A 244 57.81 3.67 26.17
N ASN A 245 58.49 3.27 27.23
CA ASN A 245 57.86 2.74 28.43
C ASN A 245 58.56 3.29 29.66
N SER A 246 58.83 4.59 29.65
CA SER A 246 59.71 5.21 30.62
C SER A 246 59.03 5.39 31.97
N GLY A 247 59.86 5.55 33.00
CA GLY A 247 59.40 5.94 34.31
C GLY A 247 59.11 4.78 35.24
N THR A 248 58.58 5.13 36.41
CA THR A 248 58.12 4.19 37.40
C THR A 248 56.59 4.07 37.33
N LYS A 249 56.06 3.13 38.11
CA LYS A 249 54.64 2.84 38.02
C LYS A 249 54.16 2.25 39.34
N LEU A 250 52.95 2.62 39.73
CA LEU A 250 52.27 2.00 40.86
C LEU A 250 51.52 0.77 40.38
N PHE A 251 51.70 -0.34 41.09
CA PHE A 251 51.05 -1.59 40.79
C PHE A 251 50.23 -2.02 42.00
N ASN A 252 49.00 -2.44 41.75
CA ASN A 252 48.12 -3.01 42.76
C ASN A 252 48.03 -4.51 42.52
N ILE A 253 48.65 -5.30 43.37
CA ILE A 253 48.65 -6.75 43.25
C ILE A 253 47.62 -7.29 44.23
N SER A 254 46.57 -7.90 43.69
CA SER A 254 45.45 -8.40 44.48
C SER A 254 45.00 -9.74 43.94
N GLY A 255 44.04 -10.34 44.62
CA GLY A 255 43.53 -11.64 44.23
C GLY A 255 44.18 -12.76 44.99
N HIS A 256 44.57 -13.82 44.29
CA HIS A 256 45.17 -14.99 44.94
C HIS A 256 46.69 -14.82 45.03
N VAL A 257 47.08 -13.90 45.90
CA VAL A 257 48.48 -13.69 46.27
C VAL A 257 48.59 -13.71 47.78
N ASN A 258 49.76 -14.08 48.28
CA ASN A 258 49.95 -14.21 49.72
C ASN A 258 49.83 -12.87 50.43
N HIS A 259 50.40 -11.81 49.86
CA HIS A 259 50.36 -10.48 50.47
C HIS A 259 49.89 -9.46 49.44
N PRO A 260 48.58 -9.34 49.25
CA PRO A 260 48.06 -8.30 48.34
C PRO A 260 48.44 -6.92 48.86
N CYS A 261 48.84 -6.05 47.93
CA CYS A 261 49.36 -4.74 48.31
C CYS A 261 49.42 -3.84 47.09
N THR A 262 50.01 -2.67 47.29
CA THR A 262 50.38 -1.77 46.21
C THR A 262 51.82 -1.35 46.39
N VAL A 263 52.52 -1.15 45.28
CA VAL A 263 53.96 -0.95 45.32
C VAL A 263 54.38 -0.13 44.11
N GLU A 264 55.37 0.73 44.30
CA GLU A 264 56.00 1.41 43.19
C GLU A 264 57.15 0.56 42.66
N GLU A 265 57.24 0.46 41.34
CA GLU A 265 58.23 -0.41 40.72
C GLU A 265 58.61 0.17 39.37
N GLU A 266 59.75 -0.25 38.85
CA GLU A 266 60.14 0.16 37.51
C GLU A 266 59.13 -0.37 36.50
N MET A 267 58.99 0.37 35.39
CA MET A 267 57.95 0.06 34.42
C MET A 267 58.06 -1.35 33.86
N SER A 268 59.21 -1.71 33.30
CA SER A 268 59.33 -2.95 32.54
C SER A 268 59.66 -4.16 33.40
N VAL A 269 59.32 -4.14 34.68
CA VAL A 269 59.60 -5.31 35.52
C VAL A 269 58.81 -6.51 35.01
N PRO A 270 59.40 -7.71 34.96
CA PRO A 270 58.61 -8.89 34.60
C PRO A 270 57.50 -9.14 35.62
N LEU A 271 56.40 -9.71 35.13
CA LEU A 271 55.25 -9.96 36.00
C LEU A 271 55.58 -10.93 37.12
N LYS A 272 56.32 -12.00 36.80
CA LYS A 272 56.62 -13.01 37.80
C LYS A 272 57.45 -12.43 38.95
N GLU A 273 58.45 -11.62 38.63
CA GLU A 273 59.26 -11.00 39.67
C GLU A 273 58.44 -10.09 40.56
N LEU A 274 57.55 -9.29 39.95
CA LEU A 274 56.68 -8.41 40.72
C LEU A 274 55.78 -9.21 41.65
N ILE A 275 55.19 -10.30 41.16
CA ILE A 275 54.26 -11.06 41.98
C ILE A 275 54.98 -11.77 43.11
N GLU A 276 56.12 -12.39 42.82
CA GLU A 276 56.77 -13.23 43.82
C GLU A 276 57.60 -12.42 44.81
N LYS A 277 58.03 -11.21 44.46
CA LYS A 277 58.81 -10.41 45.38
C LYS A 277 57.94 -9.60 46.33
N HIS A 278 57.11 -8.73 45.78
CA HIS A 278 56.32 -7.81 46.59
C HIS A 278 55.06 -8.44 47.15
N ALA A 279 54.38 -9.28 46.37
CA ALA A 279 53.10 -9.83 46.80
C ALA A 279 53.25 -11.16 47.53
N GLY A 280 54.44 -11.70 47.64
CA GLY A 280 54.62 -12.98 48.31
C GLY A 280 54.24 -14.19 47.50
N GLY A 281 54.02 -14.03 46.19
CA GLY A 281 53.71 -15.14 45.32
C GLY A 281 52.26 -15.58 45.42
N VAL A 282 51.93 -16.58 44.59
CA VAL A 282 50.58 -17.12 44.56
C VAL A 282 50.40 -18.11 45.69
N ILE A 283 49.23 -18.08 46.34
CA ILE A 283 48.96 -19.09 47.35
C ILE A 283 48.90 -20.46 46.69
N GLY A 284 49.68 -21.40 47.21
CA GLY A 284 49.86 -22.69 46.57
C GLY A 284 51.08 -22.78 45.67
N GLY A 285 51.92 -21.77 45.64
CA GLY A 285 53.09 -21.77 44.78
C GLY A 285 52.81 -21.18 43.41
N TRP A 286 53.89 -20.86 42.70
CA TRP A 286 53.75 -20.29 41.37
C TRP A 286 53.11 -21.27 40.40
N ASP A 287 53.26 -22.56 40.63
CA ASP A 287 52.64 -23.57 39.79
C ASP A 287 51.16 -23.76 40.09
N ASN A 288 50.64 -23.11 41.14
CA ASN A 288 49.22 -23.07 41.40
C ASN A 288 48.52 -21.97 40.60
N LEU A 289 49.26 -21.14 39.88
CA LEU A 289 48.68 -20.02 39.16
C LEU A 289 47.84 -20.51 37.98
N LEU A 290 46.66 -19.92 37.82
CA LEU A 290 45.77 -20.21 36.70
C LEU A 290 45.75 -19.09 35.67
N ALA A 291 45.48 -17.86 36.10
CA ALA A 291 45.40 -16.75 35.17
C ALA A 291 45.67 -15.45 35.90
N VAL A 292 46.04 -14.43 35.12
CA VAL A 292 46.33 -13.11 35.65
C VAL A 292 45.66 -12.07 34.75
N ILE A 293 44.95 -11.14 35.36
CA ILE A 293 44.47 -9.94 34.67
C ILE A 293 45.44 -8.81 35.00
N PRO A 294 46.27 -8.37 34.05
CA PRO A 294 47.40 -7.50 34.41
C PRO A 294 47.05 -6.04 34.64
N GLY A 295 45.91 -5.55 34.15
CA GLY A 295 45.68 -4.13 34.20
C GLY A 295 44.29 -3.67 34.61
N GLY A 296 43.64 -4.43 35.48
CA GLY A 296 42.26 -4.16 35.82
C GLY A 296 41.30 -4.87 34.88
N SER A 297 40.03 -4.89 35.28
CA SER A 297 39.05 -5.74 34.60
C SER A 297 38.93 -5.44 33.13
N SER A 298 39.26 -4.22 32.70
CA SER A 298 39.11 -3.85 31.29
C SER A 298 40.11 -4.56 30.39
N THR A 299 41.12 -5.22 30.95
CA THR A 299 42.10 -5.85 30.08
C THR A 299 41.87 -7.35 30.00
N PRO A 300 42.11 -7.96 28.85
CA PRO A 300 41.98 -9.41 28.74
C PRO A 300 42.96 -10.13 29.65
N LEU A 301 42.54 -11.27 30.17
CA LEU A 301 43.37 -12.07 31.06
C LEU A 301 44.34 -12.92 30.27
N ILE A 302 45.43 -13.31 30.92
CA ILE A 302 46.44 -14.16 30.28
C ILE A 302 46.67 -15.41 31.13
N PRO A 303 46.98 -16.53 30.52
CA PRO A 303 47.22 -17.77 31.26
C PRO A 303 48.67 -17.87 31.74
N LYS A 304 48.91 -18.88 32.58
CA LYS A 304 50.23 -19.06 33.19
C LYS A 304 51.32 -19.22 32.15
N SER A 305 50.98 -19.72 30.95
CA SER A 305 51.98 -19.88 29.90
C SER A 305 52.62 -18.56 29.49
N VAL A 306 51.87 -17.46 29.58
CA VAL A 306 52.36 -16.16 29.13
C VAL A 306 52.90 -15.39 30.33
N CYS A 307 52.29 -15.59 31.49
CA CYS A 307 52.58 -14.81 32.68
C CYS A 307 54.02 -14.98 33.16
N GLU A 308 54.64 -16.11 32.83
CA GLU A 308 55.97 -16.41 33.34
C GLU A 308 57.08 -15.67 32.61
N THR A 309 56.79 -15.02 31.49
CA THR A 309 57.82 -14.38 30.68
C THR A 309 57.45 -13.01 30.14
N VAL A 310 56.33 -12.44 30.55
CA VAL A 310 55.85 -11.17 29.98
C VAL A 310 56.30 -10.02 30.87
N LEU A 311 56.66 -8.91 30.23
CA LEU A 311 57.04 -7.70 30.94
C LEU A 311 55.81 -6.84 31.20
N MET A 312 55.90 -6.02 32.25
CA MET A 312 54.76 -5.23 32.69
C MET A 312 54.82 -3.80 32.15
N ASP A 313 54.78 -3.67 30.82
CA ASP A 313 54.72 -2.35 30.20
C ASP A 313 53.68 -2.38 29.08
N PHE A 314 53.52 -1.25 28.41
CA PHE A 314 52.46 -1.10 27.42
C PHE A 314 52.69 -2.03 26.22
N ASP A 315 53.84 -1.89 25.56
CA ASP A 315 54.07 -2.62 24.32
C ASP A 315 54.21 -4.12 24.57
N ALA A 316 54.86 -4.51 25.67
CA ALA A 316 55.04 -5.93 25.95
C ALA A 316 53.70 -6.62 26.14
N LEU A 317 52.81 -6.00 26.92
CA LEU A 317 51.51 -6.62 27.16
C LEU A 317 50.60 -6.50 25.94
N VAL A 318 50.79 -5.48 25.12
CA VAL A 318 50.09 -5.41 23.85
C VAL A 318 50.47 -6.61 22.98
N GLN A 319 51.76 -6.94 22.95
CA GLN A 319 52.22 -8.12 22.22
C GLN A 319 51.67 -9.42 22.80
N ALA A 320 51.31 -9.43 24.08
CA ALA A 320 50.65 -10.57 24.70
C ALA A 320 49.14 -10.53 24.52
N GLN A 321 48.64 -9.57 23.75
CA GLN A 321 47.23 -9.43 23.38
C GLN A 321 46.34 -9.02 24.55
N THR A 322 46.90 -8.40 25.58
CA THR A 322 46.09 -7.98 26.73
C THR A 322 46.14 -6.47 26.96
N GLY A 323 47.30 -5.89 27.23
CA GLY A 323 47.36 -4.47 27.51
C GLY A 323 47.65 -4.17 28.97
N LEU A 324 48.38 -3.07 29.20
CA LEU A 324 48.82 -2.73 30.55
C LEU A 324 47.69 -2.16 31.40
N GLY A 325 46.77 -1.42 30.79
CA GLY A 325 45.63 -0.88 31.51
C GLY A 325 46.06 0.05 32.63
N THR A 326 45.53 -0.18 33.83
CA THR A 326 45.82 0.63 35.00
C THR A 326 46.91 0.03 35.87
N ALA A 327 47.61 -1.01 35.38
CA ALA A 327 48.63 -1.72 36.15
C ALA A 327 48.06 -2.27 37.45
N ALA A 328 46.91 -2.94 37.34
CA ALA A 328 46.22 -3.52 38.47
C ALA A 328 46.16 -5.03 38.26
N VAL A 329 47.12 -5.74 38.84
CA VAL A 329 47.25 -7.19 38.64
C VAL A 329 46.28 -7.89 39.57
N ILE A 330 45.41 -8.71 38.99
CA ILE A 330 44.50 -9.59 39.73
C ILE A 330 44.90 -11.02 39.41
N VAL A 331 45.26 -11.77 40.45
CA VAL A 331 45.79 -13.12 40.31
C VAL A 331 44.71 -14.12 40.67
N MET A 332 44.55 -15.15 39.86
CA MET A 332 43.62 -16.24 40.14
C MET A 332 44.36 -17.55 40.02
N ASP A 333 44.27 -18.37 41.07
CA ASP A 333 44.99 -19.63 41.15
C ASP A 333 44.15 -20.76 40.54
N ARG A 334 44.72 -21.97 40.51
CA ARG A 334 44.02 -23.12 39.95
C ARG A 334 42.81 -23.55 40.75
N SER A 335 42.49 -22.85 41.84
CA SER A 335 41.37 -23.20 42.70
C SER A 335 40.12 -22.36 42.45
N THR A 336 40.13 -21.49 41.44
CA THR A 336 38.98 -20.62 41.20
C THR A 336 38.24 -21.02 39.93
N ASP A 337 36.98 -20.58 39.86
CA ASP A 337 36.14 -20.77 38.69
C ASP A 337 36.42 -19.61 37.74
N ILE A 338 37.19 -19.88 36.68
CA ILE A 338 37.61 -18.83 35.77
C ILE A 338 36.45 -18.22 35.02
N VAL A 339 35.41 -19.01 34.71
CA VAL A 339 34.25 -18.46 34.03
C VAL A 339 33.45 -17.56 34.97
N LYS A 340 33.36 -17.92 36.24
CA LYS A 340 32.59 -17.12 37.19
C LYS A 340 33.20 -15.73 37.37
N ALA A 341 34.53 -15.64 37.42
CA ALA A 341 35.18 -14.34 37.58
C ALA A 341 34.88 -13.42 36.41
N ILE A 342 34.99 -13.94 35.19
CA ILE A 342 34.69 -13.15 34.01
C ILE A 342 33.22 -12.76 33.98
N ALA A 343 32.34 -13.69 34.41
CA ALA A 343 30.92 -13.38 34.46
C ALA A 343 30.64 -12.26 35.46
N ARG A 344 31.33 -12.25 36.60
CA ARG A 344 31.17 -11.18 37.55
C ARG A 344 31.65 -9.85 36.99
N LEU A 345 32.76 -9.87 36.25
CA LEU A 345 33.23 -8.65 35.60
C LEU A 345 32.22 -8.14 34.58
N ILE A 346 31.61 -9.04 33.82
CA ILE A 346 30.61 -8.63 32.85
C ILE A 346 29.37 -8.09 33.55
N GLU A 347 29.02 -8.65 34.70
CA GLU A 347 27.90 -8.11 35.48
C GLU A 347 28.22 -6.72 35.99
N PHE A 348 29.47 -6.48 36.41
CA PHE A 348 29.89 -5.14 36.80
C PHE A 348 29.72 -4.17 35.64
N TYR A 349 30.15 -4.56 34.45
CA TYR A 349 30.04 -3.68 33.29
C TYR A 349 28.58 -3.45 32.90
N LYS A 350 27.73 -4.46 33.07
CA LYS A 350 26.31 -4.28 32.82
C LYS A 350 25.70 -3.29 33.80
N HIS A 351 26.14 -3.32 35.06
CA HIS A 351 25.64 -2.38 36.05
C HIS A 351 26.28 -1.01 35.95
N GLU A 352 27.36 -0.85 35.17
CA GLU A 352 28.04 0.43 35.09
C GLU A 352 27.82 1.17 33.77
N SER A 353 27.20 0.54 32.77
CA SER A 353 26.89 1.23 31.53
C SER A 353 25.98 2.43 31.80
N CYS A 354 26.25 3.54 31.12
CA CYS A 354 25.42 4.72 31.24
C CYS A 354 24.15 4.62 30.40
N GLY A 355 24.11 3.75 29.41
CA GLY A 355 22.93 3.52 28.61
C GLY A 355 22.74 4.46 27.44
N GLN A 356 23.68 5.38 27.21
CA GLN A 356 23.52 6.36 26.15
C GLN A 356 23.47 5.70 24.78
N CYS A 357 24.45 4.89 24.45
CA CYS A 357 24.59 4.37 23.10
C CYS A 357 24.10 2.93 22.98
N THR A 358 23.61 2.60 21.78
CA THR A 358 22.95 1.31 21.55
C THR A 358 23.86 0.11 21.77
N PRO A 359 25.07 0.03 21.18
CA PRO A 359 25.84 -1.21 21.32
C PRO A 359 26.17 -1.54 22.77
N CYS A 360 26.63 -0.56 23.55
CA CYS A 360 26.85 -0.83 24.97
C CYS A 360 25.54 -1.20 25.67
N ARG A 361 24.56 -0.30 25.63
CA ARG A 361 23.34 -0.44 26.44
C ARG A 361 22.64 -1.76 26.19
N GLU A 362 22.63 -2.24 24.94
CA GLU A 362 21.96 -3.51 24.68
C GLU A 362 22.91 -4.70 24.76
N GLY A 363 24.06 -4.62 24.08
CA GLY A 363 24.93 -5.77 23.96
C GLY A 363 25.64 -6.16 25.23
N VAL A 364 25.91 -5.22 26.13
CA VAL A 364 26.57 -5.62 27.38
C VAL A 364 25.60 -6.40 28.26
N ASP A 365 24.33 -5.98 28.28
CA ASP A 365 23.31 -6.75 28.99
C ASP A 365 23.10 -8.11 28.34
N TRP A 366 23.12 -8.15 27.00
CA TRP A 366 23.05 -9.43 26.28
C TRP A 366 24.21 -10.35 26.64
N MET A 367 25.43 -9.80 26.66
CA MET A 367 26.60 -10.58 27.03
C MET A 367 26.52 -11.04 28.47
N ASN A 368 25.94 -10.23 29.35
CA ASN A 368 25.76 -10.62 30.74
C ASN A 368 24.83 -11.84 30.83
N LYS A 369 23.73 -11.82 30.09
CA LYS A 369 22.82 -12.98 30.13
C LYS A 369 23.48 -14.23 29.56
N VAL A 370 24.20 -14.08 28.44
CA VAL A 370 24.89 -15.22 27.83
C VAL A 370 25.94 -15.77 28.79
N MET A 371 26.67 -14.90 29.46
CA MET A 371 27.74 -15.34 30.36
C MET A 371 27.17 -16.01 31.60
N ALA A 372 26.07 -15.49 32.13
CA ALA A 372 25.42 -16.15 33.25
C ALA A 372 24.95 -17.55 32.87
N ARG A 373 24.47 -17.71 31.63
CA ARG A 373 24.13 -19.07 31.19
C ARG A 373 25.37 -19.93 30.98
N PHE A 374 26.48 -19.34 30.53
CA PHE A 374 27.73 -20.08 30.35
C PHE A 374 28.22 -20.63 31.68
N VAL A 375 28.08 -19.85 32.75
CA VAL A 375 28.57 -20.28 34.06
C VAL A 375 27.90 -21.59 34.46
N LYS A 376 26.60 -21.72 34.25
CA LYS A 376 25.90 -22.96 34.58
C LYS A 376 26.22 -24.07 33.59
N GLY A 377 26.43 -23.72 32.33
CA GLY A 377 26.53 -24.69 31.26
C GLY A 377 25.27 -24.84 30.43
N ASP A 378 24.29 -23.94 30.57
CA ASP A 378 23.03 -24.06 29.86
C ASP A 378 23.20 -24.04 28.35
N ALA A 379 24.28 -23.47 27.85
CA ALA A 379 24.38 -23.14 26.44
C ALA A 379 24.80 -24.36 25.62
N ARG A 380 25.09 -24.10 24.35
CA ARG A 380 25.63 -25.04 23.40
C ARG A 380 26.94 -24.51 22.85
N PRO A 381 27.84 -25.38 22.37
CA PRO A 381 29.12 -24.88 21.85
C PRO A 381 28.98 -23.86 20.74
N ALA A 382 27.97 -24.00 19.88
CA ALA A 382 27.80 -23.06 18.76
C ALA A 382 27.56 -21.64 19.23
N GLU A 383 27.15 -21.44 20.47
CA GLU A 383 26.98 -20.10 21.02
C GLU A 383 28.31 -19.42 21.35
N ILE A 384 29.35 -20.18 21.67
CA ILE A 384 30.62 -19.57 22.05
C ILE A 384 31.13 -18.66 20.93
N ASP A 385 31.24 -19.21 19.71
CA ASP A 385 31.58 -18.38 18.57
C ASP A 385 30.58 -17.24 18.40
N SER A 386 29.29 -17.54 18.57
CA SER A 386 28.28 -16.49 18.54
C SER A 386 28.63 -15.39 19.52
N LEU A 387 28.94 -15.75 20.77
CA LEU A 387 29.29 -14.74 21.75
C LEU A 387 30.48 -13.92 21.28
N TRP A 388 31.49 -14.58 20.70
CA TRP A 388 32.62 -13.86 20.17
C TRP A 388 32.16 -12.75 19.23
N GLU A 389 31.28 -13.09 18.29
CA GLU A 389 30.85 -12.09 17.32
C GLU A 389 30.09 -10.96 17.99
N ILE A 390 29.31 -11.27 19.02
CA ILE A 390 28.60 -10.22 19.75
C ILE A 390 29.60 -9.19 20.26
N SER A 391 30.69 -9.68 20.85
CA SER A 391 31.70 -8.76 21.38
C SER A 391 32.28 -7.91 20.26
N LYS A 392 32.53 -8.52 19.11
CA LYS A 392 33.11 -7.79 17.99
C LYS A 392 32.21 -6.66 17.55
N GLN A 393 30.91 -6.91 17.53
CA GLN A 393 29.95 -5.89 17.15
C GLN A 393 29.97 -4.75 18.16
N ILE A 394 30.06 -5.06 19.44
CA ILE A 394 30.12 -4.03 20.46
C ILE A 394 31.40 -3.20 20.42
N GLU A 395 32.54 -3.86 20.21
CA GLU A 395 33.81 -3.17 20.20
C GLU A 395 34.03 -2.31 18.98
N GLY A 396 34.40 -1.05 19.22
CA GLY A 396 34.66 -0.08 18.17
C GLY A 396 33.44 0.59 17.59
N HIS A 397 32.25 0.24 18.08
CA HIS A 397 31.00 0.81 17.59
C HIS A 397 30.27 1.65 18.62
N THR A 398 30.91 1.88 19.76
CA THR A 398 30.30 2.64 20.84
C THR A 398 30.96 3.98 21.02
N ILE A 399 30.22 4.93 21.56
CA ILE A 399 30.74 6.27 21.83
C ILE A 399 31.95 6.19 22.74
N CYS A 400 31.82 5.40 23.80
CA CYS A 400 32.70 5.35 24.95
C CYS A 400 33.49 4.05 24.94
N ALA A 401 34.60 4.05 25.66
CA ALA A 401 35.48 2.90 25.73
C ALA A 401 35.07 1.91 26.80
N LEU A 402 33.92 2.11 27.44
CA LEU A 402 33.38 1.09 28.33
C LEU A 402 32.95 -0.15 27.55
N GLY A 403 32.46 0.03 26.32
CA GLY A 403 32.12 -1.13 25.50
C GLY A 403 33.34 -1.99 25.19
N ASP A 404 34.47 -1.35 24.91
CA ASP A 404 35.72 -2.09 24.72
C ASP A 404 36.09 -2.88 25.97
N GLY A 405 35.99 -2.23 27.13
CA GLY A 405 36.31 -2.89 28.37
C GLY A 405 35.36 -3.97 28.76
N ALA A 406 34.14 -3.95 28.22
CA ALA A 406 33.22 -5.06 28.43
C ALA A 406 33.49 -6.21 27.47
N ALA A 407 33.90 -5.90 26.23
CA ALA A 407 34.09 -6.93 25.22
C ALA A 407 35.46 -7.61 25.31
N TRP A 408 36.44 -6.99 25.96
CA TRP A 408 37.78 -7.59 25.94
C TRP A 408 37.96 -8.75 26.92
N PRO A 409 37.44 -8.69 28.15
CA PRO A 409 37.54 -9.88 29.02
C PRO A 409 36.84 -11.11 28.47
N VAL A 410 35.70 -10.95 27.79
CA VAL A 410 35.03 -12.10 27.18
C VAL A 410 35.91 -12.69 26.08
N GLN A 411 36.50 -11.82 25.26
CA GLN A 411 37.40 -12.30 24.21
C GLN A 411 38.59 -13.02 24.80
N GLY A 412 39.14 -12.53 25.91
CA GLY A 412 40.25 -13.21 26.54
C GLY A 412 39.87 -14.59 27.07
N LEU A 413 38.72 -14.67 27.74
CA LEU A 413 38.24 -15.95 28.25
C LEU A 413 38.02 -16.95 27.12
N ILE A 414 37.41 -16.51 26.02
CA ILE A 414 37.17 -17.41 24.90
C ILE A 414 38.47 -17.80 24.21
N ARG A 415 39.42 -16.88 24.12
CA ARG A 415 40.68 -17.16 23.46
C ARG A 415 41.52 -18.15 24.24
N HIS A 416 41.46 -18.12 25.56
CA HIS A 416 42.36 -18.94 26.36
C HIS A 416 41.70 -20.05 27.15
N PHE A 417 40.38 -20.03 27.34
CA PHE A 417 39.74 -21.02 28.20
C PHE A 417 38.47 -21.56 27.56
N ARG A 418 38.50 -21.74 26.25
CA ARG A 418 37.36 -22.34 25.54
C ARG A 418 37.09 -23.77 25.98
N PRO A 419 38.12 -24.64 26.11
CA PRO A 419 37.83 -26.04 26.50
C PRO A 419 37.09 -26.15 27.82
N GLU A 420 37.37 -25.28 28.78
CA GLU A 420 36.62 -25.30 30.03
C GLU A 420 35.15 -24.99 29.79
N LEU A 421 34.86 -24.03 28.92
CA LEU A 421 33.48 -23.73 28.58
C LEU A 421 32.79 -24.93 27.93
N GLU A 422 33.48 -25.57 26.98
CA GLU A 422 32.88 -26.70 26.28
C GLU A 422 32.63 -27.86 27.23
N GLU A 423 33.56 -28.15 28.13
CA GLU A 423 33.33 -29.26 29.05
C GLU A 423 32.25 -28.94 30.07
N ARG A 424 32.12 -27.67 30.46
CA ARG A 424 30.99 -27.31 31.32
C ARG A 424 29.66 -27.53 30.61
N MET A 425 29.58 -27.15 29.34
CA MET A 425 28.36 -27.41 28.57
C MET A 425 28.09 -28.91 28.47
N GLN A 426 29.14 -29.70 28.20
CA GLN A 426 28.97 -31.16 28.10
C GLN A 426 28.47 -31.74 29.42
N GLN A 427 29.02 -31.28 30.54
CA GLN A 427 28.58 -31.79 31.83
C GLN A 427 27.11 -31.44 32.09
N PHE A 428 26.73 -30.19 31.83
CA PHE A 428 25.35 -29.81 32.07
C PHE A 428 24.39 -30.64 31.21
N ALA A 429 24.75 -30.87 29.94
CA ALA A 429 23.93 -31.73 29.10
C ALA A 429 23.89 -33.15 29.64
N LEU A 430 25.01 -33.63 30.17
CA LEU A 430 25.06 -35.01 30.67
C LEU A 430 24.13 -35.21 31.85
N GLN A 431 24.15 -34.31 32.84
CA GLN A 431 23.23 -34.49 33.95
C GLN A 431 21.88 -33.83 33.74
N HIS A 432 21.59 -33.30 32.55
CA HIS A 432 20.24 -32.83 32.26
C HIS A 432 19.58 -33.53 31.08
N GLN A 433 20.34 -33.95 30.08
CA GLN A 433 19.79 -34.57 28.87
C GLN A 433 18.68 -33.73 28.24
N THR B 1 18.62 -36.73 -27.22
CA THR B 1 18.19 -38.12 -27.09
C THR B 1 16.73 -38.24 -27.48
N TYR B 2 16.48 -38.90 -28.61
CA TYR B 2 15.17 -38.87 -29.24
C TYR B 2 14.84 -40.22 -29.83
N LYS B 3 13.54 -40.47 -30.01
CA LYS B 3 13.05 -41.67 -30.66
C LYS B 3 12.04 -41.27 -31.73
N PHE B 4 11.80 -42.17 -32.67
CA PHE B 4 10.84 -41.96 -33.74
C PHE B 4 9.53 -42.64 -33.41
N VAL B 5 8.41 -41.97 -33.70
CA VAL B 5 7.11 -42.53 -33.41
C VAL B 5 6.42 -43.15 -34.63
N ASN B 6 6.83 -42.77 -35.84
CA ASN B 6 6.18 -43.27 -37.05
C ASN B 6 7.21 -43.50 -38.16
N MET B 7 8.29 -44.21 -37.84
CA MET B 7 9.29 -44.53 -38.86
C MET B 7 9.53 -46.03 -38.99
N ARG B 8 8.46 -46.81 -39.05
CA ARG B 8 8.56 -48.26 -39.17
C ARG B 8 8.00 -48.72 -40.50
N GLU B 9 8.73 -49.63 -41.15
CA GLU B 9 8.35 -50.16 -42.45
C GLU B 9 7.71 -51.54 -42.32
N PRO B 10 6.67 -51.84 -43.09
CA PRO B 10 5.99 -53.13 -42.98
C PRO B 10 6.64 -54.21 -43.84
N SER B 11 6.61 -55.43 -43.31
CA SER B 11 7.18 -56.57 -44.00
C SER B 11 6.33 -56.92 -45.23
N MET B 12 7.00 -57.42 -46.27
CA MET B 12 6.36 -57.68 -47.55
C MET B 12 6.37 -59.16 -47.92
N ASP B 13 6.54 -60.05 -46.96
CA ASP B 13 6.44 -61.47 -47.26
C ASP B 13 4.97 -61.89 -47.38
N MET B 14 4.76 -63.03 -48.02
CA MET B 14 3.39 -63.47 -48.32
C MET B 14 2.57 -63.66 -47.06
N LYS B 15 3.16 -64.17 -46.00
CA LYS B 15 2.44 -64.34 -44.74
C LYS B 15 1.98 -62.99 -44.19
N SER B 16 2.86 -61.98 -44.19
CA SER B 16 2.48 -60.66 -43.71
C SER B 16 1.39 -60.04 -44.57
N VAL B 17 1.48 -60.22 -45.89
CA VAL B 17 0.47 -59.70 -46.78
C VAL B 17 -0.88 -60.35 -46.52
N THR B 18 -0.89 -61.67 -46.32
CA THR B 18 -2.14 -62.35 -46.01
C THR B 18 -2.71 -61.93 -44.65
N ASP B 19 -1.85 -61.74 -43.65
CA ASP B 19 -2.33 -61.24 -42.37
C ASP B 19 -2.94 -59.85 -42.50
N ARG B 20 -2.31 -58.97 -43.27
CA ARG B 20 -2.87 -57.64 -43.48
C ARG B 20 -4.17 -57.70 -44.28
N ALA B 21 -4.27 -58.61 -45.25
CA ALA B 21 -5.52 -58.77 -45.98
C ALA B 21 -6.64 -59.27 -45.07
N ALA B 22 -6.31 -60.19 -44.16
CA ALA B 22 -7.30 -60.63 -43.18
C ALA B 22 -7.70 -59.49 -42.26
N GLN B 23 -6.74 -58.64 -41.87
CA GLN B 23 -7.06 -57.48 -41.05
C GLN B 23 -7.98 -56.53 -41.79
N THR B 24 -7.75 -56.33 -43.09
CA THR B 24 -8.57 -55.42 -43.87
C THR B 24 -9.98 -55.97 -44.09
N LEU B 25 -10.08 -57.25 -44.43
CA LEU B 25 -11.37 -57.80 -44.85
C LEU B 25 -12.21 -58.29 -43.67
N LEU B 26 -11.59 -58.78 -42.60
CA LEU B 26 -12.31 -59.35 -41.48
C LEU B 26 -12.32 -58.44 -40.26
N TRP B 27 -11.69 -57.27 -40.34
CA TRP B 27 -11.82 -56.20 -39.33
C TRP B 27 -11.34 -56.64 -37.96
N THR B 28 -10.06 -57.02 -37.87
CA THR B 28 -9.54 -57.58 -36.62
C THR B 28 -9.31 -56.51 -35.55
N GLU B 29 -8.74 -55.36 -35.92
CA GLU B 29 -8.47 -54.32 -34.93
C GLU B 29 -9.76 -53.69 -34.40
N LEU B 30 -10.81 -53.66 -35.22
CA LEU B 30 -12.10 -53.22 -34.73
C LEU B 30 -12.65 -54.16 -33.66
N VAL B 31 -12.48 -55.46 -33.85
CA VAL B 31 -12.85 -56.41 -32.82
C VAL B 31 -11.98 -56.24 -31.58
N ARG B 32 -10.72 -55.84 -31.75
CA ARG B 32 -9.89 -55.52 -30.58
C ARG B 32 -10.48 -54.38 -29.77
N GLY B 33 -10.91 -53.31 -30.44
CA GLY B 33 -11.53 -52.20 -29.73
C GLY B 33 -12.83 -52.58 -29.05
N LEU B 34 -13.64 -53.40 -29.72
CA LEU B 34 -14.85 -53.92 -29.10
C LEU B 34 -14.50 -54.73 -27.86
N GLY B 35 -13.44 -55.53 -27.92
CA GLY B 35 -13.02 -56.29 -26.76
C GLY B 35 -12.60 -55.41 -25.60
N MET B 36 -11.93 -54.30 -25.89
CA MET B 36 -11.55 -53.39 -24.82
C MET B 36 -12.77 -52.77 -24.13
N THR B 37 -13.75 -52.32 -24.91
CA THR B 37 -14.96 -51.77 -24.28
C THR B 37 -15.72 -52.85 -23.51
N LEU B 38 -15.79 -54.07 -24.07
CA LEU B 38 -16.45 -55.16 -23.36
C LEU B 38 -15.75 -55.48 -22.06
N SER B 39 -14.42 -55.42 -22.03
CA SER B 39 -13.67 -55.61 -20.80
C SER B 39 -14.03 -54.54 -19.77
N TYR B 40 -14.14 -53.29 -20.20
CA TYR B 40 -14.50 -52.24 -19.24
C TYR B 40 -15.92 -52.41 -18.72
N LEU B 41 -16.80 -53.02 -19.52
CA LEU B 41 -18.17 -53.22 -19.07
C LEU B 41 -18.25 -54.07 -17.80
N PHE B 42 -17.33 -55.01 -17.62
CA PHE B 42 -17.38 -55.95 -16.50
C PHE B 42 -16.53 -55.51 -15.32
N ARG B 43 -15.94 -54.32 -15.35
CA ARG B 43 -15.22 -53.78 -14.22
C ARG B 43 -16.18 -53.06 -13.27
N GLU B 44 -15.72 -52.81 -12.07
CA GLU B 44 -16.51 -52.03 -11.14
C GLU B 44 -16.40 -50.55 -11.47
N PRO B 45 -17.51 -49.84 -11.62
CA PRO B 45 -17.44 -48.41 -11.90
C PRO B 45 -16.82 -47.62 -10.74
N ALA B 46 -16.17 -46.52 -11.09
CA ALA B 46 -15.49 -45.67 -10.13
C ALA B 46 -16.40 -44.61 -9.51
N THR B 47 -17.71 -44.73 -9.73
CA THR B 47 -18.67 -43.78 -9.21
C THR B 47 -18.91 -43.90 -7.70
N ILE B 48 -19.13 -42.78 -7.03
CA ILE B 48 -19.39 -42.75 -5.60
C ILE B 48 -20.84 -42.30 -5.36
N ASN B 49 -21.44 -42.78 -4.28
CA ASN B 49 -22.83 -42.46 -3.99
C ASN B 49 -23.05 -41.13 -3.26
N TYR B 50 -22.81 -40.03 -3.96
CA TYR B 50 -23.00 -38.70 -3.40
C TYR B 50 -24.50 -38.43 -3.24
N PRO B 51 -24.91 -37.78 -2.14
CA PRO B 51 -24.18 -37.14 -1.04
C PRO B 51 -23.80 -38.08 0.10
N PHE B 52 -24.24 -39.33 0.01
CA PHE B 52 -23.94 -40.32 1.04
C PHE B 52 -22.44 -40.62 1.13
N GLU B 53 -21.77 -40.64 -0.02
CA GLU B 53 -20.34 -40.87 -0.10
C GLU B 53 -19.67 -39.58 -0.59
N LYS B 54 -18.54 -39.23 0.00
CA LYS B 54 -17.86 -37.98 -0.30
C LYS B 54 -16.49 -38.25 -0.89
N GLY B 55 -16.00 -37.27 -1.64
CA GLY B 55 -14.65 -37.31 -2.14
C GLY B 55 -13.64 -37.03 -1.05
N PRO B 56 -12.49 -37.68 -1.13
CA PRO B 56 -11.46 -37.48 -0.10
C PRO B 56 -10.90 -36.07 -0.15
N LEU B 57 -10.56 -35.54 1.03
CA LEU B 57 -9.99 -34.22 1.15
C LEU B 57 -8.77 -34.29 2.07
N SER B 58 -8.17 -33.13 2.31
CA SER B 58 -6.92 -32.99 3.02
C SER B 58 -7.07 -31.94 4.12
N PRO B 59 -6.24 -32.01 5.17
CA PRO B 59 -6.27 -30.93 6.17
C PRO B 59 -5.91 -29.56 5.61
N ARG B 60 -5.22 -29.52 4.47
CA ARG B 60 -4.82 -28.26 3.86
C ARG B 60 -5.92 -27.69 2.95
N PHE B 61 -7.03 -28.41 2.81
CA PHE B 61 -8.12 -27.98 1.95
C PHE B 61 -8.59 -26.55 2.22
N ARG B 62 -8.77 -25.78 1.15
CA ARG B 62 -9.23 -24.40 1.25
C ARG B 62 -10.72 -24.31 0.95
N GLY B 63 -11.50 -23.87 1.94
CA GLY B 63 -12.94 -23.73 1.76
C GLY B 63 -13.46 -22.41 2.30
N GLU B 64 -14.68 -22.42 2.79
CA GLU B 64 -15.33 -21.26 3.36
C GLU B 64 -14.51 -20.67 4.49
N HIS B 65 -14.50 -19.34 4.57
CA HIS B 65 -13.68 -18.62 5.52
C HIS B 65 -14.37 -18.55 6.89
N ALA B 66 -13.56 -18.41 7.93
CA ALA B 66 -14.06 -18.33 9.29
C ALA B 66 -13.11 -17.49 10.14
N LEU B 67 -13.68 -16.81 11.13
CA LEU B 67 -12.93 -16.04 12.12
C LEU B 67 -12.95 -16.80 13.45
N ARG B 68 -11.77 -17.01 14.03
CA ARG B 68 -11.59 -17.87 15.19
C ARG B 68 -11.46 -17.06 16.47
N ARG B 69 -11.44 -17.80 17.59
CA ARG B 69 -11.31 -17.22 18.92
C ARG B 69 -10.18 -17.90 19.67
N TYR B 70 -9.74 -17.25 20.74
CA TYR B 70 -8.91 -17.90 21.74
C TYR B 70 -9.78 -18.80 22.61
N PRO B 71 -9.19 -19.76 23.32
CA PRO B 71 -10.01 -20.64 24.18
C PRO B 71 -10.85 -19.90 25.20
N SER B 72 -10.46 -18.68 25.57
CA SER B 72 -11.24 -17.87 26.50
C SER B 72 -12.53 -17.34 25.88
N GLY B 73 -12.71 -17.49 24.57
CA GLY B 73 -13.82 -16.86 23.89
C GLY B 73 -13.53 -15.49 23.32
N GLU B 74 -12.36 -14.93 23.59
CA GLU B 74 -11.95 -13.68 22.99
C GLU B 74 -11.52 -13.92 21.54
N GLU B 75 -11.91 -13.00 20.65
CA GLU B 75 -11.53 -13.12 19.26
C GLU B 75 -10.02 -13.04 19.09
N ARG B 76 -9.52 -13.76 18.10
CA ARG B 76 -8.09 -13.72 17.81
C ARG B 76 -7.69 -12.50 16.99
N CYS B 77 -8.61 -11.96 16.18
CA CYS B 77 -8.25 -10.91 15.24
C CYS B 77 -7.98 -9.61 15.99
N ILE B 78 -6.87 -8.95 15.61
CA ILE B 78 -6.44 -7.72 16.23
C ILE B 78 -6.42 -6.56 15.26
N ALA B 79 -6.92 -6.77 14.03
CA ALA B 79 -7.10 -5.72 13.05
C ALA B 79 -5.75 -5.18 12.53
N CYS B 80 -4.78 -6.07 12.37
CA CYS B 80 -3.52 -5.69 11.75
C CYS B 80 -3.67 -5.34 10.29
N LYS B 81 -4.69 -5.88 9.62
CA LYS B 81 -5.03 -5.63 8.22
C LYS B 81 -4.03 -6.23 7.25
N LEU B 82 -3.27 -7.24 7.67
CA LEU B 82 -2.35 -7.90 6.74
C LEU B 82 -3.11 -8.72 5.72
N CYS B 83 -4.22 -9.35 6.14
CA CYS B 83 -5.05 -10.10 5.21
C CYS B 83 -5.65 -9.19 4.15
N GLU B 84 -6.05 -7.98 4.55
CA GLU B 84 -6.58 -7.02 3.60
C GLU B 84 -5.51 -6.51 2.64
N ALA B 85 -4.27 -6.37 3.12
CA ALA B 85 -3.19 -5.91 2.24
C ALA B 85 -2.77 -7.00 1.26
N VAL B 86 -2.74 -8.25 1.69
CA VAL B 86 -2.21 -9.31 0.84
C VAL B 86 -3.22 -9.83 -0.16
N CYS B 87 -4.51 -9.62 0.05
CA CYS B 87 -5.54 -10.26 -0.73
C CYS B 87 -5.43 -9.85 -2.19
N PRO B 88 -5.14 -10.77 -3.10
CA PRO B 88 -4.97 -10.38 -4.50
C PRO B 88 -6.25 -9.94 -5.18
N ALA B 89 -7.40 -10.32 -4.66
CA ALA B 89 -8.69 -9.95 -5.23
C ALA B 89 -9.30 -8.72 -4.58
N GLN B 90 -8.67 -8.16 -3.55
CA GLN B 90 -9.22 -7.07 -2.74
C GLN B 90 -10.60 -7.43 -2.19
N ALA B 91 -10.73 -8.68 -1.75
CA ALA B 91 -12.00 -9.20 -1.27
C ALA B 91 -12.29 -8.87 0.19
N ILE B 92 -11.31 -8.35 0.93
CA ILE B 92 -11.43 -8.12 2.36
C ILE B 92 -11.55 -6.63 2.63
N THR B 93 -12.52 -6.26 3.45
CA THR B 93 -12.73 -4.87 3.88
C THR B 93 -12.72 -4.83 5.39
N ILE B 94 -11.89 -3.97 5.96
CA ILE B 94 -11.65 -3.92 7.40
C ILE B 94 -11.79 -2.49 7.91
N GLU B 95 -12.51 -2.33 9.01
CA GLU B 95 -12.54 -1.10 9.77
C GLU B 95 -12.36 -1.44 11.25
N ALA B 96 -11.57 -0.64 11.95
CA ALA B 96 -11.20 -0.94 13.32
C ALA B 96 -11.20 0.31 14.17
N GLU B 97 -11.32 0.10 15.47
CA GLU B 97 -11.28 1.17 16.47
C GLU B 97 -10.93 0.54 17.81
N PRO B 98 -10.54 1.35 18.81
CA PRO B 98 -10.35 0.80 20.16
C PRO B 98 -11.68 0.36 20.74
N ARG B 99 -11.70 -0.83 21.33
CA ARG B 99 -12.89 -1.32 21.99
C ARG B 99 -13.12 -0.55 23.29
N ALA B 100 -14.29 -0.78 23.89
CA ALA B 100 -14.63 -0.08 25.13
C ALA B 100 -13.61 -0.34 26.23
N ASP B 101 -12.99 -1.51 26.23
CA ASP B 101 -11.91 -1.82 27.16
C ASP B 101 -10.53 -1.54 26.58
N GLY B 102 -10.45 -0.74 25.51
CA GLY B 102 -9.17 -0.35 24.94
C GLY B 102 -8.54 -1.37 24.04
N SER B 103 -9.21 -2.49 23.75
CA SER B 103 -8.65 -3.54 22.94
C SER B 103 -8.66 -3.15 21.47
N ARG B 104 -7.67 -3.65 20.72
CA ARG B 104 -7.55 -3.37 19.28
C ARG B 104 -8.36 -4.42 18.53
N ARG B 105 -9.58 -4.06 18.12
CA ARG B 105 -10.50 -4.99 17.51
C ARG B 105 -11.16 -4.37 16.30
N THR B 106 -11.73 -5.21 15.44
CA THR B 106 -12.41 -4.74 14.24
C THR B 106 -13.83 -4.34 14.55
N THR B 107 -14.31 -3.33 13.82
CA THR B 107 -15.73 -3.01 13.78
C THR B 107 -16.37 -3.41 12.47
N ARG B 108 -15.60 -3.54 11.40
CA ARG B 108 -16.07 -4.11 10.14
C ARG B 108 -15.05 -5.13 9.66
N TYR B 109 -15.54 -6.32 9.30
CA TYR B 109 -14.68 -7.32 8.67
C TYR B 109 -15.53 -8.07 7.64
N ASP B 110 -15.42 -7.66 6.37
CA ASP B 110 -16.19 -8.24 5.28
C ASP B 110 -15.28 -9.02 4.35
N ILE B 111 -15.78 -10.14 3.84
CA ILE B 111 -15.16 -10.83 2.72
C ILE B 111 -16.22 -10.99 1.63
N ASP B 112 -15.94 -10.44 0.46
CA ASP B 112 -16.81 -10.61 -0.71
C ASP B 112 -16.48 -11.95 -1.35
N MET B 113 -17.32 -12.96 -1.09
CA MET B 113 -17.05 -14.32 -1.54
C MET B 113 -17.15 -14.48 -3.05
N THR B 114 -17.75 -13.53 -3.78
CA THR B 114 -17.73 -13.56 -5.24
C THR B 114 -16.56 -12.78 -5.81
N LYS B 115 -15.77 -12.11 -4.98
CA LYS B 115 -14.47 -11.62 -5.41
C LYS B 115 -13.36 -12.60 -5.08
N CYS B 116 -13.51 -13.35 -4.00
CA CYS B 116 -12.45 -14.21 -3.48
C CYS B 116 -12.04 -15.29 -4.48
N ILE B 117 -10.74 -15.55 -4.57
CA ILE B 117 -10.22 -16.63 -5.39
C ILE B 117 -9.84 -17.85 -4.57
N TYR B 118 -10.02 -17.82 -3.25
CA TYR B 118 -9.82 -18.97 -2.39
C TYR B 118 -8.38 -19.46 -2.46
N CYS B 119 -7.44 -18.51 -2.48
CA CYS B 119 -6.02 -18.78 -2.55
C CYS B 119 -5.39 -19.14 -1.22
N GLY B 120 -5.98 -18.74 -0.11
CA GLY B 120 -5.42 -19.00 1.19
C GLY B 120 -4.27 -18.10 1.59
N PHE B 121 -4.04 -17.02 0.86
CA PHE B 121 -2.94 -16.12 1.20
C PHE B 121 -3.23 -15.38 2.51
N CYS B 122 -4.50 -15.16 2.82
CA CYS B 122 -4.86 -14.41 4.01
C CYS B 122 -4.58 -15.20 5.29
N GLN B 123 -4.82 -16.51 5.27
CA GLN B 123 -4.51 -17.30 6.46
C GLN B 123 -3.02 -17.52 6.62
N GLU B 124 -2.26 -17.52 5.53
CA GLU B 124 -0.80 -17.45 5.65
C GLU B 124 -0.36 -16.13 6.25
N ALA B 125 -0.98 -15.02 5.82
CA ALA B 125 -0.55 -13.70 6.26
C ALA B 125 -0.97 -13.41 7.69
N CYS B 126 -2.04 -14.03 8.18
CA CYS B 126 -2.54 -13.70 9.50
C CYS B 126 -1.52 -14.11 10.56
N PRO B 127 -1.10 -13.21 11.44
CA PRO B 127 -0.10 -13.55 12.45
C PRO B 127 -0.64 -14.18 13.71
N VAL B 128 -1.96 -14.30 13.86
CA VAL B 128 -2.55 -14.84 15.08
C VAL B 128 -3.54 -15.94 14.74
N ASP B 129 -3.52 -16.43 13.50
CA ASP B 129 -4.43 -17.48 13.04
C ASP B 129 -5.89 -17.10 13.26
N ALA B 130 -6.23 -15.86 12.93
CA ALA B 130 -7.59 -15.36 13.12
C ALA B 130 -8.51 -15.70 11.96
N ILE B 131 -8.05 -15.47 10.73
CA ILE B 131 -8.82 -15.79 9.54
C ILE B 131 -8.31 -17.12 9.00
N VAL B 132 -9.24 -18.05 8.73
CA VAL B 132 -8.88 -19.34 8.17
C VAL B 132 -9.83 -19.64 7.03
N GLU B 133 -9.41 -20.54 6.15
CA GLU B 133 -10.29 -21.18 5.19
C GLU B 133 -10.66 -22.54 5.77
N GLY B 134 -11.90 -22.67 6.22
CA GLY B 134 -12.36 -23.89 6.84
C GLY B 134 -12.61 -24.97 5.83
N PRO B 135 -13.01 -26.15 6.29
CA PRO B 135 -13.15 -27.30 5.39
C PRO B 135 -14.41 -27.31 4.55
N ASN B 136 -15.39 -26.46 4.85
CA ASN B 136 -16.69 -26.52 4.18
C ASN B 136 -16.59 -26.08 2.72
N PHE B 137 -17.32 -26.77 1.84
CA PHE B 137 -17.45 -26.35 0.46
C PHE B 137 -18.89 -26.38 -0.05
N GLU B 138 -19.85 -26.79 0.77
CA GLU B 138 -21.24 -26.88 0.35
C GLU B 138 -22.02 -25.69 0.93
N PHE B 139 -21.81 -24.52 0.34
CA PHE B 139 -22.49 -23.32 0.78
C PHE B 139 -22.96 -22.50 -0.43
N SER B 140 -23.57 -23.18 -1.39
CA SER B 140 -24.22 -22.50 -2.50
C SER B 140 -25.47 -21.77 -2.01
N THR B 141 -25.66 -20.55 -2.52
CA THR B 141 -26.80 -19.73 -2.14
C THR B 141 -27.74 -19.57 -3.33
N GLU B 142 -28.93 -19.06 -3.04
CA GLU B 142 -29.91 -18.76 -4.08
C GLU B 142 -29.87 -17.32 -4.54
N THR B 143 -29.23 -16.44 -3.78
CA THR B 143 -29.07 -15.05 -4.16
C THR B 143 -27.62 -14.63 -4.02
N HIS B 144 -27.25 -13.59 -4.78
CA HIS B 144 -25.90 -13.04 -4.74
C HIS B 144 -25.58 -12.38 -3.40
N GLU B 145 -26.58 -11.75 -2.77
CA GLU B 145 -26.34 -11.01 -1.52
C GLU B 145 -25.92 -11.94 -0.39
N GLU B 146 -26.39 -13.19 -0.38
CA GLU B 146 -26.01 -14.11 0.69
C GLU B 146 -24.53 -14.45 0.68
N LEU B 147 -23.80 -14.13 -0.39
CA LEU B 147 -22.37 -14.42 -0.48
C LEU B 147 -21.51 -13.20 -0.18
N LEU B 148 -22.07 -12.19 0.47
CA LEU B 148 -21.32 -11.01 0.89
C LEU B 148 -21.24 -11.07 2.41
N TYR B 149 -20.15 -11.65 2.92
CA TYR B 149 -20.05 -12.00 4.33
C TYR B 149 -19.60 -10.81 5.16
N ASN B 150 -20.28 -10.57 6.27
CA ASN B 150 -19.83 -9.57 7.23
C ASN B 150 -19.18 -10.26 8.43
N LYS B 151 -18.84 -9.48 9.44
CA LYS B 151 -18.14 -10.03 10.60
C LYS B 151 -19.02 -11.01 11.38
N GLU B 152 -20.32 -10.73 11.47
CA GLU B 152 -21.22 -11.64 12.18
C GLU B 152 -21.26 -13.01 11.51
N LYS B 153 -21.36 -13.03 10.18
CA LYS B 153 -21.40 -14.29 9.44
C LYS B 153 -20.11 -15.07 9.62
N LEU B 154 -18.96 -14.38 9.59
CA LEU B 154 -17.68 -15.08 9.70
C LEU B 154 -17.43 -15.57 11.12
N LEU B 155 -17.83 -14.79 12.12
CA LEU B 155 -17.76 -15.26 13.50
C LEU B 155 -18.69 -16.45 13.73
N ASN B 156 -19.87 -16.44 13.11
CA ASN B 156 -20.77 -17.59 13.19
C ASN B 156 -20.15 -18.82 12.52
N ASN B 157 -19.49 -18.63 11.38
CA ASN B 157 -18.80 -19.74 10.74
C ASN B 157 -17.73 -20.31 11.64
N GLY B 158 -16.95 -19.43 12.28
CA GLY B 158 -15.94 -19.91 13.22
C GLY B 158 -16.55 -20.70 14.36
N ASP B 159 -17.62 -20.19 14.96
CA ASP B 159 -18.28 -20.90 16.04
C ASP B 159 -18.83 -22.25 15.58
N LYS B 160 -19.35 -22.31 14.36
CA LYS B 160 -19.95 -23.53 13.84
C LYS B 160 -18.91 -24.57 13.44
N TRP B 161 -17.72 -24.16 13.01
CA TRP B 161 -16.74 -25.08 12.45
C TRP B 161 -15.47 -25.21 13.28
N GLU B 162 -15.42 -24.62 14.48
CA GLU B 162 -14.18 -24.61 15.25
C GLU B 162 -13.65 -26.00 15.54
N ALA B 163 -14.56 -26.95 15.84
CA ALA B 163 -14.11 -28.27 16.23
C ALA B 163 -13.29 -28.93 15.13
N GLU B 164 -13.74 -28.82 13.89
CA GLU B 164 -12.99 -29.39 12.77
C GLU B 164 -11.81 -28.50 12.37
N ILE B 165 -11.94 -27.18 12.49
CA ILE B 165 -10.85 -26.29 12.07
C ILE B 165 -9.63 -26.48 12.96
N ALA B 166 -9.84 -26.59 14.27
CA ALA B 166 -8.72 -26.79 15.18
C ALA B 166 -8.04 -28.12 14.92
N ALA B 167 -8.82 -29.16 14.64
CA ALA B 167 -8.23 -30.46 14.33
C ALA B 167 -7.48 -30.45 13.01
N ASN B 168 -7.95 -29.68 12.04
CA ASN B 168 -7.20 -29.55 10.79
C ASN B 168 -5.90 -28.79 11.00
N ILE B 169 -5.94 -27.73 11.81
CA ILE B 169 -4.73 -26.94 12.05
C ILE B 169 -3.70 -27.76 12.81
N GLN B 170 -4.15 -28.54 13.80
CA GLN B 170 -3.24 -29.39 14.55
C GLN B 170 -2.51 -30.38 13.66
N ALA B 171 -3.15 -30.83 12.59
CA ALA B 171 -2.57 -31.82 11.69
C ALA B 171 -1.67 -31.21 10.62
N ASP B 172 -1.63 -29.89 10.47
CA ASP B 172 -0.89 -29.28 9.39
C ASP B 172 0.08 -28.18 9.82
N TYR B 173 -0.05 -27.66 11.05
CA TYR B 173 0.74 -26.49 11.44
C TYR B 173 2.24 -26.76 11.49
N LEU B 174 2.65 -28.02 11.62
CA LEU B 174 4.08 -28.32 11.62
C LEU B 174 4.69 -28.29 10.22
N TYR B 175 3.86 -28.26 9.17
CA TYR B 175 4.38 -28.00 7.83
C TYR B 175 4.36 -26.53 7.47
N ARG B 176 3.83 -25.68 8.34
CA ARG B 176 3.70 -24.25 8.04
C ARG B 176 4.79 -23.43 8.71
N SER C 1 -60.81 -29.43 -0.64
CA SER C 1 -61.36 -29.35 -1.99
C SER C 1 -60.71 -30.38 -2.90
N ARG C 2 -61.52 -30.96 -3.80
CA ARG C 2 -60.98 -31.94 -4.74
C ARG C 2 -60.09 -31.27 -5.79
N GLY C 3 -60.50 -30.09 -6.27
CA GLY C 3 -59.71 -29.42 -7.29
C GLY C 3 -58.33 -29.03 -6.79
N GLU C 4 -58.25 -28.57 -5.55
CA GLU C 4 -56.95 -28.23 -4.96
C GLU C 4 -56.06 -29.46 -4.82
N TYR C 5 -56.65 -30.59 -4.41
CA TYR C 5 -55.86 -31.82 -4.33
C TYR C 5 -55.36 -32.23 -5.70
N VAL C 6 -56.21 -32.11 -6.73
CA VAL C 6 -55.81 -32.50 -8.08
C VAL C 6 -54.68 -31.61 -8.58
N VAL C 7 -54.79 -30.29 -8.40
CA VAL C 7 -53.72 -29.43 -8.89
C VAL C 7 -52.45 -29.65 -8.10
N ALA C 8 -52.55 -29.96 -6.81
CA ALA C 8 -51.35 -30.25 -6.03
C ALA C 8 -50.64 -31.50 -6.54
N LYS C 9 -51.41 -32.56 -6.85
CA LYS C 9 -50.79 -33.77 -7.37
C LYS C 9 -50.17 -33.55 -8.75
N LEU C 10 -50.88 -32.86 -9.64
CA LEU C 10 -50.32 -32.56 -10.95
C LEU C 10 -49.07 -31.70 -10.83
N ASP C 11 -49.09 -30.75 -9.91
CA ASP C 11 -47.94 -29.90 -9.61
C ASP C 11 -46.74 -30.74 -9.20
N ASP C 12 -46.94 -31.68 -8.28
CA ASP C 12 -45.87 -32.54 -7.83
C ASP C 12 -45.32 -33.39 -8.97
N LEU C 13 -46.20 -33.94 -9.80
CA LEU C 13 -45.76 -34.78 -10.91
C LEU C 13 -44.91 -33.99 -11.90
N VAL C 14 -45.36 -32.80 -12.27
CA VAL C 14 -44.61 -32.00 -13.24
C VAL C 14 -43.27 -31.55 -12.64
N ASN C 15 -43.27 -31.16 -11.37
CA ASN C 15 -42.02 -30.77 -10.72
C ASN C 15 -41.04 -31.93 -10.68
N TRP C 16 -41.53 -33.13 -10.38
CA TRP C 16 -40.67 -34.31 -10.34
C TRP C 16 -40.07 -34.59 -11.71
N ALA C 17 -40.90 -34.54 -12.75
CA ALA C 17 -40.38 -34.81 -14.09
C ALA C 17 -39.35 -33.77 -14.50
N ARG C 18 -39.61 -32.51 -14.18
CA ARG C 18 -38.69 -31.43 -14.55
C ARG C 18 -37.34 -31.49 -13.83
N ARG C 19 -37.35 -31.86 -12.55
CA ARG C 19 -36.10 -31.93 -11.79
C ARG C 19 -35.33 -33.23 -12.02
N SER C 20 -36.03 -34.26 -12.49
CA SER C 20 -35.41 -35.56 -12.73
C SER C 20 -34.78 -35.64 -14.12
N SER C 21 -35.05 -34.65 -14.95
CA SER C 21 -34.49 -34.62 -16.31
C SER C 21 -33.99 -33.21 -16.57
N LEU C 22 -32.80 -32.90 -16.07
CA LEU C 22 -32.21 -31.57 -16.15
C LEU C 22 -31.10 -31.61 -17.18
N TRP C 23 -31.31 -30.99 -18.32
CA TRP C 23 -30.34 -31.05 -19.40
C TRP C 23 -29.58 -29.73 -19.48
N PRO C 24 -28.32 -29.67 -19.05
CA PRO C 24 -27.55 -28.45 -19.21
C PRO C 24 -26.98 -28.30 -20.61
N MET C 25 -26.90 -27.04 -21.04
CA MET C 25 -26.28 -26.73 -22.31
C MET C 25 -24.78 -26.98 -22.26
N THR C 26 -24.25 -27.61 -23.31
CA THR C 26 -22.82 -27.85 -23.40
C THR C 26 -22.14 -26.51 -23.65
N PHE C 27 -21.63 -25.91 -22.59
CA PHE C 27 -21.22 -24.51 -22.64
C PHE C 27 -20.25 -24.26 -21.50
N GLY C 28 -19.02 -23.87 -21.82
CA GLY C 28 -18.05 -23.55 -20.80
C GLY C 28 -17.16 -22.40 -21.23
N LEU C 29 -16.81 -21.53 -20.29
CA LEU C 29 -16.07 -20.33 -20.63
C LEU C 29 -14.59 -20.40 -20.26
N ALA C 30 -14.26 -20.87 -19.06
CA ALA C 30 -12.90 -20.80 -18.55
C ALA C 30 -12.60 -21.93 -17.58
N CYS C 31 -11.64 -21.72 -16.67
CA CYS C 31 -11.19 -22.74 -15.71
C CYS C 31 -12.33 -23.56 -15.13
N CYS C 32 -13.45 -22.93 -14.79
CA CYS C 32 -14.54 -23.65 -14.11
C CYS C 32 -15.09 -24.79 -14.95
N ALA C 33 -15.11 -24.61 -16.28
CA ALA C 33 -15.56 -25.67 -17.18
C ALA C 33 -14.82 -26.98 -16.93
N VAL C 34 -13.53 -26.91 -16.57
CA VAL C 34 -12.78 -28.13 -16.31
C VAL C 34 -13.40 -28.89 -15.15
N GLU C 35 -13.71 -28.20 -14.06
CA GLU C 35 -14.40 -28.89 -12.97
C GLU C 35 -15.76 -29.41 -13.41
N MET C 36 -16.43 -28.68 -14.32
CA MET C 36 -17.67 -29.20 -14.87
C MET C 36 -17.45 -30.54 -15.56
N MET C 37 -16.34 -30.64 -16.31
CA MET C 37 -16.00 -31.92 -16.92
C MET C 37 -15.83 -32.99 -15.86
N HIS C 38 -15.19 -32.64 -14.74
CA HIS C 38 -14.97 -33.63 -13.70
C HIS C 38 -16.27 -34.02 -13.01
N MET C 39 -17.32 -33.23 -13.17
CA MET C 39 -18.62 -33.66 -12.66
C MET C 39 -19.25 -34.71 -13.56
N ALA C 40 -18.92 -34.69 -14.86
CA ALA C 40 -19.43 -35.72 -15.76
C ALA C 40 -18.52 -36.94 -15.80
N ALA C 41 -17.32 -36.83 -15.25
CA ALA C 41 -16.35 -37.92 -15.20
C ALA C 41 -16.87 -39.02 -14.28
N PRO C 42 -16.35 -40.25 -14.40
CA PRO C 42 -16.97 -41.39 -13.72
C PRO C 42 -17.13 -41.24 -12.22
N ARG C 43 -16.22 -40.56 -11.54
CA ARG C 43 -16.28 -40.50 -10.08
C ARG C 43 -17.60 -39.91 -9.59
N TYR C 44 -18.06 -38.84 -10.23
CA TYR C 44 -19.31 -38.21 -9.83
C TYR C 44 -20.48 -38.59 -10.73
N ASP C 45 -20.26 -38.67 -12.04
CA ASP C 45 -21.22 -39.24 -12.98
C ASP C 45 -22.59 -38.55 -12.88
N MET C 46 -22.62 -37.29 -13.31
CA MET C 46 -23.86 -36.53 -13.27
C MET C 46 -24.98 -37.22 -14.05
N ASP C 47 -24.63 -38.04 -15.04
CA ASP C 47 -25.62 -38.75 -15.83
C ASP C 47 -26.51 -39.64 -14.96
N ARG C 48 -26.00 -40.11 -13.82
CA ARG C 48 -26.80 -40.97 -12.96
C ARG C 48 -27.92 -40.23 -12.25
N PHE C 49 -27.86 -38.90 -12.20
CA PHE C 49 -28.95 -38.10 -11.66
C PHE C 49 -29.95 -37.69 -12.72
N GLY C 50 -29.78 -38.13 -13.97
CA GLY C 50 -30.59 -37.65 -15.06
C GLY C 50 -30.12 -36.36 -15.68
N VAL C 51 -28.85 -36.02 -15.53
CA VAL C 51 -28.30 -34.74 -15.96
C VAL C 51 -27.38 -35.01 -17.14
N VAL C 52 -27.83 -34.67 -18.35
CA VAL C 52 -27.07 -34.94 -19.57
C VAL C 52 -26.85 -33.65 -20.33
N PHE C 53 -25.63 -33.49 -20.84
CA PHE C 53 -25.32 -32.34 -21.67
C PHE C 53 -25.97 -32.46 -23.05
N ARG C 54 -26.39 -31.32 -23.57
CA ARG C 54 -26.87 -31.23 -24.95
C ARG C 54 -26.41 -29.91 -25.52
N ALA C 55 -25.87 -29.94 -26.73
CA ALA C 55 -25.25 -28.73 -27.29
C ALA C 55 -26.29 -27.66 -27.61
N SER C 56 -27.42 -28.05 -28.19
CA SER C 56 -28.38 -27.06 -28.67
C SER C 56 -29.06 -26.34 -27.51
N PRO C 57 -29.19 -25.02 -27.58
CA PRO C 57 -30.03 -24.30 -26.61
C PRO C 57 -31.48 -24.68 -26.67
N ARG C 58 -31.98 -25.19 -27.81
CA ARG C 58 -33.38 -25.56 -27.93
C ARG C 58 -33.70 -26.86 -27.21
N GLN C 59 -32.69 -27.68 -26.91
CA GLN C 59 -32.88 -28.94 -26.22
C GLN C 59 -32.26 -28.91 -24.82
N SER C 60 -32.14 -27.73 -24.24
CA SER C 60 -31.48 -27.54 -22.96
C SER C 60 -32.45 -26.92 -21.97
N ASP C 61 -32.31 -27.32 -20.71
CA ASP C 61 -33.09 -26.75 -19.61
C ASP C 61 -32.28 -25.83 -18.72
N VAL C 62 -30.99 -26.10 -18.55
CA VAL C 62 -30.15 -25.38 -17.60
C VAL C 62 -28.97 -24.80 -18.36
N MET C 63 -28.60 -23.57 -18.02
CA MET C 63 -27.33 -23.01 -18.44
C MET C 63 -26.44 -22.86 -17.22
N ILE C 64 -25.25 -23.45 -17.28
CA ILE C 64 -24.24 -23.29 -16.24
C ILE C 64 -23.22 -22.29 -16.78
N VAL C 65 -23.16 -21.11 -16.17
CA VAL C 65 -22.13 -20.13 -16.50
C VAL C 65 -20.88 -20.53 -15.73
N ALA C 66 -19.94 -21.19 -16.40
CA ALA C 66 -18.75 -21.75 -15.77
C ALA C 66 -17.53 -21.07 -16.36
N GLY C 67 -17.23 -19.88 -15.85
CA GLY C 67 -16.09 -19.13 -16.33
C GLY C 67 -16.33 -17.65 -16.37
N THR C 68 -15.30 -16.88 -16.64
CA THR C 68 -15.43 -15.43 -16.76
C THR C 68 -16.30 -15.07 -17.96
N LEU C 69 -17.17 -14.09 -17.77
CA LEU C 69 -17.97 -13.51 -18.84
C LEU C 69 -17.38 -12.13 -19.14
N THR C 70 -16.76 -12.00 -20.31
CA THR C 70 -16.22 -10.73 -20.73
C THR C 70 -17.29 -9.91 -21.46
N ASN C 71 -16.98 -8.65 -21.71
CA ASN C 71 -17.89 -7.77 -22.43
C ASN C 71 -18.13 -8.26 -23.85
N LYS C 72 -17.07 -8.71 -24.53
CA LYS C 72 -17.20 -9.22 -25.88
C LYS C 72 -18.12 -10.42 -25.94
N MET C 73 -18.21 -11.19 -24.87
CA MET C 73 -18.93 -12.45 -24.87
C MET C 73 -20.36 -12.29 -24.37
N ALA C 74 -20.66 -11.26 -23.60
CA ALA C 74 -21.98 -11.10 -22.98
C ALA C 74 -23.15 -11.14 -23.97
N PRO C 75 -23.11 -10.49 -25.14
CA PRO C 75 -24.22 -10.65 -26.08
C PRO C 75 -24.46 -12.09 -26.51
N ALA C 76 -23.41 -12.88 -26.69
CA ALA C 76 -23.59 -14.27 -27.09
C ALA C 76 -24.20 -15.11 -25.97
N LEU C 77 -23.77 -14.88 -24.72
CA LEU C 77 -24.38 -15.58 -23.60
C LEU C 77 -25.85 -15.22 -23.46
N ARG C 78 -26.17 -13.93 -23.57
CA ARG C 78 -27.56 -13.51 -23.51
C ARG C 78 -28.36 -14.12 -24.64
N LYS C 79 -27.78 -14.20 -25.83
CA LYS C 79 -28.48 -14.76 -26.98
C LYS C 79 -28.79 -16.24 -26.80
N VAL C 80 -27.80 -17.02 -26.32
CA VAL C 80 -28.09 -18.45 -26.16
C VAL C 80 -28.96 -18.70 -24.94
N TYR C 81 -28.99 -17.77 -23.98
CA TYR C 81 -29.97 -17.87 -22.91
C TYR C 81 -31.38 -17.63 -23.45
N ASP C 82 -31.53 -16.63 -24.32
CA ASP C 82 -32.85 -16.31 -24.86
C ASP C 82 -33.41 -17.41 -25.76
N GLN C 83 -32.55 -18.25 -26.34
CA GLN C 83 -32.97 -19.30 -27.23
C GLN C 83 -33.28 -20.60 -26.48
N MET C 84 -33.22 -20.60 -25.16
CA MET C 84 -33.67 -21.73 -24.37
C MET C 84 -35.18 -21.69 -24.23
N PRO C 85 -35.90 -22.74 -24.62
CA PRO C 85 -37.33 -22.80 -24.32
C PRO C 85 -37.58 -22.89 -22.82
N GLU C 86 -38.71 -22.44 -22.44
CA GLU C 86 -39.00 -22.38 -21.02
C GLU C 86 -39.75 -23.62 -20.56
N PRO C 87 -39.64 -24.02 -19.28
CA PRO C 87 -38.85 -23.39 -18.22
C PRO C 87 -37.34 -23.60 -18.36
N ARG C 88 -36.57 -22.60 -17.93
CA ARG C 88 -35.13 -22.62 -18.05
C ARG C 88 -34.51 -22.09 -16.77
N TYR C 89 -33.30 -22.54 -16.48
CA TYR C 89 -32.62 -22.19 -15.24
C TYR C 89 -31.18 -21.82 -15.54
N VAL C 90 -30.60 -20.99 -14.68
CA VAL C 90 -29.21 -20.58 -14.80
C VAL C 90 -28.51 -20.85 -13.48
N VAL C 91 -27.41 -21.58 -13.53
CA VAL C 91 -26.54 -21.81 -12.38
C VAL C 91 -25.26 -21.03 -12.61
N SER C 92 -24.98 -20.08 -11.72
CA SER C 92 -23.74 -19.32 -11.76
C SER C 92 -22.68 -20.06 -10.97
N MET C 93 -21.57 -20.40 -11.62
CA MET C 93 -20.54 -21.25 -11.03
C MET C 93 -19.20 -20.53 -11.07
N GLY C 94 -18.61 -20.33 -9.90
CA GLY C 94 -17.29 -19.74 -9.80
C GLY C 94 -17.34 -18.25 -9.49
N SER C 95 -16.21 -17.76 -8.99
CA SER C 95 -16.12 -16.35 -8.59
C SER C 95 -16.32 -15.42 -9.79
N CYS C 96 -15.75 -15.77 -10.94
CA CYS C 96 -15.85 -14.91 -12.11
C CYS C 96 -17.32 -14.71 -12.51
N ALA C 97 -18.06 -15.81 -12.64
CA ALA C 97 -19.47 -15.68 -13.01
C ALA C 97 -20.29 -15.04 -11.90
N ASN C 98 -19.97 -15.34 -10.64
CA ASN C 98 -20.75 -14.81 -9.52
C ASN C 98 -20.62 -13.31 -9.41
N GLY C 99 -19.40 -12.78 -9.40
CA GLY C 99 -19.22 -11.36 -9.22
C GLY C 99 -18.03 -10.73 -9.93
N GLY C 100 -17.36 -11.49 -10.79
CA GLY C 100 -16.18 -10.98 -11.45
C GLY C 100 -14.91 -11.61 -10.92
N GLY C 101 -14.83 -11.82 -9.61
CA GLY C 101 -13.74 -12.59 -9.05
C GLY C 101 -12.41 -11.88 -9.14
N TYR C 102 -11.41 -12.60 -9.64
CA TYR C 102 -10.05 -12.08 -9.78
C TYR C 102 -9.97 -10.95 -10.78
N TYR C 103 -10.95 -10.82 -11.68
CA TYR C 103 -10.99 -9.80 -12.70
C TYR C 103 -12.16 -8.84 -12.50
N HIS C 104 -12.57 -8.63 -11.25
CA HIS C 104 -13.68 -7.74 -10.97
C HIS C 104 -13.37 -6.31 -11.40
N TYR C 105 -12.12 -5.88 -11.23
CA TYR C 105 -11.70 -4.54 -11.61
C TYR C 105 -11.05 -4.50 -12.98
N SER C 106 -11.68 -5.07 -13.98
CA SER C 106 -11.15 -5.07 -15.33
C SER C 106 -12.05 -4.26 -16.24
N TYR C 107 -11.44 -3.66 -17.27
CA TYR C 107 -12.16 -2.91 -18.28
C TYR C 107 -12.96 -3.81 -19.21
N SER C 108 -12.66 -5.09 -19.27
CA SER C 108 -13.28 -6.00 -20.21
C SER C 108 -14.07 -7.14 -19.59
N VAL C 109 -14.42 -7.05 -18.31
CA VAL C 109 -15.09 -8.13 -17.60
C VAL C 109 -16.44 -7.64 -17.10
N VAL C 110 -17.46 -8.48 -17.26
CA VAL C 110 -18.76 -8.21 -16.65
C VAL C 110 -18.71 -8.62 -15.18
N ARG C 111 -19.06 -7.70 -14.29
CA ARG C 111 -18.98 -7.95 -12.85
C ARG C 111 -20.20 -8.75 -12.40
N GLY C 112 -20.17 -10.04 -12.74
CA GLY C 112 -21.26 -10.93 -12.40
C GLY C 112 -22.21 -11.13 -13.56
N CYS C 113 -22.51 -12.38 -13.88
CA CYS C 113 -23.40 -12.70 -14.98
C CYS C 113 -24.85 -12.38 -14.67
N ASP C 114 -25.19 -12.09 -13.42
CA ASP C 114 -26.56 -11.72 -13.10
C ASP C 114 -26.91 -10.32 -13.55
N ARG C 115 -25.94 -9.55 -14.04
CA ARG C 115 -26.24 -8.34 -14.80
C ARG C 115 -26.83 -8.64 -16.16
N ILE C 116 -26.53 -9.81 -16.72
CA ILE C 116 -26.95 -10.17 -18.06
C ILE C 116 -28.17 -11.09 -18.04
N VAL C 117 -28.20 -12.06 -17.13
CA VAL C 117 -29.29 -13.03 -17.05
C VAL C 117 -29.70 -13.21 -15.60
N PRO C 118 -30.93 -13.64 -15.35
CA PRO C 118 -31.34 -13.97 -13.98
C PRO C 118 -30.75 -15.30 -13.55
N VAL C 119 -30.26 -15.35 -12.31
CA VAL C 119 -29.54 -16.50 -11.79
C VAL C 119 -30.35 -17.16 -10.69
N ASP C 120 -30.38 -18.49 -10.69
CA ASP C 120 -31.07 -19.27 -9.68
C ASP C 120 -30.15 -19.73 -8.55
N ILE C 121 -28.98 -20.25 -8.87
CA ILE C 121 -28.07 -20.81 -7.89
C ILE C 121 -26.68 -20.21 -8.11
N TYR C 122 -26.07 -19.73 -7.03
CA TYR C 122 -24.71 -19.22 -7.05
C TYR C 122 -23.79 -20.23 -6.37
N VAL C 123 -22.83 -20.76 -7.13
CA VAL C 123 -21.91 -21.77 -6.62
C VAL C 123 -20.57 -21.09 -6.35
N PRO C 124 -20.16 -20.93 -5.10
CA PRO C 124 -18.91 -20.25 -4.81
C PRO C 124 -17.69 -21.15 -4.99
N GLY C 125 -16.54 -20.51 -5.18
CA GLY C 125 -15.28 -21.17 -5.40
C GLY C 125 -14.53 -20.58 -6.58
N CYS C 126 -13.25 -20.93 -6.66
CA CYS C 126 -12.40 -20.53 -7.79
C CYS C 126 -11.34 -21.59 -8.06
N PRO C 127 -11.71 -22.69 -8.71
CA PRO C 127 -13.08 -23.07 -9.07
C PRO C 127 -13.77 -23.79 -7.93
N PRO C 128 -15.09 -23.83 -7.94
CA PRO C 128 -15.79 -24.78 -7.07
C PRO C 128 -15.38 -26.19 -7.47
N THR C 129 -15.27 -27.07 -6.49
CA THR C 129 -14.98 -28.46 -6.79
C THR C 129 -16.16 -29.08 -7.52
N ALA C 130 -15.91 -30.22 -8.17
CA ALA C 130 -17.01 -30.94 -8.82
C ALA C 130 -18.09 -31.31 -7.81
N GLU C 131 -17.70 -31.65 -6.59
CA GLU C 131 -18.67 -31.93 -5.53
C GLU C 131 -19.50 -30.70 -5.17
N ALA C 132 -18.89 -29.53 -5.13
CA ALA C 132 -19.64 -28.31 -4.83
C ALA C 132 -20.63 -27.97 -5.93
N LEU C 133 -20.24 -28.15 -7.18
CA LEU C 133 -21.16 -27.96 -8.28
C LEU C 133 -22.30 -28.97 -8.22
N LEU C 134 -21.99 -30.22 -7.85
CA LEU C 134 -23.04 -31.22 -7.72
C LEU C 134 -24.01 -30.84 -6.59
N TYR C 135 -23.48 -30.29 -5.50
CA TYR C 135 -24.33 -29.79 -4.42
C TYR C 135 -25.24 -28.68 -4.92
N GLY C 136 -24.70 -27.77 -5.73
CA GLY C 136 -25.53 -26.72 -6.31
C GLY C 136 -26.60 -27.25 -7.24
N ILE C 137 -26.27 -28.29 -8.03
CA ILE C 137 -27.25 -28.89 -8.92
C ILE C 137 -28.38 -29.54 -8.13
N LEU C 138 -28.01 -30.26 -7.07
CA LEU C 138 -28.99 -30.92 -6.23
C LEU C 138 -29.83 -29.87 -5.50
N GLN C 139 -29.25 -28.68 -5.33
CA GLN C 139 -29.95 -27.59 -4.67
C GLN C 139 -30.98 -27.00 -5.62
N LEU C 140 -30.66 -27.01 -6.92
CA LEU C 140 -31.57 -26.49 -7.94
C LEU C 140 -32.76 -27.43 -8.07
N GLN C 141 -32.52 -28.72 -7.90
CA GLN C 141 -33.57 -29.72 -7.98
C GLN C 141 -34.55 -29.52 -6.83
N ARG C 142 -34.02 -29.20 -5.66
CA ARG C 142 -34.85 -28.95 -4.49
C ARG C 142 -35.67 -27.69 -4.70
N LYS C 143 -35.04 -26.69 -5.33
CA LYS C 143 -35.70 -25.44 -5.63
C LYS C 143 -36.86 -25.69 -6.59
N ILE C 144 -36.61 -26.52 -7.59
CA ILE C 144 -37.65 -26.86 -8.56
C ILE C 144 -38.75 -27.68 -7.90
N LYS C 145 -38.39 -28.53 -6.94
CA LYS C 145 -39.40 -29.27 -6.20
C LYS C 145 -40.35 -28.35 -5.44
N ARG C 146 -39.91 -27.15 -5.09
CA ARG C 146 -40.75 -26.22 -4.33
C ARG C 146 -41.69 -25.39 -5.19
N GLU C 147 -41.72 -25.67 -6.49
CA GLU C 147 -42.58 -24.91 -7.40
C GLU C 147 -44.05 -25.33 -7.30
N LYS C 148 -44.93 -24.35 -7.44
CA LYS C 148 -46.37 -24.61 -7.38
C LYS C 148 -47.11 -23.76 -8.41
N ARG C 149 -46.75 -23.94 -9.67
CA ARG C 149 -47.36 -23.20 -10.77
C ARG C 149 -48.86 -23.47 -10.89
N LEU C 150 -49.26 -24.73 -10.83
CA LEU C 150 -50.67 -25.09 -10.96
C LEU C 150 -51.49 -24.62 -9.77
N ARG C 151 -50.92 -24.69 -8.57
CA ARG C 151 -51.65 -24.18 -7.40
C ARG C 151 -51.86 -22.67 -7.51
N ILE C 152 -50.85 -21.93 -7.96
CA ILE C 152 -51.01 -20.50 -8.13
C ILE C 152 -52.02 -20.18 -9.22
N TRP C 153 -52.00 -20.95 -10.31
CA TRP C 153 -52.99 -20.74 -11.36
C TRP C 153 -54.39 -20.99 -10.85
N TYR C 154 -54.56 -22.05 -10.05
CA TYR C 154 -55.88 -22.39 -9.52
C TYR C 154 -56.39 -21.34 -8.55
N ARG C 155 -55.50 -20.76 -7.74
CA ARG C 155 -55.92 -19.75 -6.78
C ARG C 155 -56.17 -18.38 -7.42
N ARG C 156 -55.68 -18.13 -8.62
CA ARG C 156 -55.79 -16.80 -9.20
C ARG C 156 -57.04 -16.65 -10.04
N GLY D 1 9.44 22.60 -40.58
CA GLY D 1 10.27 21.58 -39.99
C GLY D 1 9.50 20.59 -39.13
N THR D 2 9.91 20.47 -37.87
CA THR D 2 9.25 19.66 -36.85
C THR D 2 9.45 18.16 -37.12
N SER D 3 10.02 17.84 -38.27
CA SER D 3 10.62 16.53 -38.57
C SER D 3 9.70 15.37 -38.17
N VAL D 4 8.57 15.26 -38.88
CA VAL D 4 7.64 14.16 -38.67
C VAL D 4 7.55 13.32 -39.93
N LYS D 5 7.22 12.05 -39.75
CA LYS D 5 7.03 11.06 -40.81
C LYS D 5 5.53 10.79 -40.99
N PRO D 6 5.01 10.83 -42.21
CA PRO D 6 3.57 10.68 -42.40
C PRO D 6 3.13 9.22 -42.31
N ILE D 7 1.81 9.03 -42.25
CA ILE D 7 1.24 7.70 -42.34
C ILE D 7 0.80 7.46 -43.79
N PHE D 8 -0.11 8.28 -44.27
CA PHE D 8 -0.55 8.20 -45.65
C PHE D 8 -0.51 9.53 -46.39
N SER D 9 -0.89 10.62 -45.72
CA SER D 9 -1.07 11.90 -46.36
C SER D 9 0.08 12.84 -46.02
N ARG D 10 0.48 13.63 -47.01
CA ARG D 10 1.54 14.61 -46.83
C ARG D 10 1.02 15.98 -46.40
N ASP D 11 -0.22 16.32 -46.73
CA ASP D 11 -0.82 17.57 -46.31
C ASP D 11 -2.30 17.31 -46.04
N MET D 12 -3.01 18.37 -45.64
CA MET D 12 -4.41 18.21 -45.28
C MET D 12 -5.31 17.93 -46.47
N ASN D 13 -4.86 18.24 -47.70
CA ASN D 13 -5.70 17.99 -48.87
C ASN D 13 -5.90 16.50 -49.12
N GLU D 14 -4.82 15.72 -49.09
CA GLU D 14 -4.95 14.28 -49.26
C GLU D 14 -5.74 13.66 -48.11
N ALA D 15 -5.52 14.16 -46.89
CA ALA D 15 -6.27 13.65 -45.75
C ALA D 15 -7.75 13.92 -45.90
N LYS D 16 -8.12 15.10 -46.39
CA LYS D 16 -9.51 15.42 -46.66
C LYS D 16 -10.09 14.53 -47.74
N ARG D 17 -9.29 14.22 -48.76
CA ARG D 17 -9.75 13.30 -49.80
C ARG D 17 -10.08 11.93 -49.23
N ARG D 18 -9.21 11.41 -48.36
CA ARG D 18 -9.46 10.13 -47.71
C ARG D 18 -10.69 10.20 -46.81
N VAL D 19 -10.87 11.32 -46.10
CA VAL D 19 -12.06 11.51 -45.28
C VAL D 19 -13.31 11.45 -46.13
N ARG D 20 -13.30 12.11 -47.29
CA ARG D 20 -14.46 12.10 -48.16
C ARG D 20 -14.76 10.70 -48.69
N GLU D 21 -13.70 9.95 -49.03
CA GLU D 21 -13.90 8.57 -49.49
C GLU D 21 -14.53 7.70 -48.42
N LEU D 22 -14.03 7.80 -47.19
CA LEU D 22 -14.59 7.02 -46.09
C LEU D 22 -16.04 7.43 -45.83
N TYR D 23 -16.32 8.73 -45.92
CA TYR D 23 -17.69 9.20 -45.73
C TYR D 23 -18.62 8.63 -46.79
N ARG D 24 -18.16 8.59 -48.05
CA ARG D 24 -18.95 7.98 -49.11
C ARG D 24 -19.25 6.52 -48.80
N ALA D 25 -18.23 5.78 -48.32
CA ALA D 25 -18.43 4.37 -48.03
C ALA D 25 -19.43 4.14 -46.89
N TRP D 26 -19.33 4.94 -45.82
CA TRP D 26 -20.29 4.84 -44.74
C TRP D 26 -21.70 5.20 -45.20
N TYR D 27 -21.82 6.24 -46.01
CA TYR D 27 -23.12 6.66 -46.53
C TYR D 27 -23.76 5.55 -47.35
N ARG D 28 -22.96 4.88 -48.19
CA ARG D 28 -23.50 3.76 -48.95
C ARG D 28 -23.87 2.58 -48.05
N GLU D 29 -23.11 2.36 -46.98
CA GLU D 29 -23.34 1.19 -46.14
C GLU D 29 -24.59 1.31 -45.28
N VAL D 30 -24.98 2.53 -44.88
CA VAL D 30 -26.03 2.68 -43.87
C VAL D 30 -27.32 1.92 -44.20
N PRO D 31 -27.89 2.01 -45.41
CA PRO D 31 -29.13 1.26 -45.67
C PRO D 31 -28.98 -0.25 -45.53
N ASN D 32 -27.85 -0.80 -45.99
CA ASN D 32 -27.62 -2.23 -45.82
C ASN D 32 -27.52 -2.60 -44.35
N THR D 33 -26.88 -1.74 -43.55
CA THR D 33 -26.80 -1.98 -42.12
C THR D 33 -28.18 -2.01 -41.49
N VAL D 34 -29.03 -1.06 -41.86
CA VAL D 34 -30.38 -1.04 -41.32
C VAL D 34 -31.15 -2.30 -41.71
N HIS D 35 -30.93 -2.79 -42.93
CA HIS D 35 -31.63 -4.01 -43.35
C HIS D 35 -31.11 -5.25 -42.64
N LEU D 36 -29.79 -5.42 -42.57
CA LEU D 36 -29.21 -6.67 -42.08
C LEU D 36 -29.39 -6.82 -40.59
N PHE D 37 -29.14 -5.76 -39.83
CA PHE D 37 -29.23 -5.82 -38.38
C PHE D 37 -30.65 -5.70 -37.87
N GLN D 38 -31.62 -5.47 -38.75
CA GLN D 38 -33.02 -5.31 -38.38
C GLN D 38 -33.18 -4.21 -37.32
N LEU D 39 -32.57 -3.06 -37.61
CA LEU D 39 -32.63 -1.91 -36.73
C LEU D 39 -33.96 -1.18 -36.88
N ASP D 40 -34.44 -0.63 -35.77
CA ASP D 40 -35.70 0.12 -35.75
C ASP D 40 -35.50 1.60 -36.03
N ILE D 41 -34.32 1.99 -36.50
CA ILE D 41 -34.07 3.37 -36.90
C ILE D 41 -34.36 3.51 -38.38
N SER D 42 -34.48 4.74 -38.85
CA SER D 42 -34.58 5.00 -40.28
C SER D 42 -33.17 5.12 -40.88
N VAL D 43 -33.12 5.07 -42.22
CA VAL D 43 -31.87 5.34 -42.91
C VAL D 43 -31.43 6.77 -42.67
N LYS D 44 -32.39 7.69 -42.57
CA LYS D 44 -32.07 9.08 -42.28
C LYS D 44 -31.38 9.23 -40.93
N GLN D 45 -31.88 8.52 -39.91
CA GLN D 45 -31.23 8.55 -38.60
C GLN D 45 -29.81 8.01 -38.67
N GLY D 46 -29.61 6.92 -39.40
CA GLY D 46 -28.27 6.34 -39.50
C GLY D 46 -27.30 7.26 -40.19
N ARG D 47 -27.72 7.88 -41.29
CA ARG D 47 -26.85 8.82 -41.99
C ARG D 47 -26.60 10.07 -41.15
N ASP D 48 -27.60 10.53 -40.40
CA ASP D 48 -27.38 11.64 -39.48
C ASP D 48 -26.36 11.29 -38.41
N LYS D 49 -26.43 10.07 -37.87
CA LYS D 49 -25.46 9.64 -36.88
C LYS D 49 -24.05 9.55 -37.48
N VAL D 50 -23.95 9.07 -38.73
CA VAL D 50 -22.65 9.02 -39.38
C VAL D 50 -22.08 10.43 -39.52
N ARG D 51 -22.92 11.37 -39.94
CA ARG D 51 -22.46 12.76 -40.06
C ARG D 51 -22.04 13.32 -38.70
N GLU D 52 -22.80 13.02 -37.65
CA GLU D 52 -22.46 13.51 -36.32
C GLU D 52 -21.13 12.94 -35.84
N MET D 53 -20.89 11.66 -36.07
CA MET D 53 -19.59 11.08 -35.70
C MET D 53 -18.46 11.71 -36.50
N PHE D 54 -18.68 11.98 -37.79
CA PHE D 54 -17.65 12.66 -38.57
C PHE D 54 -17.39 14.08 -38.07
N MET D 55 -18.44 14.80 -37.68
CA MET D 55 -18.28 16.18 -37.24
C MET D 55 -17.75 16.28 -35.83
N LYS D 56 -17.80 15.20 -35.04
CA LYS D 56 -17.16 15.21 -33.73
C LYS D 56 -15.67 15.55 -33.82
N ASN D 57 -15.03 15.20 -34.94
CA ASN D 57 -13.60 15.37 -35.12
C ASN D 57 -13.27 16.41 -36.19
N ALA D 58 -14.12 17.42 -36.33
CA ALA D 58 -13.92 18.40 -37.40
C ALA D 58 -12.80 19.38 -37.11
N HIS D 59 -12.38 19.48 -35.85
CA HIS D 59 -11.39 20.47 -35.43
C HIS D 59 -9.95 20.01 -35.62
N VAL D 60 -9.74 18.79 -36.08
CA VAL D 60 -8.39 18.25 -36.20
C VAL D 60 -7.66 18.92 -37.35
N THR D 61 -6.41 19.33 -37.10
CA THR D 61 -5.59 20.00 -38.10
C THR D 61 -4.30 19.26 -38.41
N ASP D 62 -4.11 18.05 -37.89
CA ASP D 62 -2.89 17.30 -38.10
C ASP D 62 -3.16 16.19 -39.12
N PRO D 63 -2.47 16.15 -40.26
CA PRO D 63 -2.73 15.09 -41.24
C PRO D 63 -2.51 13.69 -40.70
N ARG D 64 -1.58 13.50 -39.77
CA ARG D 64 -1.35 12.18 -39.21
C ARG D 64 -2.52 11.75 -38.32
N VAL D 65 -3.03 12.67 -37.52
CA VAL D 65 -4.20 12.37 -36.69
C VAL D 65 -5.40 12.06 -37.58
N VAL D 66 -5.55 12.80 -38.68
CA VAL D 66 -6.65 12.53 -39.61
C VAL D 66 -6.48 11.16 -40.26
N ASP D 67 -5.24 10.79 -40.60
CA ASP D 67 -4.99 9.48 -41.18
C ASP D 67 -5.35 8.37 -40.20
N LEU D 68 -5.00 8.55 -38.92
CA LEU D 68 -5.37 7.55 -37.93
C LEU D 68 -6.88 7.49 -37.72
N LEU D 69 -7.55 8.64 -37.78
CA LEU D 69 -9.00 8.66 -37.63
C LEU D 69 -9.67 7.95 -38.80
N VAL D 70 -9.15 8.11 -40.01
CA VAL D 70 -9.69 7.41 -41.17
C VAL D 70 -9.42 5.92 -41.05
N ILE D 71 -8.24 5.54 -40.55
CA ILE D 71 -7.94 4.13 -40.35
C ILE D 71 -8.92 3.51 -39.36
N LYS D 72 -9.21 4.22 -38.27
CA LYS D 72 -10.17 3.70 -37.29
C LYS D 72 -11.58 3.62 -37.87
N GLY D 73 -11.99 4.62 -38.65
CA GLY D 73 -13.29 4.58 -39.28
C GLY D 73 -13.41 3.46 -40.29
N LYS D 74 -12.34 3.17 -41.02
CA LYS D 74 -12.32 2.04 -41.94
C LYS D 74 -12.37 0.72 -41.19
N MET D 75 -11.70 0.64 -40.05
CA MET D 75 -11.81 -0.54 -39.20
C MET D 75 -13.24 -0.77 -38.76
N GLU D 76 -13.92 0.31 -38.35
CA GLU D 76 -15.31 0.19 -37.91
C GLU D 76 -16.22 -0.19 -39.07
N LEU D 77 -15.97 0.36 -40.27
CA LEU D 77 -16.78 0.01 -41.42
C LEU D 77 -16.60 -1.45 -41.82
N GLU D 78 -15.37 -1.93 -41.80
CA GLU D 78 -15.10 -3.32 -42.14
C GLU D 78 -15.82 -4.21 -41.14
N GLU D 79 -15.77 -3.81 -39.88
CA GLU D 79 -16.40 -4.57 -38.81
C GLU D 79 -17.93 -4.65 -38.99
N THR D 80 -18.55 -3.54 -39.35
CA THR D 80 -20.00 -3.48 -39.58
C THR D 80 -20.49 -4.29 -40.78
N ILE D 81 -19.75 -4.21 -41.88
CA ILE D 81 -20.08 -4.90 -43.12
C ILE D 81 -20.04 -6.42 -43.04
N ASN D 82 -19.07 -6.94 -42.30
CA ASN D 82 -18.86 -8.37 -42.15
C ASN D 82 -19.71 -9.02 -41.06
N VAL D 83 -20.49 -8.21 -40.37
CA VAL D 83 -21.39 -8.61 -39.28
C VAL D 83 -20.65 -9.12 -38.03
N TRP D 84 -19.42 -8.68 -37.85
CA TRP D 84 -18.65 -9.01 -36.66
C TRP D 84 -19.40 -8.36 -35.52
N LYS D 85 -19.88 -7.16 -35.79
CA LYS D 85 -20.71 -6.38 -34.87
C LYS D 85 -22.10 -7.00 -34.76
N GLN D 86 -22.71 -6.80 -33.60
CA GLN D 86 -24.09 -7.20 -33.36
C GLN D 86 -24.95 -5.95 -33.24
N ARG D 87 -26.26 -6.16 -33.11
CA ARG D 87 -27.18 -5.03 -33.02
C ARG D 87 -26.88 -4.16 -31.81
N THR D 88 -26.42 -4.77 -30.71
CA THR D 88 -26.08 -4.00 -29.53
C THR D 88 -24.91 -3.04 -29.82
N HIS D 89 -23.93 -3.48 -30.60
CA HIS D 89 -22.80 -2.63 -30.94
C HIS D 89 -23.23 -1.44 -31.79
N ILE D 90 -24.08 -1.67 -32.79
CA ILE D 90 -24.56 -0.59 -33.63
C ILE D 90 -25.38 0.40 -32.80
N MET D 91 -26.25 -0.12 -31.93
CA MET D 91 -27.10 0.72 -31.12
C MET D 91 -26.36 1.44 -30.00
N ARG D 92 -25.12 1.04 -29.69
CA ARG D 92 -24.34 1.76 -28.69
C ARG D 92 -24.03 3.19 -29.12
N PHE D 93 -24.14 3.52 -30.41
CA PHE D 93 -23.90 4.88 -30.85
C PHE D 93 -25.02 5.84 -30.44
N PHE D 94 -26.20 5.34 -30.12
CA PHE D 94 -27.37 6.18 -29.90
C PHE D 94 -27.69 6.40 -28.42
N HIS D 95 -27.06 5.65 -27.52
CA HIS D 95 -27.19 5.85 -26.07
C HIS D 95 -28.65 5.91 -25.62
N GLU D 96 -29.40 4.87 -25.97
CA GLU D 96 -30.85 4.88 -25.78
C GLU D 96 -31.28 4.68 -24.34
N THR D 97 -30.42 4.15 -23.47
CA THR D 97 -30.77 3.95 -22.07
C THR D 97 -30.05 4.94 -21.16
N GLU D 98 -29.44 5.97 -21.70
CA GLU D 98 -28.73 6.97 -20.92
C GLU D 98 -29.63 8.17 -20.70
N ALA D 99 -29.91 8.47 -19.44
CA ALA D 99 -30.71 9.65 -19.13
C ALA D 99 -29.95 10.92 -19.48
N PRO D 100 -30.61 11.91 -20.09
CA PRO D 100 -29.90 13.14 -20.49
C PRO D 100 -29.30 13.86 -19.30
N ARG D 101 -28.00 14.10 -19.36
CA ARG D 101 -27.31 14.87 -18.32
C ARG D 101 -27.36 16.35 -18.66
N PRO D 102 -27.83 17.19 -17.75
CA PRO D 102 -27.96 18.62 -18.04
C PRO D 102 -26.62 19.31 -18.13
N THR D 103 -26.63 20.48 -18.78
CA THR D 103 -25.42 21.26 -19.00
C THR D 103 -25.44 22.64 -18.36
N ASP D 104 -26.60 23.15 -17.97
CA ASP D 104 -26.66 24.46 -17.34
C ASP D 104 -26.22 24.39 -15.89
N PHE D 105 -25.86 25.55 -15.35
CA PHE D 105 -25.26 25.61 -14.02
C PHE D 105 -26.24 25.14 -12.94
N LEU D 106 -27.49 25.58 -13.00
CA LEU D 106 -28.40 25.37 -11.88
C LEU D 106 -28.74 23.90 -11.69
N SER D 107 -29.01 23.19 -12.78
CA SER D 107 -29.33 21.76 -12.66
C SER D 107 -28.13 20.97 -12.13
N LYS D 108 -26.94 21.29 -12.60
CA LYS D 108 -25.74 20.65 -12.08
C LYS D 108 -25.57 20.93 -10.59
N PHE D 109 -25.83 22.16 -10.18
CA PHE D 109 -25.75 22.51 -8.77
C PHE D 109 -26.77 21.72 -7.96
N TYR D 110 -27.94 21.48 -8.53
CA TYR D 110 -28.97 20.72 -7.81
C TYR D 110 -28.59 19.26 -7.66
N VAL D 111 -28.09 18.62 -8.71
CA VAL D 111 -27.92 17.17 -8.68
C VAL D 111 -26.78 16.75 -7.76
N GLY D 112 -25.64 17.42 -7.85
CA GLY D 112 -24.49 16.99 -7.08
C GLY D 112 -23.33 17.95 -7.14
N HIS D 113 -22.14 17.42 -6.88
CA HIS D 113 -20.93 18.21 -6.77
C HIS D 113 -20.11 18.29 -8.05
N ASP D 114 -20.36 17.42 -9.01
CA ASP D 114 -19.53 17.42 -10.20
C ASP D 114 -19.90 18.60 -11.10
N PRO D 115 -18.90 19.27 -11.68
CA PRO D 115 -19.11 20.42 -12.57
C PRO D 115 -19.81 20.06 -13.87
N LEU E 1 -24.07 55.01 -10.78
CA LEU E 1 -24.12 56.43 -11.10
C LEU E 1 -22.92 57.17 -10.51
N GLY E 2 -22.48 56.72 -9.34
CA GLY E 2 -21.38 57.33 -8.64
C GLY E 2 -20.23 56.38 -8.42
N LEU E 3 -19.07 56.93 -8.08
CA LEU E 3 -17.91 56.12 -7.77
C LEU E 3 -18.10 55.40 -6.45
N ARG E 4 -17.72 54.12 -6.43
CA ARG E 4 -17.74 53.32 -5.22
C ARG E 4 -16.35 52.93 -4.76
N GLU E 5 -15.43 52.65 -5.69
CA GLU E 5 -14.07 52.26 -5.35
C GLU E 5 -13.19 52.49 -6.57
N ILE E 6 -11.88 52.52 -6.32
CA ILE E 6 -10.88 52.61 -7.36
C ILE E 6 -9.86 51.52 -7.09
N ARG E 7 -9.36 50.87 -8.14
CA ARG E 7 -8.31 49.87 -8.01
C ARG E 7 -7.17 50.21 -8.94
N ILE E 8 -5.96 50.27 -8.39
CA ILE E 8 -4.76 50.57 -9.17
C ILE E 8 -3.84 49.37 -9.07
N HIS E 9 -3.72 48.62 -10.16
CA HIS E 9 -2.85 47.45 -10.23
C HIS E 9 -1.56 47.86 -10.91
N LEU E 10 -0.52 48.10 -10.12
CA LEU E 10 0.78 48.50 -10.65
C LEU E 10 1.75 47.36 -10.46
N CYS E 11 2.73 47.27 -11.35
CA CYS E 11 3.66 46.15 -11.36
C CYS E 11 4.98 46.60 -10.74
N GLN E 12 5.52 45.77 -9.84
CA GLN E 12 6.51 46.25 -8.87
C GLN E 12 7.80 46.73 -9.52
N ARG E 13 8.29 46.04 -10.56
CA ARG E 13 9.58 46.42 -11.12
C ARG E 13 9.57 46.43 -12.64
N SER E 14 8.45 46.62 -13.25
CA SER E 14 8.48 46.70 -14.70
C SER E 14 8.60 48.15 -15.16
N PRO E 15 9.32 48.40 -16.25
CA PRO E 15 9.48 49.79 -16.71
C PRO E 15 8.16 50.47 -17.03
N GLY E 16 7.22 49.75 -17.62
CA GLY E 16 5.93 50.31 -17.99
C GLY E 16 5.06 50.76 -16.83
N SER E 17 5.40 50.36 -15.60
CA SER E 17 4.70 50.84 -14.42
C SER E 17 5.46 51.96 -13.72
N GLN E 18 6.66 52.29 -14.19
CA GLN E 18 7.54 53.20 -13.47
C GLN E 18 6.84 54.51 -13.13
N GLY E 19 6.26 55.17 -14.13
CA GLY E 19 5.56 56.42 -13.87
C GLY E 19 4.47 56.26 -12.83
N VAL E 20 3.66 55.20 -12.95
CA VAL E 20 2.62 54.95 -11.95
C VAL E 20 3.23 54.84 -10.57
N ARG E 21 4.36 54.14 -10.45
CA ARG E 21 5.04 54.05 -9.16
C ARG E 21 5.34 55.45 -8.61
N ASP E 22 5.88 56.33 -9.46
CA ASP E 22 6.17 57.69 -9.01
C ASP E 22 4.93 58.34 -8.44
N PHE E 23 3.78 58.12 -9.09
CA PHE E 23 2.54 58.69 -8.58
C PHE E 23 2.32 58.29 -7.15
N ILE E 24 2.37 56.98 -6.87
CA ILE E 24 2.15 56.49 -5.52
C ILE E 24 3.24 56.97 -4.60
N GLU E 25 4.43 57.23 -5.14
CA GLU E 25 5.51 57.73 -4.29
C GLU E 25 5.24 59.15 -3.84
N LYS E 26 4.57 59.95 -4.66
CA LYS E 26 4.41 61.36 -4.38
C LYS E 26 2.96 61.81 -4.25
N ARG E 27 2.11 61.44 -5.21
CA ARG E 27 0.80 62.05 -5.33
C ARG E 27 -0.33 61.21 -4.77
N TYR E 28 -0.04 60.02 -4.23
CA TYR E 28 -1.11 59.24 -3.64
C TYR E 28 -1.55 59.81 -2.30
N VAL E 29 -0.61 60.37 -1.53
CA VAL E 29 -0.91 60.79 -0.16
C VAL E 29 -1.98 61.88 -0.17
N GLU E 30 -1.72 62.98 -0.88
CA GLU E 30 -2.70 64.07 -0.90
C GLU E 30 -4.00 63.66 -1.58
N LEU E 31 -3.94 62.73 -2.54
CA LEU E 31 -5.18 62.25 -3.15
C LEU E 31 -6.03 61.48 -2.15
N LYS E 32 -5.40 60.75 -1.23
CA LYS E 32 -6.14 60.12 -0.15
C LYS E 32 -6.60 61.13 0.90
N LYS E 33 -5.83 62.19 1.10
CA LYS E 33 -6.28 63.27 1.99
C LYS E 33 -7.55 63.91 1.46
N ALA E 34 -7.63 64.13 0.15
CA ALA E 34 -8.82 64.74 -0.45
C ALA E 34 -10.01 63.80 -0.44
N ASN E 35 -9.80 62.48 -0.45
CA ASN E 35 -10.87 61.50 -0.56
C ASN E 35 -10.76 60.52 0.60
N PRO E 36 -11.17 60.94 1.81
CA PRO E 36 -11.02 60.05 2.97
C PRO E 36 -11.97 58.86 2.98
N ASP E 37 -13.04 58.90 2.19
CA ASP E 37 -14.03 57.83 2.20
C ASP E 37 -14.01 56.97 0.94
N LEU E 38 -13.11 57.23 0.00
CA LEU E 38 -13.07 56.49 -1.25
C LEU E 38 -12.00 55.41 -1.17
N PRO E 39 -12.37 54.12 -1.23
CA PRO E 39 -11.36 53.07 -1.21
C PRO E 39 -10.53 53.04 -2.48
N ILE E 40 -9.26 53.41 -2.40
CA ILE E 40 -8.35 53.34 -3.54
C ILE E 40 -7.38 52.19 -3.33
N LEU E 41 -7.76 50.99 -3.75
CA LEU E 41 -7.01 49.78 -3.46
C LEU E 41 -5.79 49.72 -4.37
N ILE E 42 -4.61 49.82 -3.76
CA ILE E 42 -3.34 49.72 -4.48
C ILE E 42 -2.85 48.29 -4.41
N ARG E 43 -2.69 47.64 -5.56
CA ARG E 43 -2.34 46.23 -5.61
C ARG E 43 -1.24 45.98 -6.62
N GLU E 44 -0.58 44.83 -6.46
CA GLU E 44 0.57 44.44 -7.25
C GLU E 44 0.13 43.66 -8.48
N CYS E 45 0.90 43.80 -9.55
CA CYS E 45 0.53 43.34 -10.87
C CYS E 45 1.57 42.35 -11.40
N SER E 46 1.11 41.41 -12.22
CA SER E 46 1.96 40.45 -12.89
C SER E 46 2.33 40.97 -14.27
N ASP E 47 3.23 40.27 -14.95
CA ASP E 47 4.01 40.85 -16.03
C ASP E 47 3.17 41.44 -17.19
N VAL E 48 1.85 41.38 -17.08
CA VAL E 48 0.99 41.77 -18.20
C VAL E 48 1.01 43.29 -18.45
N GLN E 49 0.43 44.09 -17.54
CA GLN E 49 0.16 45.49 -17.85
C GLN E 49 -0.34 46.25 -16.61
N PRO E 50 -0.01 47.52 -16.46
CA PRO E 50 -0.62 48.31 -15.38
C PRO E 50 -2.03 48.73 -15.74
N LYS E 51 -2.86 48.90 -14.71
CA LYS E 51 -4.27 49.14 -14.96
C LYS E 51 -4.87 49.97 -13.83
N LEU E 52 -5.99 50.60 -14.14
CA LEU E 52 -6.81 51.31 -13.17
C LEU E 52 -8.25 50.84 -13.31
N TRP E 53 -8.94 50.65 -12.19
CA TRP E 53 -10.30 50.14 -12.19
C TRP E 53 -11.22 51.10 -11.48
N ALA E 54 -12.42 51.29 -12.03
CA ALA E 54 -13.45 52.12 -11.42
C ALA E 54 -14.71 51.31 -11.27
N ARG E 55 -15.30 51.33 -10.08
CA ARG E 55 -16.54 50.63 -9.81
C ARG E 55 -17.65 51.66 -9.56
N TYR E 56 -18.82 51.38 -10.09
CA TYR E 56 -19.97 52.27 -9.97
C TYR E 56 -21.11 51.53 -9.27
N ALA E 57 -22.28 52.15 -9.25
CA ALA E 57 -23.42 51.55 -8.59
C ALA E 57 -23.85 50.27 -9.29
N PHE E 58 -24.35 49.33 -8.50
CA PHE E 58 -24.87 48.05 -8.98
C PHE E 58 -23.80 47.25 -9.74
N GLY E 59 -22.55 47.39 -9.31
CA GLY E 59 -21.47 46.56 -9.81
C GLY E 59 -21.10 46.73 -11.27
N GLN E 60 -21.01 47.97 -11.73
CA GLN E 60 -20.57 48.26 -13.10
C GLN E 60 -19.12 48.69 -13.07
N GLU E 61 -18.29 48.03 -13.89
CA GLU E 61 -16.85 48.28 -13.86
C GLU E 61 -16.30 48.39 -15.26
N LYS E 62 -15.28 49.22 -15.41
CA LYS E 62 -14.44 49.22 -16.60
C LYS E 62 -13.07 49.75 -16.23
N ASN E 63 -12.07 49.33 -17.00
CA ASN E 63 -10.67 49.55 -16.66
C ASN E 63 -9.99 50.43 -17.70
N VAL E 64 -8.89 51.04 -17.30
CA VAL E 64 -8.09 51.92 -18.14
C VAL E 64 -6.64 51.49 -18.05
N SER E 65 -6.01 51.31 -19.21
CA SER E 65 -4.60 50.94 -19.25
C SER E 65 -3.73 52.13 -18.84
N LEU E 66 -2.73 51.86 -17.99
CA LEU E 66 -1.78 52.88 -17.56
C LEU E 66 -0.37 52.57 -18.02
N ASN E 67 -0.23 51.76 -19.07
CA ASN E 67 1.09 51.32 -19.52
C ASN E 67 1.87 52.51 -20.05
N ASN E 68 3.09 52.68 -19.54
CA ASN E 68 4.01 53.75 -19.92
C ASN E 68 3.51 55.13 -19.55
N PHE E 69 2.47 55.22 -18.73
CA PHE E 69 1.98 56.53 -18.29
C PHE E 69 2.98 57.17 -17.34
N SER E 70 3.15 58.48 -17.49
CA SER E 70 3.90 59.25 -16.52
C SER E 70 2.99 59.66 -15.38
N ALA E 71 3.60 60.13 -14.29
CA ALA E 71 2.84 60.42 -13.08
C ALA E 71 1.74 61.45 -13.35
N ASP E 72 2.05 62.48 -14.14
CA ASP E 72 1.04 63.47 -14.49
C ASP E 72 -0.10 62.85 -15.30
N GLN E 73 0.22 61.95 -16.23
CA GLN E 73 -0.85 61.27 -16.97
C GLN E 73 -1.70 60.43 -16.03
N VAL E 74 -1.07 59.76 -15.06
CA VAL E 74 -1.81 58.96 -14.10
C VAL E 74 -2.77 59.81 -13.30
N THR E 75 -2.30 60.95 -12.77
CA THR E 75 -3.18 61.77 -11.95
C THR E 75 -4.23 62.46 -12.80
N ARG E 76 -3.93 62.76 -14.07
CA ARG E 76 -4.96 63.30 -14.95
C ARG E 76 -6.07 62.28 -15.17
N THR E 77 -5.70 61.03 -15.43
CA THR E 77 -6.71 59.99 -15.59
C THR E 77 -7.51 59.79 -14.31
N LEU E 78 -6.84 59.84 -13.17
CA LEU E 78 -7.52 59.67 -11.89
C LEU E 78 -8.49 60.80 -11.60
N GLU E 79 -8.11 62.04 -11.91
CA GLU E 79 -9.05 63.15 -11.74
C GLU E 79 -10.16 63.12 -12.78
N ASN E 80 -9.91 62.58 -13.97
CA ASN E 80 -10.99 62.42 -14.94
C ASN E 80 -12.03 61.43 -14.46
N VAL E 81 -11.61 60.29 -13.90
CA VAL E 81 -12.61 59.36 -13.39
C VAL E 81 -13.23 59.91 -12.10
N LEU E 82 -12.47 60.61 -11.28
CA LEU E 82 -12.99 61.21 -10.06
C LEU E 82 -13.98 62.34 -10.32
N SER E 83 -13.99 62.91 -11.52
CA SER E 83 -14.93 63.96 -11.87
C SER E 83 -16.04 63.38 -12.75
N GLY E 84 -17.10 64.17 -12.91
CA GLY E 84 -18.24 63.75 -13.72
C GLY E 84 -17.96 63.77 -15.21
N LYS E 85 -16.89 63.11 -15.63
CA LYS E 85 -16.51 63.06 -17.02
C LYS E 85 -16.12 61.64 -17.41
N ALA E 86 -16.24 61.35 -18.71
CA ALA E 86 -15.90 60.05 -19.27
C ALA E 86 -16.63 58.91 -18.55
N SER F 1 -35.44 -1.55 -78.60
CA SER F 1 -34.26 -0.71 -78.74
C SER F 1 -33.76 -0.26 -77.37
N ASP F 2 -32.54 0.29 -77.33
CA ASP F 2 -31.90 0.70 -76.10
C ASP F 2 -32.36 2.11 -75.70
N ALA F 3 -31.63 2.73 -74.78
CA ALA F 3 -32.04 4.00 -74.19
C ALA F 3 -32.16 5.09 -75.25
N PRO F 4 -33.06 6.05 -75.06
CA PRO F 4 -33.27 7.10 -76.05
C PRO F 4 -32.06 8.03 -76.15
N PRO F 5 -32.01 8.86 -77.20
CA PRO F 5 -30.89 9.81 -77.33
C PRO F 5 -30.98 10.96 -76.34
N LEU F 6 -30.47 10.73 -75.14
CA LEU F 6 -30.51 11.73 -74.07
C LEU F 6 -29.87 13.04 -74.52
N THR F 7 -30.50 14.15 -74.11
CA THR F 7 -30.08 15.49 -74.50
C THR F 7 -29.72 16.29 -73.26
N LEU F 8 -29.13 17.47 -73.49
CA LEU F 8 -28.74 18.34 -72.38
C LEU F 8 -29.94 18.76 -71.54
N GLU F 9 -31.08 19.00 -72.20
CA GLU F 9 -32.26 19.44 -71.46
C GLU F 9 -32.72 18.38 -70.47
N ALA F 10 -32.68 17.11 -70.88
CA ALA F 10 -33.01 16.03 -69.96
C ALA F 10 -32.04 15.98 -68.78
N ILE F 11 -30.75 16.13 -69.05
CA ILE F 11 -29.76 16.12 -67.98
C ILE F 11 -30.05 17.23 -66.98
N LYS F 12 -30.32 18.44 -67.47
CA LYS F 12 -30.58 19.56 -66.58
C LYS F 12 -31.85 19.32 -65.77
N ASP F 13 -32.89 18.78 -66.41
CA ASP F 13 -34.13 18.54 -65.69
C ASP F 13 -33.93 17.51 -64.58
N ARG F 14 -33.20 16.42 -64.87
CA ARG F 14 -32.96 15.41 -63.85
C ARG F 14 -32.08 15.95 -62.71
N VAL F 15 -31.05 16.71 -63.05
CA VAL F 15 -30.17 17.27 -62.02
C VAL F 15 -30.94 18.21 -61.11
N LEU F 16 -31.76 19.08 -61.69
CA LEU F 16 -32.52 20.01 -60.88
C LEU F 16 -33.58 19.30 -60.05
N TYR F 17 -34.16 18.21 -60.58
CA TYR F 17 -35.09 17.42 -59.79
C TYR F 17 -34.38 16.81 -58.58
N VAL F 18 -33.16 16.30 -58.79
CA VAL F 18 -32.40 15.73 -57.68
C VAL F 18 -32.11 16.79 -56.63
N LEU F 19 -31.67 17.97 -57.06
CA LEU F 19 -31.38 19.05 -56.11
C LEU F 19 -32.62 19.47 -55.34
N LYS F 20 -33.75 19.64 -56.04
CA LYS F 20 -34.98 20.02 -55.35
C LYS F 20 -35.50 18.89 -54.48
N LEU F 21 -35.01 17.67 -54.67
CA LEU F 21 -35.34 16.55 -53.79
C LEU F 21 -34.46 16.51 -52.54
N TYR F 22 -33.48 17.39 -52.42
CA TYR F 22 -32.61 17.42 -51.26
C TYR F 22 -33.23 18.26 -50.15
N ASP F 23 -33.24 17.72 -48.93
CA ASP F 23 -33.91 18.41 -47.82
C ASP F 23 -33.23 19.73 -47.47
N LYS F 24 -31.90 19.77 -47.49
CA LYS F 24 -31.17 20.93 -47.00
C LYS F 24 -31.14 22.08 -48.00
N ILE F 25 -31.93 22.01 -49.06
CA ILE F 25 -31.98 23.05 -50.09
C ILE F 25 -33.43 23.41 -50.32
N ASP F 26 -33.76 24.69 -50.14
CA ASP F 26 -35.11 25.15 -50.47
C ASP F 26 -35.29 25.21 -51.97
N PRO F 27 -36.36 24.63 -52.51
CA PRO F 27 -36.43 24.39 -53.96
C PRO F 27 -36.38 25.63 -54.83
N GLU F 28 -37.29 26.58 -54.63
CA GLU F 28 -37.43 27.69 -55.56
C GLU F 28 -36.25 28.65 -55.48
N LYS F 29 -35.45 28.53 -54.44
CA LYS F 29 -34.28 29.39 -54.24
C LYS F 29 -33.11 29.00 -55.14
N LEU F 30 -32.91 27.71 -55.36
CA LEU F 30 -31.78 27.25 -56.15
C LEU F 30 -31.95 27.55 -57.63
N SER F 31 -30.86 27.88 -58.29
CA SER F 31 -30.82 28.12 -59.72
C SER F 31 -29.82 27.18 -60.38
N VAL F 32 -29.75 27.25 -61.71
CA VAL F 32 -28.84 26.40 -62.44
C VAL F 32 -27.39 26.80 -62.20
N ASN F 33 -27.14 28.09 -61.95
CA ASN F 33 -25.78 28.60 -61.77
C ASN F 33 -25.45 28.91 -60.32
N SER F 34 -26.30 28.50 -59.38
CA SER F 34 -26.06 28.80 -57.96
C SER F 34 -24.96 27.93 -57.40
N HIS F 35 -23.92 28.55 -56.85
CA HIS F 35 -22.80 27.81 -56.28
C HIS F 35 -23.30 27.06 -55.07
N PHE F 36 -22.95 25.77 -54.93
CA PHE F 36 -23.45 25.03 -53.79
C PHE F 36 -22.96 25.58 -52.45
N MET F 37 -21.67 25.84 -52.33
CA MET F 37 -21.16 26.35 -51.07
C MET F 37 -21.57 27.78 -50.73
N LYS F 38 -21.39 28.70 -51.67
CA LYS F 38 -21.72 30.11 -51.43
C LYS F 38 -23.20 30.51 -51.40
N ASP F 39 -23.95 30.10 -52.41
CA ASP F 39 -25.37 30.43 -52.52
C ASP F 39 -26.31 29.75 -51.52
N LEU F 40 -26.10 28.45 -51.32
CA LEU F 40 -26.94 27.68 -50.42
C LEU F 40 -26.32 27.38 -49.05
N GLY F 41 -25.12 27.91 -48.81
CA GLY F 41 -24.46 27.66 -47.54
C GLY F 41 -24.30 26.18 -47.23
N LEU F 42 -23.85 25.41 -48.21
CA LEU F 42 -23.65 23.98 -48.03
C LEU F 42 -22.19 23.66 -47.70
N ASP F 43 -21.99 22.70 -46.80
CA ASP F 43 -20.63 22.30 -46.40
C ASP F 43 -20.08 21.26 -47.36
N SER F 44 -18.79 20.94 -47.21
CA SER F 44 -18.16 19.95 -48.08
C SER F 44 -18.82 18.57 -48.01
N LEU F 45 -19.25 18.16 -46.83
CA LEU F 45 -19.91 16.87 -46.68
C LEU F 45 -21.23 16.81 -47.45
N ASP F 46 -21.96 17.93 -47.46
CA ASP F 46 -23.23 18.02 -48.19
C ASP F 46 -23.04 17.82 -49.68
N GLN F 47 -21.95 18.36 -50.21
CA GLN F 47 -21.65 18.24 -51.63
C GLN F 47 -21.43 16.78 -52.00
N VAL F 48 -20.76 16.04 -51.12
CA VAL F 48 -20.49 14.62 -51.31
C VAL F 48 -21.80 13.84 -51.45
N GLU F 49 -22.76 14.12 -50.57
CA GLU F 49 -24.06 13.47 -50.66
C GLU F 49 -24.75 13.78 -51.99
N ILE F 50 -24.66 15.02 -52.44
CA ILE F 50 -25.28 15.41 -53.70
C ILE F 50 -24.65 14.67 -54.88
N ILE F 51 -23.32 14.55 -54.87
CA ILE F 51 -22.65 13.84 -55.95
C ILE F 51 -23.05 12.37 -55.94
N MET F 52 -23.16 11.77 -54.76
CA MET F 52 -23.61 10.38 -54.69
C MET F 52 -25.03 10.24 -55.21
N ALA F 53 -25.88 11.23 -54.95
CA ALA F 53 -27.22 11.23 -55.52
C ALA F 53 -27.16 11.29 -57.04
N MET F 54 -26.24 12.07 -57.60
CA MET F 54 -26.04 12.07 -59.04
C MET F 54 -25.61 10.69 -59.55
N GLU F 55 -24.69 10.04 -58.85
CA GLU F 55 -24.28 8.70 -59.28
C GLU F 55 -25.44 7.73 -59.27
N ASP F 56 -26.32 7.83 -58.28
CA ASP F 56 -27.53 7.02 -58.29
C ASP F 56 -28.47 7.40 -59.43
N GLU F 57 -28.59 8.69 -59.73
CA GLU F 57 -29.52 9.17 -60.75
C GLU F 57 -29.09 8.73 -62.14
N PHE F 58 -27.82 8.90 -62.47
CA PHE F 58 -27.33 8.66 -63.81
C PHE F 58 -26.55 7.36 -63.97
N GLY F 59 -26.29 6.66 -62.87
CA GLY F 59 -25.74 5.32 -62.95
C GLY F 59 -24.32 5.20 -63.46
N PHE F 60 -23.42 6.09 -63.05
CA PHE F 60 -22.01 5.94 -63.38
C PHE F 60 -21.16 6.54 -62.28
N GLU F 61 -19.98 5.95 -62.09
CA GLU F 61 -19.13 6.27 -60.96
C GLU F 61 -18.37 7.57 -61.23
N ILE F 62 -18.61 8.58 -60.39
CA ILE F 62 -17.87 9.83 -60.46
C ILE F 62 -16.77 9.76 -59.40
N PRO F 63 -15.49 9.69 -59.79
CA PRO F 63 -14.40 9.57 -58.82
C PRO F 63 -14.42 10.72 -57.83
N ASP F 64 -13.65 10.55 -56.75
CA ASP F 64 -13.49 11.63 -55.77
C ASP F 64 -12.91 12.87 -56.45
N ILE F 65 -11.87 12.69 -57.25
CA ILE F 65 -11.44 13.74 -58.16
C ILE F 65 -12.46 13.82 -59.30
N ASP F 66 -12.62 15.03 -59.84
CA ASP F 66 -13.65 15.44 -60.79
C ASP F 66 -15.00 15.62 -60.09
N ALA F 67 -15.13 15.26 -58.82
CA ALA F 67 -16.28 15.62 -58.03
C ALA F 67 -16.01 16.79 -57.10
N GLU F 68 -14.73 17.08 -56.83
CA GLU F 68 -14.35 18.22 -56.01
C GLU F 68 -14.57 19.54 -56.73
N LYS F 69 -14.87 19.52 -58.02
CA LYS F 69 -15.06 20.74 -58.79
C LYS F 69 -16.50 20.99 -59.22
N LEU F 70 -17.36 19.97 -59.19
CA LEU F 70 -18.75 20.17 -59.56
C LEU F 70 -19.46 20.93 -58.46
N MET F 71 -19.33 22.26 -58.46
CA MET F 71 -19.76 23.07 -57.32
C MET F 71 -21.04 23.84 -57.58
N CYS F 72 -21.56 23.82 -58.80
CA CYS F 72 -22.86 24.36 -59.13
C CYS F 72 -23.54 23.41 -60.10
N PRO F 73 -24.87 23.45 -60.21
CA PRO F 73 -25.57 22.48 -61.07
C PRO F 73 -25.06 22.46 -62.51
N GLN F 74 -24.71 23.62 -63.05
CA GLN F 74 -24.27 23.70 -64.44
C GLN F 74 -23.01 22.86 -64.67
N GLU F 75 -22.07 22.89 -63.73
CA GLU F 75 -20.87 22.07 -63.87
C GLU F 75 -21.22 20.58 -63.84
N ILE F 76 -22.23 20.20 -63.07
CA ILE F 76 -22.70 18.82 -63.10
C ILE F 76 -23.23 18.47 -64.49
N VAL F 77 -24.03 19.37 -65.08
CA VAL F 77 -24.55 19.12 -66.42
C VAL F 77 -23.42 18.96 -67.42
N ASP F 78 -22.42 19.85 -67.35
CA ASP F 78 -21.29 19.76 -68.26
C ASP F 78 -20.52 18.46 -68.07
N TYR F 79 -20.33 18.04 -66.81
CA TYR F 79 -19.58 16.80 -66.57
C TYR F 79 -20.32 15.61 -67.14
N ILE F 80 -21.64 15.54 -66.93
CA ILE F 80 -22.39 14.40 -67.46
C ILE F 80 -22.43 14.44 -68.98
N ALA F 81 -22.51 15.64 -69.57
CA ALA F 81 -22.47 15.73 -71.03
C ALA F 81 -21.13 15.25 -71.57
N ASP F 82 -20.03 15.60 -70.90
CA ASP F 82 -18.73 15.13 -71.34
C ASP F 82 -18.61 13.62 -71.20
N LYS F 83 -19.08 13.07 -70.08
CA LYS F 83 -18.93 11.63 -69.84
C LYS F 83 -19.81 10.80 -70.78
N LYS F 84 -21.00 11.30 -71.12
CA LYS F 84 -21.93 10.56 -71.96
C LYS F 84 -21.86 10.96 -73.42
N ASP F 85 -21.02 11.94 -73.77
CA ASP F 85 -20.86 12.42 -75.14
C ASP F 85 -22.19 12.92 -75.71
N VAL F 86 -22.66 14.03 -75.15
CA VAL F 86 -23.89 14.68 -75.58
C VAL F 86 -23.57 16.13 -75.87
N TYR F 87 -23.95 16.62 -77.06
CA TYR F 87 -23.54 17.96 -77.49
C TYR F 87 -24.71 18.91 -77.73
N GLU F 88 -25.88 18.40 -78.11
CA GLU F 88 -26.99 19.27 -78.49
C GLU F 88 -28.15 19.19 -77.51
N LEU G 1 20.53 -42.06 -52.67
CA LEU G 1 21.19 -42.84 -51.64
C LEU G 1 20.40 -42.80 -50.34
N LYS G 2 20.38 -41.63 -49.72
CA LYS G 2 19.63 -41.43 -48.49
C LYS G 2 18.18 -41.13 -48.81
N LYS G 3 17.28 -41.79 -48.08
CA LYS G 3 15.86 -41.48 -48.11
C LYS G 3 15.50 -40.72 -46.85
N THR G 4 14.39 -39.98 -46.91
CA THR G 4 13.81 -39.36 -45.72
C THR G 4 14.78 -38.43 -45.00
N THR G 5 15.00 -37.24 -45.56
CA THR G 5 15.67 -36.15 -44.84
C THR G 5 15.17 -36.06 -43.40
N GLY G 6 13.89 -36.32 -43.16
CA GLY G 6 13.31 -36.33 -41.84
C GLY G 6 12.57 -35.07 -41.48
N LEU G 7 12.82 -33.98 -42.18
CA LEU G 7 12.08 -32.73 -41.99
C LEU G 7 11.02 -32.62 -43.08
N VAL G 8 9.80 -32.31 -42.66
CA VAL G 8 8.68 -32.25 -43.60
C VAL G 8 8.89 -31.07 -44.54
N GLY G 9 8.76 -31.32 -45.84
CA GLY G 9 8.94 -30.29 -46.84
C GLY G 9 10.36 -30.04 -47.27
N LEU G 10 11.33 -30.83 -46.80
CA LEU G 10 12.72 -30.71 -47.20
C LEU G 10 13.09 -31.96 -48.00
N ALA G 11 13.15 -31.82 -49.32
CA ALA G 11 13.43 -32.96 -50.18
C ALA G 11 14.89 -33.38 -50.09
N VAL G 12 15.13 -34.66 -50.34
CA VAL G 12 16.50 -35.17 -50.41
C VAL G 12 17.18 -34.63 -51.64
N CYS G 13 18.43 -34.19 -51.47
CA CYS G 13 19.20 -33.61 -52.56
C CYS G 13 20.06 -34.68 -53.22
N GLU G 14 19.86 -34.89 -54.52
CA GLU G 14 20.82 -35.61 -55.33
C GLU G 14 21.81 -34.59 -55.88
N THR G 15 23.09 -34.97 -55.87
CA THR G 15 24.20 -34.10 -56.24
C THR G 15 24.24 -32.85 -55.36
N PRO G 16 24.51 -32.97 -54.06
CA PRO G 16 24.56 -31.79 -53.19
C PRO G 16 25.86 -31.01 -53.28
N HIS G 17 26.95 -31.67 -53.64
CA HIS G 17 28.24 -30.98 -53.76
C HIS G 17 28.19 -29.90 -54.85
N GLU G 18 27.65 -30.26 -56.02
CA GLU G 18 27.54 -29.29 -57.12
C GLU G 18 26.65 -28.12 -56.73
N ARG G 19 25.52 -28.41 -56.09
CA ARG G 19 24.62 -27.35 -55.65
C ARG G 19 25.31 -26.42 -54.67
N LEU G 20 26.04 -26.99 -53.70
CA LEU G 20 26.73 -26.16 -52.72
C LEU G 20 27.81 -25.30 -53.37
N LYS G 21 28.57 -25.86 -54.31
CA LYS G 21 29.60 -25.07 -54.98
C LYS G 21 28.98 -23.93 -55.78
N ILE G 22 27.89 -24.21 -56.50
CA ILE G 22 27.23 -23.16 -57.28
C ILE G 22 26.71 -22.06 -56.35
N LEU G 23 26.08 -22.45 -55.24
CA LEU G 23 25.53 -21.46 -54.32
C LEU G 23 26.63 -20.61 -53.70
N TYR G 24 27.73 -21.22 -53.29
CA TYR G 24 28.80 -20.46 -52.66
C TYR G 24 29.49 -19.53 -53.66
N THR G 25 29.64 -19.98 -54.92
CA THR G 25 30.18 -19.09 -55.94
C THR G 25 29.26 -17.91 -56.18
N LYS G 26 27.94 -18.14 -56.22
CA LYS G 26 27.00 -17.03 -56.37
C LYS G 26 27.09 -16.07 -55.18
N ILE G 27 27.24 -16.61 -53.98
CA ILE G 27 27.35 -15.77 -52.79
C ILE G 27 28.58 -14.89 -52.87
N LEU G 28 29.73 -15.47 -53.25
CA LEU G 28 30.95 -14.68 -53.37
C LEU G 28 30.82 -13.63 -54.48
N ASP G 29 30.16 -14.00 -55.58
CA ASP G 29 29.94 -13.04 -56.65
C ASP G 29 29.12 -11.85 -56.18
N VAL G 30 28.07 -12.11 -55.39
CA VAL G 30 27.26 -11.02 -54.88
C VAL G 30 28.06 -10.18 -53.88
N LEU G 31 28.83 -10.83 -53.02
CA LEU G 31 29.65 -10.09 -52.05
C LEU G 31 30.69 -9.22 -52.75
N GLY G 32 31.10 -9.59 -53.96
CA GLY G 32 32.06 -8.79 -54.70
C GLY G 32 31.56 -7.41 -55.08
N GLN G 33 30.26 -7.16 -54.97
CA GLN G 33 29.67 -5.87 -55.31
C GLN G 33 29.45 -4.99 -54.09
N ILE G 34 29.91 -5.40 -52.92
CA ILE G 34 29.79 -4.65 -51.68
C ILE G 34 31.13 -3.95 -51.44
N PRO G 35 31.15 -2.74 -50.86
CA PRO G 35 32.43 -2.09 -50.56
C PRO G 35 33.33 -2.96 -49.70
N LYS G 36 34.62 -2.97 -50.02
CA LYS G 36 35.55 -3.90 -49.41
C LYS G 36 35.74 -3.65 -47.91
N ASN G 37 35.52 -2.43 -47.44
CA ASN G 37 35.70 -2.11 -46.04
C ASN G 37 34.45 -2.39 -45.20
N ALA G 38 33.37 -2.87 -45.81
CA ALA G 38 32.17 -3.20 -45.08
C ALA G 38 32.35 -4.51 -44.33
N ALA G 39 31.95 -4.53 -43.05
CA ALA G 39 32.17 -5.70 -42.22
C ALA G 39 31.38 -6.91 -42.72
N TYR G 40 30.16 -6.66 -43.21
CA TYR G 40 29.34 -7.76 -43.71
C TYR G 40 30.07 -8.53 -44.81
N ARG G 41 30.69 -7.80 -45.74
CA ARG G 41 31.36 -8.45 -46.85
C ARG G 41 32.50 -9.35 -46.38
N LYS G 42 33.39 -8.82 -45.54
CA LYS G 42 34.55 -9.61 -45.12
C LYS G 42 34.12 -10.80 -44.26
N TYR G 43 33.17 -10.62 -43.35
CA TYR G 43 32.72 -11.75 -42.53
C TYR G 43 32.09 -12.84 -43.39
N THR G 44 31.17 -12.45 -44.27
CA THR G 44 30.50 -13.44 -45.10
C THR G 44 31.47 -14.11 -46.06
N GLU G 45 32.41 -13.35 -46.62
CA GLU G 45 33.42 -13.95 -47.48
C GLU G 45 34.25 -14.97 -46.72
N GLN G 46 34.66 -14.65 -45.49
CA GLN G 46 35.47 -15.58 -44.72
C GLN G 46 34.73 -16.87 -44.48
N ILE G 47 33.48 -16.78 -43.99
CA ILE G 47 32.75 -18.00 -43.67
C ILE G 47 32.43 -18.79 -44.94
N THR G 48 32.05 -18.09 -46.02
CA THR G 48 31.75 -18.77 -47.29
C THR G 48 32.98 -19.48 -47.84
N ASN G 49 34.14 -18.84 -47.75
CA ASN G 49 35.37 -19.47 -48.24
C ASN G 49 35.71 -20.72 -47.45
N GLU G 50 35.55 -20.67 -46.11
CA GLU G 50 35.78 -21.88 -45.34
C GLU G 50 34.81 -22.99 -45.75
N LYS G 51 33.54 -22.66 -45.92
CA LYS G 51 32.56 -23.69 -46.28
C LYS G 51 32.84 -24.26 -47.66
N LEU G 52 33.22 -23.40 -48.61
CA LEU G 52 33.53 -23.88 -49.96
C LEU G 52 34.77 -24.77 -49.97
N GLY G 53 35.79 -24.40 -49.20
CA GLY G 53 36.95 -25.26 -49.07
C GLY G 53 36.60 -26.61 -48.47
N MET G 54 35.76 -26.61 -47.43
CA MET G 54 35.33 -27.87 -46.84
C MET G 54 34.58 -28.73 -47.84
N VAL G 55 33.70 -28.12 -48.63
CA VAL G 55 32.94 -28.87 -49.63
C VAL G 55 33.86 -29.44 -50.69
N LYS G 56 34.84 -28.65 -51.15
CA LYS G 56 35.77 -29.12 -52.16
C LYS G 56 36.68 -30.22 -51.65
N ALA G 57 37.03 -30.23 -50.37
CA ALA G 57 38.01 -31.16 -49.85
C ALA G 57 37.44 -32.48 -49.37
N GLU G 58 36.11 -32.62 -49.26
CA GLU G 58 35.50 -33.80 -48.66
C GLU G 58 34.47 -34.42 -49.60
N PRO G 59 34.82 -35.48 -50.34
CA PRO G 59 33.86 -36.08 -51.25
C PRO G 59 32.73 -36.84 -50.58
N ASP G 60 32.87 -37.17 -49.30
CA ASP G 60 31.87 -37.97 -48.60
C ASP G 60 30.84 -37.07 -47.94
N VAL G 61 29.56 -37.41 -48.14
CA VAL G 61 28.47 -36.55 -47.68
C VAL G 61 28.34 -36.55 -46.16
N LYS G 62 28.40 -37.73 -45.53
CA LYS G 62 28.24 -37.77 -44.08
C LYS G 62 29.43 -37.15 -43.37
N LYS G 63 30.65 -37.41 -43.85
CA LYS G 63 31.82 -36.76 -43.28
C LYS G 63 31.79 -35.27 -43.50
N LEU G 64 31.31 -34.83 -44.67
CA LEU G 64 31.17 -33.40 -44.92
C LEU G 64 30.13 -32.78 -43.99
N GLU G 65 29.04 -33.49 -43.73
CA GLU G 65 28.03 -33.00 -42.80
C GLU G 65 28.60 -32.86 -41.40
N GLU G 66 29.41 -33.82 -40.98
CA GLU G 66 30.06 -33.71 -39.67
C GLU G 66 31.08 -32.59 -39.62
N GLN G 67 31.76 -32.30 -40.73
CA GLN G 67 32.68 -31.17 -40.75
C GLN G 67 31.97 -29.83 -40.74
N LEU G 68 30.84 -29.73 -41.45
CA LEU G 68 30.19 -28.43 -41.65
C LEU G 68 29.40 -27.96 -40.44
N GLN G 69 29.03 -28.86 -39.53
CA GLN G 69 28.26 -28.51 -38.34
C GLN G 69 26.96 -27.79 -38.70
N GLY G 70 26.39 -28.11 -39.85
CA GLY G 70 25.23 -27.40 -40.34
C GLY G 70 23.97 -28.25 -40.34
N GLY G 71 24.06 -29.47 -39.86
CA GLY G 71 22.86 -30.27 -39.72
C GLY G 71 22.23 -30.79 -41.00
N GLN G 72 22.75 -31.88 -41.58
CA GLN G 72 22.05 -32.51 -42.69
C GLN G 72 22.01 -31.69 -43.98
N ILE G 73 23.05 -31.87 -44.80
CA ILE G 73 23.48 -31.03 -45.90
C ILE G 73 22.37 -30.36 -46.69
N GLU G 74 21.18 -30.97 -46.77
CA GLU G 74 20.05 -30.29 -47.36
C GLU G 74 19.75 -28.97 -46.64
N GLU G 75 19.87 -28.98 -45.30
CA GLU G 75 19.75 -27.75 -44.54
C GLU G 75 20.88 -26.79 -44.84
N VAL G 76 22.09 -27.30 -45.09
CA VAL G 76 23.19 -26.44 -45.48
C VAL G 76 22.90 -25.75 -46.80
N ILE G 77 22.32 -26.49 -47.75
CA ILE G 77 21.91 -25.90 -49.02
C ILE G 77 20.88 -24.81 -48.79
N LEU G 78 19.87 -25.09 -47.96
CA LEU G 78 18.85 -24.09 -47.69
C LEU G 78 19.45 -22.84 -47.06
N GLN G 79 20.36 -23.01 -46.12
CA GLN G 79 21.01 -21.87 -45.48
C GLN G 79 21.86 -21.08 -46.47
N ALA G 80 22.49 -21.76 -47.43
CA ALA G 80 23.23 -21.05 -48.46
C ALA G 80 22.30 -20.19 -49.32
N GLU G 81 21.14 -20.73 -49.70
CA GLU G 81 20.19 -19.92 -50.46
C GLU G 81 19.70 -18.72 -49.63
N ASN G 82 19.47 -18.94 -48.33
CA ASN G 82 19.08 -17.83 -47.46
C ASN G 82 20.16 -16.76 -47.42
N GLU G 83 21.42 -17.16 -47.32
CA GLU G 83 22.51 -16.20 -47.27
C GLU G 83 22.63 -15.43 -48.58
N LEU G 84 22.42 -16.11 -49.71
CA LEU G 84 22.45 -15.42 -51.00
C LEU G 84 21.35 -14.36 -51.09
N SER G 85 20.14 -14.72 -50.68
CA SER G 85 19.05 -13.75 -50.68
C SER G 85 19.35 -12.57 -49.76
N LEU G 86 19.89 -12.85 -48.57
CA LEU G 86 20.26 -11.78 -47.67
C LEU G 86 21.35 -10.90 -48.27
N ALA G 87 22.30 -11.49 -48.99
CA ALA G 87 23.37 -10.70 -49.60
C ALA G 87 22.82 -9.72 -50.61
N ARG G 88 21.88 -10.18 -51.45
CA ARG G 88 21.24 -9.26 -52.39
C ARG G 88 20.51 -8.14 -51.64
N LYS G 89 19.80 -8.50 -50.56
CA LYS G 89 19.08 -7.48 -49.80
C LYS G 89 20.04 -6.47 -49.18
N MET G 90 21.17 -6.95 -48.63
CA MET G 90 22.13 -6.05 -48.00
C MET G 90 22.77 -5.13 -49.03
N LEU G 91 23.01 -5.66 -50.23
CA LEU G 91 23.47 -4.81 -51.32
C LEU G 91 22.50 -3.67 -51.56
N ARG G 92 21.19 -3.97 -51.54
CA ARG G 92 20.21 -2.90 -51.73
C ARG G 92 20.10 -1.96 -50.52
N TRP G 93 20.27 -2.46 -49.30
CA TRP G 93 20.06 -1.70 -48.07
C TRP G 93 21.26 -0.84 -47.68
N LYS G 94 22.48 -1.35 -47.90
CA LYS G 94 23.72 -0.70 -47.52
C LYS G 94 23.76 -0.38 -46.03
N PRO G 95 23.74 -1.38 -45.15
CA PRO G 95 23.74 -1.11 -43.71
C PRO G 95 25.10 -0.71 -43.15
N TRP G 96 26.13 -0.65 -43.97
CA TRP G 96 27.46 -0.23 -43.54
C TRP G 96 27.61 1.27 -43.44
N GLU G 97 26.60 2.03 -43.87
CA GLU G 97 26.65 3.48 -43.76
C GLU G 97 26.59 3.90 -42.29
N PRO G 98 26.92 5.17 -42.01
CA PRO G 98 26.92 5.70 -40.64
C PRO G 98 25.51 5.68 -40.06
N LEU G 99 25.40 5.67 -38.74
CA LEU G 99 24.10 5.60 -38.09
C LEU G 99 23.20 6.72 -38.59
N VAL G 100 21.98 6.32 -38.96
CA VAL G 100 21.01 7.24 -39.55
C VAL G 100 20.56 8.38 -38.64
N GLU G 101 20.29 8.05 -37.39
CA GLU G 101 19.82 9.05 -36.44
C GLU G 101 20.27 8.65 -35.05
N GLU G 102 20.40 9.62 -34.18
CA GLU G 102 20.79 9.38 -32.80
C GLU G 102 19.52 9.56 -31.99
N PRO G 103 19.25 8.63 -31.07
CA PRO G 103 18.06 8.66 -30.23
C PRO G 103 18.13 9.74 -29.18
N PRO G 104 16.98 10.10 -28.58
CA PRO G 104 16.90 11.11 -27.53
C PRO G 104 17.71 10.70 -26.31
N ALA G 105 18.20 11.68 -25.57
CA ALA G 105 19.11 11.42 -24.47
C ALA G 105 18.60 10.44 -23.40
N ASN G 106 17.33 10.51 -23.07
CA ASN G 106 16.79 9.62 -22.05
C ASN G 106 15.94 8.47 -22.59
N GLN G 107 16.05 8.21 -23.89
CA GLN G 107 15.25 7.17 -24.54
C GLN G 107 15.46 5.74 -24.02
N TRP G 108 16.70 5.35 -23.75
CA TRP G 108 16.98 4.01 -23.25
C TRP G 108 17.33 4.00 -21.77
N LYS G 109 17.02 5.06 -21.03
CA LYS G 109 17.37 5.13 -19.62
C LYS G 109 16.34 4.35 -18.80
N TRP G 110 16.82 3.38 -18.03
CA TRP G 110 15.97 2.55 -17.19
C TRP G 110 16.66 2.32 -15.85
N PRO G 111 15.92 2.41 -14.72
CA PRO G 111 14.49 2.65 -14.61
C PRO G 111 14.01 4.05 -14.97
N ILE G 112 12.70 4.15 -15.21
CA ILE G 112 12.05 5.34 -15.77
C ILE G 112 12.83 5.94 -16.92
N ALA H 1 -9.82 -55.72 -4.97
CA ALA H 1 -11.02 -55.90 -5.78
C ALA H 1 -11.87 -57.06 -5.27
N SER H 2 -13.04 -57.24 -5.85
CA SER H 2 -13.94 -58.32 -5.45
C SER H 2 -14.95 -58.62 -6.53
N ALA H 3 -14.75 -59.75 -7.21
CA ALA H 3 -15.67 -60.17 -8.28
C ALA H 3 -15.51 -61.66 -8.56
N THR H 4 -16.43 -62.22 -9.33
CA THR H 4 -16.38 -63.63 -9.68
C THR H 4 -15.17 -63.91 -10.56
N ARG H 5 -14.59 -65.10 -10.42
CA ARG H 5 -13.42 -65.45 -11.21
C ARG H 5 -13.76 -65.66 -12.68
N VAL H 6 -14.97 -66.11 -13.00
CA VAL H 6 -15.34 -66.27 -14.40
C VAL H 6 -15.45 -64.90 -15.08
N ILE H 7 -15.98 -63.90 -14.37
CA ILE H 7 -16.01 -62.55 -14.92
C ILE H 7 -14.60 -62.00 -15.07
N GLN H 8 -13.71 -62.33 -14.14
CA GLN H 8 -12.31 -61.92 -14.26
C GLN H 8 -11.66 -62.55 -15.49
N LEU H 9 -11.95 -63.83 -15.75
CA LEU H 9 -11.41 -64.49 -16.94
C LEU H 9 -11.95 -63.85 -18.21
N LEU H 10 -13.24 -63.55 -18.25
CA LEU H 10 -13.82 -62.90 -19.42
C LEU H 10 -13.21 -61.52 -19.63
N ARG H 11 -12.99 -60.78 -18.55
CA ARG H 11 -12.36 -59.46 -18.63
C ARG H 11 -10.94 -59.57 -19.17
N ASN H 12 -10.17 -60.54 -18.66
CA ASN H 12 -8.80 -60.71 -19.14
C ASN H 12 -8.78 -61.09 -20.61
N TRP H 13 -9.68 -61.98 -21.03
CA TRP H 13 -9.71 -62.40 -22.42
C TRP H 13 -10.08 -61.25 -23.34
N ALA H 14 -11.11 -60.47 -22.97
CA ALA H 14 -11.52 -59.36 -23.82
C ALA H 14 -10.46 -58.27 -23.90
N SER H 15 -9.88 -57.91 -22.75
CA SER H 15 -8.84 -56.88 -22.75
C SER H 15 -7.50 -57.40 -23.25
N GLY H 16 -7.24 -58.69 -23.12
CA GLY H 16 -5.96 -59.25 -23.51
C GLY H 16 -4.88 -59.19 -22.45
N ARG H 17 -5.19 -58.71 -21.25
CA ARG H 17 -4.22 -58.58 -20.18
C ARG H 17 -4.80 -59.09 -18.87
N ASP H 18 -3.92 -59.30 -17.88
CA ASP H 18 -4.39 -59.73 -16.58
C ASP H 18 -4.77 -58.46 -15.85
N LEU H 19 -6.08 -58.19 -15.79
CA LEU H 19 -6.63 -56.98 -15.18
C LEU H 19 -6.41 -56.84 -13.68
N GLN H 20 -6.49 -57.96 -12.96
CA GLN H 20 -6.35 -57.97 -11.50
C GLN H 20 -5.00 -57.47 -11.00
N ALA H 21 -3.94 -57.72 -11.76
CA ALA H 21 -2.60 -57.30 -11.39
C ALA H 21 -2.48 -55.79 -11.23
N LYS H 22 -3.14 -55.03 -12.10
CA LYS H 22 -3.08 -53.58 -12.00
C LYS H 22 -4.46 -52.93 -11.97
N LEU H 23 -5.16 -53.09 -10.85
CA LEU H 23 -6.48 -52.49 -10.66
C LEU H 23 -6.35 -50.99 -10.52
N GLN H 24 -7.32 -50.29 -11.12
CA GLN H 24 -7.36 -48.83 -11.17
C GLN H 24 -8.11 -48.15 -10.03
N LEU H 25 -8.63 -48.96 -9.11
CA LEU H 25 -9.33 -48.44 -7.94
C LEU H 25 -8.41 -48.74 -6.77
N ARG H 26 -8.21 -47.78 -5.86
CA ARG H 26 -7.29 -47.99 -4.75
C ARG H 26 -7.97 -48.64 -3.54
N TYR H 27 -7.82 -49.97 -3.45
CA TYR H 27 -8.40 -50.74 -2.35
C TYR H 27 -7.87 -50.64 -0.91
N GLN H 28 -6.55 -50.60 -0.73
CA GLN H 28 -6.00 -50.55 0.62
C GLN H 28 -4.50 -50.30 0.66
N GLU H 29 -3.84 -50.08 -0.47
CA GLU H 29 -2.39 -49.93 -0.53
C GLU H 29 -1.96 -48.47 -0.46
N ILE H 30 -2.89 -47.54 -0.27
CA ILE H 30 -2.57 -46.13 -0.22
C ILE H 30 -2.27 -45.72 1.23
N SER H 31 -1.67 -44.55 1.38
CA SER H 31 -1.23 -44.08 2.68
C SER H 31 -2.42 -43.81 3.59
N LYS H 32 -2.20 -43.96 4.88
CA LYS H 32 -3.24 -43.65 5.86
C LYS H 32 -3.56 -42.17 5.84
N ARG H 33 -4.82 -41.85 6.16
CA ARG H 33 -5.26 -40.47 6.21
C ARG H 33 -4.81 -39.74 7.47
N THR H 34 -4.21 -40.46 8.43
CA THR H 34 -3.56 -39.85 9.58
C THR H 34 -2.11 -40.31 9.60
N GLN H 35 -1.21 -39.37 9.79
CA GLN H 35 0.23 -39.61 9.76
C GLN H 35 0.88 -39.07 11.02
N PRO H 36 2.08 -39.55 11.36
CA PRO H 36 2.85 -38.95 12.45
C PRO H 36 3.25 -37.53 12.10
N PRO H 37 3.57 -36.71 13.11
CA PRO H 37 3.99 -35.34 12.82
C PRO H 37 5.36 -35.32 12.16
N PRO H 38 5.65 -34.30 11.34
CA PRO H 38 6.98 -34.17 10.75
C PRO H 38 7.96 -33.38 11.62
N LYS H 39 9.18 -33.17 11.13
CA LYS H 39 10.18 -32.40 11.86
C LYS H 39 10.81 -31.29 11.01
N LEU H 40 10.93 -31.53 9.71
CA LEU H 40 11.40 -30.48 8.79
C LEU H 40 12.73 -29.81 9.11
N PRO H 41 13.77 -30.12 8.34
CA PRO H 41 15.11 -29.57 8.51
C PRO H 41 15.19 -28.07 8.20
N VAL H 42 16.03 -27.36 8.94
CA VAL H 42 16.21 -25.93 8.72
C VAL H 42 17.14 -25.69 7.54
N GLY H 43 17.19 -24.45 7.06
CA GLY H 43 18.04 -24.11 5.92
C GLY H 43 19.50 -23.92 6.30
N PRO H 44 20.35 -23.63 5.28
CA PRO H 44 21.78 -23.41 5.46
C PRO H 44 22.14 -22.08 6.13
N SER H 45 21.20 -21.15 6.21
CA SER H 45 21.44 -19.85 6.83
C SER H 45 21.07 -19.86 8.32
N HIS H 46 20.68 -21.03 8.83
CA HIS H 46 20.30 -21.16 10.24
C HIS H 46 21.50 -21.31 11.17
N LYS H 47 22.64 -20.76 10.78
CA LYS H 47 23.84 -20.81 11.60
C LYS H 47 23.83 -19.71 12.68
N LEU H 48 24.50 -19.94 13.80
CA LEU H 48 24.56 -18.92 14.86
C LEU H 48 25.78 -17.99 14.76
N SER H 49 26.75 -18.35 13.94
CA SER H 49 27.97 -17.55 13.78
C SER H 49 28.38 -17.56 12.32
N ASN H 50 29.17 -16.56 11.92
CA ASN H 50 29.67 -16.46 10.54
C ASN H 50 28.52 -16.49 9.52
N ASN H 51 27.47 -15.73 9.81
CA ASN H 51 26.28 -15.70 8.97
C ASN H 51 25.83 -14.28 8.62
N TYR H 52 26.78 -13.35 8.45
CA TYR H 52 26.39 -11.98 8.13
C TYR H 52 25.63 -11.98 6.82
N TYR H 53 24.53 -11.24 6.80
CA TYR H 53 23.64 -11.24 5.64
C TYR H 53 24.29 -10.66 4.40
N CYS H 54 25.27 -9.76 4.58
CA CYS H 54 25.93 -9.15 3.44
C CYS H 54 26.77 -10.14 2.63
N THR H 55 27.04 -11.33 3.16
CA THR H 55 27.77 -12.36 2.43
C THR H 55 26.86 -13.37 1.76
N ARG H 56 25.55 -13.27 1.94
CA ARG H 56 24.57 -14.16 1.32
C ARG H 56 23.40 -13.36 0.77
N ASP H 57 23.68 -12.18 0.25
CA ASP H 57 22.66 -11.25 -0.26
C ASP H 57 22.67 -11.32 -1.78
N GLY H 58 21.76 -12.11 -2.34
CA GLY H 58 21.71 -12.26 -3.79
C GLY H 58 21.12 -11.06 -4.49
N ARG H 59 20.16 -10.39 -3.85
CA ARG H 59 19.53 -9.23 -4.47
C ARG H 59 20.52 -8.09 -4.66
N ARG H 60 21.45 -7.91 -3.73
CA ARG H 60 22.39 -6.81 -3.76
C ARG H 60 23.58 -7.06 -4.67
N GLU H 61 23.71 -8.26 -5.24
CA GLU H 61 24.75 -8.56 -6.21
C GLU H 61 24.30 -8.37 -7.65
N ALA H 62 23.03 -8.05 -7.87
CA ALA H 62 22.56 -7.72 -9.21
C ALA H 62 23.07 -6.33 -9.59
N MET H 63 23.50 -6.20 -10.84
CA MET H 63 24.04 -4.94 -11.33
C MET H 63 23.39 -4.55 -12.64
N PRO H 64 23.45 -3.27 -13.03
CA PRO H 64 22.89 -2.87 -14.31
C PRO H 64 23.62 -3.57 -15.45
N PRO H 65 22.93 -3.77 -16.59
CA PRO H 65 23.52 -4.53 -17.68
C PRO H 65 24.81 -3.89 -18.19
N SER H 66 25.73 -4.74 -18.63
CA SER H 66 27.03 -4.29 -19.09
C SER H 66 26.93 -3.76 -20.51
N ILE H 67 27.45 -2.56 -20.73
CA ILE H 67 27.23 -1.85 -21.98
C ILE H 67 28.33 -2.22 -22.96
N VAL H 68 27.93 -2.68 -24.15
CA VAL H 68 28.84 -2.97 -25.25
C VAL H 68 28.46 -2.07 -26.41
N MET H 69 29.42 -1.34 -26.96
CA MET H 69 29.19 -0.55 -28.16
C MET H 69 28.07 0.46 -27.94
N SER H 70 28.42 1.52 -27.23
CA SER H 70 27.57 2.71 -27.26
C SER H 70 27.88 3.52 -28.51
N SER H 71 26.83 3.96 -29.20
CA SER H 71 27.01 4.80 -30.38
C SER H 71 27.41 6.22 -30.00
N GLN H 72 26.84 6.75 -28.92
CA GLN H 72 27.20 8.09 -28.47
C GLN H 72 28.62 8.15 -27.95
N LYS H 73 29.21 7.01 -27.58
CA LYS H 73 30.58 6.88 -27.08
C LYS H 73 31.00 8.02 -26.15
N THR H 89 44.10 -6.44 -38.80
CA THR H 89 43.74 -7.68 -38.13
C THR H 89 42.61 -8.39 -38.87
N GLU H 90 42.69 -9.72 -38.92
CA GLU H 90 41.69 -10.48 -39.66
C GLU H 90 40.31 -10.40 -39.01
N LYS H 91 40.24 -10.42 -37.67
CA LYS H 91 38.97 -10.31 -36.95
C LYS H 91 38.01 -11.43 -37.36
N LYS H 92 38.34 -12.63 -36.90
CA LYS H 92 37.58 -13.83 -37.25
C LYS H 92 36.11 -13.68 -36.88
N ALA H 93 35.24 -14.16 -37.75
CA ALA H 93 33.80 -14.07 -37.53
C ALA H 93 33.39 -14.86 -36.28
N VAL H 94 32.23 -14.54 -35.73
CA VAL H 94 31.76 -15.23 -34.52
C VAL H 94 30.26 -15.49 -34.53
N THR H 95 29.83 -16.43 -33.70
CA THR H 95 28.42 -16.78 -33.59
C THR H 95 27.94 -16.51 -32.16
N PRO H 96 26.62 -16.61 -31.95
CA PRO H 96 26.06 -16.38 -30.61
C PRO H 96 26.52 -17.44 -29.61
N ALA H 97 26.69 -18.68 -30.09
CA ALA H 97 27.15 -19.80 -29.29
C ALA H 97 27.55 -20.91 -30.24
N PRO H 98 28.42 -21.83 -29.78
CA PRO H 98 28.82 -22.93 -30.66
C PRO H 98 27.62 -23.67 -31.20
N PRO H 99 27.72 -24.26 -32.38
CA PRO H 99 26.61 -25.03 -32.93
C PRO H 99 26.21 -26.17 -32.02
N ILE H 100 24.92 -26.51 -32.04
CA ILE H 100 24.43 -27.61 -31.22
C ILE H 100 24.95 -28.93 -31.76
N LYS H 101 25.26 -29.84 -30.85
CA LYS H 101 25.58 -31.20 -31.23
C LYS H 101 24.32 -31.92 -31.69
N ARG H 102 24.47 -32.78 -32.69
CA ARG H 102 23.34 -33.57 -33.15
C ARG H 102 22.91 -34.54 -32.06
N TRP H 103 21.62 -34.81 -31.99
CA TRP H 103 21.07 -35.69 -30.98
C TRP H 103 21.38 -37.16 -31.29
N GLU H 104 21.39 -37.97 -30.24
CA GLU H 104 21.58 -39.41 -30.37
C GLU H 104 20.23 -40.12 -30.34
N LEU H 105 20.21 -41.32 -30.92
CA LEU H 105 18.96 -42.03 -31.18
C LEU H 105 18.68 -43.10 -30.11
N SER H 106 18.51 -42.65 -28.87
CA SER H 106 17.76 -43.39 -27.84
C SER H 106 18.09 -44.88 -27.82
N LYS H 107 19.28 -45.18 -27.30
CA LYS H 107 19.70 -46.58 -27.14
C LYS H 107 18.68 -47.43 -26.38
N ASP H 108 17.77 -46.79 -25.64
CA ASP H 108 16.70 -47.53 -24.97
C ASP H 108 15.70 -48.10 -25.98
N GLN H 109 15.07 -47.22 -26.76
CA GLN H 109 14.09 -47.65 -27.77
C GLN H 109 14.09 -46.60 -28.88
N PRO H 110 14.84 -46.82 -29.95
CA PRO H 110 14.98 -45.77 -30.97
C PRO H 110 13.75 -45.63 -31.86
N TYR H 111 13.05 -46.73 -32.11
CA TYR H 111 11.87 -46.74 -32.96
C TYR H 111 10.70 -47.27 -32.17
N LEU H 112 9.59 -46.55 -32.20
CA LEU H 112 8.38 -46.97 -31.51
C LEU H 112 7.75 -48.16 -32.23
N LEU I 1 -34.53 14.85 5.07
CA LEU I 1 -34.66 13.75 4.13
C LEU I 1 -34.09 12.44 4.68
N HIS I 2 -33.77 12.41 5.97
CA HIS I 2 -33.22 11.19 6.58
C HIS I 2 -31.94 10.72 5.91
N HIS I 3 -30.80 11.29 6.32
CA HIS I 3 -29.49 11.21 5.67
C HIS I 3 -29.28 10.00 4.79
N ALA I 4 -29.72 8.81 5.23
CA ALA I 4 -29.62 7.63 4.39
C ALA I 4 -30.40 7.75 3.09
N LEU I 5 -31.33 8.69 2.99
CA LEU I 5 -32.15 8.87 1.80
C LEU I 5 -31.83 10.19 1.09
N ILE I 6 -30.57 10.60 1.12
CA ILE I 6 -30.08 11.75 0.38
C ILE I 6 -29.50 11.25 -0.94
N PRO I 7 -29.89 11.80 -2.08
CA PRO I 7 -29.37 11.29 -3.36
C PRO I 7 -27.87 11.44 -3.48
N HIS I 8 -27.24 10.42 -4.07
CA HIS I 8 -25.79 10.38 -4.23
C HIS I 8 -25.45 9.69 -5.54
N GLY I 9 -24.27 9.98 -6.06
CA GLY I 9 -23.81 9.37 -7.29
C GLY I 9 -24.23 10.18 -8.52
N LYS I 10 -24.00 9.56 -9.68
CA LYS I 10 -24.32 10.16 -10.97
C LYS I 10 -25.64 9.64 -11.54
N GLY I 11 -26.54 9.16 -10.70
CA GLY I 11 -27.82 8.66 -11.18
C GLY I 11 -27.76 7.36 -11.93
N GLY I 12 -26.73 6.54 -11.69
CA GLY I 12 -26.57 5.27 -12.37
C GLY I 12 -26.97 4.09 -11.51
N ARG I 13 -26.51 2.91 -11.93
CA ARG I 13 -26.92 1.65 -11.32
C ARG I 13 -26.47 1.57 -9.86
N SER I 14 -25.26 2.01 -9.56
CA SER I 14 -24.72 1.94 -8.21
C SER I 14 -24.94 3.21 -7.41
N SER I 15 -25.85 4.07 -7.83
CA SER I 15 -26.10 5.34 -7.16
C SER I 15 -27.23 5.20 -6.14
N VAL I 16 -27.48 6.28 -5.41
CA VAL I 16 -28.61 6.36 -4.48
C VAL I 16 -29.49 7.50 -4.95
N SER I 17 -30.73 7.18 -5.30
CA SER I 17 -31.66 8.19 -5.79
C SER I 17 -32.51 8.81 -4.70
N GLY I 18 -32.52 8.24 -3.50
CA GLY I 18 -33.40 8.69 -2.45
C GLY I 18 -34.80 8.13 -2.50
N ILE I 19 -35.12 7.34 -3.52
CA ILE I 19 -36.45 6.75 -3.68
C ILE I 19 -36.46 5.36 -3.09
N VAL I 20 -37.46 5.09 -2.26
CA VAL I 20 -37.80 3.74 -1.82
C VAL I 20 -39.24 3.51 -2.24
N ALA I 21 -39.44 2.66 -3.25
CA ALA I 21 -40.73 2.50 -3.90
C ALA I 21 -41.24 1.08 -3.72
N THR I 22 -42.52 0.95 -3.40
CA THR I 22 -43.23 -0.33 -3.42
C THR I 22 -44.14 -0.32 -4.65
N VAL I 23 -43.91 -1.26 -5.56
CA VAL I 23 -44.59 -1.28 -6.84
C VAL I 23 -45.54 -2.47 -6.84
N PHE I 24 -46.82 -2.24 -6.52
CA PHE I 24 -47.83 -3.26 -6.67
C PHE I 24 -48.15 -3.44 -8.15
N GLY I 25 -48.22 -4.70 -8.59
CA GLY I 25 -48.42 -4.97 -10.00
C GLY I 25 -47.17 -4.88 -10.84
N ALA I 26 -45.99 -5.16 -10.26
CA ALA I 26 -44.72 -5.07 -10.95
C ALA I 26 -44.44 -6.24 -11.88
N THR I 27 -45.26 -7.29 -11.85
CA THR I 27 -45.03 -8.47 -12.68
C THR I 27 -45.86 -8.44 -13.95
N GLY I 28 -46.38 -7.28 -14.35
CA GLY I 28 -47.18 -7.13 -15.53
C GLY I 28 -46.44 -6.40 -16.65
N PHE I 29 -47.21 -5.91 -17.61
CA PHE I 29 -46.65 -5.21 -18.76
C PHE I 29 -46.01 -3.89 -18.33
N LEU I 30 -46.74 -3.06 -17.60
CA LEU I 30 -46.20 -1.76 -17.19
C LEU I 30 -45.20 -1.90 -16.05
N GLY I 31 -45.37 -2.92 -15.20
CA GLY I 31 -44.54 -3.05 -14.02
C GLY I 31 -43.07 -3.28 -14.34
N ARG I 32 -42.80 -4.08 -15.37
CA ARG I 32 -41.41 -4.34 -15.71
C ARG I 32 -40.70 -3.07 -16.16
N TYR I 33 -41.38 -2.22 -16.94
CA TYR I 33 -40.77 -0.96 -17.36
C TYR I 33 -40.60 -0.01 -16.18
N VAL I 34 -41.57 0.03 -15.28
CA VAL I 34 -41.46 0.91 -14.13
C VAL I 34 -40.29 0.49 -13.23
N VAL I 35 -40.17 -0.82 -12.98
CA VAL I 35 -39.09 -1.31 -12.15
C VAL I 35 -37.75 -1.09 -12.84
N ASN I 36 -37.71 -1.23 -14.16
CA ASN I 36 -36.47 -0.97 -14.89
C ASN I 36 -36.05 0.48 -14.75
N HIS I 37 -37.00 1.41 -14.90
CA HIS I 37 -36.65 2.82 -14.79
C HIS I 37 -36.26 3.20 -13.38
N LEU I 38 -36.88 2.59 -12.37
CA LEU I 38 -36.49 2.89 -10.99
C LEU I 38 -35.11 2.33 -10.67
N GLY I 39 -34.83 1.10 -11.07
CA GLY I 39 -33.54 0.50 -10.79
C GLY I 39 -32.40 1.06 -11.62
N ARG I 40 -32.71 1.71 -12.75
CA ARG I 40 -31.66 2.39 -13.50
C ARG I 40 -30.98 3.47 -12.66
N MET I 41 -31.77 4.23 -11.90
CA MET I 41 -31.23 5.36 -11.14
C MET I 41 -30.62 4.94 -9.81
N GLY I 42 -30.79 3.68 -9.41
CA GLY I 42 -30.30 3.25 -8.12
C GLY I 42 -31.32 3.40 -7.02
N SER I 43 -32.56 3.06 -7.31
CA SER I 43 -33.63 3.13 -6.33
C SER I 43 -33.77 1.82 -5.59
N GLN I 44 -34.27 1.89 -4.37
CA GLN I 44 -34.67 0.70 -3.64
C GLN I 44 -36.09 0.34 -4.03
N VAL I 45 -36.28 -0.84 -4.61
CA VAL I 45 -37.56 -1.26 -5.16
C VAL I 45 -38.02 -2.49 -4.39
N ILE I 46 -39.24 -2.42 -3.86
CA ILE I 46 -39.87 -3.51 -3.15
C ILE I 46 -40.98 -4.05 -4.02
N VAL I 47 -40.86 -5.31 -4.42
CA VAL I 47 -41.79 -5.95 -5.35
C VAL I 47 -42.67 -6.92 -4.58
N PRO I 48 -43.94 -6.58 -4.38
CA PRO I 48 -44.89 -7.56 -3.84
C PRO I 48 -45.39 -8.46 -4.97
N TYR I 49 -45.33 -9.76 -4.75
CA TYR I 49 -45.77 -10.71 -5.75
C TYR I 49 -46.64 -11.78 -5.12
N ARG I 50 -47.63 -12.24 -5.87
CA ARG I 50 -48.41 -13.42 -5.52
C ARG I 50 -48.18 -14.57 -6.48
N CYS I 51 -47.49 -14.35 -7.59
CA CYS I 51 -47.30 -15.39 -8.58
C CYS I 51 -46.16 -16.32 -8.19
N GLU I 52 -45.88 -17.27 -9.05
CA GLU I 52 -44.74 -18.15 -8.85
C GLU I 52 -43.44 -17.35 -8.98
N PRO I 53 -42.49 -17.53 -8.06
CA PRO I 53 -41.26 -16.72 -8.10
C PRO I 53 -40.51 -16.83 -9.42
N TYR I 54 -40.67 -17.95 -10.11
CA TYR I 54 -40.13 -18.08 -11.46
C TYR I 54 -40.55 -16.90 -12.32
N ASP I 55 -41.82 -16.52 -12.26
CA ASP I 55 -42.37 -15.43 -13.05
C ASP I 55 -41.81 -14.06 -12.68
N THR I 56 -41.09 -13.93 -11.56
CA THR I 56 -40.42 -12.68 -11.24
C THR I 56 -38.97 -12.64 -11.68
N MET I 57 -38.44 -13.73 -12.25
CA MET I 57 -37.00 -13.81 -12.51
C MET I 57 -36.52 -12.68 -13.40
N HIS I 58 -37.32 -12.30 -14.41
CA HIS I 58 -36.90 -11.27 -15.34
C HIS I 58 -36.69 -9.92 -14.68
N LEU I 59 -37.22 -9.70 -13.47
CA LEU I 59 -37.00 -8.45 -12.77
C LEU I 59 -35.72 -8.44 -11.94
N ARG I 60 -35.03 -9.57 -11.79
CA ARG I 60 -33.83 -9.63 -10.97
C ARG I 60 -32.67 -8.77 -11.48
N PRO I 61 -32.35 -8.77 -12.78
CA PRO I 61 -31.22 -7.95 -13.24
C PRO I 61 -31.50 -6.46 -13.32
N MET I 62 -32.64 -5.98 -12.84
CA MET I 62 -32.99 -4.57 -13.00
C MET I 62 -32.34 -3.66 -11.96
N GLY I 63 -31.74 -4.21 -10.92
CA GLY I 63 -31.15 -3.41 -9.88
C GLY I 63 -29.76 -3.91 -9.50
N ASP I 64 -29.10 -3.12 -8.66
CA ASP I 64 -27.82 -3.51 -8.09
C ASP I 64 -28.06 -4.55 -6.99
N LEU I 65 -26.99 -4.90 -6.29
CA LEU I 65 -27.09 -5.86 -5.21
C LEU I 65 -27.89 -5.28 -4.06
N GLY I 66 -28.95 -5.98 -3.67
CA GLY I 66 -29.81 -5.57 -2.58
C GLY I 66 -30.82 -4.51 -2.92
N GLN I 67 -30.87 -4.02 -4.15
CA GLN I 67 -31.75 -2.92 -4.51
C GLN I 67 -33.15 -3.37 -4.91
N ILE I 68 -33.37 -4.66 -5.10
CA ILE I 68 -34.70 -5.18 -5.42
C ILE I 68 -35.01 -6.26 -4.39
N ILE I 69 -36.07 -6.06 -3.63
CA ILE I 69 -36.49 -6.98 -2.57
C ILE I 69 -37.86 -7.53 -2.91
N PHE I 70 -37.97 -8.86 -2.96
CA PHE I 70 -39.19 -9.54 -3.35
C PHE I 70 -39.92 -10.03 -2.10
N MET I 71 -41.22 -9.75 -2.03
CA MET I 71 -42.00 -10.17 -0.87
C MET I 71 -43.36 -10.67 -1.30
N GLU I 72 -43.80 -11.76 -0.68
CA GLU I 72 -45.12 -12.32 -0.95
C GLU I 72 -46.21 -11.46 -0.33
N TRP I 73 -47.30 -11.28 -1.07
CA TRP I 73 -48.42 -10.49 -0.59
C TRP I 73 -49.72 -11.11 -1.06
N ASN I 74 -50.79 -10.76 -0.36
CA ASN I 74 -52.14 -11.19 -0.69
C ASN I 74 -53.03 -9.95 -0.79
N GLY I 75 -53.75 -9.83 -1.89
CA GLY I 75 -54.56 -8.63 -2.12
C GLY I 75 -55.67 -8.45 -1.11
N LYS I 76 -56.19 -9.55 -0.57
CA LYS I 76 -57.25 -9.51 0.43
C LYS I 76 -56.72 -9.33 1.84
N ASP I 77 -55.41 -9.29 2.03
CA ASP I 77 -54.79 -9.16 3.34
C ASP I 77 -54.20 -7.77 3.50
N LYS I 78 -54.56 -7.10 4.58
CA LYS I 78 -54.03 -5.76 4.87
C LYS I 78 -52.79 -5.79 5.74
N ASP I 79 -52.61 -6.82 6.56
CA ASP I 79 -51.35 -6.98 7.28
C ASP I 79 -50.20 -7.20 6.30
N SER I 80 -50.45 -7.91 5.21
CA SER I 80 -49.43 -8.11 4.18
C SER I 80 -49.08 -6.78 3.49
N ILE I 81 -50.08 -5.96 3.20
CA ILE I 81 -49.82 -4.65 2.60
C ILE I 81 -49.01 -3.78 3.55
N ARG I 82 -49.38 -3.80 4.84
CA ARG I 82 -48.59 -3.13 5.85
C ARG I 82 -47.15 -3.61 5.84
N LYS I 83 -46.96 -4.92 5.74
CA LYS I 83 -45.62 -5.49 5.72
C LYS I 83 -44.81 -4.98 4.55
N VAL I 84 -45.44 -4.83 3.38
CA VAL I 84 -44.68 -4.44 2.19
C VAL I 84 -44.59 -2.95 1.95
N VAL I 85 -45.32 -2.11 2.69
CA VAL I 85 -45.20 -0.66 2.51
C VAL I 85 -44.64 0.03 3.75
N GLU I 86 -44.08 -0.73 4.70
CA GLU I 86 -43.66 -0.15 5.97
C GLU I 86 -42.54 0.87 5.81
N HIS I 87 -41.62 0.64 4.87
CA HIS I 87 -40.39 1.42 4.80
C HIS I 87 -40.25 2.22 3.51
N SER I 88 -41.34 2.42 2.77
CA SER I 88 -41.28 3.08 1.48
C SER I 88 -41.77 4.52 1.59
N ASN I 89 -41.11 5.41 0.85
CA ASN I 89 -41.61 6.77 0.69
C ASN I 89 -42.44 6.94 -0.59
N VAL I 90 -42.46 5.94 -1.46
CA VAL I 90 -43.29 5.95 -2.65
C VAL I 90 -44.03 4.62 -2.74
N VAL I 91 -45.32 4.67 -3.04
CA VAL I 91 -46.10 3.49 -3.38
C VAL I 91 -46.74 3.71 -4.74
N ILE I 92 -46.51 2.80 -5.66
CA ILE I 92 -47.13 2.83 -6.98
C ILE I 92 -48.08 1.63 -7.07
N ASN I 93 -49.28 1.87 -7.59
CA ASN I 93 -50.28 0.82 -7.76
C ASN I 93 -50.46 0.57 -9.25
N LEU I 94 -50.19 -0.67 -9.67
CA LEU I 94 -50.38 -1.09 -11.05
C LEU I 94 -51.19 -2.36 -11.13
N VAL I 95 -51.95 -2.69 -10.09
CA VAL I 95 -52.71 -3.92 -10.02
C VAL I 95 -53.94 -3.82 -10.91
N GLY I 96 -54.14 -4.83 -11.75
CA GLY I 96 -55.30 -4.83 -12.62
C GLY I 96 -55.35 -6.02 -13.55
N ARG I 97 -56.55 -6.54 -13.77
CA ARG I 97 -56.76 -7.65 -14.68
C ARG I 97 -57.80 -7.25 -15.72
N GLU I 98 -57.51 -7.52 -16.99
CA GLU I 98 -58.43 -7.21 -18.08
C GLU I 98 -59.74 -8.00 -17.99
N TRP I 99 -59.63 -9.24 -17.55
CA TRP I 99 -60.78 -10.14 -17.43
C TRP I 99 -61.04 -10.44 -15.97
N GLU I 100 -62.23 -10.96 -15.67
CA GLU I 100 -62.58 -11.28 -14.30
C GLU I 100 -62.42 -12.76 -13.99
N THR I 101 -61.65 -13.07 -12.96
CA THR I 101 -61.44 -14.44 -12.52
C THR I 101 -62.49 -14.83 -11.49
N LYS I 102 -62.54 -16.11 -11.15
CA LYS I 102 -63.48 -16.60 -10.15
C LYS I 102 -63.27 -16.00 -8.77
N ASN I 103 -62.01 -15.75 -8.39
CA ASN I 103 -61.74 -15.25 -7.05
C ASN I 103 -61.66 -13.73 -6.99
N PHE I 104 -61.64 -13.05 -8.13
CA PHE I 104 -61.47 -11.60 -8.18
C PHE I 104 -62.29 -11.06 -9.33
N ASP I 105 -63.32 -10.29 -9.01
CA ASP I 105 -64.07 -9.59 -10.05
C ASP I 105 -63.39 -8.25 -10.32
N PHE I 106 -64.00 -7.43 -11.19
CA PHE I 106 -63.42 -6.13 -11.49
C PHE I 106 -63.41 -5.23 -10.27
N GLU I 107 -64.45 -5.30 -9.45
CA GLU I 107 -64.55 -4.48 -8.26
C GLU I 107 -63.51 -4.85 -7.20
N ASP I 108 -63.03 -6.09 -7.19
CA ASP I 108 -61.99 -6.45 -6.25
C ASP I 108 -60.64 -5.86 -6.65
N VAL I 109 -60.27 -5.96 -7.93
CA VAL I 109 -58.96 -5.48 -8.35
C VAL I 109 -58.93 -3.98 -8.56
N PHE I 110 -60.08 -3.34 -8.77
CA PHE I 110 -60.09 -1.92 -9.12
C PHE I 110 -60.70 -1.03 -8.05
N VAL I 111 -61.32 -1.60 -7.03
CA VAL I 111 -61.89 -0.79 -5.94
C VAL I 111 -61.31 -1.24 -4.62
N LYS I 112 -61.48 -2.51 -4.27
CA LYS I 112 -61.11 -2.99 -2.95
C LYS I 112 -59.61 -2.96 -2.73
N ILE I 113 -58.84 -3.50 -3.67
CA ILE I 113 -57.39 -3.56 -3.56
C ILE I 113 -56.77 -2.17 -3.59
N PRO I 114 -57.12 -1.30 -4.56
CA PRO I 114 -56.57 0.06 -4.51
C PRO I 114 -56.92 0.82 -3.24
N HIS I 115 -58.14 0.66 -2.75
CA HIS I 115 -58.54 1.35 -1.53
C HIS I 115 -57.77 0.84 -0.33
N ALA I 116 -57.59 -0.49 -0.24
CA ALA I 116 -56.83 -1.06 0.86
C ALA I 116 -55.37 -0.59 0.82
N ILE I 117 -54.78 -0.53 -0.38
CA ILE I 117 -53.42 -0.04 -0.51
C ILE I 117 -53.33 1.41 -0.07
N ALA I 118 -54.27 2.25 -0.52
CA ALA I 118 -54.25 3.66 -0.16
C ALA I 118 -54.41 3.85 1.34
N GLN I 119 -55.36 3.14 1.95
CA GLN I 119 -55.57 3.27 3.39
C GLN I 119 -54.35 2.83 4.19
N VAL I 120 -53.77 1.68 3.83
CA VAL I 120 -52.66 1.16 4.61
C VAL I 120 -51.42 2.03 4.42
N SER I 121 -51.16 2.49 3.19
CA SER I 121 -49.99 3.33 2.96
C SER I 121 -50.15 4.70 3.59
N LYS I 122 -51.36 5.23 3.67
CA LYS I 122 -51.59 6.45 4.42
C LYS I 122 -51.38 6.23 5.92
N GLU I 123 -51.81 5.08 6.43
CA GLU I 123 -51.60 4.78 7.84
C GLU I 123 -50.12 4.62 8.15
N ALA I 124 -49.37 4.01 7.25
CA ALA I 124 -47.95 3.72 7.46
C ALA I 124 -47.06 4.95 7.34
N GLY I 125 -47.58 6.08 6.90
CA GLY I 125 -46.77 7.25 6.72
C GLY I 125 -46.05 7.34 5.39
N VAL I 126 -46.48 6.57 4.39
CA VAL I 126 -45.92 6.69 3.05
C VAL I 126 -46.17 8.10 2.53
N GLU I 127 -45.14 8.72 1.99
CA GLU I 127 -45.24 10.11 1.55
C GLU I 127 -46.06 10.24 0.28
N LYS I 128 -45.79 9.41 -0.72
CA LYS I 128 -46.38 9.55 -2.04
C LYS I 128 -47.08 8.27 -2.46
N LEU I 129 -48.23 8.43 -3.11
CA LEU I 129 -48.95 7.33 -3.73
C LEU I 129 -49.27 7.71 -5.17
N ILE I 130 -48.96 6.81 -6.10
CA ILE I 130 -49.30 6.94 -7.51
C ILE I 130 -50.30 5.85 -7.82
N HIS I 131 -51.46 6.24 -8.32
CA HIS I 131 -52.52 5.32 -8.73
C HIS I 131 -52.69 5.42 -10.24
N ILE I 132 -52.99 4.30 -10.88
CA ILE I 132 -53.23 4.24 -12.31
C ILE I 132 -54.69 3.87 -12.52
N SER I 133 -55.42 4.73 -13.20
CA SER I 133 -56.76 4.43 -13.68
C SER I 133 -56.75 4.54 -15.21
N HIS I 134 -57.93 4.52 -15.81
CA HIS I 134 -58.03 4.64 -17.26
C HIS I 134 -58.48 6.04 -17.65
N LEU I 135 -58.16 6.40 -18.89
CA LEU I 135 -58.67 7.67 -19.44
C LEU I 135 -60.19 7.65 -19.53
N ASN I 136 -60.76 6.51 -19.91
CA ASN I 136 -62.19 6.40 -20.13
C ASN I 136 -62.95 5.95 -18.89
N ALA I 137 -62.39 6.15 -17.69
CA ALA I 137 -63.09 5.78 -16.47
C ALA I 137 -64.35 6.63 -16.30
N ASP I 138 -65.46 5.98 -16.02
CA ASP I 138 -66.74 6.68 -15.95
C ASP I 138 -67.73 5.87 -15.13
N ILE I 139 -68.55 6.56 -14.34
CA ILE I 139 -69.52 5.89 -13.47
C ILE I 139 -70.61 5.18 -14.26
N LYS I 140 -71.04 5.73 -15.40
CA LYS I 140 -72.09 5.14 -16.23
C LYS I 140 -71.56 4.68 -17.58
N SER I 141 -70.39 4.05 -17.60
CA SER I 141 -69.91 3.53 -18.86
C SER I 141 -70.48 2.13 -19.10
N PRO I 142 -70.64 1.73 -20.37
CA PRO I 142 -71.15 0.38 -20.66
C PRO I 142 -70.22 -0.72 -20.19
N SER I 143 -68.94 -0.43 -19.97
CA SER I 143 -67.98 -1.43 -19.51
C SER I 143 -67.86 -1.37 -17.99
N ARG I 144 -67.98 -2.53 -17.35
CA ARG I 144 -67.83 -2.58 -15.89
C ARG I 144 -66.39 -2.34 -15.46
N TYR I 145 -65.45 -2.63 -16.35
CA TYR I 145 -64.04 -2.33 -16.12
C TYR I 145 -63.84 -0.84 -15.82
N LEU I 146 -64.40 0.02 -16.67
CA LEU I 146 -64.23 1.46 -16.49
C LEU I 146 -65.06 2.02 -15.35
N ARG I 147 -66.25 1.44 -15.10
CA ARG I 147 -67.03 1.84 -13.93
C ARG I 147 -66.27 1.56 -12.65
N SER I 148 -65.66 0.38 -12.56
CA SER I 148 -64.84 0.05 -11.40
C SER I 148 -63.62 0.94 -11.31
N LYS I 149 -63.02 1.29 -12.45
CA LYS I 149 -61.88 2.20 -12.45
C LYS I 149 -62.26 3.55 -11.84
N ALA I 150 -63.40 4.10 -12.25
CA ALA I 150 -63.82 5.39 -11.73
C ALA I 150 -64.15 5.32 -10.24
N VAL I 151 -64.83 4.25 -9.82
CA VAL I 151 -65.16 4.11 -8.40
C VAL I 151 -63.88 4.00 -7.57
N GLY I 152 -62.92 3.21 -8.04
CA GLY I 152 -61.65 3.09 -7.33
C GLY I 152 -60.85 4.36 -7.31
N GLU I 153 -60.93 5.16 -8.37
CA GLU I 153 -60.26 6.45 -8.38
C GLU I 153 -60.82 7.35 -7.27
N LYS I 154 -62.15 7.40 -7.16
CA LYS I 154 -62.75 8.18 -6.08
C LYS I 154 -62.36 7.63 -4.70
N GLU I 155 -62.35 6.30 -4.56
CA GLU I 155 -61.99 5.71 -3.28
C GLU I 155 -60.55 6.03 -2.89
N VAL I 156 -59.63 5.96 -3.85
CA VAL I 156 -58.23 6.27 -3.56
C VAL I 156 -58.09 7.73 -3.18
N ARG I 157 -58.76 8.62 -3.90
CA ARG I 157 -58.70 10.04 -3.56
C ARG I 157 -59.23 10.28 -2.15
N ALA I 158 -60.27 9.54 -1.74
CA ALA I 158 -60.79 9.68 -0.39
C ALA I 158 -59.83 9.13 0.66
N ALA I 159 -59.13 8.03 0.35
CA ALA I 159 -58.25 7.40 1.34
C ALA I 159 -56.86 7.99 1.36
N PHE I 160 -56.44 8.70 0.30
CA PHE I 160 -55.13 9.30 0.21
C PHE I 160 -55.29 10.60 -0.57
N PRO I 161 -55.61 11.70 0.13
CA PRO I 161 -55.94 12.94 -0.58
C PRO I 161 -54.82 13.50 -1.44
N GLU I 162 -53.57 13.20 -1.13
CA GLU I 162 -52.43 13.73 -1.87
C GLU I 162 -51.89 12.73 -2.91
N ALA I 163 -52.72 11.81 -3.37
CA ALA I 163 -52.27 10.82 -4.33
C ALA I 163 -52.27 11.40 -5.74
N THR I 164 -51.30 11.00 -6.54
CA THR I 164 -51.24 11.36 -7.94
C THR I 164 -51.93 10.27 -8.75
N ILE I 165 -52.96 10.65 -9.51
CA ILE I 165 -53.74 9.71 -10.29
C ILE I 165 -53.41 9.93 -11.76
N ILE I 166 -53.03 8.85 -12.43
CA ILE I 166 -52.58 8.89 -13.82
C ILE I 166 -53.56 8.09 -14.66
N LYS I 167 -54.01 8.67 -15.77
CA LYS I 167 -55.04 8.08 -16.63
C LYS I 167 -54.51 7.89 -18.03
N PRO I 168 -53.83 6.78 -18.30
CA PRO I 168 -53.36 6.51 -19.67
C PRO I 168 -54.48 5.94 -20.52
N SER I 169 -54.20 5.84 -21.82
CA SER I 169 -55.18 5.38 -22.79
C SER I 169 -54.49 4.44 -23.78
N ASP I 170 -54.75 3.13 -23.65
CA ASP I 170 -54.31 2.13 -24.62
C ASP I 170 -52.79 2.18 -24.83
N ILE I 171 -52.09 1.71 -23.81
CA ILE I 171 -50.64 1.58 -23.87
C ILE I 171 -50.26 0.52 -24.90
N PHE I 172 -49.31 0.85 -25.77
CA PHE I 172 -48.81 -0.10 -26.75
C PHE I 172 -47.32 -0.33 -26.54
N GLY I 173 -46.90 -1.57 -26.70
CA GLY I 173 -45.51 -1.95 -26.51
C GLY I 173 -45.33 -3.40 -26.86
N ARG I 174 -44.13 -3.92 -26.55
CA ARG I 174 -43.78 -5.27 -26.97
C ARG I 174 -44.70 -6.31 -26.36
N GLU I 175 -45.11 -6.13 -25.11
CA GLU I 175 -45.94 -7.08 -24.40
C GLU I 175 -47.36 -6.55 -24.18
N ASP I 176 -47.77 -5.64 -25.05
CA ASP I 176 -49.08 -5.00 -24.90
C ASP I 176 -50.19 -5.73 -25.62
N ARG I 177 -51.27 -5.97 -24.89
CA ARG I 177 -52.42 -6.66 -25.44
C ARG I 177 -53.07 -5.89 -26.58
N PHE I 178 -53.13 -4.57 -26.46
CA PHE I 178 -53.79 -3.77 -27.49
C PHE I 178 -53.17 -3.91 -28.88
N LEU I 179 -51.84 -3.84 -28.99
CA LEU I 179 -51.21 -4.02 -30.30
C LEU I 179 -51.36 -5.46 -30.76
N ASN I 180 -51.18 -6.38 -29.82
CA ASN I 180 -51.28 -7.82 -30.05
C ASN I 180 -52.67 -8.32 -30.44
N TYR I 181 -53.71 -7.72 -29.86
CA TYR I 181 -55.07 -8.17 -30.12
C TYR I 181 -55.41 -8.06 -31.60
N PHE I 182 -55.04 -6.95 -32.22
CA PHE I 182 -55.29 -6.77 -33.64
C PHE I 182 -54.49 -7.77 -34.47
N ALA I 183 -53.25 -7.99 -34.08
CA ALA I 183 -52.35 -8.93 -34.75
C ALA I 183 -52.86 -10.36 -34.64
N SER I 184 -53.43 -10.69 -33.49
CA SER I 184 -53.96 -12.02 -33.20
C SER I 184 -55.12 -12.43 -34.12
N MET I 185 -55.92 -11.45 -34.52
CA MET I 185 -57.10 -11.65 -35.36
C MET I 185 -56.85 -12.24 -36.76
N ARG I 186 -55.64 -12.07 -37.29
CA ARG I 186 -55.29 -12.56 -38.63
C ARG I 186 -55.44 -14.08 -38.81
N TRP I 187 -55.22 -14.86 -37.76
CA TRP I 187 -55.31 -16.31 -37.84
C TRP I 187 -56.68 -16.79 -38.30
N PHE I 188 -57.74 -16.14 -37.81
CA PHE I 188 -59.10 -16.51 -38.15
C PHE I 188 -59.42 -16.37 -39.64
N GLY I 189 -58.92 -15.30 -40.25
CA GLY I 189 -59.20 -14.99 -41.63
C GLY I 189 -59.55 -13.54 -41.86
N GLY I 190 -60.65 -13.10 -41.28
CA GLY I 190 -61.11 -11.73 -41.41
C GLY I 190 -61.03 -10.98 -40.09
N VAL I 191 -60.91 -9.66 -40.18
CA VAL I 191 -60.90 -8.79 -39.01
C VAL I 191 -62.33 -8.33 -38.75
N PRO I 192 -62.98 -8.76 -37.66
CA PRO I 192 -64.33 -8.30 -37.36
C PRO I 192 -64.30 -6.97 -36.63
N LEU I 193 -64.94 -5.97 -37.20
CA LEU I 193 -64.99 -4.63 -36.58
C LEU I 193 -66.44 -4.18 -36.51
N ILE I 194 -66.83 -3.62 -35.36
CA ILE I 194 -68.15 -3.05 -35.23
C ILE I 194 -68.21 -1.76 -36.04
N SER I 195 -69.20 -1.66 -36.93
CA SER I 195 -69.35 -0.54 -37.85
C SER I 195 -68.13 -0.34 -38.73
N LEU I 196 -67.36 -1.42 -38.93
CA LEU I 196 -66.08 -1.39 -39.64
C LEU I 196 -65.08 -0.45 -38.98
N GLY I 197 -65.25 -0.19 -37.68
CA GLY I 197 -64.33 0.68 -36.96
C GLY I 197 -64.29 2.11 -37.47
N LYS I 198 -65.36 2.56 -38.11
CA LYS I 198 -65.42 3.94 -38.61
C LYS I 198 -66.01 4.91 -37.59
N GLU I 199 -66.53 4.42 -36.46
CA GLU I 199 -67.12 5.27 -35.44
C GLU I 199 -66.34 5.24 -34.13
N THR I 200 -65.06 4.87 -34.17
CA THR I 200 -64.22 4.82 -32.99
C THR I 200 -62.94 5.59 -33.26
N VAL I 201 -62.50 6.37 -32.27
CA VAL I 201 -61.26 7.12 -32.35
C VAL I 201 -60.39 6.72 -31.17
N LYS I 202 -59.12 6.42 -31.45
CA LYS I 202 -58.17 5.96 -30.44
C LYS I 202 -56.98 6.90 -30.40
N GLN I 203 -56.40 7.05 -29.21
CA GLN I 203 -55.20 7.87 -29.00
C GLN I 203 -54.20 7.06 -28.19
N PRO I 204 -53.58 6.05 -28.80
CA PRO I 204 -52.69 5.16 -28.03
C PRO I 204 -51.41 5.85 -27.59
N VAL I 205 -50.87 5.36 -26.48
CA VAL I 205 -49.68 5.93 -25.85
C VAL I 205 -48.61 4.86 -25.70
N TYR I 206 -47.36 5.27 -25.89
CA TYR I 206 -46.21 4.38 -25.80
C TYR I 206 -45.94 3.98 -24.35
N ILE I 207 -45.44 2.77 -24.17
CA ILE I 207 -45.19 2.24 -22.82
C ILE I 207 -44.08 3.02 -22.13
N VAL I 208 -43.01 3.32 -22.86
CA VAL I 208 -41.88 4.03 -22.27
C VAL I 208 -42.29 5.43 -21.86
N ASP I 209 -43.20 6.06 -22.61
CA ASP I 209 -43.73 7.35 -22.21
C ASP I 209 -44.45 7.27 -20.88
N VAL I 210 -45.24 6.22 -20.67
CA VAL I 210 -45.99 6.08 -19.42
C VAL I 210 -45.04 5.82 -18.24
N SER I 211 -44.04 4.97 -18.45
CA SER I 211 -43.07 4.72 -17.40
C SER I 211 -42.28 5.98 -17.04
N LYS I 212 -41.84 6.73 -18.05
CA LYS I 212 -41.13 7.97 -17.79
C LYS I 212 -42.02 8.97 -17.10
N GLY I 213 -43.30 9.04 -17.48
CA GLY I 213 -44.22 9.94 -16.82
C GLY I 213 -44.42 9.61 -15.36
N ILE I 214 -44.54 8.31 -15.04
CA ILE I 214 -44.65 7.91 -13.64
C ILE I 214 -43.39 8.30 -12.87
N ILE I 215 -42.22 8.01 -13.45
CA ILE I 215 -40.97 8.31 -12.76
C ILE I 215 -40.85 9.81 -12.51
N ASN I 216 -41.17 10.62 -13.52
CA ASN I 216 -41.08 12.07 -13.36
C ASN I 216 -42.10 12.59 -12.37
N ALA I 217 -43.30 12.00 -12.35
CA ALA I 217 -44.30 12.40 -11.38
C ALA I 217 -43.85 12.09 -9.95
N ILE I 218 -43.05 11.04 -9.76
CA ILE I 218 -42.49 10.78 -8.44
C ILE I 218 -41.57 11.91 -8.02
N LYS I 219 -40.71 12.36 -8.93
CA LYS I 219 -39.71 13.38 -8.64
C LYS I 219 -40.26 14.80 -8.71
N ASP I 220 -41.54 14.97 -9.04
CA ASP I 220 -42.13 16.29 -9.18
C ASP I 220 -42.78 16.71 -7.88
N PRO I 221 -42.35 17.80 -7.25
CA PRO I 221 -42.96 18.20 -5.97
C PRO I 221 -44.36 18.78 -6.11
N ASP I 222 -44.73 19.31 -7.27
CA ASP I 222 -46.05 19.91 -7.45
C ASP I 222 -47.06 18.97 -8.08
N ALA I 223 -46.67 17.72 -8.32
CA ALA I 223 -47.58 16.73 -8.88
C ALA I 223 -48.30 15.91 -7.82
N LYS I 224 -48.35 16.41 -6.58
CA LYS I 224 -48.85 15.64 -5.45
C LYS I 224 -50.30 15.21 -5.62
N GLY I 225 -51.23 16.16 -5.61
CA GLY I 225 -52.63 15.81 -5.66
C GLY I 225 -53.25 15.92 -7.05
N LYS I 226 -52.41 15.91 -8.06
CA LYS I 226 -52.85 16.15 -9.43
C LYS I 226 -53.44 14.89 -10.05
N THR I 227 -54.13 15.08 -11.17
CA THR I 227 -54.64 14.00 -12.00
C THR I 227 -54.15 14.22 -13.41
N PHE I 228 -53.44 13.24 -13.95
CA PHE I 228 -52.85 13.34 -15.28
C PHE I 228 -53.56 12.39 -16.23
N ALA I 229 -53.56 12.76 -17.51
CA ALA I 229 -54.02 11.89 -18.59
C ALA I 229 -52.86 11.68 -19.55
N PHE I 230 -52.50 10.42 -19.77
CA PHE I 230 -51.36 10.07 -20.62
C PHE I 230 -51.88 9.57 -21.95
N VAL I 231 -51.76 10.39 -22.99
CA VAL I 231 -52.27 10.06 -24.31
C VAL I 231 -51.19 10.34 -25.33
N GLY I 232 -51.30 9.67 -26.48
CA GLY I 232 -50.33 9.83 -27.54
C GLY I 232 -50.52 11.11 -28.30
N PRO I 233 -49.63 11.38 -29.26
CA PRO I 233 -49.72 12.64 -30.01
C PRO I 233 -50.73 12.62 -31.14
N ASN I 234 -51.27 11.46 -31.50
CA ASN I 234 -52.12 11.34 -32.68
C ASN I 234 -53.40 10.60 -32.34
N ARG I 235 -54.46 10.95 -33.05
CA ARG I 235 -55.74 10.28 -32.95
C ARG I 235 -56.06 9.60 -34.28
N TYR I 236 -56.49 8.35 -34.22
CA TYR I 236 -56.80 7.58 -35.41
C TYR I 236 -58.21 7.02 -35.29
N LEU I 237 -58.87 6.88 -36.44
CA LEU I 237 -60.03 6.02 -36.51
C LEU I 237 -59.59 4.58 -36.38
N LEU I 238 -60.44 3.76 -35.76
CA LEU I 238 -60.06 2.36 -35.50
C LEU I 238 -59.75 1.61 -36.79
N PHE I 239 -60.53 1.88 -37.84
CA PHE I 239 -60.29 1.23 -39.13
C PHE I 239 -58.90 1.53 -39.64
N ASP I 240 -58.51 2.80 -39.64
CA ASP I 240 -57.20 3.18 -40.13
C ASP I 240 -56.10 2.60 -39.25
N LEU I 241 -56.32 2.57 -37.94
CA LEU I 241 -55.33 2.03 -37.01
C LEU I 241 -55.08 0.55 -37.28
N VAL I 242 -56.15 -0.23 -37.39
CA VAL I 242 -55.98 -1.66 -37.65
C VAL I 242 -55.38 -1.89 -39.04
N GLN I 243 -55.75 -1.06 -40.01
CA GLN I 243 -55.16 -1.19 -41.34
C GLN I 243 -53.67 -0.92 -41.31
N TYR I 244 -53.24 0.10 -40.56
CA TYR I 244 -51.82 0.37 -40.40
C TYR I 244 -51.11 -0.78 -39.70
N ILE I 245 -51.74 -1.35 -38.68
CA ILE I 245 -51.16 -2.47 -37.96
C ILE I 245 -50.92 -3.63 -38.91
N PHE I 246 -51.90 -3.92 -39.76
CA PHE I 246 -51.77 -5.03 -40.69
C PHE I 246 -50.77 -4.71 -41.79
N ALA I 247 -50.61 -3.44 -42.15
CA ALA I 247 -49.60 -3.08 -43.14
C ALA I 247 -48.18 -3.19 -42.59
N VAL I 248 -47.98 -2.83 -41.33
CA VAL I 248 -46.67 -2.98 -40.72
C VAL I 248 -46.30 -4.45 -40.56
N ALA I 249 -47.27 -5.30 -40.23
CA ALA I 249 -47.03 -6.73 -40.12
C ALA I 249 -47.00 -7.43 -41.48
N TYR I 250 -47.35 -6.72 -42.56
CA TYR I 250 -47.37 -7.27 -43.91
C TYR I 250 -48.32 -8.46 -44.03
N ARG I 251 -49.45 -8.37 -43.35
CA ARG I 251 -50.47 -9.39 -43.43
C ARG I 251 -51.66 -8.87 -44.23
N PRO I 252 -52.33 -9.73 -45.00
CA PRO I 252 -53.48 -9.27 -45.78
C PRO I 252 -54.63 -8.82 -44.88
N PHE I 253 -55.10 -7.60 -45.13
CA PHE I 253 -56.11 -6.97 -44.30
C PHE I 253 -57.48 -7.20 -44.93
N LEU I 254 -58.35 -7.93 -44.25
CA LEU I 254 -59.69 -8.29 -44.73
C LEU I 254 -60.70 -7.89 -43.66
N PRO I 255 -61.04 -6.61 -43.57
CA PRO I 255 -61.99 -6.16 -42.55
C PRO I 255 -63.43 -6.43 -42.97
N TYR I 256 -64.25 -6.80 -41.99
CA TYR I 256 -65.68 -6.91 -42.24
C TYR I 256 -66.46 -6.42 -41.03
N PRO I 257 -67.62 -5.81 -41.26
CA PRO I 257 -68.45 -5.36 -40.14
C PRO I 257 -69.13 -6.55 -39.46
N LEU I 258 -69.23 -6.44 -38.14
CA LEU I 258 -69.91 -7.44 -37.33
C LEU I 258 -70.85 -6.71 -36.40
N PRO I 259 -72.11 -7.12 -36.30
CA PRO I 259 -73.06 -6.42 -35.44
C PRO I 259 -72.67 -6.55 -33.97
N HIS I 260 -73.17 -5.60 -33.17
CA HIS I 260 -72.78 -5.50 -31.77
C HIS I 260 -73.20 -6.76 -30.99
N PHE I 261 -74.40 -7.27 -31.22
CA PHE I 261 -74.87 -8.43 -30.48
C PHE I 261 -74.08 -9.68 -30.85
N ALA I 262 -73.72 -9.83 -32.12
CA ALA I 262 -72.90 -10.96 -32.53
C ALA I 262 -71.53 -10.91 -31.88
N TYR I 263 -70.92 -9.73 -31.84
CA TYR I 263 -69.61 -9.59 -31.20
C TYR I 263 -69.70 -9.85 -29.70
N ARG I 264 -70.77 -9.41 -29.06
CA ARG I 264 -70.96 -9.70 -27.64
C ARG I 264 -71.11 -11.19 -27.40
N TRP I 265 -71.84 -11.87 -28.28
CA TRP I 265 -71.98 -13.32 -28.16
C TRP I 265 -70.63 -14.02 -28.32
N VAL I 266 -69.82 -13.55 -29.27
CA VAL I 266 -68.49 -14.13 -29.46
C VAL I 266 -67.63 -13.92 -28.21
N GLY I 267 -67.69 -12.71 -27.64
CA GLY I 267 -66.94 -12.45 -26.42
C GLY I 267 -67.37 -13.33 -25.27
N ARG I 268 -68.68 -13.55 -25.13
CA ARG I 268 -69.17 -14.45 -24.10
C ARG I 268 -68.69 -15.87 -24.34
N LEU I 269 -68.66 -16.30 -25.60
CA LEU I 269 -68.16 -17.63 -25.91
C LEU I 269 -66.69 -17.76 -25.52
N PHE I 270 -65.90 -16.73 -25.79
CA PHE I 270 -64.48 -16.77 -25.44
C PHE I 270 -64.25 -16.60 -23.94
N GLU I 271 -65.24 -16.09 -23.21
CA GLU I 271 -65.08 -15.83 -21.78
C GLU I 271 -65.00 -17.09 -20.92
N VAL I 272 -65.42 -18.25 -21.42
CA VAL I 272 -65.50 -19.44 -20.56
C VAL I 272 -64.18 -20.19 -20.50
N SER I 273 -63.13 -19.68 -21.10
CA SER I 273 -61.83 -20.33 -21.02
C SER I 273 -61.29 -20.26 -19.59
N PRO I 274 -60.89 -21.38 -19.00
CA PRO I 274 -60.29 -21.32 -17.66
C PRO I 274 -58.96 -20.60 -17.60
N PHE I 275 -58.27 -20.44 -18.72
CA PHE I 275 -57.00 -19.77 -18.82
C PHE I 275 -57.24 -18.30 -19.20
N GLU I 276 -56.19 -17.59 -19.60
CA GLU I 276 -56.35 -16.21 -20.05
C GLU I 276 -57.22 -16.17 -21.29
N PRO I 277 -58.34 -15.45 -21.29
CA PRO I 277 -59.22 -15.44 -22.46
C PRO I 277 -58.58 -14.72 -23.63
N TRP I 278 -58.96 -15.14 -24.84
CA TRP I 278 -58.50 -14.44 -26.02
C TRP I 278 -59.20 -13.09 -26.15
N THR I 279 -60.47 -13.03 -25.78
CA THR I 279 -61.21 -11.79 -25.71
C THR I 279 -62.42 -12.00 -24.81
N THR I 280 -63.00 -10.88 -24.36
CA THR I 280 -64.17 -10.91 -23.49
C THR I 280 -65.18 -9.88 -23.99
N ARG I 281 -66.36 -9.89 -23.39
CA ARG I 281 -67.36 -8.87 -23.69
C ARG I 281 -66.87 -7.48 -23.29
N ASP I 282 -66.22 -7.38 -22.13
CA ASP I 282 -65.69 -6.11 -21.69
C ASP I 282 -64.62 -5.59 -22.64
N LYS I 283 -63.76 -6.49 -23.13
CA LYS I 283 -62.75 -6.08 -24.10
C LYS I 283 -63.40 -5.61 -25.39
N VAL I 284 -64.47 -6.26 -25.83
CA VAL I 284 -65.16 -5.83 -27.04
C VAL I 284 -65.76 -4.43 -26.84
N GLU I 285 -66.35 -4.17 -25.68
CA GLU I 285 -66.87 -2.84 -25.40
C GLU I 285 -65.75 -1.81 -25.38
N ARG I 286 -64.62 -2.11 -24.75
CA ARG I 286 -63.54 -1.14 -24.62
C ARG I 286 -62.84 -0.87 -25.94
N VAL I 287 -62.78 -1.87 -26.83
CA VAL I 287 -62.09 -1.67 -28.10
C VAL I 287 -62.84 -0.70 -28.98
N HIS I 288 -64.17 -0.82 -29.05
CA HIS I 288 -64.99 0.01 -29.92
C HIS I 288 -65.60 1.20 -29.19
N MET I 289 -64.90 1.73 -28.19
CA MET I 289 -65.31 2.94 -27.50
C MET I 289 -64.26 4.02 -27.73
N SER I 290 -64.69 5.20 -28.17
CA SER I 290 -63.75 6.25 -28.51
C SER I 290 -63.05 6.77 -27.26
N ASP I 291 -61.77 7.13 -27.43
CA ASP I 291 -61.01 7.69 -26.33
C ASP I 291 -61.53 9.07 -25.97
N MET I 292 -61.66 9.35 -24.68
CA MET I 292 -62.14 10.64 -24.24
C MET I 292 -61.12 11.74 -24.53
N THR I 293 -61.61 12.97 -24.59
CA THR I 293 -60.76 14.15 -24.70
C THR I 293 -60.91 14.94 -23.41
N LEU I 294 -59.80 15.13 -22.69
CA LEU I 294 -59.78 15.82 -21.41
C LEU I 294 -58.73 16.91 -21.47
N PRO I 295 -59.02 18.04 -22.13
CA PRO I 295 -58.01 19.10 -22.26
C PRO I 295 -57.70 19.80 -20.93
N HIS I 296 -58.54 19.66 -19.92
CA HIS I 296 -58.35 20.33 -18.65
C HIS I 296 -57.42 19.59 -17.71
N LEU I 297 -56.92 18.43 -18.11
CA LEU I 297 -55.99 17.69 -17.26
C LEU I 297 -54.57 17.86 -17.75
N PRO I 298 -53.60 17.92 -16.84
CA PRO I 298 -52.20 17.97 -17.26
C PRO I 298 -51.80 16.69 -17.99
N GLY I 299 -50.89 16.84 -18.95
CA GLY I 299 -50.49 15.71 -19.75
C GLY I 299 -49.03 15.33 -19.59
N LEU I 300 -48.51 14.55 -20.55
CA LEU I 300 -47.11 14.17 -20.49
C LEU I 300 -46.18 15.34 -20.70
N GLU I 301 -46.59 16.34 -21.50
CA GLU I 301 -45.76 17.51 -21.71
C GLU I 301 -45.69 18.41 -20.49
N ASP I 302 -46.63 18.27 -19.54
CA ASP I 302 -46.48 18.95 -18.26
C ASP I 302 -45.50 18.24 -17.33
N LEU I 303 -45.20 16.97 -17.60
CA LEU I 303 -44.18 16.24 -16.85
C LEU I 303 -42.87 16.16 -17.61
N GLY I 304 -42.73 16.89 -18.70
CA GLY I 304 -41.50 16.92 -19.46
C GLY I 304 -41.32 15.81 -20.46
N ILE I 305 -42.37 15.07 -20.78
CA ILE I 305 -42.29 13.94 -21.70
C ILE I 305 -42.83 14.38 -23.06
N GLN I 306 -42.06 14.14 -24.11
CA GLN I 306 -42.52 14.37 -25.46
C GLN I 306 -43.08 13.06 -26.00
N ALA I 307 -44.38 13.03 -26.29
CA ALA I 307 -45.05 11.78 -26.63
C ALA I 307 -44.48 11.18 -27.91
N THR I 308 -44.29 9.88 -27.89
CA THR I 308 -43.73 9.14 -29.02
C THR I 308 -44.84 8.74 -29.97
N PRO I 309 -44.77 9.13 -31.25
CA PRO I 309 -45.77 8.67 -32.21
C PRO I 309 -45.67 7.18 -32.47
N LEU I 310 -46.82 6.56 -32.73
CA LEU I 310 -46.88 5.13 -33.02
C LEU I 310 -46.09 4.78 -34.28
N GLU I 311 -45.95 5.73 -35.20
CA GLU I 311 -45.21 5.50 -36.43
C GLU I 311 -43.75 5.18 -36.18
N LEU I 312 -43.22 5.59 -35.03
CA LEU I 312 -41.81 5.41 -34.73
C LEU I 312 -41.52 4.12 -33.97
N LYS I 313 -42.53 3.51 -33.34
CA LYS I 313 -42.33 2.35 -32.48
C LYS I 313 -43.21 1.17 -32.84
N ALA I 314 -43.95 1.23 -33.96
CA ALA I 314 -44.85 0.13 -34.29
C ALA I 314 -44.07 -1.09 -34.77
N ILE I 315 -42.96 -0.86 -35.48
CA ILE I 315 -42.21 -1.97 -36.06
C ILE I 315 -41.58 -2.84 -34.97
N GLU I 316 -41.17 -2.23 -33.85
CA GLU I 316 -40.55 -3.01 -32.79
C GLU I 316 -41.53 -3.93 -32.10
N VAL I 317 -42.83 -3.77 -32.33
CA VAL I 317 -43.85 -4.62 -31.73
C VAL I 317 -44.34 -5.62 -32.78
N LEU I 318 -44.38 -5.20 -34.03
CA LEU I 318 -45.05 -5.96 -35.07
C LEU I 318 -44.11 -6.75 -35.98
N ARG I 319 -42.80 -6.56 -35.88
CA ARG I 319 -41.90 -7.37 -36.70
C ARG I 319 -41.98 -8.84 -36.31
N ARG I 320 -42.29 -9.12 -35.06
CA ARG I 320 -42.47 -10.51 -34.62
C ARG I 320 -43.65 -11.16 -35.31
N HIS I 321 -44.63 -10.38 -35.75
CA HIS I 321 -45.84 -10.89 -36.37
C HIS I 321 -45.73 -11.06 -37.89
N ARG I 322 -44.55 -10.82 -38.45
CA ARG I 322 -44.33 -10.97 -39.88
C ARG I 322 -43.90 -12.39 -40.21
N THR I 323 -43.99 -12.73 -41.50
CA THR I 323 -43.41 -13.97 -41.99
C THR I 323 -41.95 -13.73 -42.40
N TYR I 324 -41.25 -14.81 -42.72
CA TYR I 324 -39.84 -14.70 -43.06
C TYR I 324 -39.61 -13.82 -44.27
N ARG I 325 -40.58 -13.78 -45.18
CA ARG I 325 -40.44 -12.98 -46.40
C ARG I 325 -40.24 -11.51 -46.09
N TRP I 326 -40.96 -10.96 -45.12
CA TRP I 326 -40.97 -9.53 -44.84
C TRP I 326 -40.24 -9.18 -43.56
N LEU I 327 -39.40 -10.07 -43.05
CA LEU I 327 -38.79 -9.92 -41.75
C LEU I 327 -37.72 -8.84 -41.70
N THR I 328 -37.16 -8.45 -42.83
CA THR I 328 -36.07 -7.48 -42.87
C THR I 328 -36.50 -6.12 -43.41
N SER I 329 -37.79 -5.90 -43.61
CA SER I 329 -38.26 -4.64 -44.17
C SER I 329 -38.02 -3.49 -43.20
N GLU I 330 -37.64 -2.34 -43.74
CA GLU I 330 -37.30 -1.19 -42.93
C GLU I 330 -38.56 -0.49 -42.40
N MET I 331 -38.35 0.42 -41.47
CA MET I 331 -39.45 1.04 -40.74
C MET I 331 -40.21 2.06 -41.58
N GLU I 332 -39.51 2.85 -42.40
CA GLU I 332 -40.12 3.96 -43.13
C GLU I 332 -40.77 3.51 -44.44
N ASP I 333 -41.16 2.24 -44.55
CA ASP I 333 -41.67 1.68 -45.79
C ASP I 333 -43.18 1.49 -45.79
N VAL I 334 -43.91 2.00 -44.81
CA VAL I 334 -45.28 1.53 -44.61
C VAL I 334 -46.29 2.66 -44.73
N LYS I 335 -45.82 3.90 -44.99
CA LYS I 335 -46.74 5.00 -45.26
C LYS I 335 -47.69 5.25 -44.09
N PRO I 336 -47.27 6.06 -43.10
CA PRO I 336 -48.08 6.30 -41.90
C PRO I 336 -49.58 6.49 -42.11
N ALA I 337 -50.36 6.09 -41.13
CA ALA I 337 -51.81 6.06 -41.24
C ALA I 337 -52.39 7.48 -41.16
N LYS I 338 -53.67 7.58 -41.51
CA LYS I 338 -54.37 8.86 -41.52
C LYS I 338 -54.84 9.21 -40.12
N THR I 339 -54.52 10.43 -39.68
CA THR I 339 -54.88 10.90 -38.35
C THR I 339 -56.10 11.81 -38.42
N VAL I 340 -57.06 11.57 -37.54
CA VAL I 340 -58.18 12.47 -37.38
C VAL I 340 -57.95 13.37 -36.17
N ASN I 341 -57.11 14.38 -36.34
CA ASN I 341 -56.77 15.32 -35.29
C ASN I 341 -57.62 16.57 -35.50
N ILE I 342 -58.53 16.82 -34.57
CA ILE I 342 -59.45 17.95 -34.66
C ILE I 342 -60.29 17.87 -35.92
N PHE J 1 63.40 9.33 63.76
CA PHE J 1 62.88 8.61 62.60
C PHE J 1 62.13 7.35 63.02
N ASP J 2 61.03 7.07 62.32
CA ASP J 2 60.23 5.89 62.59
C ASP J 2 59.36 5.61 61.37
N ASN J 3 59.15 4.33 61.09
CA ASN J 3 58.31 3.91 59.98
C ASN J 3 57.36 2.81 60.42
N SER J 4 57.10 2.77 61.73
CA SER J 4 56.23 1.77 62.33
C SER J 4 54.88 2.34 62.70
N THR J 5 54.69 3.63 62.46
CA THR J 5 53.44 4.28 62.82
C THR J 5 52.71 4.87 61.63
N TYR J 6 51.44 4.52 61.51
CA TYR J 6 50.60 5.05 60.45
C TYR J 6 50.00 6.27 61.09
N ARG J 7 50.54 7.45 60.83
CA ARG J 7 50.03 8.68 61.43
C ARG J 7 48.59 9.06 61.03
N ASN J 8 48.29 8.91 59.75
CA ASN J 8 46.95 9.18 59.17
C ASN J 8 45.64 8.91 59.94
N LEU J 9 45.44 9.53 61.11
CA LEU J 9 44.23 9.30 61.90
C LEU J 9 43.27 10.49 61.92
N GLN J 10 43.54 11.48 61.08
CA GLN J 10 42.69 12.66 61.00
C GLN J 10 41.27 12.33 60.58
N HIS J 11 41.14 11.40 59.63
CA HIS J 11 39.83 11.00 59.10
C HIS J 11 38.87 10.34 60.10
N HIS J 12 39.41 9.74 61.15
CA HIS J 12 38.59 9.09 62.15
C HIS J 12 37.64 10.11 62.78
N GLU J 13 38.14 11.33 62.95
CA GLU J 13 37.38 12.41 63.57
C GLU J 13 36.62 13.26 62.55
N TYR J 14 36.37 12.71 61.36
CA TYR J 14 35.67 13.45 60.32
C TYR J 14 34.17 13.20 60.44
N SER J 15 33.38 14.27 60.39
CA SER J 15 31.94 14.20 60.53
C SER J 15 31.29 14.32 59.15
N THR J 16 29.97 14.41 59.13
CA THR J 16 29.25 14.43 57.85
C THR J 16 29.46 15.73 57.09
N TYR J 17 29.69 16.83 57.78
CA TYR J 17 29.81 18.14 57.15
C TYR J 17 31.26 18.62 57.06
N THR J 18 32.24 17.76 57.33
CA THR J 18 33.63 18.19 57.34
C THR J 18 34.06 18.70 55.98
N PHE J 19 33.71 17.98 54.92
CA PHE J 19 34.08 18.40 53.57
C PHE J 19 33.46 19.76 53.23
N LEU J 20 32.18 19.93 53.55
CA LEU J 20 31.52 21.19 53.22
C LEU J 20 32.00 22.32 54.11
N ASP J 21 32.34 22.02 55.37
CA ASP J 21 32.93 23.03 56.23
C ASP J 21 34.27 23.51 55.68
N LEU J 22 35.09 22.57 55.19
CA LEU J 22 36.35 22.96 54.57
C LEU J 22 36.11 23.77 53.31
N ASN J 23 35.07 23.43 52.55
CA ASN J 23 34.72 24.21 51.37
C ASN J 23 34.35 25.65 51.74
N VAL J 24 33.56 25.82 52.79
CA VAL J 24 33.18 27.15 53.25
C VAL J 24 34.42 27.92 53.70
N GLU J 25 35.31 27.25 54.43
CA GLU J 25 36.54 27.88 54.87
C GLU J 25 37.40 28.31 53.69
N LEU J 26 37.49 27.48 52.66
CA LEU J 26 38.31 27.78 51.49
C LEU J 26 37.68 28.82 50.58
N SER J 27 36.37 29.04 50.70
CA SER J 27 35.70 30.06 49.88
C SER J 27 36.30 31.45 50.04
N LYS J 28 37.17 31.67 51.03
CA LYS J 28 37.70 32.99 51.29
C LYS J 28 38.90 33.33 50.41
N PHE J 29 39.77 32.36 50.15
CA PHE J 29 40.98 32.56 49.39
C PHE J 29 40.77 32.53 47.88
N ARG J 30 39.56 32.21 47.42
CA ARG J 30 39.34 31.98 46.00
C ARG J 30 39.43 33.27 45.19
N MET J 31 39.95 33.14 43.99
CA MET J 31 39.96 34.22 43.02
C MET J 31 38.56 34.40 42.43
N PRO J 32 38.24 35.61 41.96
CA PRO J 32 36.89 35.84 41.42
C PRO J 32 36.60 34.94 40.23
N GLN J 33 35.43 34.31 40.26
CA GLN J 33 35.05 33.42 39.18
C GLN J 33 34.85 34.19 37.89
N PRO J 34 35.12 33.58 36.74
CA PRO J 34 34.82 34.24 35.47
C PRO J 34 33.33 34.23 35.18
N SER J 35 32.92 34.85 34.08
CA SER J 35 31.51 34.93 33.75
C SER J 35 31.33 34.75 32.25
N SER J 36 30.29 34.03 31.86
CA SER J 36 29.97 33.88 30.45
C SER J 36 29.23 35.08 29.88
N GLY J 37 28.68 35.93 30.73
CA GLY J 37 27.88 37.06 30.30
C GLY J 37 26.38 36.85 30.45
N ARG J 38 25.94 35.68 30.90
CA ARG J 38 24.54 35.40 31.13
C ARG J 38 24.33 34.95 32.56
N GLN J 39 23.07 35.01 33.00
CA GLN J 39 22.67 34.42 34.26
C GLN J 39 22.53 32.91 34.15
N SER J 40 22.28 32.41 32.96
CA SER J 40 22.01 30.99 32.70
C SER J 40 22.02 30.79 31.20
N PRO J 41 22.19 29.54 30.73
CA PRO J 41 22.01 29.28 29.30
C PRO J 41 20.59 29.55 28.81
N ARG J 42 19.63 29.70 29.70
CA ARG J 42 18.25 30.02 29.34
C ARG J 42 17.90 31.45 29.69
N HIS J 43 18.84 32.36 29.52
CA HIS J 43 18.61 33.78 29.81
C HIS J 43 18.96 34.66 28.61
N GLN K 1 10.67 10.21 -46.18
CA GLN K 1 9.94 11.41 -46.59
C GLN K 1 9.34 12.13 -45.37
N LEU K 2 9.51 13.44 -45.32
CA LEU K 2 9.05 14.27 -44.21
C LEU K 2 8.12 15.36 -44.74
N ILE K 3 7.09 15.68 -43.97
CA ILE K 3 6.00 16.53 -44.45
C ILE K 3 5.90 17.86 -43.73
N ALA K 4 6.66 18.08 -42.66
CA ALA K 4 6.74 19.37 -41.98
C ALA K 4 5.37 19.84 -41.48
N VAL K 5 4.84 19.07 -40.53
CA VAL K 5 3.64 19.48 -39.82
C VAL K 5 3.97 20.64 -38.89
N ASP K 6 3.07 21.63 -38.83
CA ASP K 6 3.36 22.89 -38.16
C ASP K 6 2.63 23.06 -36.84
N GLU K 7 1.69 22.20 -36.50
CA GLU K 7 0.76 22.46 -35.41
C GLU K 7 1.23 21.80 -34.11
N LYS K 8 0.65 22.26 -33.00
CA LYS K 8 0.88 21.67 -31.70
C LYS K 8 0.33 20.24 -31.63
N LEU K 9 1.00 19.39 -30.86
CA LEU K 9 0.60 18.00 -30.71
C LEU K 9 -0.71 17.88 -29.94
N ASP K 10 -1.59 17.00 -30.41
CA ASP K 10 -2.94 16.88 -29.86
C ASP K 10 -3.48 15.51 -30.24
N ILE K 11 -3.69 14.65 -29.24
CA ILE K 11 -4.07 13.27 -29.50
C ILE K 11 -5.39 12.90 -28.84
N THR K 12 -6.18 13.88 -28.43
CA THR K 12 -7.39 13.60 -27.65
C THR K 12 -8.38 12.74 -28.45
N THR K 13 -8.53 13.03 -29.74
CA THR K 13 -9.51 12.30 -30.55
C THR K 13 -9.10 10.86 -30.80
N LEU K 14 -7.88 10.47 -30.47
CA LEU K 14 -7.43 9.10 -30.64
C LEU K 14 -7.42 8.29 -29.36
N THR K 15 -7.41 8.94 -28.20
CA THR K 15 -7.27 8.22 -26.94
C THR K 15 -8.55 7.51 -26.52
N GLY K 16 -9.71 7.96 -26.99
CA GLY K 16 -10.96 7.32 -26.61
C GLY K 16 -11.50 7.71 -25.27
N VAL K 17 -10.92 8.72 -24.63
CA VAL K 17 -11.45 9.24 -23.37
C VAL K 17 -12.73 10.02 -23.65
N PRO K 18 -13.82 9.77 -22.91
CA PRO K 18 -15.01 10.60 -23.09
C PRO K 18 -14.70 12.05 -22.80
N GLU K 19 -15.35 12.93 -23.57
CA GLU K 19 -15.00 14.35 -23.51
C GLU K 19 -15.20 14.95 -22.12
N GLU K 20 -16.16 14.43 -21.35
CA GLU K 20 -16.35 14.88 -19.97
C GLU K 20 -15.07 14.75 -19.16
N HIS K 21 -14.33 13.67 -19.36
CA HIS K 21 -13.09 13.44 -18.63
C HIS K 21 -11.88 14.03 -19.33
N ILE K 22 -12.08 14.90 -20.31
CA ILE K 22 -10.99 15.63 -20.93
C ILE K 22 -11.06 17.13 -20.60
N LYS K 23 -12.27 17.68 -20.55
CA LYS K 23 -12.45 19.13 -20.41
C LYS K 23 -12.65 19.57 -18.97
N THR K 24 -13.35 18.78 -18.15
CA THR K 24 -13.67 19.19 -16.79
C THR K 24 -12.66 18.68 -15.77
N ARG K 25 -11.57 18.06 -16.21
CA ARG K 25 -10.58 17.50 -15.31
C ARG K 25 -9.44 18.48 -15.08
N LYS K 26 -8.87 18.42 -13.89
CA LYS K 26 -7.66 19.16 -13.56
C LYS K 26 -6.65 18.19 -12.99
N VAL K 27 -5.46 18.16 -13.57
CA VAL K 27 -4.40 17.32 -13.04
C VAL K 27 -3.46 18.17 -12.21
N ARG K 28 -2.80 17.51 -11.28
CA ARG K 28 -1.77 18.10 -10.44
C ARG K 28 -0.45 17.44 -10.78
N ILE K 29 0.54 18.26 -11.10
CA ILE K 29 1.91 17.81 -11.38
C ILE K 29 2.77 18.30 -10.24
N PHE K 30 3.39 17.37 -9.52
CA PHE K 30 4.05 17.72 -8.27
C PHE K 30 5.02 16.63 -7.90
N VAL K 31 6.00 16.98 -7.07
CA VAL K 31 6.83 16.01 -6.38
C VAL K 31 6.18 15.75 -5.02
N PRO K 32 5.76 14.52 -4.71
CA PRO K 32 5.05 14.28 -3.45
C PRO K 32 5.90 14.63 -2.24
N ALA K 33 5.23 15.14 -1.22
CA ALA K 33 5.91 15.48 0.03
C ALA K 33 6.39 14.22 0.73
N ARG K 34 7.50 14.35 1.45
CA ARG K 34 7.97 13.26 2.28
C ARG K 34 6.96 12.98 3.38
N ASN K 35 6.67 11.70 3.60
CA ASN K 35 5.83 11.32 4.73
C ASN K 35 6.54 11.66 6.03
N ASN K 36 5.91 12.53 6.82
CA ASN K 36 6.51 13.03 8.05
C ASN K 36 6.68 11.94 9.12
N MET K 37 6.05 10.78 8.96
CA MET K 37 6.23 9.71 9.93
C MET K 37 7.55 8.98 9.75
N GLN K 38 8.28 9.25 8.67
CA GLN K 38 9.54 8.58 8.37
C GLN K 38 10.58 9.57 7.86
N SER K 39 11.84 9.12 7.86
CA SER K 39 12.95 9.95 7.44
C SER K 39 13.46 9.63 6.04
N GLY K 40 13.11 8.47 5.49
CA GLY K 40 13.54 8.15 4.14
C GLY K 40 13.01 9.16 3.14
N VAL K 41 13.80 9.42 2.10
CA VAL K 41 13.46 10.40 1.08
C VAL K 41 13.29 9.77 -0.29
N ASN K 42 13.29 8.43 -0.36
CA ASN K 42 13.25 7.76 -1.66
C ASN K 42 11.93 7.94 -2.39
N ASN K 43 10.87 8.34 -1.71
CA ASN K 43 9.59 8.60 -2.35
C ASN K 43 9.44 10.04 -2.80
N THR K 44 10.51 10.83 -2.77
CA THR K 44 10.48 12.23 -3.17
C THR K 44 11.46 12.50 -4.31
N LYS K 45 11.60 11.55 -5.22
CA LYS K 45 12.57 11.64 -6.30
C LYS K 45 11.95 11.91 -7.66
N LYS K 46 10.73 11.42 -7.91
CA LYS K 46 10.11 11.50 -9.21
C LYS K 46 8.89 12.41 -9.17
N TRP K 47 8.51 12.92 -10.32
CA TRP K 47 7.32 13.74 -10.45
C TRP K 47 6.09 12.87 -10.63
N LYS K 48 4.97 13.36 -10.13
CA LYS K 48 3.70 12.65 -10.16
C LYS K 48 2.64 13.51 -10.82
N MET K 49 1.78 12.87 -11.60
CA MET K 49 0.58 13.48 -12.15
C MET K 49 -0.61 12.72 -11.59
N GLU K 50 -1.55 13.45 -10.99
CA GLU K 50 -2.76 12.83 -10.44
C GLU K 50 -3.96 13.74 -10.65
N PHE K 51 -5.14 13.13 -10.73
CA PHE K 51 -6.36 13.86 -11.07
C PHE K 51 -7.06 14.38 -9.83
N ASP K 52 -8.03 15.27 -10.05
CA ASP K 52 -8.78 15.87 -8.97
C ASP K 52 -9.73 14.86 -8.33
N THR K 53 -9.95 15.03 -7.03
CA THR K 53 -10.80 14.10 -6.28
C THR K 53 -12.27 14.35 -6.59
N ARG K 54 -12.99 13.29 -6.90
CA ARG K 54 -14.41 13.37 -7.21
C ARG K 54 -15.23 12.76 -6.07
N GLU K 55 -16.54 12.71 -6.27
CA GLU K 55 -17.44 12.28 -5.22
C GLU K 55 -17.30 10.80 -4.91
N ARG K 56 -17.28 10.47 -3.63
CA ARG K 56 -17.38 9.11 -3.13
C ARG K 56 -18.58 9.02 -2.20
N TRP K 57 -19.37 7.97 -2.33
CA TRP K 57 -20.55 7.83 -1.49
C TRP K 57 -20.58 6.45 -0.86
N GLU K 58 -21.65 6.19 -0.11
CA GLU K 58 -21.76 4.97 0.66
C GLU K 58 -22.71 4.00 -0.04
N ASN K 59 -22.26 2.77 -0.22
CA ASN K 59 -23.08 1.74 -0.84
C ASN K 59 -24.24 1.38 0.08
N PRO K 60 -25.48 1.38 -0.41
CA PRO K 60 -26.61 1.04 0.47
C PRO K 60 -26.48 -0.34 1.09
N LEU K 61 -25.98 -1.31 0.34
CA LEU K 61 -25.64 -2.62 0.88
C LEU K 61 -24.19 -2.62 1.32
N MET K 62 -23.94 -3.13 2.52
CA MET K 62 -22.59 -3.35 3.04
C MET K 62 -21.87 -2.05 3.40
N GLY K 63 -22.39 -0.91 2.96
CA GLY K 63 -21.76 0.36 3.26
C GLY K 63 -20.37 0.54 2.70
N TRP K 64 -20.07 -0.03 1.54
CA TRP K 64 -18.77 0.17 0.92
C TRP K 64 -18.67 1.57 0.33
N SER K 65 -17.46 1.93 -0.10
CA SER K 65 -17.20 3.23 -0.69
C SER K 65 -17.33 3.13 -2.20
N SER K 66 -18.33 3.80 -2.76
CA SER K 66 -18.65 3.77 -4.17
C SER K 66 -18.15 5.04 -4.85
N THR K 67 -17.75 4.90 -6.11
CA THR K 67 -17.34 6.03 -6.92
C THR K 67 -17.90 5.88 -8.32
N ALA K 68 -18.00 7.01 -9.02
CA ALA K 68 -18.31 7.03 -10.44
C ALA K 68 -17.21 7.69 -11.23
N ASP K 69 -16.03 7.87 -10.63
CA ASP K 69 -14.92 8.54 -11.27
C ASP K 69 -13.95 7.50 -11.80
N PRO K 70 -13.79 7.36 -13.12
CA PRO K 70 -12.89 6.33 -13.65
C PRO K 70 -11.41 6.66 -13.49
N LEU K 71 -11.06 7.93 -13.25
CA LEU K 71 -9.67 8.33 -13.10
C LEU K 71 -9.29 8.55 -11.63
N SER K 72 -10.06 8.01 -10.69
CA SER K 72 -9.81 8.27 -9.28
C SER K 72 -8.57 7.57 -8.76
N ASN K 73 -8.00 6.64 -9.52
CA ASN K 73 -6.85 5.86 -9.07
C ASN K 73 -5.61 6.07 -9.91
N LEU K 74 -5.70 6.86 -10.97
CA LEU K 74 -4.63 6.94 -11.95
C LEU K 74 -3.54 7.88 -11.47
N VAL K 75 -2.31 7.38 -11.41
CA VAL K 75 -1.15 8.15 -11.00
C VAL K 75 -0.05 7.89 -12.02
N LEU K 76 0.55 8.95 -12.55
CA LEU K 76 1.59 8.81 -13.54
C LEU K 76 2.91 9.32 -12.97
N THR K 77 4.00 8.65 -13.35
CA THR K 77 5.33 8.95 -12.85
C THR K 77 6.20 9.48 -13.98
N PHE K 78 6.88 10.60 -13.73
CA PHE K 78 7.70 11.25 -14.72
C PHE K 78 9.07 11.59 -14.14
N SER K 79 10.06 11.61 -15.03
CA SER K 79 11.42 11.96 -14.63
C SER K 79 11.53 13.43 -14.28
N THR K 80 10.98 14.30 -15.12
CA THR K 80 11.09 15.73 -14.95
C THR K 80 9.72 16.37 -15.11
N LYS K 81 9.60 17.59 -14.59
CA LYS K 81 8.35 18.33 -14.70
C LYS K 81 8.01 18.66 -16.16
N GLU K 82 9.02 18.85 -17.00
CA GLU K 82 8.76 19.13 -18.40
C GLU K 82 8.06 17.97 -19.09
N ASP K 83 8.47 16.74 -18.79
CA ASP K 83 7.82 15.57 -19.36
C ASP K 83 6.37 15.48 -18.92
N ALA K 84 6.10 15.74 -17.65
CA ALA K 84 4.73 15.70 -17.15
C ALA K 84 3.87 16.76 -17.84
N VAL K 85 4.41 17.97 -17.98
CA VAL K 85 3.68 19.05 -18.64
C VAL K 85 3.41 18.70 -20.09
N ALA K 86 4.40 18.14 -20.78
CA ALA K 86 4.20 17.77 -22.18
C ALA K 86 3.13 16.69 -22.33
N PHE K 87 3.14 15.71 -21.43
CA PHE K 87 2.12 14.66 -21.47
C PHE K 87 0.73 15.24 -21.24
N ALA K 88 0.58 16.09 -20.22
CA ALA K 88 -0.72 16.68 -19.94
C ALA K 88 -1.18 17.55 -21.10
N GLU K 89 -0.27 18.31 -21.71
CA GLU K 89 -0.64 19.19 -22.81
C GLU K 89 -1.08 18.39 -24.02
N LYS K 90 -0.35 17.33 -24.38
CA LYS K 90 -0.73 16.55 -25.55
C LYS K 90 -1.97 15.72 -25.30
N ASN K 91 -2.30 15.42 -24.03
CA ASN K 91 -3.54 14.73 -23.73
C ASN K 91 -4.71 15.68 -23.49
N GLY K 92 -4.47 16.98 -23.47
CA GLY K 92 -5.55 17.94 -23.37
C GLY K 92 -6.11 18.18 -21.98
N TRP K 93 -5.33 17.94 -20.94
CA TRP K 93 -5.78 18.16 -19.57
C TRP K 93 -5.26 19.49 -19.04
N SER K 94 -6.15 20.25 -18.41
CA SER K 94 -5.72 21.40 -17.64
C SER K 94 -4.87 20.93 -16.47
N PHE K 95 -3.76 21.61 -16.21
CA PHE K 95 -2.84 21.17 -15.18
C PHE K 95 -2.47 22.31 -14.26
N ASP K 96 -2.09 21.94 -13.03
CA ASP K 96 -1.46 22.84 -12.07
C ASP K 96 -0.11 22.23 -11.69
N VAL K 97 0.95 22.99 -11.85
CA VAL K 97 2.30 22.54 -11.53
C VAL K 97 2.76 23.21 -10.24
N GLU K 98 3.50 22.44 -9.44
CA GLU K 98 4.09 22.96 -8.21
C GLU K 98 5.60 22.70 -8.26
N GLU K 99 6.38 23.74 -7.99
CA GLU K 99 7.83 23.60 -8.00
C GLU K 99 8.30 22.67 -6.88
N ARG K 100 9.35 21.91 -7.17
CA ARG K 100 9.87 20.95 -6.21
C ARG K 100 10.41 21.67 -4.98
N LYS K 101 10.03 21.19 -3.80
CA LYS K 101 10.50 21.74 -2.54
C LYS K 101 11.58 20.83 -1.97
N VAL K 102 12.76 21.37 -1.76
CA VAL K 102 13.87 20.60 -1.21
C VAL K 102 14.18 21.15 0.18
N PRO K 103 14.63 20.31 1.11
CA PRO K 103 15.08 20.84 2.42
C PRO K 103 16.35 21.66 2.27
N LYS K 104 16.39 22.79 2.94
CA LYS K 104 17.53 23.68 2.83
C LYS K 104 18.73 23.10 3.58
N PRO K 105 19.95 23.38 3.12
CA PRO K 105 21.13 22.87 3.83
C PRO K 105 21.27 23.52 5.20
N LYS K 106 21.44 22.69 6.21
CA LYS K 106 21.50 23.14 7.59
C LYS K 106 22.90 22.95 8.14
N SER K 107 23.35 23.93 8.93
CA SER K 107 24.67 23.89 9.54
C SER K 107 24.57 23.16 10.88
N LYS K 108 25.08 21.95 10.93
CA LYS K 108 25.08 21.14 12.15
C LYS K 108 26.45 21.21 12.81
N SER K 109 26.45 21.15 14.14
CA SER K 109 27.69 21.21 14.90
C SER K 109 27.45 20.54 16.24
N TYR K 110 28.08 19.38 16.47
CA TYR K 110 27.90 18.69 17.74
C TYR K 110 28.43 19.51 18.91
N GLY K 111 29.60 20.12 18.75
CA GLY K 111 30.21 20.90 19.82
C GLY K 111 29.38 22.07 20.29
N ALA K 112 28.50 22.59 19.44
CA ALA K 112 27.60 23.66 19.85
C ALA K 112 26.72 23.25 21.02
N ASN K 113 26.51 21.94 21.24
CA ASN K 113 25.74 21.48 22.37
C ASN K 113 26.36 21.87 23.70
N PHE K 114 27.64 22.24 23.72
CA PHE K 114 28.35 22.53 24.96
C PHE K 114 28.94 23.92 24.92
N SER K 115 28.16 24.90 24.48
CA SER K 115 28.68 26.25 24.30
C SER K 115 29.06 26.86 25.64
N TRP K 116 30.17 27.59 25.65
CA TRP K 116 30.60 28.27 26.86
C TRP K 116 29.64 29.39 27.29
N ASN K 117 29.21 30.20 26.32
CA ASN K 117 28.30 31.31 26.61
C ASN K 117 27.03 31.35 25.76
N LYS K 118 26.93 30.46 24.77
CA LYS K 118 25.77 30.43 23.89
C LYS K 118 24.53 29.76 24.45
N ARG K 119 23.38 30.10 23.88
CA ARG K 119 22.08 29.53 24.26
C ARG K 119 21.87 28.08 23.79
N THR K 120 22.69 27.67 22.81
CA THR K 120 22.63 26.34 22.21
C THR K 120 22.97 25.16 23.12
N ARG K 121 23.63 25.41 24.24
CA ARG K 121 24.02 24.38 25.17
C ARG K 121 22.80 23.56 25.60
N VAL K 122 22.97 22.23 25.57
CA VAL K 122 21.92 21.29 25.92
C VAL K 122 21.83 21.17 27.44
N SER K 123 20.60 21.19 27.95
CA SER K 123 20.36 20.97 29.36
C SER K 123 20.37 19.51 29.74
N THR K 124 20.39 18.63 28.74
CA THR K 124 20.40 17.20 28.97
C THR K 124 20.92 16.48 27.72
N LYS K 125 21.36 15.24 27.90
CA LYS K 125 21.88 14.45 26.79
C LYS K 125 21.87 12.96 27.11
N SER L 1 36.75 28.45 -3.13
CA SER L 1 36.87 29.40 -2.03
C SER L 1 37.25 28.68 -0.75
N ASN L 2 36.35 28.73 0.23
CA ASN L 2 36.52 27.99 1.47
C ASN L 2 36.06 26.54 1.35
N LEU L 3 35.53 26.15 0.20
CA LEU L 3 35.08 24.78 0.02
C LEU L 3 36.26 23.82 0.05
N ILE L 4 36.03 22.64 0.60
CA ILE L 4 37.03 21.58 0.62
C ILE L 4 36.49 20.40 -0.18
N GLU L 5 37.41 19.66 -0.79
CA GLU L 5 37.03 18.53 -1.61
C GLU L 5 37.15 17.22 -0.84
N VAL L 6 36.07 16.45 -0.84
CA VAL L 6 35.99 15.16 -0.18
C VAL L 6 35.39 14.17 -1.17
N PHE L 7 35.60 12.89 -0.93
CA PHE L 7 35.06 11.88 -1.83
C PHE L 7 34.08 10.92 -1.17
N VAL L 8 32.94 10.73 -1.81
CA VAL L 8 31.96 9.78 -1.32
C VAL L 8 32.05 8.67 -2.35
N ASP L 9 32.50 7.50 -1.91
CA ASP L 9 32.67 6.32 -2.79
C ASP L 9 33.56 6.62 -4.00
N GLY L 10 34.63 7.38 -3.81
CA GLY L 10 35.54 7.73 -4.89
C GLY L 10 35.07 8.85 -5.79
N GLN L 11 33.97 9.52 -5.42
CA GLN L 11 33.45 10.62 -6.24
C GLN L 11 33.63 11.96 -5.54
N SER L 12 34.27 12.90 -6.24
CA SER L 12 34.54 14.22 -5.71
C SER L 12 33.34 15.13 -5.50
N VAL L 13 33.35 15.87 -4.39
CA VAL L 13 32.30 16.83 -4.08
C VAL L 13 32.91 17.97 -3.26
N MET L 14 32.36 19.16 -3.36
CA MET L 14 32.88 20.31 -2.62
C MET L 14 31.91 20.64 -1.49
N VAL L 15 32.44 20.74 -0.27
CA VAL L 15 31.58 20.98 0.88
C VAL L 15 32.16 22.11 1.71
N GLU L 16 31.27 22.76 2.47
CA GLU L 16 31.60 23.82 3.38
C GLU L 16 32.33 23.25 4.58
N PRO L 17 33.23 24.04 5.19
CA PRO L 17 33.94 23.53 6.36
C PRO L 17 32.95 23.24 7.49
N GLY L 18 33.18 22.16 8.22
CA GLY L 18 32.32 21.78 9.32
C GLY L 18 31.12 20.93 8.93
N THR L 19 31.01 20.61 7.65
CA THR L 19 29.92 19.75 7.17
C THR L 19 30.15 18.33 7.67
N THR L 20 29.11 17.68 8.16
CA THR L 20 29.21 16.31 8.67
C THR L 20 29.28 15.30 7.54
N VAL L 21 29.77 14.10 7.84
CA VAL L 21 29.86 13.07 6.80
C VAL L 21 28.48 12.77 6.21
N LEU L 22 27.44 12.80 7.04
CA LEU L 22 26.10 12.50 6.57
C LEU L 22 25.66 13.49 5.50
N GLN L 23 25.91 14.78 5.72
CA GLN L 23 25.51 15.79 4.74
C GLN L 23 26.30 15.67 3.44
N ALA L 24 27.58 15.32 3.52
CA ALA L 24 28.37 15.10 2.31
C ALA L 24 27.84 13.93 1.51
N CYS L 25 27.50 12.83 2.19
CA CYS L 25 26.88 11.71 1.48
C CYS L 25 25.54 12.10 0.89
N GLU L 26 24.82 12.99 1.56
CA GLU L 26 23.55 13.49 1.03
C GLU L 26 23.76 14.36 -0.20
N LYS L 27 24.92 15.01 -0.33
CA LYS L 27 25.16 15.84 -1.51
C LYS L 27 25.15 15.04 -2.79
N VAL L 28 25.60 13.78 -2.75
CA VAL L 28 25.62 12.95 -3.95
C VAL L 28 24.34 12.13 -4.04
N GLY L 29 23.41 12.38 -3.13
CA GLY L 29 22.13 11.70 -3.16
C GLY L 29 22.07 10.35 -2.47
N MET L 30 22.97 10.08 -1.52
CA MET L 30 22.93 8.87 -0.74
C MET L 30 22.46 9.20 0.67
N GLN L 31 21.51 8.40 1.18
CA GLN L 31 20.96 8.62 2.50
C GLN L 31 21.54 7.60 3.47
N ILE L 32 22.23 8.09 4.49
CA ILE L 32 22.83 7.25 5.53
C ILE L 32 21.72 6.82 6.50
N PRO L 33 21.62 5.54 6.85
CA PRO L 33 20.62 5.13 7.84
C PRO L 33 20.80 5.85 9.17
N ARG L 34 19.69 6.16 9.82
CA ARG L 34 19.70 6.97 11.02
C ARG L 34 18.55 6.57 11.91
N PHE L 35 18.71 6.79 13.18
CA PHE L 35 17.55 6.75 14.08
C PHE L 35 17.46 7.97 14.98
N CYS L 36 18.59 8.46 15.47
CA CYS L 36 18.61 9.55 16.43
C CYS L 36 18.89 10.91 15.80
N TYR L 37 19.46 10.94 14.60
CA TYR L 37 19.76 12.22 13.97
C TYR L 37 18.50 12.78 13.33
N HIS L 38 18.21 14.03 13.65
CA HIS L 38 17.18 14.79 12.96
C HIS L 38 17.79 16.13 12.60
N GLU L 39 17.64 16.55 11.35
CA GLU L 39 18.33 17.74 10.89
C GLU L 39 17.82 19.02 11.52
N ARG L 40 16.69 18.97 12.23
CA ARG L 40 16.15 20.12 12.94
C ARG L 40 16.35 20.05 14.44
N LEU L 41 16.98 19.00 14.95
CA LEU L 41 17.30 18.87 16.36
C LEU L 41 18.81 18.94 16.53
N SER L 42 19.27 19.06 17.77
CA SER L 42 20.70 19.08 18.03
C SER L 42 21.25 17.67 17.84
N VAL L 43 22.48 17.53 17.36
CA VAL L 43 23.07 16.21 17.13
C VAL L 43 23.24 15.45 18.43
N ALA L 44 22.88 14.17 18.43
CA ALA L 44 23.00 13.34 19.63
C ALA L 44 24.13 12.31 19.53
N GLY L 45 24.12 11.53 18.46
CA GLY L 45 25.12 10.52 18.21
C GLY L 45 24.94 9.21 18.95
N ASN L 46 23.87 9.09 19.73
CA ASN L 46 23.57 7.87 20.51
C ASN L 46 23.14 6.54 19.83
N CYS L 47 22.32 6.60 18.79
CA CYS L 47 21.83 5.36 18.16
C CYS L 47 22.91 4.49 17.56
N ARG L 48 23.89 5.14 16.93
CA ARG L 48 25.03 4.47 16.32
C ARG L 48 24.69 3.77 15.01
N MET L 49 23.53 4.06 14.42
CA MET L 49 23.16 3.44 13.14
C MET L 49 23.88 4.05 11.95
N CYS L 50 24.41 5.26 12.10
CA CYS L 50 25.02 5.98 10.98
C CYS L 50 26.51 5.72 10.83
N LEU L 51 27.05 4.68 11.47
CA LEU L 51 28.50 4.45 11.43
C LEU L 51 28.95 4.06 10.03
N VAL L 52 29.98 4.74 9.53
CA VAL L 52 30.51 4.51 8.19
C VAL L 52 32.03 4.41 8.25
N GLU L 53 32.58 3.79 7.22
CA GLU L 53 34.02 3.60 7.11
C GLU L 53 34.64 4.69 6.26
N ILE L 54 35.70 5.30 6.77
CA ILE L 54 36.52 6.24 6.02
C ILE L 54 37.75 5.48 5.53
N GLU L 55 38.09 5.66 4.25
CA GLU L 55 39.20 4.95 3.65
C GLU L 55 40.50 5.24 4.39
N LYS L 56 41.28 4.17 4.64
CA LYS L 56 42.53 4.24 5.38
C LYS L 56 42.33 4.66 6.83
N ALA L 57 41.20 4.30 7.42
CA ALA L 57 40.93 4.54 8.83
C ALA L 57 40.39 3.26 9.44
N PRO L 58 40.95 2.78 10.56
CA PRO L 58 40.50 1.50 11.11
C PRO L 58 39.15 1.59 11.82
N LYS L 59 38.79 2.75 12.33
CA LYS L 59 37.59 2.92 13.14
C LYS L 59 36.49 3.59 12.32
N VAL L 60 35.30 3.01 12.36
CA VAL L 60 34.15 3.66 11.72
C VAL L 60 33.77 4.90 12.53
N VAL L 61 33.33 5.93 11.83
CA VAL L 61 32.95 7.18 12.46
C VAL L 61 31.44 7.31 12.40
N ALA L 62 30.89 8.16 13.27
CA ALA L 62 29.46 8.47 13.25
C ALA L 62 29.24 9.60 12.24
N ALA L 63 28.53 9.27 11.16
CA ALA L 63 28.40 10.22 10.04
C ALA L 63 27.59 11.44 10.42
N CYS L 64 26.66 11.32 11.36
CA CYS L 64 25.79 12.42 11.71
C CYS L 64 26.48 13.50 12.53
N ALA L 65 27.58 13.17 13.19
CA ALA L 65 28.28 14.12 14.04
C ALA L 65 29.67 14.50 13.55
N MET L 66 30.35 13.60 12.85
CA MET L 66 31.72 13.87 12.42
C MET L 66 31.82 14.80 11.21
N PRO L 67 32.58 15.89 11.38
CA PRO L 67 32.80 16.84 10.27
C PRO L 67 33.74 16.22 9.25
N VAL L 68 33.47 16.42 7.97
CA VAL L 68 34.32 15.87 6.93
C VAL L 68 35.67 16.56 6.96
N MET L 69 36.72 15.80 6.66
CA MET L 69 38.07 16.34 6.63
C MET L 69 38.49 16.38 5.17
N LYS L 70 39.28 17.37 4.79
CA LYS L 70 39.68 17.49 3.40
C LYS L 70 40.44 16.26 2.93
N GLY L 71 40.07 15.77 1.75
CA GLY L 71 40.69 14.61 1.15
C GLY L 71 40.16 13.27 1.61
N TRP L 72 39.16 13.28 2.48
CA TRP L 72 38.57 12.05 2.99
C TRP L 72 37.78 11.32 1.92
N ASN L 73 37.74 10.00 2.04
CA ASN L 73 36.98 9.17 1.10
C ASN L 73 36.01 8.32 1.92
N ILE L 74 34.76 8.77 2.00
CA ILE L 74 33.72 7.97 2.64
C ILE L 74 33.49 6.71 1.81
N LEU L 75 33.07 5.64 2.47
CA LEU L 75 32.76 4.38 1.80
C LEU L 75 31.47 3.87 2.44
N THR L 76 30.34 4.21 1.82
CA THR L 76 29.03 3.96 2.40
C THR L 76 28.55 2.53 2.21
N ASN L 77 29.18 1.76 1.33
CA ASN L 77 28.72 0.42 1.01
C ASN L 77 29.81 -0.63 1.19
N SER L 78 30.83 -0.32 1.97
CA SER L 78 31.89 -1.29 2.20
C SER L 78 31.41 -2.37 3.18
N GLU L 79 32.18 -3.45 3.26
CA GLU L 79 31.83 -4.54 4.17
C GLU L 79 31.78 -4.05 5.61
N LYS L 80 32.70 -3.16 5.99
CA LYS L 80 32.74 -2.65 7.35
C LYS L 80 31.46 -1.88 7.69
N SER L 81 31.01 -1.01 6.77
CA SER L 81 29.79 -0.25 7.00
C SER L 81 28.57 -1.18 7.11
N LYS L 82 28.48 -2.16 6.23
CA LYS L 82 27.36 -3.07 6.24
C LYS L 82 27.31 -3.89 7.52
N LYS L 83 28.47 -4.39 7.96
CA LYS L 83 28.51 -5.14 9.20
C LYS L 83 28.20 -4.26 10.41
N ALA L 84 28.62 -3.00 10.39
CA ALA L 84 28.25 -2.09 11.46
C ALA L 84 26.74 -1.92 11.52
N ARG L 85 26.10 -1.69 10.37
CA ARG L 85 24.65 -1.53 10.35
C ARG L 85 23.95 -2.79 10.83
N GLU L 86 24.42 -3.96 10.40
CA GLU L 86 23.81 -5.21 10.82
C GLU L 86 23.93 -5.40 12.34
N GLY L 87 25.10 -5.14 12.91
CA GLY L 87 25.25 -5.26 14.35
C GLY L 87 24.38 -4.30 15.13
N VAL L 88 24.28 -3.06 14.65
CA VAL L 88 23.49 -2.06 15.37
C VAL L 88 22.00 -2.38 15.28
N MET L 89 21.53 -2.83 14.11
CA MET L 89 20.16 -3.32 14.01
C MET L 89 19.92 -4.51 14.94
N GLU L 90 20.90 -5.40 15.07
CA GLU L 90 20.73 -6.55 15.95
C GLU L 90 20.56 -6.11 17.40
N PHE L 91 21.40 -5.18 17.85
CA PHE L 91 21.27 -4.67 19.22
C PHE L 91 19.97 -3.91 19.41
N LEU L 92 19.51 -3.19 18.38
CA LEU L 92 18.24 -2.48 18.47
C LEU L 92 17.06 -3.43 18.58
N LEU L 93 17.09 -4.54 17.86
CA LEU L 93 15.96 -5.45 17.83
C LEU L 93 16.00 -6.48 18.95
N ALA L 94 17.11 -6.58 19.69
CA ALA L 94 17.22 -7.58 20.75
C ALA L 94 16.07 -7.50 21.75
N ASN L 95 15.79 -6.31 22.27
CA ASN L 95 14.77 -6.14 23.30
C ASN L 95 13.46 -5.59 22.77
N HIS L 96 13.35 -5.35 21.47
CA HIS L 96 12.14 -4.80 20.90
C HIS L 96 10.98 -5.81 20.99
N PRO L 97 9.77 -5.35 21.28
CA PRO L 97 8.64 -6.27 21.42
C PRO L 97 8.05 -6.66 20.07
N LEU L 98 7.51 -7.87 20.01
CA LEU L 98 6.90 -8.41 18.80
C LEU L 98 5.50 -7.81 18.64
N ASP L 99 5.47 -6.52 18.33
CA ASP L 99 4.25 -5.73 18.40
C ASP L 99 3.75 -5.22 17.06
N CYS L 100 4.39 -5.58 15.94
CA CYS L 100 4.03 -4.99 14.66
C CYS L 100 2.56 -5.14 14.28
N PRO L 101 1.91 -6.30 14.44
CA PRO L 101 0.48 -6.36 14.10
C PRO L 101 -0.41 -5.47 14.94
N ILE L 102 -0.02 -5.12 16.17
CA ILE L 102 -0.83 -4.26 17.01
C ILE L 102 -0.27 -2.85 17.11
N CYS L 103 0.88 -2.59 16.51
CA CYS L 103 1.52 -1.28 16.57
C CYS L 103 0.97 -0.39 15.47
N ASP L 104 0.66 0.86 15.83
CA ASP L 104 0.17 1.81 14.83
C ASP L 104 1.27 2.23 13.86
N GLN L 105 2.53 2.09 14.25
CA GLN L 105 3.64 2.41 13.36
C GLN L 105 3.79 1.41 12.22
N GLY L 106 3.02 0.33 12.25
CA GLY L 106 3.22 -0.84 11.41
C GLY L 106 3.81 -0.64 10.03
N GLY L 107 3.09 -0.01 9.11
CA GLY L 107 3.62 0.19 7.78
C GLY L 107 4.42 1.45 7.59
N GLU L 108 4.63 2.24 8.64
CA GLU L 108 5.33 3.51 8.59
C GLU L 108 6.53 3.53 9.53
N CYS L 109 7.11 2.37 9.80
CA CYS L 109 8.12 2.26 10.84
C CYS L 109 9.51 2.38 10.24
N ASP L 110 10.27 3.37 10.70
CA ASP L 110 11.67 3.47 10.28
C ASP L 110 12.46 2.26 10.75
N LEU L 111 12.14 1.74 11.94
CA LEU L 111 12.83 0.56 12.43
C LEU L 111 12.59 -0.64 11.53
N GLN L 112 11.33 -0.87 11.16
CA GLN L 112 10.97 -1.96 10.25
C GLN L 112 11.68 -1.80 8.90
N ASP L 113 11.63 -0.60 8.33
CA ASP L 113 12.16 -0.40 6.99
C ASP L 113 13.67 -0.53 6.97
N GLN L 114 14.34 0.02 7.97
CA GLN L 114 15.78 -0.10 8.02
C GLN L 114 16.23 -1.50 8.41
N SER L 115 15.43 -2.24 9.17
CA SER L 115 15.69 -3.66 9.36
C SER L 115 15.62 -4.42 8.04
N MET L 116 14.61 -4.11 7.22
CA MET L 116 14.47 -4.79 5.94
C MET L 116 15.60 -4.41 4.99
N MET L 117 16.08 -3.16 5.05
CA MET L 117 17.02 -2.66 4.06
C MET L 117 18.48 -2.87 4.43
N PHE L 118 18.85 -2.74 5.71
CA PHE L 118 20.24 -2.75 6.12
C PHE L 118 20.58 -3.81 7.15
N GLY L 119 19.59 -4.40 7.83
CA GLY L 119 19.85 -5.39 8.85
C GLY L 119 19.86 -6.81 8.29
N SER L 120 20.01 -7.76 9.22
CA SER L 120 19.93 -9.17 8.88
C SER L 120 18.47 -9.59 8.78
N ASP L 121 18.24 -10.84 8.39
CA ASP L 121 16.90 -11.38 8.26
C ASP L 121 16.54 -12.33 9.39
N ARG L 122 17.39 -12.46 10.41
CA ARG L 122 17.24 -13.48 11.43
C ARG L 122 17.58 -12.92 12.79
N SER L 123 17.18 -13.67 13.82
CA SER L 123 17.53 -13.41 15.20
C SER L 123 18.39 -14.56 15.73
N ARG L 124 19.46 -14.21 16.45
CA ARG L 124 20.20 -15.16 17.26
C ARG L 124 20.13 -14.83 18.74
N PHE L 125 19.14 -14.04 19.13
CA PHE L 125 18.90 -13.67 20.52
C PHE L 125 18.02 -14.74 21.16
N LEU L 126 18.52 -15.35 22.24
CA LEU L 126 17.84 -16.47 22.87
C LEU L 126 17.45 -16.21 24.31
N GLU L 127 17.45 -14.95 24.73
CA GLU L 127 17.13 -14.59 26.10
C GLU L 127 15.70 -14.05 26.19
N GLY L 128 15.28 -13.71 27.41
CA GLY L 128 14.06 -12.97 27.58
C GLY L 128 14.25 -11.50 27.29
N LYS L 129 13.14 -10.83 26.98
CA LYS L 129 13.14 -9.42 26.63
C LYS L 129 12.78 -8.56 27.83
N ARG L 130 13.26 -7.32 27.81
CA ARG L 130 12.89 -6.35 28.82
C ARG L 130 11.51 -5.77 28.53
N ALA L 131 10.80 -5.39 29.59
CA ALA L 131 9.50 -4.75 29.49
C ALA L 131 9.45 -3.62 30.50
N VAL L 132 8.87 -2.49 30.09
CA VAL L 132 8.82 -1.31 30.94
C VAL L 132 7.37 -0.86 31.07
N GLU L 133 7.09 -0.13 32.14
CA GLU L 133 5.74 0.35 32.37
C GLU L 133 5.46 1.59 31.53
N ASP L 134 4.18 1.77 31.21
CA ASP L 134 3.76 2.87 30.35
C ASP L 134 3.65 4.17 31.13
N LYS L 135 3.87 5.26 30.41
CA LYS L 135 3.72 6.60 30.96
C LYS L 135 2.47 7.23 30.39
N ASN L 136 1.87 8.13 31.16
CA ASN L 136 0.68 8.86 30.72
C ASN L 136 1.03 10.34 30.67
N ILE L 137 1.17 10.87 29.46
CA ILE L 137 1.58 12.26 29.29
C ILE L 137 0.46 13.07 28.65
N GLY L 138 -0.78 12.63 28.84
CA GLY L 138 -1.93 13.40 28.40
C GLY L 138 -2.84 12.66 27.44
N PRO L 139 -3.87 13.36 26.97
CA PRO L 139 -4.88 12.73 26.09
C PRO L 139 -4.55 12.73 24.61
N LEU L 140 -3.41 13.29 24.21
CA LEU L 140 -3.08 13.41 22.79
C LEU L 140 -2.04 12.41 22.33
N VAL L 141 -1.04 12.12 23.15
CA VAL L 141 0.07 11.26 22.77
C VAL L 141 -0.04 9.98 23.57
N LYS L 142 -0.36 8.89 22.87
CA LYS L 142 -0.42 7.57 23.48
C LYS L 142 0.99 7.09 23.73
N THR L 143 1.24 6.47 24.87
CA THR L 143 2.56 6.00 25.18
C THR L 143 2.66 4.50 25.43
N ILE L 144 3.54 3.84 24.69
CA ILE L 144 3.83 2.43 24.82
C ILE L 144 5.34 2.36 24.88
N MET L 145 5.87 2.56 26.07
CA MET L 145 7.31 2.66 26.30
C MET L 145 8.23 1.47 26.01
N THR L 146 7.69 0.27 25.97
CA THR L 146 8.49 -0.92 25.66
C THR L 146 9.15 -0.84 24.27
N ARG L 147 8.42 -0.22 23.35
CA ARG L 147 8.84 0.00 21.97
C ARG L 147 9.97 1.02 21.82
N CYS L 148 10.19 1.85 22.83
CA CYS L 148 11.22 2.89 22.73
C CYS L 148 12.61 2.31 22.48
N ILE L 149 13.30 2.90 21.51
CA ILE L 149 14.65 2.50 21.16
C ILE L 149 15.68 3.46 21.75
N GLN L 150 15.21 4.36 22.61
CA GLN L 150 16.03 5.36 23.29
C GLN L 150 16.81 6.33 22.38
N CYS L 151 16.18 6.75 21.30
CA CYS L 151 16.75 7.69 20.35
C CYS L 151 17.01 9.06 20.97
N THR L 152 16.10 9.44 21.87
CA THR L 152 16.06 10.72 22.62
C THR L 152 15.58 11.92 21.79
N ARG L 153 14.94 11.64 20.66
CA ARG L 153 14.42 12.70 19.80
C ARG L 153 13.35 13.50 20.52
N CYS L 154 12.50 12.84 21.29
CA CYS L 154 11.45 13.50 22.02
C CYS L 154 12.01 14.49 23.04
N ILE L 155 13.07 14.08 23.72
CA ILE L 155 13.72 14.94 24.71
C ILE L 155 14.33 16.19 24.08
N ARG L 156 14.98 16.03 22.93
CA ARG L 156 15.60 17.16 22.25
C ARG L 156 14.57 18.10 21.64
N PHE L 157 13.49 17.53 21.07
CA PHE L 157 12.43 18.38 20.53
C PHE L 157 11.76 19.18 21.63
N ALA L 158 11.38 18.53 22.73
CA ALA L 158 10.69 19.23 23.80
C ALA L 158 11.56 20.32 24.39
N SER L 159 12.84 20.04 24.57
CA SER L 159 13.73 21.03 25.18
C SER L 159 14.03 22.19 24.23
N GLU L 160 14.26 21.91 22.95
CA GLU L 160 14.77 22.92 22.03
C GLU L 160 13.69 23.58 21.18
N ILE L 161 12.75 22.82 20.63
CA ILE L 161 11.73 23.40 19.77
C ILE L 161 10.54 23.88 20.58
N ALA L 162 10.00 23.02 21.44
CA ALA L 162 8.82 23.38 22.22
C ALA L 162 9.12 24.30 23.39
N GLY L 163 10.34 24.27 23.93
CA GLY L 163 10.68 25.12 25.05
C GLY L 163 10.29 24.57 26.41
N VAL L 164 10.05 23.27 26.52
CA VAL L 164 9.65 22.63 27.77
C VAL L 164 10.70 21.61 28.15
N ASP L 165 10.97 21.49 29.44
CA ASP L 165 11.97 20.55 29.95
C ASP L 165 11.33 19.45 30.79
N ASP L 166 10.22 18.90 30.31
CA ASP L 166 9.47 17.90 31.05
C ASP L 166 9.95 16.48 30.78
N LEU L 167 10.50 16.23 29.61
CA LEU L 167 10.94 14.90 29.23
C LEU L 167 12.41 14.70 29.60
N GLY L 168 12.77 13.46 29.88
CA GLY L 168 14.13 13.15 30.25
C GLY L 168 14.33 11.65 30.33
N THR L 169 15.50 11.26 30.81
CA THR L 169 15.85 9.86 30.98
C THR L 169 16.18 9.60 32.44
N THR L 170 15.57 8.59 33.02
CA THR L 170 15.83 8.18 34.38
C THR L 170 16.47 6.80 34.41
N GLY L 171 17.31 6.56 35.40
CA GLY L 171 18.06 5.34 35.44
C GLY L 171 19.26 5.40 34.52
N ARG L 172 19.89 4.25 34.33
CA ARG L 172 21.05 4.12 33.45
C ARG L 172 21.19 2.71 32.88
N GLY L 173 22.01 2.61 31.84
CA GLY L 173 22.26 1.36 31.14
C GLY L 173 21.03 0.77 30.48
N ASN L 174 20.82 -0.53 30.65
CA ASN L 174 19.69 -1.22 30.05
C ASN L 174 18.34 -0.72 30.57
N ASP L 175 18.33 -0.38 31.85
CA ASP L 175 17.13 0.09 32.53
C ASP L 175 16.81 1.57 32.33
N MET L 176 17.65 2.29 31.58
CA MET L 176 17.41 3.70 31.33
C MET L 176 16.06 3.86 30.64
N GLN L 177 15.26 4.82 31.08
CA GLN L 177 13.93 5.02 30.51
C GLN L 177 13.62 6.47 30.17
N VAL L 178 12.80 6.65 29.16
CA VAL L 178 12.39 7.98 28.73
C VAL L 178 11.03 8.30 29.34
N GLY L 179 10.94 9.42 30.03
CA GLY L 179 9.68 9.83 30.63
C GLY L 179 9.73 11.15 31.38
N THR L 180 8.85 11.29 32.36
CA THR L 180 8.77 12.48 33.18
C THR L 180 9.09 12.22 34.65
N TYR L 181 9.15 10.95 35.05
CA TYR L 181 9.48 10.47 36.40
C TYR L 181 8.35 10.74 37.39
N ILE L 182 7.41 11.60 37.02
CA ILE L 182 6.27 11.92 37.86
C ILE L 182 5.05 11.98 36.95
N GLU L 183 3.87 11.95 37.56
CA GLU L 183 2.64 12.06 36.79
C GLU L 183 2.52 13.48 36.28
N LYS L 184 2.86 13.70 35.02
CA LYS L 184 2.84 15.02 34.44
C LYS L 184 2.26 14.92 33.03
N MET L 185 1.50 15.93 32.65
CA MET L 185 0.92 16.00 31.31
C MET L 185 1.82 16.86 30.45
N PHE L 186 2.44 16.26 29.43
CA PHE L 186 3.22 17.03 28.48
C PHE L 186 2.26 17.79 27.58
N MET L 187 1.78 18.93 28.07
CA MET L 187 0.76 19.70 27.36
C MET L 187 1.42 20.95 26.80
N SER L 188 1.36 21.09 25.48
CA SER L 188 1.86 22.28 24.81
C SER L 188 1.25 22.32 23.42
N GLU L 189 1.27 23.52 22.82
CA GLU L 189 0.66 23.70 21.51
C GLU L 189 1.43 23.01 20.40
N LEU L 190 2.63 22.51 20.65
CA LEU L 190 3.41 21.78 19.65
C LEU L 190 3.65 20.33 20.06
N SER L 191 2.89 19.82 21.01
CA SER L 191 3.19 18.53 21.61
C SER L 191 3.08 17.39 20.61
N GLY L 192 2.04 17.39 19.79
CA GLY L 192 1.76 16.28 18.89
C GLY L 192 2.88 15.95 17.94
N ASN L 193 3.78 16.89 17.69
CA ASN L 193 4.92 16.66 16.82
C ASN L 193 5.85 15.57 17.33
N ILE L 194 5.88 15.32 18.65
CA ILE L 194 6.72 14.23 19.13
C ILE L 194 6.23 12.88 18.62
N ILE L 195 4.98 12.80 18.13
CA ILE L 195 4.55 11.58 17.48
C ILE L 195 5.23 11.44 16.12
N ASP L 196 5.34 12.52 15.36
CA ASP L 196 5.94 12.46 14.04
C ASP L 196 7.42 12.09 14.12
N ILE L 197 8.15 12.72 15.03
CA ILE L 197 9.59 12.52 15.07
C ILE L 197 9.99 11.21 15.74
N CYS L 198 9.14 10.65 16.57
CA CYS L 198 9.45 9.36 17.16
C CYS L 198 9.45 8.30 16.07
N PRO L 199 10.54 7.56 15.86
CA PRO L 199 10.61 6.65 14.72
C PRO L 199 9.84 5.36 14.92
N VAL L 200 9.40 5.08 16.14
CA VAL L 200 8.80 3.79 16.47
C VAL L 200 7.41 4.04 17.01
N GLY L 201 6.72 2.98 17.41
CA GLY L 201 5.38 3.10 17.93
C GLY L 201 5.32 3.40 19.41
N ALA L 202 6.44 3.82 19.98
CA ALA L 202 6.45 4.21 21.38
C ALA L 202 5.56 5.42 21.63
N LEU L 203 5.61 6.40 20.74
CA LEU L 203 4.76 7.60 20.81
C LEU L 203 3.83 7.59 19.60
N THR L 204 2.53 7.51 19.85
CA THR L 204 1.55 7.43 18.77
C THR L 204 0.42 8.41 19.05
N SER L 205 -0.43 8.59 18.04
CA SER L 205 -1.59 9.45 18.21
C SER L 205 -2.71 8.68 18.89
N LYS L 206 -3.23 9.21 19.98
CA LYS L 206 -4.32 8.58 20.70
C LYS L 206 -5.64 8.69 19.93
N PRO L 207 -6.00 9.86 19.39
CA PRO L 207 -7.21 9.91 18.55
C PRO L 207 -7.15 8.99 17.33
N TYR L 208 -5.98 8.78 16.74
CA TYR L 208 -5.84 8.00 15.52
C TYR L 208 -5.73 6.50 15.78
N ALA L 209 -5.69 6.08 17.04
CA ALA L 209 -5.30 4.70 17.37
C ALA L 209 -6.19 3.68 16.69
N PHE L 210 -5.55 2.74 15.99
CA PHE L 210 -6.09 1.51 15.42
C PHE L 210 -6.98 1.75 14.19
N THR L 211 -7.21 2.98 13.78
CA THR L 211 -8.23 3.25 12.78
C THR L 211 -7.78 2.90 11.37
N ALA L 212 -6.52 3.12 11.02
CA ALA L 212 -6.08 2.93 9.65
C ALA L 212 -4.65 2.45 9.62
N ARG L 213 -4.24 1.97 8.45
CA ARG L 213 -2.90 1.61 8.09
C ARG L 213 -2.38 2.53 6.99
N PRO L 214 -1.08 2.77 6.91
CA PRO L 214 -0.59 3.79 5.96
C PRO L 214 -0.75 3.42 4.50
N TRP L 215 -0.68 2.15 4.14
CA TRP L 215 -0.75 1.80 2.72
C TRP L 215 -2.13 2.03 2.12
N GLU L 216 -3.19 2.04 2.94
CA GLU L 216 -4.52 2.26 2.39
C GLU L 216 -4.88 3.73 2.27
N THR L 217 -4.12 4.63 2.89
CA THR L 217 -4.49 6.04 2.92
C THR L 217 -4.18 6.72 1.59
N ARG L 218 -5.03 7.69 1.24
CA ARG L 218 -4.81 8.59 0.13
C ARG L 218 -4.38 9.93 0.68
N LYS L 219 -3.36 10.53 0.07
CA LYS L 219 -2.73 11.74 0.56
C LYS L 219 -3.18 12.94 -0.27
N THR L 220 -3.74 13.94 0.40
CA THR L 220 -4.13 15.18 -0.25
C THR L 220 -3.35 16.33 0.38
N GLU L 221 -2.48 16.95 -0.41
CA GLU L 221 -1.68 18.06 0.09
C GLU L 221 -2.52 19.33 0.10
N SER L 222 -2.62 19.96 1.26
CA SER L 222 -3.58 21.05 1.46
C SER L 222 -2.98 22.04 2.46
N ILE L 223 -3.81 22.97 2.92
CA ILE L 223 -3.40 24.04 3.80
C ILE L 223 -4.30 24.05 5.02
N ASP L 224 -3.75 24.50 6.15
CA ASP L 224 -4.50 24.63 7.39
C ASP L 224 -5.16 25.99 7.50
N VAL L 225 -6.35 26.02 8.12
CA VAL L 225 -7.11 27.24 8.31
C VAL L 225 -7.37 27.53 9.78
N MET L 226 -6.78 26.75 10.69
CA MET L 226 -6.99 26.93 12.12
C MET L 226 -6.37 28.22 12.66
N ASP L 227 -5.47 28.84 11.91
CA ASP L 227 -4.93 30.15 12.26
C ASP L 227 -4.50 30.83 10.97
N ALA L 228 -3.76 31.92 11.10
CA ALA L 228 -3.35 32.73 9.95
C ALA L 228 -1.95 32.41 9.46
N VAL L 229 -1.33 31.34 9.95
CA VAL L 229 0.02 30.99 9.49
C VAL L 229 -0.03 30.26 8.15
N GLY L 230 -1.12 29.55 7.86
CA GLY L 230 -1.24 28.84 6.61
C GLY L 230 -0.28 27.67 6.46
N SER L 231 -0.17 26.86 7.51
CA SER L 231 0.75 25.74 7.50
C SER L 231 0.36 24.71 6.44
N ASN L 232 1.36 24.23 5.70
CA ASN L 232 1.15 23.17 4.73
C ASN L 232 0.91 21.86 5.46
N ILE L 233 -0.11 21.12 5.03
CA ILE L 233 -0.51 19.88 5.68
C ILE L 233 -0.77 18.83 4.62
N VAL L 234 -0.86 17.58 5.08
CA VAL L 234 -1.34 16.46 4.28
C VAL L 234 -2.54 15.89 4.99
N VAL L 235 -3.68 15.85 4.30
CA VAL L 235 -4.88 15.20 4.80
C VAL L 235 -4.83 13.77 4.31
N SER L 236 -4.83 12.82 5.22
CA SER L 236 -4.88 11.42 4.83
C SER L 236 -6.30 10.92 4.96
N THR L 237 -6.82 10.34 3.87
CA THR L 237 -8.19 9.85 3.83
C THR L 237 -8.19 8.37 3.50
N ARG L 238 -9.35 7.75 3.66
CA ARG L 238 -9.54 6.36 3.25
C ARG L 238 -11.02 6.13 3.04
N THR L 239 -11.39 5.73 1.83
CA THR L 239 -12.77 5.42 1.47
C THR L 239 -13.71 6.59 1.82
N GLY L 240 -13.30 7.79 1.42
CA GLY L 240 -14.12 8.97 1.57
C GLY L 240 -14.22 9.55 2.96
N GLU L 241 -13.25 9.28 3.83
CA GLU L 241 -13.30 9.78 5.19
C GLU L 241 -11.92 10.30 5.58
N VAL L 242 -11.89 11.42 6.31
CA VAL L 242 -10.62 12.00 6.74
C VAL L 242 -10.06 11.20 7.93
N MET L 243 -8.88 10.64 7.74
CA MET L 243 -8.24 9.83 8.77
C MET L 243 -7.46 10.69 9.77
N ARG L 244 -6.57 11.55 9.27
CA ARG L 244 -5.71 12.33 10.13
C ARG L 244 -5.04 13.44 9.33
N ILE L 245 -4.36 14.32 10.05
CA ILE L 245 -3.63 15.46 9.49
C ILE L 245 -2.16 15.26 9.82
N LEU L 246 -1.30 15.48 8.83
CA LEU L 246 0.13 15.39 8.99
C LEU L 246 0.79 16.67 8.53
N PRO L 247 1.96 17.00 9.04
CA PRO L 247 2.71 18.14 8.50
C PRO L 247 3.24 17.84 7.10
N ARG L 248 3.37 18.90 6.32
CA ARG L 248 4.03 18.88 5.03
C ARG L 248 5.14 19.92 5.08
N MET L 249 6.35 19.52 4.69
CA MET L 249 7.49 20.41 4.87
C MET L 249 7.38 21.66 4.00
N HIS L 250 7.44 22.82 4.64
CA HIS L 250 7.52 24.08 3.93
C HIS L 250 8.56 24.84 4.72
N GLU L 251 9.73 25.09 4.14
CA GLU L 251 10.80 25.76 4.89
C GLU L 251 10.44 27.17 5.32
N ASP L 252 9.83 27.91 4.42
CA ASP L 252 9.42 29.29 4.68
C ASP L 252 8.35 29.50 5.75
N ILE L 253 7.38 28.60 5.83
CA ILE L 253 6.30 28.79 6.78
C ILE L 253 6.33 27.99 8.08
N ASN L 254 5.99 26.71 8.01
CA ASN L 254 5.92 25.89 9.21
C ASN L 254 6.98 24.82 9.39
N GLU L 255 7.99 24.81 8.53
CA GLU L 255 9.04 23.79 8.57
C GLU L 255 8.35 22.43 8.50
N GLU L 256 8.65 21.51 9.40
CA GLU L 256 7.98 20.22 9.39
C GLU L 256 7.02 20.02 10.57
N TRP L 257 6.61 21.11 11.20
CA TRP L 257 5.73 21.04 12.35
C TRP L 257 4.38 21.73 12.14
N ILE L 258 3.42 21.35 12.96
CA ILE L 258 2.09 21.95 12.96
C ILE L 258 1.63 22.03 14.42
N SER L 259 0.73 22.95 14.72
CA SER L 259 0.21 23.07 16.07
C SER L 259 -0.81 21.98 16.36
N ASP L 260 -1.13 21.79 17.63
CA ASP L 260 -2.01 20.71 18.05
C ASP L 260 -3.44 20.93 17.56
N LYS L 261 -3.89 22.17 17.45
CA LYS L 261 -5.22 22.42 16.90
C LYS L 261 -5.28 22.07 15.43
N THR L 262 -4.21 22.35 14.68
CA THR L 262 -4.14 21.96 13.28
C THR L 262 -4.17 20.45 13.11
N ARG L 263 -3.60 19.72 14.07
CA ARG L 263 -3.44 18.28 13.98
C ARG L 263 -4.64 17.50 14.52
N PHE L 264 -5.32 18.00 15.54
CA PHE L 264 -6.26 17.18 16.29
C PHE L 264 -7.70 17.70 16.30
N ALA L 265 -8.01 18.76 15.57
CA ALA L 265 -9.37 19.27 15.54
C ALA L 265 -10.17 18.77 14.34
N TYR L 266 -9.60 17.89 13.52
CA TYR L 266 -10.29 17.42 12.33
C TYR L 266 -11.53 16.59 12.65
N ASP L 267 -11.54 15.89 13.78
CA ASP L 267 -12.73 15.13 14.14
C ASP L 267 -13.95 16.01 14.33
N GLY L 268 -13.76 17.29 14.68
CA GLY L 268 -14.86 18.22 14.72
C GLY L 268 -15.56 18.41 13.40
N LEU L 269 -14.94 17.97 12.32
CA LEU L 269 -15.51 18.02 10.98
C LEU L 269 -16.62 16.98 10.85
N LYS L 270 -16.67 16.04 11.77
CA LYS L 270 -17.68 14.99 11.78
C LYS L 270 -18.84 15.24 12.75
N ARG L 271 -18.84 16.39 13.40
CA ARG L 271 -19.86 16.73 14.39
C ARG L 271 -20.54 18.05 14.08
N GLN L 272 -21.82 18.15 14.42
CA GLN L 272 -22.61 19.38 14.24
C GLN L 272 -22.57 19.92 12.81
N ARG L 273 -22.67 19.03 11.84
CA ARG L 273 -22.60 19.45 10.45
C ARG L 273 -23.92 19.82 9.79
N LEU L 274 -23.91 20.95 9.09
CA LEU L 274 -25.07 21.39 8.32
C LEU L 274 -25.07 20.62 7.01
N THR L 275 -26.09 19.80 6.80
CA THR L 275 -26.12 18.90 5.67
C THR L 275 -27.20 19.20 4.65
N GLN L 276 -28.29 19.85 5.05
CA GLN L 276 -29.40 20.15 4.16
C GLN L 276 -29.84 21.58 4.37
N PRO L 277 -30.37 22.23 3.33
CA PRO L 277 -30.95 23.56 3.51
C PRO L 277 -32.12 23.52 4.49
N MET L 278 -32.24 24.56 5.29
CA MET L 278 -33.29 24.64 6.30
C MET L 278 -33.99 25.99 6.23
N ILE L 279 -35.28 25.98 6.51
CA ILE L 279 -36.10 27.18 6.55
C ILE L 279 -36.96 27.13 7.81
N ARG L 280 -37.48 28.29 8.20
CA ARG L 280 -38.37 28.39 9.35
C ARG L 280 -39.80 28.06 8.92
N ASN L 281 -40.43 27.13 9.62
CA ASN L 281 -41.80 26.74 9.30
C ASN L 281 -42.77 27.74 9.91
N GLU L 282 -44.06 27.39 9.90
CA GLU L 282 -45.09 28.29 10.40
C GLU L 282 -44.96 28.54 11.90
N LYS L 283 -44.42 27.57 12.64
CA LYS L 283 -44.23 27.70 14.08
C LYS L 283 -42.89 28.33 14.46
N GLY L 284 -42.10 28.77 13.49
CA GLY L 284 -40.80 29.33 13.78
C GLY L 284 -39.76 28.32 14.20
N LEU L 285 -39.74 27.15 13.55
CA LEU L 285 -38.74 26.13 13.80
C LEU L 285 -38.01 25.80 12.51
N LEU L 286 -36.72 25.50 12.63
CA LEU L 286 -35.91 25.18 11.47
C LEU L 286 -36.19 23.75 11.01
N THR L 287 -36.57 23.61 9.74
CA THR L 287 -36.90 22.33 9.15
C THR L 287 -36.23 22.20 7.79
N TYR L 288 -35.92 20.96 7.41
CA TYR L 288 -35.23 20.69 6.16
C TYR L 288 -36.12 21.03 4.97
N THR L 289 -35.47 21.39 3.87
CA THR L 289 -36.16 21.75 2.64
C THR L 289 -35.21 21.50 1.48
N THR L 290 -35.70 21.72 0.28
CA THR L 290 -34.89 21.56 -0.91
C THR L 290 -34.03 22.80 -1.15
N TRP L 291 -33.03 22.64 -2.01
CA TRP L 291 -32.19 23.78 -2.40
C TRP L 291 -33.00 24.84 -3.12
N GLU L 292 -33.90 24.42 -4.00
CA GLU L 292 -34.69 25.36 -4.80
C GLU L 292 -35.55 26.27 -3.92
N ASP L 293 -36.22 25.69 -2.93
CA ASP L 293 -37.10 26.49 -2.08
C ASP L 293 -36.30 27.52 -1.28
N ALA L 294 -35.19 27.09 -0.68
CA ALA L 294 -34.38 28.00 0.11
C ALA L 294 -33.79 29.11 -0.74
N LEU L 295 -33.29 28.76 -1.92
CA LEU L 295 -32.74 29.78 -2.80
C LEU L 295 -33.80 30.74 -3.29
N SER L 296 -35.01 30.25 -3.55
CA SER L 296 -36.09 31.14 -3.97
C SER L 296 -36.47 32.11 -2.87
N ARG L 297 -36.54 31.64 -1.62
CA ARG L 297 -36.87 32.54 -0.51
C ARG L 297 -35.79 33.60 -0.34
N VAL L 298 -34.53 33.19 -0.38
CA VAL L 298 -33.45 34.17 -0.23
C VAL L 298 -33.46 35.15 -1.39
N ALA L 299 -33.71 34.67 -2.62
CA ALA L 299 -33.71 35.55 -3.78
C ALA L 299 -34.87 36.53 -3.73
N GLY L 300 -36.03 36.10 -3.24
CA GLY L 300 -37.12 37.03 -3.07
C GLY L 300 -36.79 38.14 -2.10
N MET L 301 -36.20 37.76 -0.95
CA MET L 301 -35.82 38.80 0.02
C MET L 301 -34.72 39.69 -0.54
N LEU L 302 -33.85 39.15 -1.39
CA LEU L 302 -32.78 39.95 -1.97
C LEU L 302 -33.31 40.92 -3.01
N GLN L 303 -34.28 40.51 -3.81
CA GLN L 303 -34.82 41.40 -4.84
C GLN L 303 -35.52 42.63 -4.26
N SER L 304 -36.28 42.45 -3.19
CA SER L 304 -37.01 43.55 -2.56
C SER L 304 -36.14 44.65 -1.93
N PHE L 305 -35.06 44.26 -1.27
CA PHE L 305 -34.18 45.21 -0.62
C PHE L 305 -32.92 45.45 -1.43
N GLN L 306 -32.30 46.61 -1.23
CA GLN L 306 -31.08 46.96 -1.93
C GLN L 306 -30.33 48.06 -1.20
N GLY L 307 -29.14 48.40 -1.70
CA GLY L 307 -28.33 49.43 -1.11
C GLY L 307 -27.88 49.11 0.30
N ASN L 308 -28.08 50.06 1.20
CA ASN L 308 -27.68 49.91 2.59
C ASN L 308 -28.43 48.82 3.36
N ASP L 309 -29.63 48.45 2.90
CA ASP L 309 -30.39 47.43 3.62
C ASP L 309 -29.72 46.05 3.63
N VAL L 310 -29.10 45.66 2.51
CA VAL L 310 -28.44 44.36 2.44
C VAL L 310 -27.01 44.41 2.99
N ALA L 311 -26.67 43.46 3.86
CA ALA L 311 -25.34 43.39 4.47
C ALA L 311 -24.82 41.95 4.62
N ALA L 312 -23.51 41.81 4.74
CA ALA L 312 -22.87 40.51 4.88
C ALA L 312 -21.74 40.60 5.90
N ILE L 313 -21.62 39.56 6.73
CA ILE L 313 -20.52 39.41 7.67
C ILE L 313 -19.81 38.11 7.33
N ALA L 314 -18.49 38.17 7.16
CA ALA L 314 -17.70 36.99 6.86
C ALA L 314 -17.04 36.46 8.14
N GLY L 315 -17.02 35.14 8.26
CA GLY L 315 -16.43 34.48 9.40
C GLY L 315 -14.95 34.20 9.23
N GLY L 316 -14.41 33.37 10.13
CA GLY L 316 -12.98 33.16 10.18
C GLY L 316 -12.44 32.13 9.20
N LEU L 317 -13.29 31.27 8.64
CA LEU L 317 -12.83 30.17 7.80
C LEU L 317 -13.32 30.29 6.37
N VAL L 318 -13.56 31.49 5.91
CA VAL L 318 -14.08 31.72 4.58
C VAL L 318 -12.94 31.86 3.59
N ASP L 319 -13.17 31.43 2.36
CA ASP L 319 -12.17 31.46 1.30
C ASP L 319 -12.38 32.67 0.38
N ALA L 320 -11.36 32.92 -0.44
CA ALA L 320 -11.37 34.10 -1.30
C ALA L 320 -12.42 33.99 -2.41
N GLU L 321 -12.67 32.79 -2.92
CA GLU L 321 -13.66 32.62 -3.97
C GLU L 321 -15.05 32.99 -3.49
N ALA L 322 -15.44 32.46 -2.33
CA ALA L 322 -16.73 32.80 -1.75
C ALA L 322 -16.79 34.28 -1.39
N LEU L 323 -15.70 34.84 -0.90
CA LEU L 323 -15.69 36.25 -0.51
C LEU L 323 -15.94 37.14 -1.72
N VAL L 324 -15.24 36.89 -2.82
CA VAL L 324 -15.43 37.73 -4.00
C VAL L 324 -16.81 37.50 -4.61
N ALA L 325 -17.32 36.26 -4.55
CA ALA L 325 -18.66 36.01 -5.07
C ALA L 325 -19.71 36.78 -4.27
N LEU L 326 -19.61 36.77 -2.94
CA LEU L 326 -20.54 37.52 -2.11
C LEU L 326 -20.39 39.01 -2.34
N LYS L 327 -19.16 39.46 -2.55
CA LYS L 327 -18.91 40.88 -2.80
C LYS L 327 -19.64 41.31 -4.07
N ASP L 328 -19.52 40.51 -5.12
CA ASP L 328 -20.18 40.82 -6.38
C ASP L 328 -21.71 40.77 -6.25
N LEU L 329 -22.22 39.76 -5.54
CA LEU L 329 -23.66 39.62 -5.39
C LEU L 329 -24.25 40.81 -4.63
N LEU L 330 -23.59 41.25 -3.57
CA LEU L 330 -24.09 42.41 -2.83
C LEU L 330 -23.85 43.70 -3.58
N ASN L 331 -22.82 43.76 -4.43
CA ASN L 331 -22.63 44.95 -5.25
C ASN L 331 -23.72 45.08 -6.30
N ARG L 332 -24.22 43.95 -6.82
CA ARG L 332 -25.28 44.02 -7.83
C ARG L 332 -26.55 44.65 -7.27
N VAL L 333 -26.75 44.60 -5.97
CA VAL L 333 -27.84 45.33 -5.32
C VAL L 333 -27.35 46.62 -4.67
N ASP L 334 -26.22 47.15 -5.13
CA ASP L 334 -25.68 48.43 -4.67
C ASP L 334 -25.43 48.45 -3.17
N SER L 335 -24.92 47.35 -2.63
CA SER L 335 -24.56 47.28 -1.22
C SER L 335 -23.05 47.28 -1.07
N ASP L 336 -22.58 48.04 -0.09
CA ASP L 336 -21.16 48.04 0.27
C ASP L 336 -20.95 47.58 1.72
N SER L 337 -22.01 47.18 2.40
CA SER L 337 -21.92 46.72 3.79
C SER L 337 -21.48 45.27 3.80
N LEU L 338 -20.23 45.06 3.39
CA LEU L 338 -19.58 43.75 3.42
C LEU L 338 -18.47 43.85 4.45
N CYS L 339 -18.60 43.12 5.56
CA CYS L 339 -17.72 43.31 6.70
C CYS L 339 -17.17 41.98 7.19
N THR L 340 -16.18 42.07 8.06
CA THR L 340 -15.61 40.93 8.75
C THR L 340 -15.86 41.07 10.25
N GLU L 341 -15.68 39.97 10.96
CA GLU L 341 -15.81 40.01 12.42
C GLU L 341 -14.57 40.56 13.09
N GLU L 342 -13.44 40.61 12.41
CA GLU L 342 -12.17 41.03 12.98
C GLU L 342 -11.91 42.47 12.58
N VAL L 343 -11.71 43.33 13.59
CA VAL L 343 -11.51 44.76 13.36
C VAL L 343 -10.09 45.19 13.05
N PHE L 344 -9.94 45.99 12.00
CA PHE L 344 -8.68 46.58 11.60
C PHE L 344 -9.00 48.06 11.41
N PRO L 345 -8.12 48.96 11.88
CA PRO L 345 -8.44 50.39 11.74
C PRO L 345 -8.55 50.84 10.29
N THR L 346 -9.61 51.60 9.99
CA THR L 346 -9.85 52.11 8.65
C THR L 346 -9.33 53.53 8.47
N ALA L 347 -8.79 54.10 9.54
CA ALA L 347 -8.27 55.46 9.49
C ALA L 347 -7.03 55.56 8.62
N GLY L 348 -6.82 56.71 8.01
CA GLY L 348 -5.67 56.92 7.16
C GLY L 348 -5.65 55.97 5.98
N ALA L 349 -4.51 55.32 5.76
CA ALA L 349 -4.37 54.40 4.64
C ALA L 349 -5.32 53.21 4.75
N GLY L 350 -5.46 52.65 5.94
CA GLY L 350 -6.34 51.51 6.15
C GLY L 350 -6.01 50.31 5.28
N THR L 351 -7.02 49.78 4.61
CA THR L 351 -6.85 48.63 3.72
C THR L 351 -6.26 49.08 2.38
N ASP L 352 -6.15 50.40 2.19
CA ASP L 352 -5.62 50.95 0.95
C ASP L 352 -4.24 50.41 0.57
N LEU L 353 -3.33 50.35 1.54
CA LEU L 353 -2.00 49.84 1.28
C LEU L 353 -1.80 48.46 1.90
N ARG L 354 -1.52 47.49 1.03
CA ARG L 354 -1.31 46.10 1.46
C ARG L 354 -0.27 45.96 2.56
N SER L 355 0.76 46.80 2.49
CA SER L 355 1.86 46.84 3.45
C SER L 355 1.40 47.17 4.88
N ASN L 356 0.37 48.00 4.99
CA ASN L 356 -0.19 48.44 6.26
C ASN L 356 -0.73 47.32 7.16
N TYR L 357 -1.41 46.33 6.59
CA TYR L 357 -1.99 45.25 7.39
C TYR L 357 -1.34 43.87 7.28
N LEU L 358 -0.10 43.82 6.79
CA LEU L 358 0.58 42.54 6.62
C LEU L 358 1.86 42.41 7.43
N LEU L 359 2.28 41.17 7.64
CA LEU L 359 3.52 40.89 8.35
C LEU L 359 4.55 41.00 7.23
N ASN L 360 5.07 42.19 7.06
CA ASN L 360 6.03 42.52 6.00
C ASN L 360 7.37 41.79 6.06
N THR L 361 7.88 41.61 7.28
CA THR L 361 9.16 40.94 7.49
C THR L 361 9.12 39.48 7.03
N THR L 362 7.97 38.83 7.27
CA THR L 362 7.60 37.44 6.96
C THR L 362 8.08 36.45 8.02
N ILE L 363 7.58 35.23 7.97
CA ILE L 363 7.96 34.19 8.93
C ILE L 363 9.43 33.83 8.81
N ALA L 364 9.90 33.74 7.57
CA ALA L 364 11.29 33.42 7.26
C ALA L 364 12.24 34.47 7.79
N GLY L 365 11.83 35.72 7.72
CA GLY L 365 12.65 36.85 8.16
C GLY L 365 13.04 36.82 9.61
N VAL L 366 12.14 36.41 10.49
CA VAL L 366 12.48 36.38 11.92
C VAL L 366 13.88 35.84 12.13
N GLU L 367 14.32 34.92 11.27
CA GLU L 367 15.66 34.37 11.40
C GLU L 367 16.76 35.38 11.09
N GLU L 368 16.43 36.54 10.54
CA GLU L 368 17.43 37.56 10.21
C GLU L 368 17.37 38.77 11.13
N ALA L 369 16.54 38.75 12.15
CA ALA L 369 16.41 39.88 13.08
C ALA L 369 17.23 39.63 14.34
N ASP L 370 17.52 40.71 15.06
CA ASP L 370 18.22 40.64 16.34
C ASP L 370 17.43 41.26 17.49
N VAL L 371 16.46 42.12 17.20
CA VAL L 371 15.56 42.66 18.21
C VAL L 371 14.14 42.59 17.68
N ILE L 372 13.23 42.05 18.47
CA ILE L 372 11.81 42.03 18.17
C ILE L 372 11.04 42.63 19.34
N LEU L 373 10.06 43.47 19.03
CA LEU L 373 9.13 43.99 20.01
C LEU L 373 7.73 43.48 19.68
N LEU L 374 7.06 42.89 20.67
CA LEU L 374 5.73 42.36 20.48
C LEU L 374 4.75 43.20 21.29
N VAL L 375 3.70 43.69 20.64
CA VAL L 375 2.74 44.52 21.33
C VAL L 375 1.32 43.95 21.39
N GLY L 376 0.82 43.80 22.61
CA GLY L 376 -0.54 43.35 22.85
C GLY L 376 -0.95 42.04 22.20
N THR L 377 -0.05 41.07 22.15
CA THR L 377 -0.39 39.80 21.53
C THR L 377 0.31 38.63 22.19
N ASN L 378 -0.32 37.47 22.09
CA ASN L 378 0.32 36.27 22.61
C ASN L 378 0.63 35.47 21.35
N PRO L 379 1.91 35.48 20.95
CA PRO L 379 2.42 34.80 19.75
C PRO L 379 2.26 33.30 19.85
N ARG L 380 2.43 32.77 21.05
CA ARG L 380 2.35 31.35 21.30
C ARG L 380 1.02 30.71 20.95
N PHE L 381 -0.09 31.37 21.23
CA PHE L 381 -1.39 30.77 20.94
C PHE L 381 -2.06 31.36 19.71
N GLU L 382 -1.76 32.60 19.34
CA GLU L 382 -2.36 33.17 18.14
C GLU L 382 -1.65 32.70 16.88
N ALA L 383 -0.41 32.26 17.00
CA ALA L 383 0.36 31.75 15.85
C ALA L 383 1.49 30.89 16.38
N PRO L 384 1.19 29.65 16.77
CA PRO L 384 2.23 28.81 17.40
C PRO L 384 3.48 28.59 16.56
N LEU L 385 3.34 28.45 15.25
CA LEU L 385 4.53 28.23 14.41
C LEU L 385 5.35 29.51 14.28
N PHE L 386 4.70 30.67 14.30
CA PHE L 386 5.44 31.93 14.37
C PHE L 386 6.23 32.04 15.66
N ASN L 387 5.62 31.66 16.79
CA ASN L 387 6.34 31.67 18.06
C ASN L 387 7.47 30.64 18.05
N ALA L 388 7.28 29.51 17.37
CA ALA L 388 8.35 28.54 17.22
C ALA L 388 9.53 29.12 16.43
N ARG L 389 9.23 29.86 15.37
CA ARG L 389 10.30 30.55 14.63
C ARG L 389 11.01 31.55 15.52
N ILE L 390 10.26 32.28 16.35
CA ILE L 390 10.88 33.25 17.24
C ILE L 390 11.79 32.56 18.24
N ARG L 391 11.37 31.43 18.79
CA ARG L 391 12.23 30.69 19.71
C ARG L 391 13.45 30.12 18.99
N LYS L 392 13.29 29.70 17.74
CA LYS L 392 14.44 29.23 16.98
C LYS L 392 15.47 30.34 16.80
N SER L 393 15.02 31.56 16.49
CA SER L 393 15.93 32.68 16.39
C SER L 393 16.53 33.04 17.74
N TRP L 394 15.73 33.00 18.80
CA TRP L 394 16.20 33.28 20.15
C TRP L 394 17.29 32.31 20.57
N LEU L 395 17.18 31.06 20.12
CA LEU L 395 18.13 30.02 20.51
C LEU L 395 19.39 30.05 19.65
N HIS L 396 19.25 30.22 18.33
CA HIS L 396 20.38 30.11 17.42
C HIS L 396 21.00 31.44 17.03
N ASN L 397 20.24 32.53 17.06
CA ASN L 397 20.75 33.83 16.64
C ASN L 397 20.80 34.85 17.77
N ASP L 398 20.59 34.40 19.02
CA ASP L 398 20.66 35.27 20.19
C ASP L 398 19.70 36.46 20.07
N LEU L 399 18.55 36.23 19.44
CA LEU L 399 17.58 37.28 19.22
C LEU L 399 17.05 37.81 20.55
N LYS L 400 17.01 39.13 20.68
CA LYS L 400 16.47 39.77 21.88
C LYS L 400 14.99 40.05 21.67
N VAL L 401 14.18 39.67 22.65
CA VAL L 401 12.72 39.75 22.56
C VAL L 401 12.21 40.63 23.69
N ALA L 402 11.36 41.58 23.37
CA ALA L 402 10.66 42.39 24.36
C ALA L 402 9.17 42.38 24.07
N LEU L 403 8.38 42.50 25.13
CA LEU L 403 6.93 42.39 25.01
C LEU L 403 6.26 43.52 25.78
N ILE L 404 5.20 44.06 25.20
CA ILE L 404 4.33 45.04 25.86
C ILE L 404 2.96 44.40 25.98
N GLY L 405 2.59 44.03 27.20
CA GLY L 405 1.32 43.36 27.44
C GLY L 405 1.40 42.60 28.74
N SER L 406 0.44 41.71 28.93
CA SER L 406 0.45 40.87 30.11
C SER L 406 1.62 39.89 30.03
N PRO L 407 2.25 39.55 31.16
CA PRO L 407 3.45 38.71 31.11
C PRO L 407 3.15 37.26 30.80
N VAL L 408 2.72 36.97 29.57
CA VAL L 408 2.39 35.61 29.19
C VAL L 408 3.66 34.77 29.04
N ASP L 409 3.54 33.45 29.19
CA ASP L 409 4.70 32.59 29.06
C ASP L 409 4.87 32.21 27.59
N LEU L 410 5.97 32.67 26.98
CA LEU L 410 6.24 32.41 25.58
C LEU L 410 7.16 31.24 25.27
N THR L 411 7.63 30.57 26.33
CA THR L 411 8.56 29.42 26.33
C THR L 411 10.04 29.80 26.16
N TYR L 412 10.30 31.10 26.09
CA TYR L 412 11.65 31.63 25.98
C TYR L 412 11.69 32.93 26.78
N ARG L 413 12.84 33.27 27.32
CA ARG L 413 12.95 34.49 28.11
C ARG L 413 12.91 35.76 27.26
N TYR L 414 12.12 36.73 27.71
CA TYR L 414 11.96 38.01 27.05
C TYR L 414 12.02 39.13 28.07
N ASP L 415 12.03 40.36 27.58
CA ASP L 415 12.01 41.54 28.42
C ASP L 415 10.59 42.06 28.54
N HIS L 416 10.07 42.12 29.76
CA HIS L 416 8.72 42.63 30.00
C HIS L 416 8.80 44.11 30.32
N LEU L 417 8.44 44.95 29.34
CA LEU L 417 8.43 46.38 29.53
C LEU L 417 7.18 46.88 30.26
N GLY L 418 6.16 46.05 30.38
CA GLY L 418 4.92 46.43 31.02
C GLY L 418 3.72 46.09 30.16
N ASP L 419 2.56 46.58 30.60
CA ASP L 419 1.31 46.35 29.90
C ASP L 419 0.54 47.62 29.58
N SER L 420 1.06 48.78 29.96
CA SER L 420 0.35 50.04 29.68
C SER L 420 0.61 50.49 28.25
N PRO L 421 -0.43 50.79 27.47
CA PRO L 421 -0.22 51.28 26.10
C PRO L 421 0.56 52.59 26.05
N LYS L 422 0.50 53.42 27.11
CA LYS L 422 1.26 54.66 27.13
C LYS L 422 2.76 54.41 26.98
N ILE L 423 3.24 53.24 27.41
CA ILE L 423 4.64 52.87 27.23
C ILE L 423 5.03 52.96 25.77
N LEU L 424 4.12 52.56 24.87
CA LEU L 424 4.38 52.72 23.44
C LEU L 424 4.76 54.15 23.12
N GLN L 425 3.97 55.12 23.57
CA GLN L 425 4.33 56.52 23.36
C GLN L 425 5.69 56.83 23.95
N ASP L 426 5.95 56.32 25.15
CA ASP L 426 7.23 56.58 25.79
C ASP L 426 8.37 56.03 24.93
N ILE L 427 8.15 54.89 24.28
CA ILE L 427 9.15 54.37 23.36
C ILE L 427 9.26 55.25 22.13
N ALA L 428 8.13 55.75 21.63
CA ALA L 428 8.13 56.57 20.44
C ALA L 428 8.84 57.90 20.68
N SER L 429 8.64 58.53 21.84
CA SER L 429 9.30 59.79 22.12
C SER L 429 10.80 59.60 22.26
N GLY L 430 11.22 58.59 23.01
CA GLY L 430 12.64 58.30 23.15
C GLY L 430 13.13 58.26 24.59
N ASN L 431 12.21 58.41 25.55
CA ASN L 431 12.60 58.43 26.95
C ASN L 431 12.89 57.04 27.51
N HIS L 432 12.48 55.98 26.81
CA HIS L 432 12.68 54.61 27.26
C HIS L 432 14.05 54.10 26.81
N PRO L 433 14.73 53.30 27.64
CA PRO L 433 15.99 52.69 27.18
C PRO L 433 15.82 51.78 25.98
N PHE L 434 14.64 51.17 25.82
CA PHE L 434 14.39 50.38 24.64
C PHE L 434 14.42 51.20 23.36
N SER L 435 14.17 52.51 23.45
CA SER L 435 14.35 53.37 22.29
C SER L 435 15.81 53.34 21.84
N GLN L 436 16.74 53.41 22.78
CA GLN L 436 18.16 53.31 22.45
C GLN L 436 18.49 51.92 21.93
N ILE L 437 17.86 50.88 22.50
CA ILE L 437 18.10 49.52 22.05
C ILE L 437 17.71 49.36 20.59
N LEU L 438 16.53 49.89 20.23
CA LEU L 438 16.08 49.80 18.84
C LEU L 438 16.88 50.71 17.92
N LYS L 439 17.40 51.81 18.47
CA LYS L 439 18.17 52.75 17.66
C LYS L 439 19.44 52.12 17.09
N GLU L 440 20.10 51.30 17.87
CA GLU L 440 21.33 50.63 17.46
C GLU L 440 21.18 49.25 16.81
N ALA L 441 19.96 48.76 16.69
CA ALA L 441 19.73 47.43 16.09
C ALA L 441 19.76 47.44 14.57
N LYS L 442 20.56 46.56 13.99
CA LYS L 442 20.67 46.43 12.54
C LYS L 442 19.38 45.97 11.85
N LYS L 443 18.69 45.01 12.46
CA LYS L 443 17.46 44.50 11.90
C LYS L 443 16.37 44.47 12.95
N PRO L 444 15.89 45.65 13.36
CA PRO L 444 14.82 45.72 14.35
C PRO L 444 13.51 45.25 13.76
N MET L 445 12.68 44.61 14.58
CA MET L 445 11.38 44.16 14.11
C MET L 445 10.31 44.49 15.13
N VAL L 446 9.22 45.09 14.70
CA VAL L 446 8.12 45.42 15.60
C VAL L 446 6.88 44.69 15.11
N VAL L 447 6.26 43.91 15.99
CA VAL L 447 5.11 43.09 15.62
C VAL L 447 3.94 43.48 16.51
N LEU L 448 2.81 43.80 15.88
CA LEU L 448 1.58 44.15 16.58
C LEU L 448 0.52 43.13 16.24
N GLY L 449 -0.04 42.49 17.27
CA GLY L 449 -1.06 41.49 17.04
C GLY L 449 -2.42 42.12 16.75
N SER L 450 -3.16 41.48 15.86
CA SER L 450 -4.49 41.93 15.45
C SER L 450 -5.46 41.90 16.62
N SER L 451 -5.19 41.03 17.59
CA SER L 451 -6.03 40.90 18.79
C SER L 451 -6.06 42.21 19.58
N ALA L 452 -4.92 42.89 19.65
CA ALA L 452 -4.78 44.18 20.31
C ALA L 452 -5.63 45.24 19.61
N LEU L 453 -5.70 45.15 18.28
CA LEU L 453 -6.49 46.06 17.44
C LEU L 453 -8.02 45.99 17.65
N GLN L 454 -8.51 44.86 18.17
CA GLN L 454 -9.94 44.65 18.43
C GLN L 454 -10.54 45.67 19.39
N ARG L 455 -9.77 46.10 20.39
CA ARG L 455 -10.23 47.10 21.35
C ARG L 455 -10.43 48.49 20.71
N SER L 456 -11.22 49.32 21.38
CA SER L 456 -11.61 50.64 20.87
C SER L 456 -10.46 51.61 20.56
N ASP L 457 -9.37 51.51 21.28
CA ASP L 457 -8.21 52.39 21.10
C ASP L 457 -7.19 51.86 20.10
N GLY L 458 -7.56 50.84 19.33
CA GLY L 458 -6.67 50.21 18.38
C GLY L 458 -6.12 51.15 17.33
N THR L 459 -6.91 52.08 16.85
CA THR L 459 -6.42 53.02 15.83
C THR L 459 -5.25 53.80 16.42
N ALA L 460 -5.37 54.16 17.69
CA ALA L 460 -4.32 54.86 18.40
C ALA L 460 -3.08 53.97 18.58
N ILE L 461 -3.29 52.70 18.92
CA ILE L 461 -2.20 51.77 19.13
C ILE L 461 -1.40 51.58 17.85
N LEU L 462 -2.10 51.44 16.72
CA LEU L 462 -1.42 51.32 15.44
C LEU L 462 -0.64 52.59 15.10
N ALA L 463 -1.21 53.75 15.42
CA ALA L 463 -0.50 55.00 15.18
C ALA L 463 0.78 55.10 16.00
N ALA L 464 0.72 54.70 17.28
CA ALA L 464 1.90 54.74 18.12
C ALA L 464 2.98 53.76 17.64
N VAL L 465 2.57 52.55 17.26
CA VAL L 465 3.55 51.58 16.78
C VAL L 465 4.17 52.05 15.47
N SER L 466 3.36 52.63 14.58
CA SER L 466 3.89 53.20 13.35
C SER L 466 4.85 54.35 13.64
N ASN L 467 4.58 55.11 14.70
CA ASN L 467 5.51 56.17 15.10
C ASN L 467 6.84 55.60 15.54
N ILE L 468 6.81 54.50 16.31
CA ILE L 468 8.05 53.84 16.71
C ILE L 468 8.83 53.39 15.48
N ALA L 469 8.12 52.78 14.53
CA ALA L 469 8.78 52.31 13.31
C ALA L 469 9.36 53.47 12.53
N GLN L 470 8.63 54.59 12.46
CA GLN L 470 9.12 55.76 11.74
C GLN L 470 10.37 56.33 12.38
N ASN L 471 10.41 56.38 13.72
CA ASN L 471 11.61 56.87 14.39
C ASN L 471 12.80 55.99 14.07
N ILE L 472 12.61 54.67 14.11
CA ILE L 472 13.69 53.76 13.75
C ILE L 472 14.15 54.02 12.32
N ARG L 473 13.20 54.16 11.40
CA ARG L 473 13.53 54.35 9.99
C ARG L 473 14.30 55.64 9.77
N LEU L 474 13.90 56.74 10.41
CA LEU L 474 14.57 58.00 10.15
C LEU L 474 15.93 58.05 10.84
N SER L 475 16.06 57.45 12.02
CA SER L 475 17.35 57.47 12.70
C SER L 475 18.37 56.60 11.97
N SER L 476 18.00 55.36 11.63
CA SER L 476 18.95 54.43 11.06
C SER L 476 18.94 54.42 9.54
N GLY L 477 18.00 55.10 8.89
CA GLY L 477 17.87 54.97 7.46
C GLY L 477 17.24 53.64 7.08
N VAL L 478 17.08 53.41 5.78
CA VAL L 478 16.57 52.14 5.29
C VAL L 478 17.76 51.32 4.79
N THR L 479 17.99 50.17 5.41
CA THR L 479 19.10 49.31 5.00
C THR L 479 18.84 48.68 3.63
N GLY L 480 17.60 48.75 3.15
CA GLY L 480 17.21 48.05 1.94
C GLY L 480 15.85 47.43 2.11
N ASP L 481 15.77 46.11 1.97
CA ASP L 481 14.52 45.39 2.16
C ASP L 481 14.51 44.79 3.57
N TRP L 482 14.05 45.58 4.53
CA TRP L 482 13.91 45.04 5.88
C TRP L 482 12.49 45.07 6.40
N LYS L 483 11.76 46.16 6.19
CA LYS L 483 10.33 46.22 6.52
C LYS L 483 10.10 45.96 8.02
N VAL L 484 10.48 46.96 8.82
CA VAL L 484 10.35 46.87 10.27
C VAL L 484 8.91 46.63 10.69
N MET L 485 7.96 47.31 10.05
CA MET L 485 6.54 47.23 10.40
C MET L 485 5.95 45.85 10.11
N ASN L 486 5.18 45.33 11.06
CA ASN L 486 4.56 44.01 10.93
C ASN L 486 3.24 43.97 11.69
N ILE L 487 2.28 43.23 11.13
CA ILE L 487 1.00 42.99 11.77
C ILE L 487 0.78 41.48 11.83
N LEU L 488 0.51 40.96 13.01
CA LEU L 488 0.34 39.53 13.22
C LEU L 488 -1.15 39.20 13.29
N HIS L 489 -1.62 38.43 12.32
CA HIS L 489 -3.03 38.06 12.25
C HIS L 489 -3.26 36.70 12.91
N ARG L 490 -4.52 36.44 13.22
CA ARG L 490 -4.93 35.18 13.83
C ARG L 490 -6.09 34.50 13.12
N ILE L 491 -6.67 35.13 12.10
CA ILE L 491 -7.85 34.64 11.40
C ILE L 491 -7.46 34.32 9.97
N ALA L 492 -7.87 33.15 9.48
CA ALA L 492 -7.43 32.71 8.16
C ALA L 492 -8.01 33.54 7.04
N SER L 493 -9.24 34.03 7.18
CA SER L 493 -9.93 34.72 6.09
C SER L 493 -9.68 36.22 6.07
N GLN L 494 -8.95 36.76 7.05
CA GLN L 494 -8.89 38.21 7.22
C GLN L 494 -8.10 38.88 6.09
N VAL L 495 -6.92 38.34 5.78
CA VAL L 495 -6.05 39.02 4.82
C VAL L 495 -6.66 39.03 3.43
N ALA L 496 -7.26 37.92 3.01
CA ALA L 496 -7.93 37.90 1.70
C ALA L 496 -9.11 38.86 1.67
N ALA L 497 -9.88 38.93 2.76
CA ALA L 497 -10.99 39.86 2.83
C ALA L 497 -10.51 41.29 2.68
N LEU L 498 -9.45 41.65 3.40
CA LEU L 498 -8.89 42.99 3.27
C LEU L 498 -8.36 43.23 1.87
N ASP L 499 -7.77 42.22 1.25
CA ASP L 499 -7.28 42.34 -0.12
C ASP L 499 -8.41 42.56 -1.11
N LEU L 500 -9.61 42.10 -0.77
CA LEU L 500 -10.76 42.20 -1.65
C LEU L 500 -11.56 43.48 -1.51
N GLY L 501 -11.16 44.34 -0.58
CA GLY L 501 -11.87 45.59 -0.35
C GLY L 501 -12.97 45.51 0.69
N TYR L 502 -13.05 44.38 1.38
CA TYR L 502 -14.04 44.22 2.45
C TYR L 502 -13.70 45.20 3.57
N LYS L 503 -14.72 45.75 4.21
CA LYS L 503 -14.45 46.68 5.30
C LYS L 503 -14.28 45.89 6.58
N PRO L 504 -13.13 46.05 7.25
CA PRO L 504 -12.87 45.33 8.51
C PRO L 504 -13.79 45.81 9.62
N GLY L 505 -14.26 44.89 10.44
CA GLY L 505 -15.14 45.22 11.55
C GLY L 505 -16.62 45.17 11.23
N VAL L 506 -17.42 45.16 12.28
CA VAL L 506 -18.87 45.11 12.16
C VAL L 506 -19.53 46.46 12.45
N GLU L 507 -18.73 47.52 12.48
CA GLU L 507 -19.25 48.85 12.82
C GLU L 507 -20.30 49.38 11.86
N ALA L 508 -20.11 49.20 10.56
CA ALA L 508 -21.10 49.67 9.60
C ALA L 508 -22.44 48.96 9.76
N ILE L 509 -22.44 47.72 10.26
CA ILE L 509 -23.70 47.04 10.53
C ILE L 509 -24.46 47.76 11.63
N ARG L 510 -23.77 48.12 12.71
CA ARG L 510 -24.42 48.85 13.80
C ARG L 510 -24.83 50.25 13.38
N LYS L 511 -24.04 50.88 12.51
CA LYS L 511 -24.40 52.22 12.04
C LYS L 511 -25.64 52.20 11.17
N ASN L 512 -25.75 51.22 10.27
CA ASN L 512 -26.86 51.10 9.34
C ASN L 512 -27.46 49.70 9.50
N PRO L 513 -28.33 49.50 10.49
CA PRO L 513 -28.90 48.18 10.72
C PRO L 513 -29.65 47.68 9.50
N PRO L 514 -29.25 46.54 8.96
CA PRO L 514 -29.83 46.04 7.70
C PRO L 514 -31.10 45.24 7.92
N LYS L 515 -31.82 45.05 6.82
CA LYS L 515 -32.99 44.17 6.81
C LYS L 515 -32.66 42.75 6.35
N VAL L 516 -31.67 42.61 5.46
CA VAL L 516 -31.22 41.32 4.97
C VAL L 516 -29.76 41.15 5.35
N LEU L 517 -29.47 40.13 6.17
CA LEU L 517 -28.12 39.90 6.66
C LEU L 517 -27.61 38.55 6.15
N PHE L 518 -26.39 38.56 5.60
CA PHE L 518 -25.74 37.36 5.10
C PHE L 518 -24.62 36.97 6.06
N LEU L 519 -24.85 35.93 6.85
CA LEU L 519 -23.82 35.39 7.73
C LEU L 519 -23.06 34.33 6.96
N LEU L 520 -21.85 34.67 6.50
CA LEU L 520 -21.03 33.75 5.74
C LEU L 520 -20.01 33.12 6.69
N GLY L 521 -20.45 32.06 7.35
CA GLY L 521 -19.60 31.38 8.33
C GLY L 521 -19.28 32.22 9.54
N ALA L 522 -20.09 33.22 9.84
CA ALA L 522 -19.81 34.17 10.93
C ALA L 522 -20.41 33.61 12.21
N ASP L 523 -19.55 33.09 13.10
CA ASP L 523 -19.99 32.51 14.36
C ASP L 523 -19.36 33.22 15.56
N GLY L 524 -18.87 34.43 15.38
CA GLY L 524 -18.24 35.15 16.47
C GLY L 524 -19.21 35.74 17.48
N GLY L 525 -20.50 35.73 17.19
CA GLY L 525 -21.48 36.30 18.10
C GLY L 525 -21.41 37.80 18.21
N CYS L 526 -20.79 38.48 17.24
CA CYS L 526 -20.64 39.92 17.31
C CYS L 526 -21.98 40.63 17.13
N ILE L 527 -22.76 40.22 16.13
CA ILE L 527 -24.04 40.84 15.82
C ILE L 527 -25.14 39.83 16.13
N THR L 528 -26.00 40.18 17.08
CA THR L 528 -27.16 39.38 17.44
C THR L 528 -28.42 40.11 17.00
N ARG L 529 -29.58 39.53 17.33
CA ARG L 529 -30.86 40.13 16.95
C ARG L 529 -31.23 41.32 17.81
N GLN L 530 -30.50 41.58 18.90
CA GLN L 530 -30.69 42.82 19.64
C GLN L 530 -30.09 44.00 18.91
N ASP L 531 -29.09 43.76 18.06
CA ASP L 531 -28.43 44.83 17.31
C ASP L 531 -29.06 45.05 15.94
N LEU L 532 -30.15 44.38 15.65
CA LEU L 532 -30.81 44.44 14.35
C LEU L 532 -32.26 44.81 14.54
N PRO L 533 -32.91 45.37 13.51
CA PRO L 533 -34.34 45.63 13.59
C PRO L 533 -35.12 44.32 13.59
N LYS L 534 -36.39 44.41 13.97
CA LYS L 534 -37.25 43.24 13.87
C LYS L 534 -37.47 42.90 12.40
N ASP L 535 -38.08 41.74 12.17
CA ASP L 535 -38.33 41.20 10.83
C ASP L 535 -37.09 41.27 9.93
N CYS L 536 -35.91 41.16 10.54
CA CYS L 536 -34.67 41.11 9.78
C CYS L 536 -34.44 39.69 9.26
N PHE L 537 -34.08 39.60 7.97
CA PHE L 537 -33.89 38.32 7.30
C PHE L 537 -32.42 37.93 7.41
N ILE L 538 -32.14 36.90 8.20
CA ILE L 538 -30.79 36.44 8.46
C ILE L 538 -30.57 35.14 7.71
N ILE L 539 -29.55 35.13 6.85
CA ILE L 539 -29.18 33.97 6.06
C ILE L 539 -27.81 33.51 6.53
N TYR L 540 -27.72 32.26 6.95
CA TYR L 540 -26.46 31.70 7.42
C TYR L 540 -25.97 30.67 6.41
N GLN L 541 -24.71 30.78 6.04
CA GLN L 541 -24.06 29.82 5.15
C GLN L 541 -22.80 29.33 5.83
N GLY L 542 -22.68 28.01 5.95
CA GLY L 542 -21.52 27.46 6.62
C GLY L 542 -21.62 25.95 6.73
N HIS L 543 -20.71 25.37 7.50
CA HIS L 543 -20.64 23.93 7.65
C HIS L 543 -20.93 23.45 9.05
N HIS L 544 -21.05 24.34 10.04
CA HIS L 544 -21.23 23.93 11.42
C HIS L 544 -22.44 24.62 12.02
N GLY L 545 -23.10 23.92 12.93
CA GLY L 545 -24.15 24.51 13.75
C GLY L 545 -23.56 25.11 15.01
N ASP L 546 -23.48 26.43 15.04
CA ASP L 546 -22.71 27.15 16.06
C ASP L 546 -23.55 28.35 16.47
N VAL L 547 -22.89 29.43 16.90
CA VAL L 547 -23.59 30.65 17.29
C VAL L 547 -24.47 31.16 16.16
N GLY L 548 -23.97 31.11 14.92
CA GLY L 548 -24.65 31.78 13.82
C GLY L 548 -25.82 31.04 13.22
N ALA L 549 -25.95 29.75 13.49
CA ALA L 549 -26.98 28.93 12.84
C ALA L 549 -28.37 29.07 13.46
N PRO L 550 -28.56 28.94 14.78
CA PRO L 550 -29.91 28.89 15.33
C PRO L 550 -30.63 30.23 15.38
N MET L 551 -29.99 31.30 14.92
CA MET L 551 -30.60 32.61 14.87
C MET L 551 -30.94 33.04 13.45
N ALA L 552 -30.86 32.12 12.49
CA ALA L 552 -31.06 32.43 11.08
C ALA L 552 -32.45 32.02 10.62
N ASP L 553 -32.85 32.60 9.49
CA ASP L 553 -34.09 32.24 8.82
C ASP L 553 -33.90 31.17 7.75
N VAL L 554 -32.84 31.27 6.96
CA VAL L 554 -32.48 30.27 5.97
C VAL L 554 -31.07 29.80 6.24
N ILE L 555 -30.88 28.48 6.23
CA ILE L 555 -29.59 27.86 6.47
C ILE L 555 -29.12 27.22 5.17
N LEU L 556 -27.93 27.59 4.73
CA LEU L 556 -27.35 27.03 3.50
C LEU L 556 -26.11 26.22 3.85
N PRO L 557 -26.13 24.90 3.66
CA PRO L 557 -24.98 24.07 4.07
C PRO L 557 -23.82 24.20 3.11
N GLY L 558 -22.70 24.72 3.61
CA GLY L 558 -21.50 24.88 2.83
C GLY L 558 -20.47 23.79 3.07
N ALA L 559 -19.33 23.94 2.43
CA ALA L 559 -18.25 22.98 2.52
C ALA L 559 -17.14 23.50 3.43
N ALA L 560 -16.55 22.60 4.21
CA ALA L 560 -15.41 22.96 5.05
C ALA L 560 -14.14 23.02 4.20
N TYR L 561 -13.04 23.41 4.83
CA TYR L 561 -11.78 23.60 4.10
C TYR L 561 -11.24 22.30 3.53
N THR L 562 -11.62 21.16 4.07
CA THR L 562 -11.16 19.87 3.56
C THR L 562 -11.96 19.38 2.37
N GLU L 563 -13.01 20.10 1.98
CA GLU L 563 -13.95 19.61 0.98
C GLU L 563 -14.03 20.51 -0.25
N LYS L 564 -13.02 21.35 -0.48
CA LYS L 564 -13.05 22.24 -1.63
C LYS L 564 -11.62 22.63 -1.98
N SER L 565 -11.47 23.13 -3.20
CA SER L 565 -10.22 23.75 -3.65
C SER L 565 -10.42 25.26 -3.52
N ALA L 566 -9.89 25.84 -2.45
CA ALA L 566 -10.15 27.23 -2.10
C ALA L 566 -8.86 27.93 -1.72
N THR L 567 -8.87 29.25 -1.83
CA THR L 567 -7.69 30.07 -1.65
C THR L 567 -7.74 30.76 -0.29
N TYR L 568 -6.59 30.75 0.39
CA TYR L 568 -6.45 31.38 1.68
C TYR L 568 -5.17 32.20 1.67
N VAL L 569 -5.18 33.35 2.33
CA VAL L 569 -4.01 34.19 2.41
C VAL L 569 -3.59 34.28 3.86
N ASN L 570 -2.34 33.98 4.15
CA ASN L 570 -1.85 34.01 5.52
C ASN L 570 -1.41 35.40 5.98
N THR L 571 -0.82 35.48 7.15
CA THR L 571 -0.37 36.73 7.74
C THR L 571 0.66 37.46 6.87
N GLU L 572 1.54 36.71 6.23
CA GLU L 572 2.56 37.21 5.31
C GLU L 572 2.00 37.80 4.00
N GLY L 573 0.79 37.41 3.64
CA GLY L 573 0.16 37.85 2.41
C GLY L 573 0.35 36.85 1.29
N ARG L 574 0.99 35.73 1.62
CA ARG L 574 1.20 34.65 0.68
C ARG L 574 -0.14 33.98 0.42
N ALA L 575 -0.41 33.64 -0.83
CA ALA L 575 -1.68 33.01 -1.19
C ALA L 575 -1.46 31.53 -1.49
N GLN L 576 -2.27 30.69 -0.86
CA GLN L 576 -2.18 29.25 -1.03
C GLN L 576 -3.57 28.68 -1.30
N GLN L 577 -3.62 27.53 -1.96
CA GLN L 577 -4.88 26.89 -2.28
C GLN L 577 -5.03 25.48 -1.74
N THR L 578 -6.17 25.19 -1.11
CA THR L 578 -6.46 23.86 -0.60
C THR L 578 -6.97 22.96 -1.74
N LYS L 579 -6.99 21.66 -1.50
CA LYS L 579 -7.46 20.69 -2.48
C LYS L 579 -8.56 19.86 -1.85
N VAL L 580 -9.41 19.29 -2.70
CA VAL L 580 -10.50 18.46 -2.23
C VAL L 580 -9.93 17.14 -1.72
N ALA L 581 -10.13 16.88 -0.43
CA ALA L 581 -9.83 15.57 0.13
C ALA L 581 -11.05 14.66 0.08
N VAL L 582 -12.20 15.16 0.56
CA VAL L 582 -13.48 14.48 0.46
C VAL L 582 -14.50 15.50 -0.01
N THR L 583 -15.64 15.02 -0.49
CA THR L 583 -16.71 15.90 -0.93
C THR L 583 -17.56 16.30 0.28
N PRO L 584 -18.30 17.41 0.18
CA PRO L 584 -19.14 17.86 1.29
C PRO L 584 -20.23 16.84 1.56
N PRO L 585 -20.56 16.61 2.84
CA PRO L 585 -21.56 15.64 3.29
C PRO L 585 -22.99 16.04 2.95
N GLY L 586 -23.85 15.05 2.70
CA GLY L 586 -25.24 15.30 2.39
C GLY L 586 -25.45 16.16 1.16
N LEU L 587 -26.25 17.21 1.33
CA LEU L 587 -26.56 18.13 0.24
C LEU L 587 -25.70 19.39 0.22
N ALA L 588 -24.70 19.47 1.09
CA ALA L 588 -23.85 20.65 1.16
C ALA L 588 -23.12 20.85 -0.17
N ARG L 589 -22.83 22.11 -0.48
CA ARG L 589 -22.24 22.48 -1.75
C ARG L 589 -21.10 23.46 -1.52
N GLU L 590 -20.35 23.71 -2.59
CA GLU L 590 -19.27 24.69 -2.54
C GLU L 590 -19.84 26.10 -2.37
N ASP L 591 -19.16 26.91 -1.55
CA ASP L 591 -19.72 28.18 -1.10
C ASP L 591 -19.94 29.16 -2.26
N TRP L 592 -18.92 29.33 -3.10
CA TRP L 592 -19.09 30.23 -4.24
C TRP L 592 -20.15 29.71 -5.20
N LYS L 593 -20.31 28.38 -5.28
CA LYS L 593 -21.38 27.82 -6.09
C LYS L 593 -22.75 28.14 -5.53
N ILE L 594 -22.87 28.13 -4.19
CA ILE L 594 -24.11 28.56 -3.56
C ILE L 594 -24.41 30.01 -3.94
N ILE L 595 -23.41 30.88 -3.83
CA ILE L 595 -23.62 32.29 -4.13
C ILE L 595 -23.98 32.49 -5.60
N ARG L 596 -23.31 31.78 -6.50
CA ARG L 596 -23.58 31.93 -7.93
C ARG L 596 -24.98 31.43 -8.29
N ALA L 597 -25.40 30.28 -7.72
CA ALA L 597 -26.75 29.80 -7.96
C ALA L 597 -27.79 30.78 -7.43
N LEU L 598 -27.54 31.34 -6.25
CA LEU L 598 -28.46 32.33 -5.68
C LEU L 598 -28.53 33.57 -6.56
N SER L 599 -27.39 33.99 -7.12
CA SER L 599 -27.40 35.13 -8.03
C SER L 599 -28.22 34.84 -9.27
N GLU L 600 -28.11 33.63 -9.81
CA GLU L 600 -28.90 33.28 -10.99
C GLU L 600 -30.38 33.27 -10.68
N ILE L 601 -30.77 32.77 -9.50
CA ILE L 601 -32.18 32.71 -9.17
C ILE L 601 -32.77 34.11 -9.05
N ALA L 602 -31.98 35.06 -8.55
CA ALA L 602 -32.43 36.43 -8.33
C ALA L 602 -32.31 37.30 -9.58
N GLY L 603 -31.81 36.76 -10.69
CA GLY L 603 -31.79 37.47 -11.95
C GLY L 603 -30.50 38.16 -12.30
N MET L 604 -29.64 38.43 -11.32
CA MET L 604 -28.36 39.09 -11.57
C MET L 604 -27.22 38.07 -11.61
N THR L 605 -27.23 37.26 -12.66
CA THR L 605 -26.29 36.16 -12.79
C THR L 605 -24.85 36.67 -12.84
N LEU L 606 -23.99 36.06 -12.02
CA LEU L 606 -22.58 36.43 -11.95
C LEU L 606 -21.83 35.89 -13.18
N PRO L 607 -20.80 36.62 -13.63
CA PRO L 607 -20.18 36.28 -14.91
C PRO L 607 -19.46 34.94 -14.93
N TYR L 608 -19.11 34.39 -13.77
CA TYR L 608 -18.27 33.21 -13.70
C TYR L 608 -19.11 31.95 -13.43
N ASP L 609 -18.77 30.87 -14.13
CA ASP L 609 -19.47 29.59 -14.00
C ASP L 609 -18.60 28.47 -13.46
N THR L 610 -17.27 28.56 -13.57
CA THR L 610 -16.35 27.54 -13.10
C THR L 610 -15.40 28.13 -12.07
N LEU L 611 -14.52 27.27 -11.54
CA LEU L 611 -13.54 27.69 -10.56
C LEU L 611 -12.42 28.52 -11.20
N ASP L 612 -12.02 28.16 -12.42
CA ASP L 612 -11.01 28.97 -13.10
C ASP L 612 -11.54 30.36 -13.43
N GLN L 613 -12.82 30.46 -13.78
CA GLN L 613 -13.42 31.77 -14.04
C GLN L 613 -13.53 32.61 -12.77
N VAL L 614 -13.88 31.99 -11.65
CA VAL L 614 -13.96 32.74 -10.41
C VAL L 614 -12.56 33.16 -9.96
N ARG L 615 -11.53 32.37 -10.26
CA ARG L 615 -10.18 32.80 -9.93
C ARG L 615 -9.66 33.86 -10.90
N SER L 616 -10.15 33.87 -12.13
CA SER L 616 -9.87 35.00 -13.02
C SER L 616 -10.51 36.28 -12.50
N ARG L 617 -11.73 36.20 -12.01
CA ARG L 617 -12.36 37.36 -11.38
C ARG L 617 -11.57 37.80 -10.14
N LEU L 618 -11.09 36.83 -9.38
CA LEU L 618 -10.25 37.12 -8.22
C LEU L 618 -9.01 37.88 -8.64
N GLU L 619 -8.37 37.45 -9.72
CA GLU L 619 -7.21 38.17 -10.26
C GLU L 619 -7.59 39.57 -10.72
N GLU L 620 -8.79 39.72 -11.28
CA GLU L 620 -9.26 41.04 -11.70
C GLU L 620 -9.35 41.99 -10.51
N VAL L 621 -9.87 41.52 -9.38
CA VAL L 621 -9.99 42.38 -8.21
C VAL L 621 -8.62 42.64 -7.59
N SER L 622 -7.96 41.59 -7.13
CA SER L 622 -6.64 41.70 -6.50
C SER L 622 -5.72 40.67 -7.14
N PRO L 623 -4.77 41.09 -7.99
CA PRO L 623 -3.98 40.11 -8.76
C PRO L 623 -3.08 39.24 -7.90
N ASN L 624 -2.76 39.64 -6.68
CA ASN L 624 -1.85 38.85 -5.86
C ASN L 624 -2.49 37.57 -5.34
N LEU L 625 -3.81 37.46 -5.42
CA LEU L 625 -4.54 36.29 -4.93
C LEU L 625 -4.43 35.09 -5.87
N VAL L 626 -3.71 35.15 -6.99
CA VAL L 626 -3.60 34.01 -7.87
C VAL L 626 -2.14 33.63 -8.05
N ARG L 627 -1.26 34.29 -7.30
CA ARG L 627 0.16 34.03 -7.35
C ARG L 627 0.56 33.17 -6.16
N TYR L 628 0.11 31.92 -6.18
CA TYR L 628 0.40 30.98 -5.10
C TYR L 628 1.87 30.89 -4.75
N ASP L 629 2.14 30.92 -3.44
CA ASP L 629 3.50 30.87 -2.83
C ASP L 629 4.42 32.06 -3.11
N ASP L 630 3.85 33.18 -3.56
CA ASP L 630 4.61 34.38 -3.82
C ASP L 630 4.36 35.29 -2.64
N VAL L 631 5.42 35.87 -2.10
CA VAL L 631 5.25 36.71 -0.91
C VAL L 631 5.89 38.08 -1.09
N GLU L 632 6.42 38.37 -2.27
CA GLU L 632 7.03 39.66 -2.54
C GLU L 632 5.99 40.77 -2.50
N GLY L 633 6.32 41.88 -1.85
CA GLY L 633 5.43 43.02 -1.78
C GLY L 633 6.22 44.31 -1.78
N ALA L 634 5.50 45.40 -2.05
CA ALA L 634 6.09 46.73 -2.06
C ALA L 634 5.85 47.41 -0.71
N ASN L 635 6.86 48.12 -0.23
CA ASN L 635 6.76 48.83 1.03
C ASN L 635 6.17 50.22 0.81
N TYR L 636 5.07 50.49 1.49
CA TYR L 636 4.43 51.80 1.46
C TYR L 636 4.26 52.33 2.87
N PHE L 637 5.27 52.12 3.72
CA PHE L 637 5.17 52.53 5.10
C PHE L 637 5.15 54.04 5.24
N GLN L 638 5.86 54.76 4.38
CA GLN L 638 5.94 56.21 4.50
C GLN L 638 4.58 56.85 4.27
N GLN L 639 3.89 56.42 3.22
CA GLN L 639 2.55 56.94 2.92
C GLN L 639 1.57 56.62 4.04
N ALA L 640 1.61 55.38 4.54
CA ALA L 640 0.70 54.98 5.61
C ALA L 640 0.98 55.76 6.89
N ASN L 641 2.26 56.02 7.17
CA ASN L 641 2.61 56.82 8.34
C ASN L 641 2.09 58.24 8.21
N GLU L 642 2.25 58.83 7.02
CA GLU L 642 1.69 60.16 6.78
C GLU L 642 0.18 60.16 7.01
N LEU L 643 -0.52 59.17 6.46
CA LEU L 643 -1.96 59.13 6.59
C LEU L 643 -2.41 58.82 8.01
N SER L 644 -1.58 58.14 8.79
CA SER L 644 -1.89 57.86 10.18
C SER L 644 -1.67 59.08 11.06
N LYS L 645 -0.76 59.98 10.67
CA LYS L 645 -0.50 61.15 11.50
C LYS L 645 -1.67 62.12 11.55
N LEU L 646 -2.67 61.95 10.69
CA LEU L 646 -3.78 62.90 10.63
C LEU L 646 -4.56 62.92 11.93
N VAL L 647 -5.25 61.84 12.24
CA VAL L 647 -6.08 61.78 13.43
C VAL L 647 -5.19 61.51 14.62
N ASN L 648 -5.65 61.90 15.81
CA ASN L 648 -4.90 61.76 17.05
C ASN L 648 -5.80 61.18 18.13
N GLN L 649 -6.45 60.07 17.81
CA GLN L 649 -7.33 59.40 18.77
C GLN L 649 -6.56 59.06 20.04
N GLN L 650 -7.20 59.28 21.18
CA GLN L 650 -6.56 59.09 22.47
C GLN L 650 -6.49 57.61 22.84
N LEU L 651 -5.42 57.26 23.55
CA LEU L 651 -5.19 55.88 23.98
C LEU L 651 -5.93 55.59 25.30
N LEU L 652 -6.41 54.36 25.44
CA LEU L 652 -7.12 53.95 26.64
C LEU L 652 -6.16 53.62 27.78
N ALA L 653 -6.69 53.52 28.99
CA ALA L 653 -5.88 53.23 30.16
C ALA L 653 -5.82 51.72 30.42
N ASP L 654 -6.79 51.00 29.87
CA ASP L 654 -6.84 49.55 30.03
C ASP L 654 -5.55 48.88 29.60
N PRO L 655 -5.02 47.99 30.45
CA PRO L 655 -3.78 47.25 30.17
C PRO L 655 -3.98 46.29 29.01
N LEU L 656 -2.93 46.07 28.22
CA LEU L 656 -3.02 45.17 27.07
C LEU L 656 -3.10 43.72 27.51
N VAL L 657 -4.27 43.12 27.36
CA VAL L 657 -4.50 41.73 27.74
C VAL L 657 -5.02 40.91 26.58
N PRO L 658 -4.27 39.87 26.18
CA PRO L 658 -4.66 38.99 25.08
C PRO L 658 -5.83 38.09 25.43
N PRO L 659 -6.60 37.66 24.44
CA PRO L 659 -7.75 36.78 24.66
C PRO L 659 -7.31 35.40 25.14
N GLN L 660 -6.22 34.89 24.57
CA GLN L 660 -5.70 33.58 24.95
C GLN L 660 -4.67 33.74 26.06
N LEU L 661 -5.16 34.04 27.25
CA LEU L 661 -4.33 34.23 28.43
C LEU L 661 -3.52 32.99 28.82
N THR L 662 -4.15 31.82 28.72
CA THR L 662 -3.53 30.57 29.12
C THR L 662 -3.74 29.44 28.10
N ILE L 663 -3.11 28.30 28.34
CA ILE L 663 -3.18 27.14 27.45
C ILE L 663 -4.58 26.58 27.22
N LYS L 664 -5.44 26.61 28.24
CA LYS L 664 -6.79 26.07 28.08
C LYS L 664 -7.58 26.80 27.00
N ASP L 665 -7.43 28.11 26.92
CA ASP L 665 -8.08 28.94 25.93
C ASP L 665 -7.63 28.64 24.49
N PHE L 666 -6.44 28.09 24.34
CA PHE L 666 -5.90 27.87 23.00
C PHE L 666 -6.72 26.89 22.19
N TYR L 667 -7.35 25.91 22.83
CA TYR L 667 -7.88 24.75 22.12
C TYR L 667 -9.14 25.08 21.33
N MET L 668 -10.19 25.51 22.01
CA MET L 668 -11.50 25.72 21.39
C MET L 668 -11.63 27.19 21.03
N THR L 669 -11.41 27.53 19.76
CA THR L 669 -11.48 28.93 19.34
C THR L 669 -12.44 29.16 18.19
N ASP L 670 -12.53 28.24 17.25
CA ASP L 670 -13.40 28.38 16.09
C ASP L 670 -14.48 27.30 16.11
N SER L 671 -15.35 27.33 15.10
CA SER L 671 -16.47 26.40 15.07
C SER L 671 -16.04 24.96 14.84
N ILE L 672 -15.00 24.73 14.04
CA ILE L 672 -14.51 23.37 13.84
C ILE L 672 -13.92 22.82 15.13
N SER L 673 -13.12 23.62 15.83
CA SER L 673 -12.51 23.16 17.07
C SER L 673 -13.52 23.07 18.21
N ARG L 674 -14.55 23.92 18.20
CA ARG L 674 -15.56 23.85 19.25
C ARG L 674 -16.40 22.58 19.14
N ALA L 675 -16.49 22.00 17.95
CA ALA L 675 -17.23 20.76 17.75
C ALA L 675 -16.36 19.52 17.94
N SER L 676 -15.09 19.69 18.30
CA SER L 676 -14.16 18.57 18.39
C SER L 676 -14.17 18.00 19.80
N GLN L 677 -14.35 16.68 19.90
CA GLN L 677 -14.29 16.02 21.20
C GLN L 677 -12.86 15.91 21.72
N THR L 678 -11.88 15.85 20.82
CA THR L 678 -10.49 15.81 21.25
C THR L 678 -10.09 17.11 21.94
N MET L 679 -10.53 18.26 21.40
CA MET L 679 -10.25 19.53 22.06
C MET L 679 -10.96 19.63 23.40
N ALA L 680 -12.16 19.07 23.51
CA ALA L 680 -12.83 19.04 24.81
C ALA L 680 -12.03 18.21 25.81
N LYS L 681 -11.49 17.08 25.37
CA LYS L 681 -10.63 16.28 26.24
C LYS L 681 -9.39 17.06 26.64
N CYS L 682 -8.80 17.80 25.71
CA CYS L 682 -7.62 18.60 26.03
C CYS L 682 -7.93 19.69 27.05
N VAL L 683 -9.07 20.36 26.90
CA VAL L 683 -9.49 21.37 27.86
C VAL L 683 -9.71 20.76 29.23
N LYS L 684 -10.41 19.61 29.27
CA LYS L 684 -10.61 18.91 30.54
C LYS L 684 -9.29 18.49 31.16
N ALA L 685 -8.29 18.15 30.35
CA ALA L 685 -7.01 17.72 30.87
C ALA L 685 -6.19 18.88 31.42
N VAL L 686 -6.27 20.05 30.77
CA VAL L 686 -5.48 21.17 31.27
C VAL L 686 -6.17 21.86 32.44
N THR L 687 -7.48 21.73 32.57
CA THR L 687 -8.14 22.32 33.73
C THR L 687 -8.10 21.38 34.93
N GLU L 688 -8.31 20.09 34.70
CA GLU L 688 -8.30 19.08 35.76
C GLU L 688 -7.01 18.29 35.68
N GLY L 689 -6.30 18.19 36.80
CA GLY L 689 -5.06 17.45 36.83
C GLY L 689 -5.22 15.99 36.45
N ILE L 690 -5.88 15.22 37.31
CA ILE L 690 -6.10 13.77 37.17
C ILE L 690 -4.95 13.04 36.47
N GLU M 1 -19.14 -68.93 -7.27
CA GLU M 1 -20.17 -69.25 -8.26
C GLU M 1 -21.30 -68.23 -8.19
N LEU M 2 -22.23 -68.32 -9.15
CA LEU M 2 -23.35 -67.40 -9.19
C LEU M 2 -24.25 -67.55 -7.98
N VAL M 3 -24.45 -68.79 -7.51
CA VAL M 3 -25.34 -69.03 -6.38
C VAL M 3 -24.84 -68.32 -5.13
N GLN M 4 -23.53 -68.27 -4.92
CA GLN M 4 -23.01 -67.55 -3.76
C GLN M 4 -23.24 -66.06 -3.87
N VAL M 5 -23.21 -65.51 -5.08
CA VAL M 5 -23.55 -64.10 -5.28
C VAL M 5 -25.02 -63.87 -4.94
N LEU M 6 -25.91 -64.77 -5.37
CA LEU M 6 -27.31 -64.62 -5.01
C LEU M 6 -27.48 -64.71 -3.49
N ARG M 7 -26.76 -65.61 -2.83
CA ARG M 7 -26.84 -65.72 -1.39
C ARG M 7 -26.35 -64.44 -0.71
N ARG M 8 -25.33 -63.80 -1.29
CA ARG M 8 -24.90 -62.50 -0.80
C ARG M 8 -26.02 -61.47 -0.94
N GLY M 9 -26.75 -61.51 -2.05
CA GLY M 9 -27.88 -60.60 -2.22
C GLY M 9 -28.98 -60.83 -1.20
N LEU M 10 -29.32 -62.11 -0.93
CA LEU M 10 -30.35 -62.41 0.06
C LEU M 10 -29.91 -62.07 1.47
N GLN M 11 -28.63 -62.25 1.80
CA GLN M 11 -28.19 -61.80 3.11
C GLN M 11 -28.06 -60.29 3.18
N GLN M 12 -27.98 -59.61 2.04
CA GLN M 12 -28.00 -58.15 2.03
C GLN M 12 -29.41 -57.63 2.30
N VAL M 13 -30.42 -58.25 1.69
CA VAL M 13 -31.79 -57.85 2.02
C VAL M 13 -32.15 -58.27 3.43
N SER M 14 -31.64 -59.42 3.89
CA SER M 14 -31.88 -59.84 5.26
C SER M 14 -31.15 -58.96 6.26
N GLY M 15 -30.02 -58.38 5.86
CA GLY M 15 -29.16 -57.59 6.73
C GLY M 15 -29.58 -56.15 6.93
N HIS M 16 -30.63 -55.69 6.25
CA HIS M 16 -31.14 -54.34 6.45
C HIS M 16 -32.38 -54.29 7.33
N GLY M 17 -32.70 -55.39 8.01
CA GLY M 17 -33.84 -55.41 8.90
C GLY M 17 -35.13 -55.84 8.28
N GLY M 18 -35.10 -56.64 7.22
CA GLY M 18 -36.30 -57.09 6.55
C GLY M 18 -36.47 -56.43 5.20
N LEU M 19 -37.57 -56.81 4.54
CA LEU M 19 -37.83 -56.34 3.19
C LEU M 19 -38.15 -54.84 3.19
N ARG M 20 -38.89 -54.35 4.19
CA ARG M 20 -39.29 -52.96 4.16
C ARG M 20 -38.12 -52.03 4.47
N GLY M 21 -37.21 -52.44 5.38
CA GLY M 21 -36.00 -51.66 5.59
C GLY M 21 -35.10 -51.69 4.37
N TYR M 22 -35.03 -52.83 3.68
CA TYR M 22 -34.30 -52.92 2.44
C TYR M 22 -34.85 -51.93 1.40
N LEU M 23 -36.18 -51.90 1.26
CA LEU M 23 -36.79 -50.98 0.31
C LEU M 23 -36.60 -49.54 0.73
N ARG M 24 -36.63 -49.27 2.05
CA ARG M 24 -36.39 -47.91 2.53
C ARG M 24 -34.99 -47.44 2.17
N VAL M 25 -33.98 -48.28 2.41
CA VAL M 25 -32.62 -47.86 2.06
C VAL M 25 -32.43 -47.76 0.55
N LEU M 26 -33.09 -48.63 -0.23
CA LEU M 26 -32.96 -48.56 -1.68
C LEU M 26 -33.60 -47.30 -2.24
N PHE M 27 -34.73 -46.88 -1.71
CA PHE M 27 -35.39 -45.67 -2.21
C PHE M 27 -34.87 -44.40 -1.55
N ARG M 28 -34.13 -44.52 -0.45
CA ARG M 28 -33.59 -43.36 0.25
C ARG M 28 -32.18 -43.03 -0.16
N ALA M 29 -31.38 -44.02 -0.54
CA ALA M 29 -29.99 -43.76 -0.91
C ALA M 29 -29.59 -44.41 -2.22
N ASN M 30 -30.47 -45.17 -2.86
CA ASN M 30 -30.15 -45.90 -4.10
C ASN M 30 -28.94 -46.80 -3.89
N ASP M 31 -28.81 -47.35 -2.70
CA ASP M 31 -27.73 -48.24 -2.32
C ASP M 31 -28.24 -49.18 -1.24
N VAL M 32 -27.81 -50.44 -1.29
CA VAL M 32 -28.32 -51.42 -0.34
C VAL M 32 -27.19 -52.17 0.33
N ARG M 33 -25.99 -51.61 0.32
CA ARG M 33 -24.85 -52.30 0.91
C ARG M 33 -24.96 -52.33 2.43
N VAL M 34 -24.27 -53.30 3.03
CA VAL M 34 -24.24 -53.50 4.48
C VAL M 34 -22.82 -53.22 4.96
N GLY M 35 -22.70 -52.35 5.96
CA GLY M 35 -21.41 -52.03 6.53
C GLY M 35 -21.48 -51.97 8.04
N THR M 36 -20.29 -51.89 8.64
CA THR M 36 -20.20 -51.81 10.09
C THR M 36 -20.57 -50.41 10.57
N LEU M 37 -21.52 -50.34 11.50
CA LEU M 37 -21.91 -49.05 12.06
C LEU M 37 -20.76 -48.45 12.86
N VAL M 38 -20.13 -47.44 12.30
CA VAL M 38 -19.08 -46.71 13.02
C VAL M 38 -19.68 -45.89 14.16
N GLY M 39 -20.79 -45.22 13.91
CA GLY M 39 -21.37 -44.44 14.99
C GLY M 39 -22.67 -43.80 14.56
N GLU M 40 -23.25 -43.06 15.51
CA GLU M 40 -24.47 -42.31 15.25
C GLU M 40 -24.26 -40.85 15.57
N ASP M 41 -25.23 -40.05 15.14
CA ASP M 41 -25.21 -38.61 15.28
C ASP M 41 -26.19 -38.18 16.37
N LYS M 42 -25.94 -37.00 16.94
CA LYS M 42 -26.94 -36.43 17.83
C LYS M 42 -28.14 -35.91 17.05
N TYR M 43 -28.04 -35.81 15.73
CA TYR M 43 -29.15 -35.44 14.88
C TYR M 43 -29.80 -36.63 14.18
N GLY M 44 -29.28 -37.84 14.37
CA GLY M 44 -29.88 -39.04 13.82
C GLY M 44 -29.14 -39.68 12.67
N ASN M 45 -28.13 -39.02 12.09
CA ASN M 45 -27.38 -39.62 11.01
C ASN M 45 -26.55 -40.79 11.51
N LYS M 46 -26.45 -41.83 10.70
CA LYS M 46 -25.67 -43.01 11.04
C LYS M 46 -24.49 -43.13 10.09
N TYR M 47 -23.34 -43.55 10.61
CA TYR M 47 -22.11 -43.58 9.85
C TYR M 47 -21.54 -44.99 9.87
N TYR M 48 -21.30 -45.53 8.66
CA TYR M 48 -20.84 -46.88 8.42
C TYR M 48 -19.55 -46.86 7.62
N GLU M 49 -18.76 -47.93 7.76
CA GLU M 49 -17.59 -48.12 6.91
C GLU M 49 -17.55 -49.55 6.41
N ASP M 50 -16.78 -49.76 5.35
CA ASP M 50 -16.46 -51.09 4.86
C ASP M 50 -15.12 -50.98 4.14
N ASN M 51 -14.05 -51.39 4.81
CA ASN M 51 -12.71 -51.17 4.29
C ASN M 51 -12.40 -52.02 3.06
N LYS M 52 -13.25 -52.99 2.74
CA LYS M 52 -13.06 -53.80 1.53
C LYS M 52 -13.56 -53.10 0.28
N GLN M 53 -14.34 -52.04 0.41
CA GLN M 53 -14.69 -51.21 -0.74
C GLN M 53 -13.50 -50.37 -1.15
N PHE M 54 -13.49 -49.97 -2.42
CA PHE M 54 -12.40 -49.12 -2.87
C PHE M 54 -12.52 -47.73 -2.26
N PHE M 55 -11.39 -47.01 -2.27
CA PHE M 55 -11.33 -45.70 -1.63
C PHE M 55 -12.37 -44.77 -2.22
N GLY M 56 -13.26 -44.27 -1.38
CA GLY M 56 -14.37 -43.45 -1.83
C GLY M 56 -15.70 -44.05 -1.45
N ARG M 57 -15.79 -45.38 -1.52
CA ARG M 57 -16.99 -46.12 -1.16
C ARG M 57 -16.83 -46.86 0.16
N HIS M 58 -15.78 -46.58 0.91
CA HIS M 58 -15.48 -47.28 2.16
C HIS M 58 -16.04 -46.58 3.38
N ARG M 59 -16.67 -45.42 3.23
CA ARG M 59 -17.30 -44.70 4.33
C ARG M 59 -18.55 -44.03 3.82
N TRP M 60 -19.64 -44.13 4.57
CA TRP M 60 -20.85 -43.46 4.12
C TRP M 60 -21.76 -43.17 5.30
N VAL M 61 -22.72 -42.28 5.06
CA VAL M 61 -23.68 -41.85 6.06
C VAL M 61 -25.09 -42.11 5.52
N ILE M 62 -25.93 -42.70 6.35
CA ILE M 62 -27.36 -42.75 6.12
C ILE M 62 -27.96 -41.60 6.93
N TYR M 63 -28.51 -40.61 6.23
CA TYR M 63 -28.94 -39.37 6.86
C TYR M 63 -30.19 -39.61 7.69
N THR M 64 -30.43 -38.68 8.63
CA THR M 64 -31.62 -38.72 9.45
C THR M 64 -32.84 -38.34 8.62
N THR M 65 -34.00 -38.84 9.04
CA THR M 65 -35.25 -38.49 8.38
C THR M 65 -35.86 -37.21 8.95
N GLU M 66 -35.25 -36.60 9.96
CA GLU M 66 -35.86 -35.47 10.64
C GLU M 66 -34.72 -34.64 11.24
N MET M 67 -34.34 -33.59 10.54
CA MET M 67 -33.31 -32.65 11.00
C MET M 67 -34.03 -31.58 11.83
N ASN M 68 -33.35 -30.46 12.11
CA ASN M 68 -33.83 -29.45 13.06
C ASN M 68 -35.34 -29.25 13.04
N GLY M 69 -35.90 -28.89 11.90
CA GLY M 69 -37.34 -28.77 11.81
C GLY M 69 -37.98 -29.37 10.57
N ARG M 70 -37.18 -29.71 9.57
CA ARG M 70 -37.70 -30.09 8.28
C ARG M 70 -37.68 -31.61 8.10
N ASP M 71 -38.59 -32.07 7.25
CA ASP M 71 -38.66 -33.49 6.91
C ASP M 71 -37.58 -33.81 5.89
N THR M 72 -36.69 -34.73 6.23
CA THR M 72 -35.56 -35.07 5.36
C THR M 72 -35.61 -36.52 4.93
N PHE M 73 -36.82 -37.09 4.81
CA PHE M 73 -36.96 -38.45 4.29
C PHE M 73 -36.49 -38.52 2.84
N TRP M 74 -36.85 -37.53 2.03
CA TRP M 74 -36.35 -37.43 0.67
C TRP M 74 -35.32 -36.31 0.51
N ASP M 75 -35.55 -35.17 1.14
CA ASP M 75 -34.72 -33.99 0.95
C ASP M 75 -33.54 -34.07 1.90
N VAL M 76 -32.42 -34.58 1.39
CA VAL M 76 -31.16 -34.62 2.13
C VAL M 76 -30.12 -33.86 1.32
N ASP M 77 -29.07 -33.42 2.01
CA ASP M 77 -27.94 -32.82 1.34
C ASP M 77 -26.72 -32.94 2.23
N GLY M 78 -25.55 -32.73 1.62
CA GLY M 78 -24.30 -32.91 2.33
C GLY M 78 -24.07 -31.92 3.45
N SER M 79 -24.82 -30.84 3.49
CA SER M 79 -24.64 -29.84 4.55
C SER M 79 -25.23 -30.28 5.87
N MET M 80 -25.91 -31.41 5.95
CA MET M 80 -26.48 -31.86 7.21
C MET M 80 -25.47 -32.56 8.11
N VAL M 81 -24.29 -32.87 7.59
CA VAL M 81 -23.27 -33.56 8.39
C VAL M 81 -22.61 -32.57 9.34
N PRO M 82 -22.57 -32.86 10.64
CA PRO M 82 -21.89 -31.97 11.58
C PRO M 82 -20.37 -32.01 11.41
N PRO M 83 -19.66 -30.98 11.86
CA PRO M 83 -18.23 -30.85 11.50
C PRO M 83 -17.34 -32.01 11.89
N GLU M 84 -17.56 -32.67 13.04
CA GLU M 84 -16.69 -33.77 13.42
C GLU M 84 -16.87 -34.98 12.50
N TRP M 85 -18.11 -35.36 12.25
CA TRP M 85 -18.38 -36.39 11.27
C TRP M 85 -18.06 -35.91 9.85
N HIS M 86 -18.07 -34.59 9.62
CA HIS M 86 -17.61 -34.07 8.34
C HIS M 86 -16.12 -34.36 8.15
N ARG M 87 -15.33 -34.18 9.21
CA ARG M 87 -13.91 -34.49 9.13
C ARG M 87 -13.68 -35.97 8.89
N TRP M 88 -14.43 -36.82 9.59
CA TRP M 88 -14.23 -38.25 9.36
C TRP M 88 -14.70 -38.67 7.97
N LEU M 89 -15.84 -38.16 7.52
CA LEU M 89 -16.48 -38.65 6.31
C LEU M 89 -15.69 -38.31 5.05
N HIS M 90 -15.10 -37.12 5.00
CA HIS M 90 -14.29 -36.71 3.86
C HIS M 90 -12.85 -37.19 3.96
N CYS M 91 -12.58 -38.14 4.86
CA CYS M 91 -11.28 -38.80 4.97
C CYS M 91 -10.14 -37.83 5.24
N MET M 92 -10.44 -36.73 5.95
CA MET M 92 -9.39 -35.85 6.45
C MET M 92 -8.61 -36.50 7.58
N THR M 93 -9.21 -37.47 8.27
CA THR M 93 -8.58 -38.21 9.34
C THR M 93 -9.07 -39.63 9.29
N ASP M 94 -8.38 -40.52 9.99
CA ASP M 94 -8.80 -41.91 10.13
C ASP M 94 -9.61 -42.15 11.39
N ASP M 95 -9.54 -41.25 12.37
CA ASP M 95 -10.13 -41.48 13.67
C ASP M 95 -11.53 -40.90 13.73
N PRO M 96 -12.55 -41.71 14.02
CA PRO M 96 -13.91 -41.17 14.14
C PRO M 96 -14.03 -40.28 15.37
N PRO M 97 -15.02 -39.40 15.42
CA PRO M 97 -15.22 -38.57 16.61
C PRO M 97 -15.60 -39.36 17.86
N THR M 98 -16.07 -40.60 17.71
CA THR M 98 -16.39 -41.41 18.89
C THR M 98 -15.13 -41.80 19.66
N THR M 99 -14.06 -42.14 18.96
CA THR M 99 -12.81 -42.51 19.60
C THR M 99 -11.84 -41.35 19.75
N LYS M 100 -12.00 -40.30 18.95
CA LYS M 100 -11.19 -39.07 19.06
C LYS M 100 -12.13 -37.88 19.05
N PRO M 101 -12.77 -37.59 20.20
CA PRO M 101 -13.70 -36.47 20.24
C PRO M 101 -12.98 -35.15 20.04
N PRO M 102 -13.63 -34.16 19.44
CA PRO M 102 -13.01 -32.84 19.31
C PRO M 102 -12.91 -32.13 20.65
N THR M 103 -12.02 -31.15 20.70
CA THR M 103 -11.85 -30.35 21.91
C THR M 103 -13.11 -29.54 22.18
N ALA M 104 -13.45 -29.39 23.46
CA ALA M 104 -14.68 -28.73 23.87
C ALA M 104 -14.42 -27.26 24.15
N ARG M 105 -15.23 -26.40 23.54
CA ARG M 105 -15.23 -24.97 23.82
C ARG M 105 -16.67 -24.53 24.04
N LYS M 106 -16.85 -23.53 24.90
CA LYS M 106 -18.19 -23.07 25.23
C LYS M 106 -18.78 -22.13 24.20
N TYR M 107 -18.03 -21.74 23.17
CA TYR M 107 -18.58 -20.93 22.09
C TYR M 107 -18.88 -21.75 20.84
N ILE M 108 -18.46 -23.02 20.81
CA ILE M 108 -18.79 -23.88 19.68
C ILE M 108 -20.29 -24.18 19.69
N TRP M 109 -20.88 -24.20 18.50
CA TRP M 109 -22.31 -24.46 18.38
C TRP M 109 -22.64 -25.84 18.93
N THR M 110 -23.65 -25.92 19.78
CA THR M 110 -24.12 -27.21 20.25
C THR M 110 -25.13 -27.84 19.31
N ASN M 111 -25.62 -27.07 18.32
CA ASN M 111 -26.63 -27.54 17.39
C ASN M 111 -26.22 -27.12 15.99
N HIS M 112 -25.84 -28.10 15.17
CA HIS M 112 -25.46 -27.84 13.79
C HIS M 112 -26.66 -27.38 12.99
N LYS M 113 -26.43 -26.40 12.11
CA LYS M 113 -27.44 -25.92 11.18
C LYS M 113 -27.00 -26.26 9.76
N PHE M 114 -27.96 -26.61 8.91
CA PHE M 114 -27.65 -26.92 7.52
C PHE M 114 -27.67 -25.64 6.69
N ASN M 115 -27.52 -25.77 5.38
CA ASN M 115 -27.60 -24.64 4.45
C ASN M 115 -29.01 -24.07 4.47
N VAL M 116 -29.16 -22.87 5.00
CA VAL M 116 -30.46 -22.27 5.19
C VAL M 116 -30.80 -21.29 4.07
N SER M 117 -30.11 -21.38 2.94
CA SER M 117 -30.39 -20.51 1.81
C SER M 117 -31.79 -20.77 1.27
N GLY M 118 -32.45 -19.71 0.81
CA GLY M 118 -33.81 -19.82 0.33
C GLY M 118 -34.80 -20.18 1.41
N THR M 119 -34.68 -19.51 2.56
CA THR M 119 -35.43 -19.82 3.77
C THR M 119 -35.42 -18.59 4.65
N PRO M 120 -36.50 -18.35 5.42
CA PRO M 120 -36.53 -17.15 6.28
C PRO M 120 -35.40 -17.05 7.29
N GLN M 121 -34.58 -18.08 7.41
CA GLN M 121 -33.40 -18.05 8.27
C GLN M 121 -32.12 -17.73 7.52
N GLN M 122 -32.24 -17.30 6.26
CA GLN M 122 -31.08 -17.03 5.44
C GLN M 122 -30.34 -15.78 5.92
N TYR M 123 -29.08 -15.70 5.54
CA TYR M 123 -28.23 -14.57 5.92
C TYR M 123 -28.50 -13.39 5.01
N VAL M 124 -28.62 -12.21 5.59
CA VAL M 124 -28.83 -10.97 4.86
C VAL M 124 -27.70 -10.02 5.22
N PRO M 125 -26.85 -9.63 4.28
CA PRO M 125 -25.72 -8.75 4.61
C PRO M 125 -26.17 -7.35 4.99
N TYR M 126 -25.33 -6.70 5.81
CA TYR M 126 -25.57 -5.32 6.22
C TYR M 126 -24.27 -4.74 6.74
N SER M 127 -24.22 -3.41 6.80
CA SER M 127 -23.06 -2.71 7.31
C SER M 127 -23.01 -2.80 8.83
N THR M 128 -21.85 -3.18 9.37
CA THR M 128 -21.70 -3.36 10.81
C THR M 128 -21.10 -2.14 11.50
N THR M 129 -20.82 -1.07 10.77
CA THR M 129 -20.24 0.12 11.36
C THR M 129 -21.32 1.13 11.73
N ARG M 130 -20.95 2.09 12.56
CA ARG M 130 -21.86 3.12 13.02
C ARG M 130 -21.82 4.33 12.10
N LYS M 131 -22.71 5.28 12.38
CA LYS M 131 -22.84 6.48 11.58
C LYS M 131 -21.60 7.34 11.70
N LYS M 132 -21.19 7.95 10.58
CA LYS M 132 -19.92 8.68 10.51
C LYS M 132 -20.08 10.17 10.78
N ILE M 133 -20.97 10.83 10.04
CA ILE M 133 -21.16 12.27 10.19
C ILE M 133 -22.46 12.50 10.96
N GLN M 134 -22.37 13.27 12.03
CA GLN M 134 -23.56 13.68 12.77
C GLN M 134 -23.99 15.07 12.32
N GLU M 135 -25.29 15.24 12.09
CA GLU M 135 -25.84 16.51 11.68
C GLU M 135 -26.21 17.35 12.89
N TRP M 136 -26.22 18.66 12.68
CA TRP M 136 -26.63 19.59 13.72
C TRP M 136 -28.12 19.46 13.98
N VAL M 137 -28.50 19.49 15.24
CA VAL M 137 -29.90 19.43 15.66
C VAL M 137 -30.37 20.85 15.95
N PRO M 138 -31.32 21.40 15.19
CA PRO M 138 -31.78 22.74 15.46
C PRO M 138 -32.51 22.81 16.79
N PRO M 139 -32.48 23.95 17.47
CA PRO M 139 -33.17 24.05 18.75
C PRO M 139 -34.68 23.97 18.59
N SER M 140 -35.34 23.46 19.62
CA SER M 140 -36.78 23.25 19.59
C SER M 140 -37.57 24.51 19.92
N THR M 141 -36.90 25.59 20.30
CA THR M 141 -37.57 26.80 20.72
C THR M 141 -37.58 27.83 19.59
N PRO M 142 -38.64 28.63 19.47
CA PRO M 142 -38.64 29.71 18.48
C PRO M 142 -37.55 30.73 18.78
N TYR M 143 -37.06 31.34 17.71
CA TYR M 143 -35.92 32.25 17.76
C TYR M 143 -36.32 33.71 17.91
N LYS M 144 -37.61 34.02 17.93
CA LYS M 144 -38.07 35.39 18.11
C LYS M 144 -39.28 35.43 19.05
N GLY N 1 21.90 -9.16 40.04
CA GLY N 1 20.92 -9.33 38.98
C GLY N 1 20.28 -8.03 38.56
N ALA N 2 18.95 -8.02 38.48
CA ALA N 2 18.23 -6.81 38.14
C ALA N 2 18.24 -5.83 39.31
N GLY N 3 18.08 -4.55 38.97
CA GLY N 3 18.23 -3.48 39.94
C GLY N 3 17.28 -3.54 41.11
N GLY N 4 15.99 -3.77 40.85
CA GLY N 4 14.97 -3.82 41.85
C GLY N 4 14.29 -2.50 42.13
N ALA N 5 15.05 -1.40 42.12
CA ALA N 5 14.49 -0.08 42.35
C ALA N 5 13.78 0.42 41.11
N LEU N 6 12.63 1.05 41.33
CA LEU N 6 11.84 1.63 40.25
C LEU N 6 12.35 3.03 39.92
N PHE N 7 12.26 3.39 38.64
CA PHE N 7 12.72 4.69 38.18
C PHE N 7 11.55 5.59 37.79
N VAL N 8 10.35 5.27 38.26
CA VAL N 8 9.24 6.20 38.25
C VAL N 8 8.96 6.59 39.69
N HIS N 9 8.29 7.72 39.86
CA HIS N 9 7.87 8.17 41.17
C HIS N 9 6.36 8.17 41.25
N ARG N 10 5.82 7.52 42.28
CA ARG N 10 4.40 7.57 42.59
C ARG N 10 4.23 8.23 43.95
N ASP N 11 3.33 9.20 44.03
CA ASP N 11 3.14 9.94 45.27
C ASP N 11 2.62 9.02 46.37
N THR N 12 3.12 9.24 47.57
CA THR N 12 2.69 8.54 48.77
C THR N 12 2.50 9.58 49.87
N PRO N 13 1.71 9.26 50.89
CA PRO N 13 1.50 10.24 51.98
C PRO N 13 2.79 10.65 52.67
N GLU N 14 3.84 9.82 52.59
CA GLU N 14 5.13 10.14 53.18
C GLU N 14 6.13 10.69 52.17
N ASN N 15 5.81 10.66 50.88
CA ASN N 15 6.72 11.16 49.86
C ASN N 15 5.87 11.77 48.74
N ASN N 16 5.59 13.06 48.86
CA ASN N 16 4.82 13.80 47.86
C ASN N 16 5.41 15.19 47.76
N PRO N 17 4.99 15.98 46.77
CA PRO N 17 5.53 17.34 46.64
C PRO N 17 5.32 18.21 47.87
N ASP N 18 4.39 17.86 48.74
CA ASP N 18 4.12 18.64 49.94
C ASP N 18 4.77 18.04 51.18
N THR N 19 5.67 17.07 51.02
CA THR N 19 6.46 16.59 52.13
C THR N 19 7.37 17.71 52.61
N PRO N 20 7.40 18.02 53.91
CA PRO N 20 8.19 19.17 54.37
C PRO N 20 9.68 18.92 54.22
N PHE N 21 10.33 19.80 53.45
CA PHE N 21 11.79 19.81 53.37
C PHE N 21 12.27 21.24 53.18
N ASP N 22 13.32 21.60 53.91
CA ASP N 22 13.98 22.88 53.73
C ASP N 22 15.38 22.77 54.32
N PHE N 23 16.32 23.46 53.68
CA PHE N 23 17.69 23.48 54.19
C PHE N 23 17.76 24.28 55.48
N THR N 24 18.68 23.88 56.35
CA THR N 24 19.00 24.68 57.51
C THR N 24 19.77 25.92 57.08
N PRO N 25 19.75 26.98 57.89
CA PRO N 25 20.56 28.17 57.55
C PRO N 25 22.04 27.87 57.34
N GLU N 26 22.60 26.98 58.16
CA GLU N 26 23.98 26.56 57.93
C GLU N 26 24.13 25.87 56.58
N ASN N 27 23.16 25.04 56.22
CA ASN N 27 23.19 24.41 54.90
C ASN N 27 23.03 25.44 53.79
N TYR N 28 22.35 26.55 54.05
CA TYR N 28 22.26 27.60 53.05
C TYR N 28 23.60 28.32 52.89
N LYS N 29 24.32 28.53 53.99
CA LYS N 29 25.67 29.07 53.89
C LYS N 29 26.58 28.14 53.07
N ARG N 30 26.47 26.83 53.35
CA ARG N 30 27.24 25.86 52.59
C ARG N 30 26.85 25.85 51.12
N ILE N 31 25.56 26.04 50.83
CA ILE N 31 25.10 26.10 49.45
C ILE N 31 25.70 27.29 48.73
N GLU N 32 25.74 28.44 49.41
CA GLU N 32 26.37 29.62 48.82
C GLU N 32 27.84 29.36 48.52
N ALA N 33 28.54 28.72 49.47
CA ALA N 33 29.96 28.41 49.25
C ALA N 33 30.14 27.43 48.08
N ILE N 34 29.24 26.45 47.96
CA ILE N 34 29.32 25.52 46.83
C ILE N 34 29.08 26.24 45.51
N VAL N 35 28.07 27.11 45.48
CA VAL N 35 27.71 27.81 44.24
C VAL N 35 28.82 28.71 43.71
N LYS N 36 29.56 29.34 44.61
CA LYS N 36 30.64 30.25 44.24
C LYS N 36 31.80 29.62 43.47
N ASN N 37 32.06 28.34 43.68
CA ASN N 37 33.17 27.67 43.01
C ASN N 37 33.07 27.68 41.49
N TYR N 38 31.87 27.47 40.97
CA TYR N 38 31.64 27.45 39.53
C TYR N 38 31.55 28.84 38.88
N PRO N 39 31.84 28.92 37.58
CA PRO N 39 31.79 30.16 36.81
C PRO N 39 30.37 30.71 36.76
N GLU N 40 30.23 32.03 36.78
CA GLU N 40 28.91 32.64 36.73
C GLU N 40 28.22 32.28 35.41
N GLY N 41 26.93 31.99 35.50
CA GLY N 41 26.13 31.59 34.36
C GLY N 41 26.12 30.07 34.17
N HIS N 42 26.83 29.38 35.05
CA HIS N 42 26.93 27.93 35.04
C HIS N 42 26.63 27.39 36.44
N LYS N 43 25.60 27.96 37.06
CA LYS N 43 25.17 27.61 38.41
C LYS N 43 24.67 26.18 38.59
N ALA N 44 24.19 25.56 37.52
CA ALA N 44 23.68 24.19 37.58
C ALA N 44 24.75 23.22 38.06
N ALA N 45 25.99 23.45 37.68
CA ALA N 45 27.09 22.59 38.08
C ALA N 45 27.02 22.24 39.56
N ALA N 46 26.24 22.96 40.34
CA ALA N 46 26.07 22.69 41.76
C ALA N 46 24.96 21.70 42.05
N VAL N 47 24.34 21.11 41.01
CA VAL N 47 23.29 20.14 41.26
C VAL N 47 23.85 18.93 42.01
N LEU N 48 24.99 18.42 41.55
CA LEU N 48 25.57 17.23 42.18
C LEU N 48 25.91 17.42 43.65
N PRO N 49 26.62 18.47 44.08
CA PRO N 49 26.91 18.60 45.51
C PRO N 49 25.69 18.97 46.35
N VAL N 50 24.92 19.96 45.91
CA VAL N 50 23.81 20.45 46.72
C VAL N 50 22.79 19.34 46.97
N LEU N 51 22.45 18.58 45.93
CA LEU N 51 21.61 17.40 46.11
C LEU N 51 22.17 16.49 47.18
N ASP N 52 23.48 16.17 47.09
CA ASP N 52 24.11 15.37 48.13
C ASP N 52 23.94 16.02 49.49
N LEU N 53 24.13 17.35 49.56
CA LEU N 53 23.96 18.06 50.82
C LEU N 53 22.56 17.84 51.38
N ALA N 54 21.54 17.88 50.52
CA ALA N 54 20.19 17.61 51.00
C ALA N 54 20.12 16.24 51.64
N GLN N 55 20.67 15.23 50.97
CA GLN N 55 20.67 13.88 51.51
C GLN N 55 21.48 13.79 52.80
N ARG N 56 22.46 14.67 52.99
CA ARG N 56 23.25 14.63 54.22
C ARG N 56 22.50 15.26 55.38
N GLN N 57 21.46 16.04 55.10
CA GLN N 57 20.66 16.62 56.17
C GLN N 57 19.42 15.77 56.47
N ASN N 58 18.77 15.26 55.42
CA ASN N 58 17.54 14.52 55.59
C ASN N 58 17.75 13.03 55.76
N GLY N 59 18.79 12.47 55.16
CA GLY N 59 19.02 11.04 55.21
C GLY N 59 18.76 10.39 53.87
N TRP N 60 17.71 10.84 53.20
CA TRP N 60 17.36 10.38 51.86
C TRP N 60 16.89 11.58 51.05
N LEU N 61 16.39 11.32 49.86
CA LEU N 61 15.93 12.38 48.96
C LEU N 61 14.45 12.21 48.64
N PRO N 62 13.56 12.86 49.38
CA PRO N 62 12.16 12.93 48.95
C PRO N 62 12.03 13.80 47.71
N ILE N 63 10.90 13.62 47.02
CA ILE N 63 10.68 14.39 45.79
C ILE N 63 10.66 15.88 46.10
N SER N 64 10.24 16.27 47.31
CA SER N 64 10.27 17.67 47.69
C SER N 64 11.69 18.20 47.80
N ALA N 65 12.64 17.36 48.22
CA ALA N 65 14.04 17.79 48.24
C ALA N 65 14.55 18.07 46.83
N MET N 66 14.22 17.21 45.87
CA MET N 66 14.60 17.46 44.49
C MET N 66 13.97 18.74 43.97
N ASN N 67 12.70 18.97 44.29
CA ASN N 67 12.04 20.21 43.88
C ASN N 67 12.73 21.42 44.49
N LYS N 68 13.12 21.33 45.77
CA LYS N 68 13.77 22.45 46.44
C LYS N 68 15.12 22.76 45.81
N VAL N 69 15.91 21.72 45.50
CA VAL N 69 17.19 21.95 44.84
C VAL N 69 16.97 22.57 43.46
N ALA N 70 15.98 22.07 42.72
CA ALA N 70 15.71 22.62 41.40
C ALA N 70 15.31 24.09 41.47
N GLU N 71 14.49 24.45 42.45
CA GLU N 71 14.06 25.83 42.61
C GLU N 71 15.20 26.73 43.08
N ILE N 72 16.06 26.23 43.98
CA ILE N 72 17.17 27.02 44.48
C ILE N 72 18.18 27.31 43.37
N LEU N 73 18.47 26.31 42.54
CA LEU N 73 19.45 26.49 41.47
C LEU N 73 18.84 26.98 40.17
N GLN N 74 17.52 27.14 40.12
CA GLN N 74 16.81 27.58 38.91
C GLN N 74 17.08 26.64 37.74
N VAL N 75 17.09 25.35 38.04
CA VAL N 75 17.25 24.30 37.04
C VAL N 75 15.89 23.63 36.90
N PRO N 76 15.48 23.21 35.70
CA PRO N 76 14.21 22.49 35.58
C PRO N 76 14.21 21.23 36.44
N PRO N 77 13.09 20.93 37.10
CA PRO N 77 13.08 19.78 38.01
C PRO N 77 13.42 18.45 37.36
N MET N 78 13.10 18.27 36.07
CA MET N 78 13.40 17.00 35.43
C MET N 78 14.90 16.76 35.33
N ARG N 79 15.70 17.83 35.25
CA ARG N 79 17.15 17.67 35.26
C ARG N 79 17.63 17.13 36.60
N VAL N 80 17.07 17.63 37.70
CA VAL N 80 17.43 17.08 39.01
C VAL N 80 16.93 15.66 39.15
N TYR N 81 15.77 15.33 38.58
CA TYR N 81 15.29 13.95 38.61
C TYR N 81 16.24 13.03 37.86
N GLU N 82 16.75 13.50 36.72
CA GLU N 82 17.73 12.73 35.96
C GLU N 82 18.98 12.48 36.78
N VAL N 83 19.48 13.52 37.45
CA VAL N 83 20.69 13.37 38.25
C VAL N 83 20.44 12.39 39.41
N ALA N 84 19.30 12.53 40.08
CA ALA N 84 19.00 11.66 41.22
C ALA N 84 18.86 10.21 40.82
N THR N 85 18.22 9.92 39.68
CA THR N 85 18.06 8.53 39.26
C THR N 85 19.30 7.95 38.60
N PHE N 86 20.23 8.80 38.13
CA PHE N 86 21.42 8.28 37.47
C PHE N 86 22.43 7.74 38.47
N TYR N 87 22.73 8.51 39.52
CA TYR N 87 23.81 8.18 40.43
C TYR N 87 23.31 7.30 41.57
N THR N 88 24.09 6.27 41.88
CA THR N 88 23.64 5.23 42.81
C THR N 88 23.80 5.61 44.27
N MET N 89 24.58 6.64 44.59
CA MET N 89 24.73 7.06 45.97
C MET N 89 23.54 7.87 46.48
N TYR N 90 22.65 8.30 45.61
CA TYR N 90 21.47 9.06 46.02
C TYR N 90 20.38 8.11 46.47
N ASN N 91 19.82 8.36 47.65
CA ASN N 91 18.81 7.51 48.24
C ASN N 91 17.45 8.13 47.98
N ARG N 92 16.71 7.55 47.04
CA ARG N 92 15.34 7.97 46.76
C ARG N 92 14.32 7.24 47.61
N LYS N 93 14.78 6.36 48.49
CA LYS N 93 13.97 5.73 49.54
C LYS N 93 14.71 5.85 50.85
N PRO N 94 13.98 5.88 51.97
CA PRO N 94 14.66 5.90 53.27
C PRO N 94 15.52 4.66 53.48
N VAL N 95 16.65 4.86 54.14
CA VAL N 95 17.56 3.76 54.49
C VAL N 95 17.71 3.76 56.01
N GLY N 96 18.41 2.74 56.49
CA GLY N 96 18.69 2.66 57.91
C GLY N 96 19.70 3.70 58.33
N LYS N 97 19.87 3.83 59.65
CA LYS N 97 20.88 4.76 60.17
C LYS N 97 22.27 4.40 59.67
N TYR N 98 22.55 3.12 59.50
CA TYR N 98 23.84 2.64 59.03
C TYR N 98 23.61 1.86 57.75
N HIS N 99 24.24 2.31 56.67
CA HIS N 99 24.08 1.71 55.34
C HIS N 99 25.31 0.85 55.06
N ILE N 100 25.16 -0.46 55.19
CA ILE N 100 26.25 -1.40 54.98
C ILE N 100 26.31 -1.72 53.50
N GLN N 101 27.47 -1.46 52.88
CA GLN N 101 27.70 -1.74 51.47
C GLN N 101 28.91 -2.67 51.39
N VAL N 102 28.67 -3.91 51.00
CA VAL N 102 29.74 -4.89 50.87
C VAL N 102 30.08 -5.07 49.40
N CYS N 103 31.37 -5.02 49.08
CA CYS N 103 31.82 -5.18 47.71
C CYS N 103 31.84 -6.65 47.32
N THR N 104 31.32 -6.97 46.13
CA THR N 104 31.28 -8.34 45.65
C THR N 104 31.86 -8.47 44.24
N THR N 105 32.66 -7.52 43.79
CA THR N 105 33.29 -7.62 42.48
C THR N 105 34.43 -8.64 42.54
N THR N 106 34.98 -8.95 41.37
CA THR N 106 35.87 -10.11 41.23
C THR N 106 37.08 -10.07 42.15
N PRO N 107 37.89 -9.01 42.21
CA PRO N 107 39.00 -9.03 43.18
C PRO N 107 38.54 -9.16 44.61
N CYS N 108 37.40 -8.55 44.93
CA CYS N 108 36.88 -8.59 46.29
C CYS N 108 36.20 -9.93 46.56
N MET N 109 35.61 -10.53 45.53
CA MET N 109 34.97 -11.83 45.67
C MET N 109 35.99 -12.95 45.79
N LEU N 110 37.13 -12.82 45.11
CA LEU N 110 38.15 -13.86 45.17
C LEU N 110 38.67 -14.05 46.57
N ARG N 111 38.66 -13.00 47.39
CA ARG N 111 39.04 -13.13 48.79
C ARG N 111 37.82 -13.34 49.68
N ASN N 112 36.93 -14.25 49.29
CA ASN N 112 35.83 -14.70 50.14
C ASN N 112 34.97 -13.53 50.65
N SER N 113 34.37 -12.81 49.71
CA SER N 113 33.40 -11.78 50.08
C SER N 113 32.06 -12.37 50.46
N ASP N 114 31.72 -13.54 49.89
CA ASP N 114 30.48 -14.21 50.23
C ASP N 114 30.44 -14.62 51.68
N SER N 115 31.58 -14.97 52.27
CA SER N 115 31.62 -15.28 53.69
C SER N 115 31.18 -14.07 54.50
N ILE N 116 31.67 -12.89 54.14
CA ILE N 116 31.26 -11.66 54.83
C ILE N 116 29.77 -11.41 54.63
N LEU N 117 29.28 -11.60 53.40
CA LEU N 117 27.87 -11.32 53.14
C LEU N 117 26.96 -12.24 53.96
N GLU N 118 27.27 -13.54 53.99
CA GLU N 118 26.50 -14.48 54.79
C GLU N 118 26.63 -14.19 56.29
N ALA N 119 27.82 -13.78 56.75
CA ALA N 119 27.98 -13.45 58.16
C ALA N 119 27.10 -12.27 58.54
N ILE N 120 27.08 -11.23 57.70
CA ILE N 120 26.22 -10.07 57.95
C ILE N 120 24.76 -10.50 57.96
N GLN N 121 24.38 -11.34 56.99
CA GLN N 121 22.98 -11.76 56.91
C GLN N 121 22.55 -12.55 58.13
N LYS N 122 23.39 -13.46 58.61
CA LYS N 122 23.04 -14.23 59.80
C LYS N 122 23.16 -13.43 61.08
N LYS N 123 23.95 -12.35 61.09
CA LYS N 123 24.04 -11.51 62.27
C LYS N 123 22.84 -10.58 62.38
N LEU N 124 22.34 -10.09 61.25
CA LEU N 124 21.27 -9.12 61.25
C LEU N 124 19.91 -9.72 60.97
N GLY N 125 19.84 -10.91 60.39
CA GLY N 125 18.57 -11.52 60.09
C GLY N 125 17.83 -10.89 58.93
N ILE N 126 18.55 -10.21 58.04
CA ILE N 126 17.94 -9.56 56.88
C ILE N 126 18.72 -9.96 55.63
N LYS N 127 18.14 -9.66 54.47
CA LYS N 127 18.70 -10.03 53.19
C LYS N 127 19.45 -8.86 52.57
N VAL N 128 19.87 -9.04 51.32
CA VAL N 128 20.78 -8.10 50.67
C VAL N 128 20.06 -6.92 50.06
N GLY N 129 18.77 -6.76 50.39
CA GLY N 129 18.07 -5.57 49.98
C GLY N 129 17.24 -4.92 51.07
N GLU N 130 17.09 -5.60 52.19
CA GLU N 130 16.12 -5.23 53.21
C GLU N 130 16.74 -4.36 54.29
N THR N 131 15.86 -3.77 55.09
CA THR N 131 16.24 -2.95 56.24
C THR N 131 15.76 -3.62 57.52
N THR N 132 16.61 -3.60 58.54
CA THR N 132 16.27 -4.25 59.80
C THR N 132 15.05 -3.55 60.42
N PRO N 133 14.18 -4.30 61.10
CA PRO N 133 12.96 -3.69 61.65
C PRO N 133 13.22 -2.54 62.62
N ASP N 134 14.38 -2.55 63.30
CA ASP N 134 14.73 -1.41 64.14
C ASP N 134 15.10 -0.17 63.32
N LYS N 135 15.19 -0.30 62.00
CA LYS N 135 15.53 0.80 61.10
C LYS N 135 16.93 1.35 61.36
N LEU N 136 17.83 0.48 61.83
CA LEU N 136 19.21 0.88 62.07
C LEU N 136 20.14 0.50 60.93
N PHE N 137 19.91 -0.64 60.28
CA PHE N 137 20.81 -1.15 59.26
C PHE N 137 20.08 -1.40 57.95
N THR N 138 20.82 -1.25 56.85
CA THR N 138 20.35 -1.66 55.53
C THR N 138 21.55 -2.24 54.79
N LEU N 139 21.38 -3.45 54.26
CA LEU N 139 22.48 -4.16 53.61
C LEU N 139 22.23 -4.24 52.11
N ILE N 140 23.22 -3.82 51.31
CA ILE N 140 23.20 -3.99 49.86
C ILE N 140 24.60 -4.43 49.42
N GLU N 141 24.68 -4.94 48.20
CA GLU N 141 25.94 -5.24 47.56
C GLU N 141 26.27 -4.16 46.53
N VAL N 142 27.55 -3.84 46.42
CA VAL N 142 28.00 -2.78 45.52
C VAL N 142 29.15 -3.31 44.68
N GLU N 143 29.44 -2.59 43.60
CA GLU N 143 30.59 -2.90 42.76
C GLU N 143 31.86 -2.41 43.44
N CYS N 144 32.98 -2.58 42.74
CA CYS N 144 34.29 -2.21 43.23
C CYS N 144 34.35 -0.86 43.92
N LEU N 145 34.83 -0.86 45.17
CA LEU N 145 34.95 0.36 45.96
C LEU N 145 36.35 0.98 45.90
N GLY N 146 37.26 0.37 45.14
CA GLY N 146 38.61 0.90 45.01
C GLY N 146 39.54 0.51 46.15
N ALA N 147 39.08 -0.41 46.98
CA ALA N 147 39.83 -0.90 48.14
C ALA N 147 40.08 -2.39 47.95
N CYS N 148 40.39 -2.77 46.72
CA CYS N 148 40.58 -4.17 46.34
C CYS N 148 41.70 -4.89 47.06
N VAL N 149 42.81 -4.20 47.32
CA VAL N 149 43.94 -4.82 48.01
C VAL N 149 43.54 -5.24 49.41
N ASN N 150 42.63 -4.49 50.00
CA ASN N 150 42.15 -4.73 51.35
C ASN N 150 40.92 -5.64 51.40
N ALA N 151 40.58 -6.23 50.26
CA ALA N 151 39.42 -7.11 50.17
C ALA N 151 39.54 -8.35 51.06
N PRO N 152 38.42 -8.82 51.64
CA PRO N 152 37.05 -8.30 51.60
C PRO N 152 36.88 -7.03 52.42
N MET N 153 36.12 -6.08 51.90
CA MET N 153 35.91 -4.82 52.58
C MET N 153 34.45 -4.40 52.55
N VAL N 154 34.09 -3.54 53.50
CA VAL N 154 32.74 -3.03 53.61
C VAL N 154 32.76 -1.52 53.80
N GLN N 155 31.78 -0.83 53.24
CA GLN N 155 31.71 0.61 53.40
C GLN N 155 30.48 0.98 54.20
N ILE N 156 30.67 1.69 55.31
CA ILE N 156 29.55 2.13 56.12
C ILE N 156 29.61 3.64 56.34
N ASN N 157 28.54 4.33 55.94
CA ASN N 157 28.41 5.78 56.11
C ASN N 157 29.77 6.46 56.14
N ASP N 158 30.45 6.41 55.00
CA ASP N 158 31.71 7.08 54.69
C ASP N 158 32.92 6.46 55.37
N ASN N 159 32.80 5.28 55.97
CA ASN N 159 33.94 4.62 56.60
C ASN N 159 34.19 3.29 55.93
N TYR N 160 35.43 3.06 55.52
CA TYR N 160 35.84 1.76 54.98
C TYR N 160 36.31 0.86 56.11
N TYR N 161 35.86 -0.39 56.08
CA TYR N 161 36.32 -1.41 57.02
C TYR N 161 36.82 -2.59 56.21
N GLU N 162 38.13 -2.81 56.22
CA GLU N 162 38.78 -3.68 55.26
C GLU N 162 39.44 -4.87 55.94
N ASP N 163 39.89 -5.81 55.10
CA ASP N 163 40.52 -7.06 55.57
C ASP N 163 39.61 -7.82 56.53
N LEU N 164 38.35 -7.94 56.15
CA LEU N 164 37.33 -8.46 57.05
C LEU N 164 37.24 -9.98 56.97
N THR N 165 36.99 -10.58 58.13
CA THR N 165 36.56 -11.95 58.29
C THR N 165 35.20 -11.92 58.98
N PRO N 166 34.47 -13.03 59.03
CA PRO N 166 33.14 -12.99 59.67
C PRO N 166 33.16 -12.42 61.08
N LYS N 167 34.16 -12.76 61.88
CA LYS N 167 34.20 -12.28 63.25
C LYS N 167 34.39 -10.77 63.32
N ASP N 168 35.27 -10.22 62.48
CA ASP N 168 35.49 -8.78 62.49
C ASP N 168 34.23 -8.01 62.10
N ILE N 169 33.54 -8.45 61.05
CA ILE N 169 32.34 -7.73 60.66
C ILE N 169 31.23 -7.90 61.70
N GLU N 170 31.15 -9.09 62.33
CA GLU N 170 30.17 -9.27 63.40
C GLU N 170 30.45 -8.35 64.58
N GLU N 171 31.71 -8.21 64.97
CA GLU N 171 32.01 -7.35 66.11
C GLU N 171 31.89 -5.88 65.74
N ILE N 172 32.11 -5.52 64.47
CA ILE N 172 31.83 -4.16 64.03
C ILE N 172 30.34 -3.87 64.15
N ILE N 173 29.50 -4.83 63.76
CA ILE N 173 28.06 -4.67 63.92
C ILE N 173 27.70 -4.52 65.41
N ASP N 174 28.32 -5.34 66.26
CA ASP N 174 28.07 -5.22 67.69
C ASP N 174 28.46 -3.85 68.23
N GLU N 175 29.63 -3.35 67.82
CA GLU N 175 30.08 -2.04 68.27
C GLU N 175 29.17 -0.93 67.76
N LEU N 176 28.65 -1.07 66.54
CA LEU N 176 27.74 -0.06 66.00
C LEU N 176 26.36 -0.11 66.67
N LYS N 177 25.93 -1.28 67.12
CA LYS N 177 24.63 -1.39 67.77
C LYS N 177 24.65 -0.78 69.17
N ALA N 178 25.71 -1.06 69.94
CA ALA N 178 25.78 -0.63 71.33
C ALA N 178 26.03 0.87 71.47
N GLY N 179 25.95 1.65 70.40
CA GLY N 179 26.11 3.08 70.51
C GLY N 179 27.53 3.58 70.43
N LYS N 180 28.45 2.79 69.90
CA LYS N 180 29.83 3.21 69.70
C LYS N 180 30.10 3.29 68.21
N ILE N 181 31.22 3.90 67.87
CA ILE N 181 31.70 4.00 66.49
C ILE N 181 33.00 3.22 66.36
N PRO N 182 33.13 2.34 65.38
CA PRO N 182 34.38 1.60 65.22
C PRO N 182 35.38 2.31 64.33
N LYS N 183 36.65 2.06 64.60
CA LYS N 183 37.72 2.70 63.85
C LYS N 183 37.81 2.12 62.44
N PRO N 184 37.84 2.95 61.41
CA PRO N 184 37.94 2.44 60.04
C PRO N 184 39.35 1.97 59.72
N GLY N 185 39.46 1.26 58.59
CA GLY N 185 40.73 0.75 58.12
C GLY N 185 40.81 -0.75 58.18
N PRO N 186 41.99 -1.30 57.87
CA PRO N 186 42.17 -2.75 57.90
C PRO N 186 41.99 -3.32 59.30
N ARG N 187 41.54 -4.56 59.35
CA ARG N 187 41.27 -5.27 60.59
C ARG N 187 42.15 -6.50 60.74
N SER N 188 43.41 -6.40 60.30
CA SER N 188 44.33 -7.53 60.37
C SER N 188 45.73 -7.08 60.79
N GLY N 189 45.83 -5.98 61.53
CA GLY N 189 47.13 -5.45 61.89
C GLY N 189 47.93 -4.94 60.71
N ARG N 190 47.29 -4.21 59.79
CA ARG N 190 47.92 -3.71 58.58
C ARG N 190 47.88 -2.20 58.49
N PHE N 191 46.71 -1.60 58.73
CA PHE N 191 46.49 -0.15 58.76
C PHE N 191 47.13 0.58 57.58
N SER N 192 47.17 -0.06 56.42
CA SER N 192 47.73 0.56 55.21
C SER N 192 47.39 -0.35 54.03
N CYS N 193 47.97 -0.01 52.87
CA CYS N 193 47.99 -0.86 51.70
C CYS N 193 49.29 -1.67 51.62
N GLU N 194 50.01 -1.77 52.72
CA GLU N 194 51.30 -2.41 52.77
C GLU N 194 51.17 -3.93 52.63
N PRO N 195 52.25 -4.61 52.26
CA PRO N 195 52.26 -6.07 52.37
C PRO N 195 52.02 -6.52 53.79
N ALA N 196 51.36 -7.67 53.94
CA ALA N 196 50.91 -8.13 55.25
C ALA N 196 52.06 -8.43 56.20
N GLY N 197 53.28 -8.56 55.70
CA GLY N 197 54.42 -8.71 56.57
C GLY N 197 55.74 -8.54 55.84
N GLY N 198 56.59 -7.67 56.34
CA GLY N 198 57.90 -7.47 55.74
C GLY N 198 58.19 -6.08 55.22
N LEU N 199 57.18 -5.44 54.62
CA LEU N 199 57.33 -4.11 54.03
C LEU N 199 58.45 -4.11 52.98
N THR N 200 58.14 -4.77 51.87
CA THR N 200 59.15 -5.08 50.85
C THR N 200 59.90 -3.85 50.36
N SER N 201 59.28 -2.68 50.39
CA SER N 201 59.95 -1.46 49.98
C SER N 201 59.51 -0.31 50.88
N LEU N 202 60.08 0.87 50.62
CA LEU N 202 59.86 2.08 51.42
C LEU N 202 60.23 1.84 52.88
N THR N 203 61.48 1.42 53.09
CA THR N 203 61.99 1.16 54.44
C THR N 203 63.02 2.21 54.83
N GLU N 204 63.75 2.71 53.84
CA GLU N 204 64.76 3.72 54.06
C GLU N 204 64.11 5.10 54.18
N PRO N 205 64.74 6.00 54.95
CA PRO N 205 64.21 7.36 55.14
C PRO N 205 64.11 8.10 53.81
N PRO N 206 63.00 8.81 53.58
CA PRO N 206 62.77 9.57 52.35
C PRO N 206 63.83 10.65 52.15
N LYS N 207 64.19 10.91 50.90
CA LYS N 207 65.20 11.93 50.59
C LYS N 207 64.72 13.33 50.94
N GLY N 208 65.68 14.21 51.22
CA GLY N 208 65.37 15.58 51.57
C GLY N 208 65.02 16.47 50.39
N PRO N 209 64.62 17.72 50.67
CA PRO N 209 64.23 18.69 49.65
C PRO N 209 65.40 19.15 48.77
N GLY N 210 65.38 18.77 47.50
CA GLY N 210 66.41 19.18 46.57
C GLY N 210 67.49 18.14 46.32
N PHE N 211 67.26 16.92 46.78
CA PHE N 211 68.25 15.86 46.61
C PHE N 211 68.55 15.48 45.16
N GLY N 212 67.51 15.36 44.36
CA GLY N 212 67.67 14.97 42.97
C GLY N 212 67.53 16.10 41.96
N VAL N 213 67.48 17.34 42.44
CA VAL N 213 67.28 18.46 41.52
C VAL N 213 68.38 18.56 40.48
N GLN N 214 67.95 18.82 39.26
CA GLN N 214 68.84 18.94 38.11
C GLN N 214 69.55 20.29 38.13
N ALA N 215 70.67 20.35 37.40
CA ALA N 215 71.43 21.58 37.31
C ALA N 215 70.63 22.66 36.61
N GLY N 216 70.93 23.92 36.95
CA GLY N 216 70.24 25.04 36.35
C GLY N 216 68.84 25.26 36.86
N LEU N 217 68.59 24.99 38.14
CA LEU N 217 67.27 25.18 38.72
C LEU N 217 67.38 25.50 40.20
N THR O 1 27.65 -16.96 -0.13
CA THR O 1 27.42 -16.64 -1.54
C THR O 1 27.03 -17.91 -2.28
N ARG O 2 27.20 -19.05 -1.64
CA ARG O 2 26.97 -20.31 -2.32
C ARG O 2 25.50 -20.72 -2.38
N PRO O 3 24.84 -21.01 -1.25
CA PRO O 3 23.60 -21.80 -1.34
C PRO O 3 22.41 -21.04 -1.91
N THR O 4 22.23 -19.77 -1.54
CA THR O 4 21.03 -19.04 -1.89
C THR O 4 21.24 -18.03 -3.02
N ILE O 5 22.43 -17.93 -3.58
CA ILE O 5 22.73 -16.94 -4.60
C ILE O 5 22.84 -17.62 -5.95
N ARG O 6 22.22 -17.04 -6.96
CA ARG O 6 22.18 -17.64 -8.29
C ARG O 6 23.58 -17.63 -8.91
N PRO O 7 24.06 -18.78 -9.40
CA PRO O 7 25.42 -18.83 -9.95
C PRO O 7 25.54 -18.09 -11.27
N ARG O 8 26.79 -17.71 -11.58
CA ARG O 8 27.11 -16.94 -12.77
C ARG O 8 27.61 -17.87 -13.87
N ASN O 9 27.60 -17.36 -15.10
CA ASN O 9 28.16 -18.07 -16.24
C ASN O 9 28.92 -17.05 -17.09
N ASP O 10 30.24 -17.02 -16.96
CA ASP O 10 31.05 -16.05 -17.69
C ASP O 10 31.31 -16.44 -19.13
N VAL O 11 31.27 -17.75 -19.44
CA VAL O 11 31.52 -18.18 -20.82
C VAL O 11 30.42 -17.69 -21.74
N VAL O 12 29.17 -17.88 -21.33
CA VAL O 12 28.03 -17.41 -22.13
C VAL O 12 28.03 -15.89 -22.20
N HIS O 13 28.41 -15.23 -21.10
CA HIS O 13 28.51 -13.77 -21.10
C HIS O 13 29.51 -13.29 -22.15
N LYS O 14 30.68 -13.93 -22.22
CA LYS O 14 31.68 -13.56 -23.21
C LYS O 14 31.19 -13.82 -24.63
N GLN O 15 30.55 -14.98 -24.85
CA GLN O 15 30.07 -15.31 -26.19
C GLN O 15 29.02 -14.30 -26.65
N LEU O 16 28.09 -13.96 -25.76
CA LEU O 16 27.05 -12.99 -26.13
C LEU O 16 27.63 -11.60 -26.34
N SER O 17 28.62 -11.19 -25.56
CA SER O 17 29.25 -9.89 -25.77
C SER O 17 29.93 -9.84 -27.13
N ALA O 18 30.67 -10.89 -27.48
CA ALA O 18 31.34 -10.94 -28.77
C ALA O 18 30.33 -10.92 -29.91
N PHE O 19 29.23 -11.65 -29.79
CA PHE O 19 28.24 -11.66 -30.86
C PHE O 19 27.53 -10.31 -30.97
N GLY O 20 27.29 -9.63 -29.84
CA GLY O 20 26.75 -8.29 -29.91
C GLY O 20 27.68 -7.33 -30.63
N GLN O 21 28.98 -7.43 -30.36
CA GLN O 21 29.95 -6.62 -31.09
C GLN O 21 29.92 -6.95 -32.58
N TYR O 22 29.80 -8.23 -32.91
CA TYR O 22 29.68 -8.68 -34.28
C TYR O 22 28.50 -8.01 -34.98
N VAL O 23 27.32 -8.08 -34.36
CA VAL O 23 26.12 -7.50 -34.95
C VAL O 23 26.26 -5.99 -35.11
N ALA O 24 26.82 -5.31 -34.11
CA ALA O 24 26.99 -3.87 -34.21
C ALA O 24 27.95 -3.49 -35.33
N GLU O 25 29.04 -4.24 -35.51
CA GLU O 25 29.97 -3.93 -36.59
C GLU O 25 29.34 -4.15 -37.95
N ILE O 26 28.52 -5.20 -38.09
CA ILE O 26 27.95 -5.49 -39.40
C ILE O 26 26.90 -4.47 -39.82
N LEU O 27 26.13 -3.92 -38.88
CA LEU O 27 25.03 -3.01 -39.20
C LEU O 27 25.16 -1.70 -38.42
N PRO O 28 26.17 -0.88 -38.73
CA PRO O 28 26.30 0.41 -38.04
C PRO O 28 25.20 1.40 -38.37
N LYS O 29 24.50 1.22 -39.49
CA LYS O 29 23.47 2.17 -39.89
C LYS O 29 22.32 2.25 -38.90
N TYR O 30 22.04 1.18 -38.18
CA TYR O 30 20.86 1.11 -37.34
C TYR O 30 21.14 0.82 -35.87
N VAL O 31 22.21 0.10 -35.55
CA VAL O 31 22.45 -0.33 -34.17
C VAL O 31 22.93 0.86 -33.35
N GLN O 32 22.16 1.21 -32.32
CA GLN O 32 22.50 2.31 -31.44
C GLN O 32 23.18 1.87 -30.15
N GLN O 33 22.84 0.68 -29.64
CA GLN O 33 23.43 0.24 -28.38
C GLN O 33 23.35 -1.27 -28.30
N VAL O 34 24.30 -1.87 -27.57
CA VAL O 34 24.32 -3.31 -27.34
C VAL O 34 24.57 -3.56 -25.86
N GLN O 35 23.80 -4.46 -25.27
CA GLN O 35 23.91 -4.73 -23.84
C GLN O 35 23.88 -6.22 -23.59
N VAL O 36 24.62 -6.65 -22.58
CA VAL O 36 24.56 -8.02 -22.09
C VAL O 36 24.17 -7.94 -20.62
N SER O 37 23.00 -8.46 -20.30
CA SER O 37 22.53 -8.43 -18.92
C SER O 37 23.32 -9.41 -18.06
N CYS O 38 23.25 -9.20 -16.76
CA CYS O 38 24.00 -9.98 -15.78
C CYS O 38 23.66 -11.46 -15.81
N PHE O 39 22.44 -11.82 -16.20
CA PHE O 39 22.05 -13.22 -16.34
C PHE O 39 22.13 -13.70 -17.78
N ASN O 40 23.05 -13.12 -18.53
CA ASN O 40 23.30 -13.52 -19.92
C ASN O 40 22.13 -13.38 -20.87
N GLU O 41 21.67 -12.16 -21.08
CA GLU O 41 20.58 -11.89 -22.00
C GLU O 41 20.99 -10.73 -22.90
N LEU O 42 21.34 -11.06 -24.15
CA LEU O 42 21.79 -10.06 -25.12
C LEU O 42 20.66 -9.16 -25.61
N GLU O 43 20.92 -7.85 -25.60
CA GLU O 43 19.94 -6.86 -26.04
C GLU O 43 20.57 -5.90 -27.05
N ILE O 44 19.86 -5.63 -28.14
CA ILE O 44 20.36 -4.73 -29.17
C ILE O 44 19.36 -3.62 -29.47
N PHE O 45 19.72 -2.40 -29.09
CA PHE O 45 18.87 -1.24 -29.32
C PHE O 45 19.16 -0.73 -30.72
N ILE O 46 18.11 -0.44 -31.48
CA ILE O 46 18.30 0.00 -32.86
C ILE O 46 17.44 1.22 -33.15
N HIS O 47 17.57 1.75 -34.35
CA HIS O 47 16.72 2.78 -34.93
C HIS O 47 15.50 2.14 -35.59
N PRO O 48 14.33 2.78 -35.50
CA PRO O 48 13.11 2.19 -36.08
C PRO O 48 13.22 1.85 -37.56
N ASP O 49 13.89 2.70 -38.35
CA ASP O 49 14.03 2.44 -39.78
C ASP O 49 14.73 1.13 -40.07
N GLY O 50 15.47 0.60 -39.12
CA GLY O 50 16.18 -0.64 -39.32
C GLY O 50 15.47 -1.86 -38.79
N VAL O 51 14.16 -1.78 -38.54
CA VAL O 51 13.44 -2.94 -38.03
C VAL O 51 13.53 -4.09 -39.04
N ILE O 52 13.24 -3.82 -40.30
CA ILE O 52 13.20 -4.86 -41.32
C ILE O 52 14.60 -5.35 -41.69
N PRO O 53 15.58 -4.48 -41.97
CA PRO O 53 16.94 -5.01 -42.24
C PRO O 53 17.50 -5.85 -41.10
N VAL O 54 17.55 -5.29 -39.89
CA VAL O 54 18.16 -5.99 -38.76
C VAL O 54 17.57 -7.39 -38.62
N LEU O 55 16.24 -7.46 -38.45
CA LEU O 55 15.59 -8.76 -38.27
C LEU O 55 15.93 -9.69 -39.43
N THR O 56 15.87 -9.17 -40.67
CA THR O 56 16.19 -10.01 -41.81
C THR O 56 17.60 -10.56 -41.71
N PHE O 57 18.56 -9.69 -41.40
CA PHE O 57 19.93 -10.15 -41.23
C PHE O 57 20.00 -11.21 -40.13
N LEU O 58 19.37 -10.93 -39.00
CA LEU O 58 19.39 -11.85 -37.85
C LEU O 58 18.77 -13.22 -38.12
N ARG O 59 17.78 -13.28 -39.00
CA ARG O 59 17.13 -14.54 -39.32
C ARG O 59 17.78 -15.26 -40.50
N ASP O 60 18.47 -14.51 -41.35
CA ASP O 60 19.10 -15.07 -42.55
C ASP O 60 20.61 -15.36 -42.48
N HIS O 61 21.37 -14.52 -41.78
CA HIS O 61 22.82 -14.72 -41.69
C HIS O 61 23.21 -16.12 -41.22
N THR O 62 24.23 -16.69 -41.85
CA THR O 62 24.71 -18.02 -41.53
C THR O 62 25.16 -18.14 -40.09
N ASN O 63 25.78 -17.08 -39.58
CA ASN O 63 26.26 -17.06 -38.21
C ASN O 63 25.19 -16.61 -37.22
N ALA O 64 24.01 -16.23 -37.71
CA ALA O 64 22.92 -15.81 -36.85
C ALA O 64 21.84 -16.89 -36.77
N GLN O 65 21.11 -17.06 -37.86
CA GLN O 65 20.07 -18.07 -37.97
C GLN O 65 18.98 -18.06 -36.91
N PHE O 66 18.51 -16.88 -36.54
CA PHE O 66 17.42 -16.79 -35.58
C PHE O 66 16.17 -16.89 -36.44
N LYS O 67 15.75 -18.12 -36.70
CA LYS O 67 14.61 -18.38 -37.57
C LYS O 67 13.27 -18.37 -36.87
N SER O 68 13.28 -18.26 -35.55
CA SER O 68 12.04 -18.28 -34.78
C SER O 68 11.84 -17.05 -33.91
N LEU O 69 10.63 -16.48 -33.98
CA LEU O 69 10.28 -15.31 -33.19
C LEU O 69 9.44 -15.76 -32.00
N ALA O 70 10.04 -15.75 -30.81
CA ALA O 70 9.35 -16.15 -29.60
C ALA O 70 8.07 -15.36 -29.42
N ASP O 71 8.22 -14.04 -29.27
CA ASP O 71 7.08 -13.13 -29.12
C ASP O 71 7.48 -11.69 -29.43
N LEU O 72 6.47 -10.86 -29.68
CA LEU O 72 6.69 -9.45 -29.97
C LEU O 72 5.67 -8.64 -29.19
N THR O 73 6.16 -7.70 -28.39
CA THR O 73 5.27 -6.87 -27.59
C THR O 73 5.76 -5.43 -27.46
N ALA O 74 5.05 -4.63 -26.67
CA ALA O 74 5.41 -3.24 -26.47
C ALA O 74 5.32 -2.83 -25.00
N VAL O 75 6.10 -1.82 -24.63
CA VAL O 75 6.08 -1.28 -23.28
C VAL O 75 5.80 0.21 -23.37
N ASP O 76 4.93 0.70 -22.50
CA ASP O 76 4.57 2.11 -22.46
C ASP O 76 5.33 2.81 -21.34
N VAL O 77 6.12 3.82 -21.71
CA VAL O 77 6.83 4.64 -20.74
C VAL O 77 6.46 6.10 -20.98
N PRO O 78 5.45 6.64 -20.30
CA PRO O 78 4.96 7.99 -20.62
C PRO O 78 5.99 9.09 -20.50
N THR O 79 6.99 8.95 -19.63
CA THR O 79 7.96 10.03 -19.46
C THR O 79 8.85 10.22 -20.68
N ARG O 80 8.96 9.22 -21.55
CA ARG O 80 9.76 9.36 -22.76
C ARG O 80 8.98 10.06 -23.85
N GLN O 81 9.70 10.86 -24.63
CA GLN O 81 9.08 11.54 -25.77
C GLN O 81 8.55 10.53 -26.77
N ASN O 82 9.31 9.49 -27.06
CA ASN O 82 8.83 8.33 -27.80
C ASN O 82 8.24 7.36 -26.79
N ARG O 83 6.92 7.33 -26.71
CA ARG O 83 6.23 6.65 -25.61
C ARG O 83 6.48 5.15 -25.61
N PHE O 84 6.45 4.52 -26.77
CA PHE O 84 6.33 3.08 -26.87
C PHE O 84 7.65 2.43 -27.24
N GLU O 85 7.95 1.32 -26.58
CA GLU O 85 9.19 0.57 -26.76
C GLU O 85 8.80 -0.79 -27.34
N ILE O 86 9.25 -1.06 -28.56
CA ILE O 86 8.90 -2.28 -29.29
C ILE O 86 10.00 -3.30 -29.08
N VAL O 87 9.62 -4.49 -28.61
CA VAL O 87 10.56 -5.51 -28.17
C VAL O 87 10.30 -6.79 -28.97
N TYR O 88 11.32 -7.26 -29.67
CA TYR O 88 11.28 -8.52 -30.41
C TYR O 88 12.19 -9.51 -29.70
N ASN O 89 11.68 -10.72 -29.48
CA ASN O 89 12.45 -11.80 -28.90
C ASN O 89 12.65 -12.88 -29.94
N LEU O 90 13.91 -13.24 -30.20
CA LEU O 90 14.22 -14.21 -31.24
C LEU O 90 15.01 -15.37 -30.66
N LEU O 91 14.75 -16.56 -31.19
CA LEU O 91 15.43 -17.78 -30.77
C LEU O 91 16.13 -18.40 -31.96
N SER O 92 17.39 -18.81 -31.77
CA SER O 92 18.16 -19.55 -32.75
C SER O 92 18.29 -21.00 -32.27
N LEU O 93 17.73 -21.92 -33.06
CA LEU O 93 17.86 -23.35 -32.78
C LEU O 93 19.22 -23.88 -33.17
N ARG O 94 19.80 -23.39 -34.26
CA ARG O 94 21.10 -23.86 -34.71
C ARG O 94 22.18 -23.57 -33.67
N PHE O 95 22.13 -22.38 -33.07
CA PHE O 95 23.12 -21.99 -32.08
C PHE O 95 22.56 -21.97 -30.66
N ASN O 96 21.31 -22.40 -30.47
CA ASN O 96 20.71 -22.57 -29.14
C ASN O 96 20.80 -21.29 -28.32
N SER O 97 20.46 -20.18 -28.94
CA SER O 97 20.64 -18.87 -28.31
C SER O 97 19.38 -18.04 -28.45
N ARG O 98 19.34 -16.94 -27.70
CA ARG O 98 18.24 -16.01 -27.75
C ARG O 98 18.79 -14.60 -27.86
N ILE O 99 18.03 -13.73 -28.50
CA ILE O 99 18.43 -12.35 -28.69
C ILE O 99 17.22 -11.43 -28.60
N ARG O 100 17.41 -10.25 -28.04
CA ARG O 100 16.33 -9.28 -27.90
C ARG O 100 16.65 -8.02 -28.68
N VAL O 101 15.73 -7.60 -29.54
CA VAL O 101 15.91 -6.39 -30.33
C VAL O 101 14.87 -5.36 -29.92
N LYS O 102 15.32 -4.16 -29.57
CA LYS O 102 14.41 -3.12 -29.14
C LYS O 102 14.50 -1.84 -29.95
N THR O 103 13.34 -1.24 -30.21
CA THR O 103 13.24 0.02 -30.92
C THR O 103 12.16 0.85 -30.25
N TYR O 104 11.90 2.05 -30.78
CA TYR O 104 10.99 2.97 -30.14
C TYR O 104 10.09 3.64 -31.17
N THR O 105 8.96 4.14 -30.70
CA THR O 105 8.05 4.92 -31.52
C THR O 105 7.15 5.76 -30.60
N ASP O 106 6.38 6.65 -31.20
CA ASP O 106 5.38 7.40 -30.45
C ASP O 106 3.98 7.16 -31.04
N GLU O 107 3.01 7.96 -30.61
CA GLU O 107 1.62 7.70 -30.94
C GLU O 107 1.33 7.83 -32.44
N LEU O 108 2.01 8.75 -33.13
CA LEU O 108 1.67 9.08 -34.50
C LEU O 108 2.66 8.57 -35.54
N THR O 109 3.63 7.75 -35.15
CA THR O 109 4.64 7.30 -36.09
C THR O 109 4.52 5.81 -36.34
N PRO O 110 4.28 5.39 -37.57
CA PRO O 110 4.15 3.95 -37.84
C PRO O 110 5.49 3.23 -37.78
N ILE O 111 5.40 1.93 -37.53
CA ILE O 111 6.53 1.02 -37.60
C ILE O 111 6.30 0.08 -38.77
N GLU O 112 7.37 -0.32 -39.43
CA GLU O 112 7.24 -1.24 -40.55
C GLU O 112 6.79 -2.61 -40.06
N SER O 113 5.74 -3.13 -40.69
CA SER O 113 5.29 -4.48 -40.37
C SER O 113 6.33 -5.50 -40.80
N SER O 114 6.56 -6.50 -39.94
CA SER O 114 7.59 -7.49 -40.18
C SER O 114 7.02 -8.88 -40.45
N VAL O 115 5.81 -8.90 -41.01
CA VAL O 115 5.14 -10.12 -41.40
C VAL O 115 5.95 -10.82 -42.49
N THR O 116 6.57 -10.04 -43.37
CA THR O 116 7.39 -10.62 -44.42
C THR O 116 8.57 -11.37 -43.81
N VAL O 117 9.25 -10.77 -42.83
CA VAL O 117 10.37 -11.47 -42.20
C VAL O 117 9.91 -12.67 -41.39
N TYR O 118 8.88 -12.48 -40.58
CA TYR O 118 8.33 -13.54 -39.75
C TYR O 118 6.82 -13.58 -39.87
N LYS O 119 6.28 -14.73 -40.22
CA LYS O 119 4.83 -14.89 -40.34
C LYS O 119 4.09 -14.79 -39.00
N ALA O 120 4.77 -15.14 -37.92
CA ALA O 120 4.26 -15.12 -36.56
C ALA O 120 3.84 -13.74 -36.04
N ALA O 121 4.48 -12.70 -36.54
CA ALA O 121 4.22 -11.32 -36.12
C ALA O 121 2.80 -10.81 -36.34
N ASN O 122 2.13 -11.31 -37.36
CA ASN O 122 0.80 -10.88 -37.75
C ASN O 122 -0.06 -10.56 -36.52
N TRP O 123 -0.35 -11.59 -35.72
CA TRP O 123 -1.19 -11.42 -34.56
C TRP O 123 -0.51 -10.60 -33.47
N TYR O 124 0.82 -10.68 -33.37
CA TYR O 124 1.54 -9.87 -32.40
C TYR O 124 1.41 -8.39 -32.70
N GLU O 125 1.53 -8.01 -33.96
CA GLU O 125 1.40 -6.61 -34.35
C GLU O 125 -0.05 -6.15 -34.22
N ARG O 126 -1.00 -7.03 -34.55
CA ARG O 126 -2.40 -6.69 -34.31
C ARG O 126 -2.64 -6.44 -32.83
N GLU O 127 -2.07 -7.27 -31.97
CA GLU O 127 -2.23 -7.12 -30.53
C GLU O 127 -1.59 -5.84 -30.02
N ILE O 128 -0.40 -5.50 -30.53
CA ILE O 128 0.24 -4.25 -30.14
C ILE O 128 -0.62 -3.06 -30.56
N TRP O 129 -1.16 -3.11 -31.77
CA TRP O 129 -2.03 -2.03 -32.22
C TRP O 129 -3.25 -1.90 -31.33
N ASP O 130 -3.86 -3.03 -30.97
CA ASP O 130 -5.08 -3.01 -30.17
C ASP O 130 -4.82 -2.49 -28.75
N MET O 131 -3.77 -2.98 -28.10
CA MET O 131 -3.51 -2.64 -26.71
C MET O 131 -2.82 -1.28 -26.55
N PHE O 132 -2.01 -0.86 -27.52
CA PHE O 132 -1.21 0.34 -27.36
C PHE O 132 -1.47 1.41 -28.41
N GLY O 133 -2.08 1.07 -29.54
CA GLY O 133 -2.34 2.05 -30.57
C GLY O 133 -1.17 2.36 -31.45
N VAL O 134 -0.23 1.44 -31.60
CA VAL O 134 0.91 1.62 -32.48
C VAL O 134 0.57 1.07 -33.85
N PHE O 135 0.52 1.95 -34.85
CA PHE O 135 0.21 1.52 -36.21
C PHE O 135 1.39 0.83 -36.87
N PHE O 136 1.11 -0.23 -37.63
CA PHE O 136 2.15 -0.94 -38.35
C PHE O 136 1.88 -0.78 -39.84
N ALA O 137 2.85 -0.22 -40.55
CA ALA O 137 2.74 0.01 -41.98
C ALA O 137 2.83 -1.28 -42.78
N ASN O 138 2.09 -1.33 -43.88
CA ASN O 138 2.09 -2.49 -44.77
C ASN O 138 1.69 -3.80 -44.11
N HIS O 139 0.78 -3.72 -43.15
CA HIS O 139 0.30 -4.92 -42.47
C HIS O 139 -0.86 -5.49 -43.28
N PRO O 140 -0.83 -6.81 -43.52
CA PRO O 140 -1.86 -7.50 -44.31
C PRO O 140 -3.29 -7.18 -43.85
N ASP O 141 -3.62 -7.53 -42.61
CA ASP O 141 -4.97 -7.28 -42.09
C ASP O 141 -4.91 -6.75 -40.65
N LEU O 142 -4.69 -5.45 -40.51
CA LEU O 142 -4.59 -4.83 -39.19
C LEU O 142 -5.94 -4.38 -38.63
N ARG O 143 -6.32 -4.97 -37.51
CA ARG O 143 -7.57 -4.66 -36.82
C ARG O 143 -7.49 -5.17 -35.40
N ARG O 144 -8.47 -4.80 -34.57
CA ARG O 144 -8.47 -5.25 -33.18
C ARG O 144 -8.52 -6.77 -33.11
N ILE O 145 -7.90 -7.32 -32.07
CA ILE O 145 -7.84 -8.76 -31.91
C ILE O 145 -8.37 -9.15 -30.53
N LEU O 146 -8.00 -8.40 -29.50
CA LEU O 146 -8.36 -8.75 -28.13
C LEU O 146 -9.58 -8.01 -27.62
N THR O 147 -9.76 -6.74 -27.97
CA THR O 147 -10.81 -5.94 -27.38
C THR O 147 -12.16 -6.21 -28.06
N ASP O 148 -13.22 -5.73 -27.40
CA ASP O 148 -14.58 -5.85 -27.89
C ASP O 148 -14.78 -5.01 -29.15
N TYR O 149 -15.77 -5.42 -29.94
CA TYR O 149 -16.13 -4.66 -31.13
C TYR O 149 -16.58 -3.25 -30.78
N GLY O 150 -15.99 -2.27 -31.44
CA GLY O 150 -16.31 -0.87 -31.18
C GLY O 150 -15.70 -0.29 -29.94
N PHE O 151 -14.77 -0.99 -29.28
CA PHE O 151 -14.15 -0.50 -28.06
C PHE O 151 -13.22 0.67 -28.37
N GLU O 152 -13.38 1.76 -27.65
CA GLU O 152 -12.58 2.96 -27.84
C GLU O 152 -11.45 3.02 -26.82
N GLY O 153 -10.28 3.40 -27.33
CA GLY O 153 -9.05 3.54 -26.56
C GLY O 153 -8.20 2.31 -26.55
N HIS O 154 -7.03 2.41 -25.94
CA HIS O 154 -6.12 1.29 -25.84
C HIS O 154 -5.86 1.05 -24.35
N PRO O 155 -6.26 -0.13 -23.86
CA PRO O 155 -6.20 -0.53 -22.44
C PRO O 155 -4.81 -0.62 -21.81
N PHE O 156 -3.83 -1.13 -22.53
CA PHE O 156 -2.47 -1.28 -21.99
C PHE O 156 -1.67 -0.01 -21.76
N ARG O 157 -2.12 1.10 -22.33
CA ARG O 157 -1.49 2.40 -22.16
C ARG O 157 -1.56 2.78 -20.68
N LYS O 158 -0.51 3.41 -20.18
CA LYS O 158 -0.44 3.78 -18.76
C LYS O 158 -1.55 4.72 -18.31
N ASP O 159 -1.90 5.69 -19.16
CA ASP O 159 -2.97 6.63 -18.86
C ASP O 159 -4.38 6.03 -18.73
N PHE O 160 -4.66 4.97 -19.48
CA PHE O 160 -5.98 4.32 -19.45
C PHE O 160 -6.29 3.77 -18.05
N PRO O 161 -7.52 3.99 -17.57
CA PRO O 161 -7.88 3.52 -16.22
C PRO O 161 -8.09 2.02 -16.20
N LEU O 162 -7.82 1.43 -15.03
CA LEU O 162 -7.83 -0.02 -14.89
C LEU O 162 -9.19 -0.62 -15.23
N SER O 163 -10.27 0.00 -14.76
CA SER O 163 -11.62 -0.47 -15.03
C SER O 163 -12.25 0.17 -16.25
N GLY O 164 -11.52 1.00 -16.97
CA GLY O 164 -12.03 1.57 -18.20
C GLY O 164 -13.04 2.69 -17.97
N TYR O 165 -13.84 2.92 -18.99
CA TYR O 165 -14.82 4.00 -19.00
C TYR O 165 -16.26 3.53 -19.13
N VAL O 166 -16.50 2.32 -19.62
CA VAL O 166 -17.86 1.83 -19.80
C VAL O 166 -17.96 0.42 -19.22
N GLU O 167 -19.19 0.05 -18.88
CA GLU O 167 -19.54 -1.31 -18.50
C GLU O 167 -20.73 -1.74 -19.34
N LEU O 168 -21.10 -3.02 -19.19
CA LEU O 168 -22.18 -3.63 -19.93
C LEU O 168 -23.24 -4.16 -18.96
N ARG O 169 -24.49 -4.11 -19.39
CA ARG O 169 -25.57 -4.77 -18.66
C ARG O 169 -26.72 -5.01 -19.62
N TYR O 170 -27.56 -5.98 -19.29
CA TYR O 170 -28.75 -6.24 -20.10
C TYR O 170 -29.88 -5.30 -19.69
N ASP O 171 -30.47 -4.62 -20.67
CA ASP O 171 -31.58 -3.72 -20.45
C ASP O 171 -32.83 -4.29 -21.11
N ASP O 172 -33.90 -4.41 -20.32
CA ASP O 172 -35.15 -5.02 -20.75
C ASP O 172 -36.00 -4.10 -21.60
N GLU O 173 -35.92 -2.78 -21.40
CA GLU O 173 -36.72 -1.86 -22.21
C GLU O 173 -36.32 -1.92 -23.68
N VAL O 174 -35.01 -1.86 -23.96
CA VAL O 174 -34.54 -2.03 -25.33
C VAL O 174 -34.29 -3.48 -25.68
N LYS O 175 -34.38 -4.39 -24.70
CA LYS O 175 -34.26 -5.83 -24.91
C LYS O 175 -32.90 -6.21 -25.48
N ARG O 176 -31.83 -5.64 -24.93
CA ARG O 176 -30.50 -5.94 -25.46
C ARG O 176 -29.44 -5.52 -24.44
N VAL O 177 -28.20 -5.83 -24.76
CA VAL O 177 -27.06 -5.48 -23.91
C VAL O 177 -26.62 -4.07 -24.24
N VAL O 178 -26.49 -3.23 -23.22
CA VAL O 178 -26.11 -1.84 -23.39
C VAL O 178 -24.83 -1.47 -22.68
N ALA O 179 -24.16 -0.45 -23.19
CA ALA O 179 -22.92 0.04 -22.61
C ALA O 179 -23.18 1.38 -21.96
N GLU O 180 -22.76 1.51 -20.71
CA GLU O 180 -22.97 2.74 -19.95
C GLU O 180 -21.72 3.16 -19.19
N PRO O 181 -21.66 4.43 -18.75
CA PRO O 181 -20.48 4.90 -18.02
C PRO O 181 -20.30 4.07 -16.76
N VAL O 182 -19.06 3.70 -16.46
CA VAL O 182 -18.77 2.85 -15.31
C VAL O 182 -19.09 3.49 -13.98
N GLU O 183 -19.78 2.72 -13.15
CA GLU O 183 -20.08 3.10 -11.79
C GLU O 183 -19.61 1.91 -10.98
N LEU O 184 -18.90 2.12 -9.88
CA LEU O 184 -18.45 0.97 -9.07
C LEU O 184 -19.04 0.95 -7.67
N ALA O 185 -19.58 -0.19 -7.26
CA ALA O 185 -20.15 -0.32 -5.93
C ALA O 185 -19.07 -0.13 -4.87
N GLN O 186 -17.90 -0.72 -5.12
CA GLN O 186 -16.75 -0.54 -4.27
C GLN O 186 -15.62 -0.09 -5.17
N GLU O 187 -15.00 1.03 -4.85
CA GLU O 187 -13.89 1.54 -5.63
C GLU O 187 -12.65 0.69 -5.39
N PHE O 188 -11.81 0.52 -6.41
CA PHE O 188 -10.57 -0.22 -6.25
C PHE O 188 -9.76 0.59 -5.25
N ARG O 189 -9.13 -0.07 -4.28
CA ARG O 189 -8.43 0.73 -3.28
C ARG O 189 -6.96 0.81 -3.63
N LYS O 190 -6.49 2.01 -3.92
CA LYS O 190 -5.10 2.23 -4.29
C LYS O 190 -4.22 2.13 -3.06
N PHE O 191 -3.18 1.30 -3.14
CA PHE O 191 -2.22 1.14 -2.06
C PHE O 191 -0.93 1.85 -2.41
N ASP O 192 -0.31 2.48 -1.42
CA ASP O 192 1.02 3.07 -1.56
C ASP O 192 1.99 2.19 -0.80
N LEU O 193 2.73 1.35 -1.52
CA LEU O 193 3.61 0.37 -0.91
C LEU O 193 5.08 0.76 -0.95
N ASN O 194 5.49 1.64 -1.86
CA ASN O 194 6.90 1.96 -2.05
C ASN O 194 7.53 2.46 -0.76
N SER O 195 8.62 1.82 -0.37
CA SER O 195 9.34 2.15 0.85
C SER O 195 10.14 3.45 0.66
N PRO O 196 10.16 4.32 1.66
CA PRO O 196 10.92 5.57 1.55
C PRO O 196 12.43 5.40 1.71
N TRP O 197 12.91 4.19 1.93
CA TRP O 197 14.33 3.91 2.02
C TRP O 197 14.79 3.12 0.80
N GLU O 198 15.93 3.52 0.25
CA GLU O 198 16.44 2.91 -0.98
C GLU O 198 16.83 1.45 -0.76
N ALA O 199 16.49 0.61 -1.73
CA ALA O 199 16.74 -0.83 -1.65
C ALA O 199 18.04 -1.24 -2.32
N PHE O 200 18.36 -0.68 -3.48
CA PHE O 200 19.47 -1.16 -4.31
C PHE O 200 20.46 -0.04 -4.63
N PRO O 201 21.57 0.04 -3.90
CA PRO O 201 22.56 1.10 -4.17
C PRO O 201 23.17 1.03 -5.56
N ALA O 202 23.27 -0.15 -6.16
CA ALA O 202 23.91 -0.28 -7.46
C ALA O 202 23.18 0.46 -8.57
N TYR O 203 21.90 0.78 -8.35
CA TYR O 203 21.08 1.43 -9.36
C TYR O 203 20.80 2.89 -9.02
N ARG O 204 21.48 3.45 -8.02
CA ARG O 204 21.24 4.82 -7.63
C ARG O 204 21.54 5.76 -8.79
N GLN O 205 20.65 6.73 -8.99
CA GLN O 205 20.80 7.72 -10.04
C GLN O 205 21.53 8.97 -9.52
N PRO O 206 22.23 9.67 -10.39
CA PRO O 206 22.90 10.89 -9.95
C PRO O 206 21.90 11.91 -9.45
N PRO O 207 22.29 12.76 -8.51
CA PRO O 207 21.32 13.66 -7.87
C PRO O 207 20.92 14.85 -8.72
N GLU O 208 21.24 14.81 -10.02
CA GLU O 208 20.79 15.84 -10.96
C GLU O 208 21.32 17.23 -10.61
N SER P 1 -21.06 -17.10 -54.16
CA SER P 1 -20.74 -16.66 -52.82
C SER P 1 -20.45 -17.85 -51.92
N ASN P 2 -19.40 -17.72 -51.10
CA ASN P 2 -19.12 -18.70 -50.07
C ASN P 2 -20.10 -18.52 -48.91
N LEU P 3 -20.52 -19.64 -48.34
CA LEU P 3 -21.31 -19.58 -47.12
C LEU P 3 -20.42 -19.13 -45.96
N THR P 4 -20.93 -18.23 -45.15
CA THR P 4 -20.22 -17.71 -43.99
C THR P 4 -20.87 -18.26 -42.73
N LEU P 5 -20.07 -18.91 -41.89
CA LEU P 5 -20.58 -19.65 -40.76
C LEU P 5 -19.87 -19.24 -39.48
N ASN P 6 -20.63 -19.15 -38.40
CA ASN P 6 -20.10 -18.97 -37.06
C ASN P 6 -19.85 -20.33 -36.42
N PHE P 7 -18.59 -20.61 -36.10
CA PHE P 7 -18.23 -21.82 -35.37
C PHE P 7 -17.86 -21.40 -33.96
N GLY P 8 -18.77 -21.63 -33.02
CA GLY P 8 -18.60 -21.14 -31.67
C GLY P 8 -19.06 -19.72 -31.54
N PRO P 9 -18.98 -19.14 -30.33
CA PRO P 9 -18.36 -19.71 -29.12
C PRO P 9 -19.15 -20.84 -28.46
N GLN P 10 -20.47 -20.84 -28.62
CA GLN P 10 -21.28 -21.89 -28.00
C GLN P 10 -21.33 -23.13 -28.89
N HIS P 11 -20.17 -23.75 -29.06
CA HIS P 11 -20.04 -24.96 -29.87
C HIS P 11 -19.19 -25.95 -29.09
N PRO P 12 -19.57 -27.24 -29.12
CA PRO P 12 -18.82 -28.26 -28.38
C PRO P 12 -17.38 -28.38 -28.88
N ALA P 13 -17.20 -28.31 -30.20
CA ALA P 13 -15.90 -28.42 -30.87
C ALA P 13 -15.00 -27.17 -30.73
N ALA P 14 -15.60 -26.06 -30.28
CA ALA P 14 -14.90 -24.79 -30.11
C ALA P 14 -13.74 -24.80 -29.12
N HIS P 15 -13.85 -25.66 -28.09
CA HIS P 15 -12.86 -25.81 -27.00
C HIS P 15 -12.69 -24.53 -26.20
N GLY P 16 -13.77 -23.79 -26.03
CA GLY P 16 -13.74 -22.54 -25.30
C GLY P 16 -14.52 -21.47 -26.04
N VAL P 17 -14.28 -20.22 -25.69
CA VAL P 17 -14.95 -19.10 -26.32
C VAL P 17 -14.24 -18.65 -27.60
N LEU P 18 -14.36 -19.43 -28.67
CA LEU P 18 -13.75 -19.07 -29.93
C LEU P 18 -14.83 -18.80 -30.94
N ARG P 19 -14.74 -17.68 -31.66
CA ARG P 19 -15.67 -17.39 -32.73
C ARG P 19 -14.93 -17.59 -34.05
N LEU P 20 -14.97 -18.80 -34.58
CA LEU P 20 -14.29 -19.12 -35.82
C LEU P 20 -15.23 -18.78 -36.98
N VAL P 21 -14.99 -17.66 -37.63
CA VAL P 21 -15.76 -17.28 -38.81
C VAL P 21 -15.18 -18.00 -40.00
N MET P 22 -15.99 -18.82 -40.65
CA MET P 22 -15.50 -19.70 -41.68
C MET P 22 -16.22 -19.47 -43.01
N GLU P 23 -15.45 -19.43 -44.08
CA GLU P 23 -16.00 -19.27 -45.42
C GLU P 23 -15.98 -20.67 -46.02
N LEU P 24 -17.12 -21.14 -46.50
CA LEU P 24 -17.17 -22.49 -47.05
C LEU P 24 -17.82 -22.61 -48.40
N SER P 25 -17.31 -23.54 -49.21
CA SER P 25 -17.91 -23.85 -50.49
C SER P 25 -18.33 -25.26 -50.17
N GLY P 26 -19.63 -25.53 -50.12
CA GLY P 26 -20.09 -26.84 -49.71
C GLY P 26 -19.55 -27.02 -48.29
N GLU P 27 -18.89 -28.14 -48.03
CA GLU P 27 -18.27 -28.31 -46.71
C GLU P 27 -16.77 -28.02 -46.74
N MET P 28 -16.24 -27.69 -47.92
CA MET P 28 -14.83 -27.36 -48.04
C MET P 28 -14.58 -26.03 -47.37
N VAL P 29 -13.48 -25.92 -46.62
CA VAL P 29 -13.18 -24.67 -45.94
C VAL P 29 -12.35 -23.78 -46.85
N ARG P 30 -12.95 -22.68 -47.30
CA ARG P 30 -12.22 -21.70 -48.09
C ARG P 30 -11.39 -20.76 -47.24
N LYS P 31 -11.85 -20.44 -46.04
CA LYS P 31 -11.12 -19.49 -45.21
C LYS P 31 -11.49 -19.68 -43.75
N CYS P 32 -10.50 -19.57 -42.88
CA CYS P 32 -10.68 -19.59 -41.43
C CYS P 32 -10.27 -18.24 -40.88
N ASP P 33 -11.15 -17.64 -40.07
CA ASP P 33 -10.89 -16.36 -39.41
C ASP P 33 -11.19 -16.54 -37.93
N PRO P 34 -10.20 -16.92 -37.13
CA PRO P 34 -10.44 -17.05 -35.68
C PRO P 34 -10.60 -15.69 -35.03
N HIS P 35 -11.75 -15.46 -34.43
CA HIS P 35 -12.00 -14.27 -33.63
C HIS P 35 -11.88 -14.67 -32.17
N ILE P 36 -10.93 -14.04 -31.48
CA ILE P 36 -10.59 -14.32 -30.09
C ILE P 36 -10.90 -13.07 -29.28
N GLY P 37 -10.57 -13.09 -28.00
CA GLY P 37 -10.87 -11.99 -27.12
C GLY P 37 -12.12 -12.17 -26.30
N LEU P 38 -12.86 -13.25 -26.51
CA LEU P 38 -14.02 -13.57 -25.69
C LEU P 38 -13.63 -14.05 -24.30
N LEU P 39 -12.34 -14.27 -24.04
CA LEU P 39 -11.85 -14.53 -22.71
C LEU P 39 -10.66 -13.62 -22.37
N HIS P 40 -10.60 -12.44 -22.96
CA HIS P 40 -9.60 -11.46 -22.58
C HIS P 40 -10.06 -10.73 -21.33
N GLY P 42 -7.93 -8.81 -19.35
CA GLY P 42 -7.01 -7.73 -19.03
C GLY P 42 -6.04 -8.09 -17.92
N THR P 43 -5.48 -9.30 -18.01
CA THR P 43 -4.66 -9.85 -16.94
C THR P 43 -3.37 -9.06 -16.73
N GLU P 44 -2.76 -8.56 -17.80
CA GLU P 44 -1.45 -7.94 -17.69
C GLU P 44 -1.50 -6.57 -16.99
N LYS P 45 -2.54 -5.77 -17.27
CA LYS P 45 -2.74 -4.54 -16.52
C LYS P 45 -2.99 -4.83 -15.04
N LEU P 46 -3.82 -5.83 -14.77
CA LEU P 46 -4.09 -6.21 -13.38
C LEU P 46 -2.80 -6.60 -12.68
N ILE P 47 -1.94 -7.35 -13.38
CA ILE P 47 -0.67 -7.78 -12.80
C ILE P 47 0.20 -6.57 -12.47
N GLU P 48 -0.02 -5.46 -13.17
CA GLU P 48 0.73 -4.24 -12.94
C GLU P 48 0.34 -3.53 -11.66
N TYR P 49 -0.89 -3.79 -11.20
CA TYR P 49 -1.38 -3.19 -9.98
C TYR P 49 -1.15 -4.12 -8.80
N LYS P 50 -0.47 -5.24 -9.01
CA LYS P 50 -0.26 -6.15 -7.89
C LYS P 50 1.21 -6.22 -7.52
N THR P 51 1.49 -6.77 -6.34
CA THR P 51 2.84 -7.16 -5.97
C THR P 51 3.19 -8.48 -6.64
N TYR P 52 4.47 -8.85 -6.56
CA TYR P 52 4.94 -10.05 -7.24
C TYR P 52 4.31 -11.32 -6.68
N LEU P 53 4.01 -11.35 -5.38
CA LEU P 53 3.32 -12.50 -4.83
C LEU P 53 1.82 -12.47 -5.17
N GLN P 54 1.24 -11.28 -5.27
CA GLN P 54 -0.18 -11.18 -5.59
C GLN P 54 -0.45 -11.52 -7.05
N ALA P 55 0.54 -11.40 -7.92
CA ALA P 55 0.38 -11.70 -9.32
C ALA P 55 0.51 -13.18 -9.64
N LEU P 56 1.03 -13.98 -8.71
CA LEU P 56 1.22 -15.41 -8.97
C LEU P 56 -0.06 -16.16 -9.31
N PRO P 57 -1.18 -15.98 -8.58
CA PRO P 57 -2.37 -16.77 -8.95
C PRO P 57 -2.94 -16.48 -10.33
N TYR P 58 -2.52 -15.40 -10.99
CA TYR P 58 -2.92 -15.18 -12.38
C TYR P 58 -2.34 -16.23 -13.30
N PHE P 59 -1.12 -16.69 -13.01
CA PHE P 59 -0.48 -17.67 -13.88
C PHE P 59 -1.11 -19.05 -13.71
N ASP P 60 -1.77 -19.30 -12.59
CA ASP P 60 -2.61 -20.49 -12.49
C ASP P 60 -3.73 -20.45 -13.53
N ARG P 61 -4.32 -19.28 -13.73
CA ARG P 61 -5.51 -19.16 -14.55
C ARG P 61 -5.21 -18.78 -15.99
N LEU P 62 -3.95 -18.62 -16.35
CA LEU P 62 -3.63 -18.46 -17.78
C LEU P 62 -3.98 -19.72 -18.56
N ASP P 63 -3.22 -20.79 -18.37
CA ASP P 63 -3.51 -22.08 -18.99
C ASP P 63 -3.99 -23.02 -17.90
N TYR P 64 -5.41 -23.27 -17.87
CA TYR P 64 -5.99 -23.96 -16.73
C TYR P 64 -5.91 -25.48 -16.76
N VAL P 65 -5.02 -25.87 -17.56
CA VAL P 65 -4.74 -27.29 -17.54
C VAL P 65 -3.29 -27.59 -17.16
N SER P 66 -2.44 -26.56 -17.05
CA SER P 66 -1.02 -26.74 -16.76
C SER P 66 -0.59 -25.76 -15.66
N MET P 67 -1.36 -25.72 -14.57
CA MET P 67 -1.24 -24.65 -13.58
C MET P 67 0.18 -24.50 -13.04
N MET P 68 0.76 -25.60 -12.54
CA MET P 68 2.07 -25.48 -11.91
C MET P 68 3.17 -25.18 -12.91
N CYS P 69 2.95 -25.54 -14.17
CA CYS P 69 3.93 -25.24 -15.20
C CYS P 69 3.94 -23.74 -15.46
N ASN P 70 2.77 -23.12 -15.32
CA ASN P 70 2.64 -21.68 -15.52
C ASN P 70 3.29 -20.98 -14.33
N GLU P 71 3.11 -21.55 -13.15
CA GLU P 71 3.66 -20.99 -11.92
C GLU P 71 5.18 -21.08 -11.96
N GLN P 72 5.70 -22.20 -12.44
CA GLN P 72 7.14 -22.41 -12.52
C GLN P 72 7.79 -21.41 -13.46
N ALA P 73 7.17 -21.15 -14.62
CA ALA P 73 7.75 -20.19 -15.54
C ALA P 73 7.85 -18.81 -14.91
N TYR P 74 6.76 -18.35 -14.28
CA TYR P 74 6.78 -17.06 -13.62
C TYR P 74 7.79 -17.01 -12.47
N SER P 75 7.86 -18.10 -11.69
CA SER P 75 8.80 -18.14 -10.58
C SER P 75 10.24 -18.09 -11.07
N LEU P 76 10.53 -18.78 -12.17
CA LEU P 76 11.87 -18.72 -12.75
C LEU P 76 12.21 -17.31 -13.20
N ALA P 77 11.26 -16.63 -13.85
CA ALA P 77 11.51 -15.24 -14.25
C ALA P 77 11.82 -14.37 -13.04
N VAL P 78 11.01 -14.46 -11.99
CA VAL P 78 11.22 -13.60 -10.83
C VAL P 78 12.51 -13.97 -10.09
N GLU P 79 12.84 -15.26 -10.01
CA GLU P 79 14.08 -15.67 -9.35
C GLU P 79 15.30 -15.21 -10.13
N LYS P 80 15.22 -15.25 -11.46
CA LYS P 80 16.29 -14.71 -12.28
C LYS P 80 16.46 -13.22 -12.04
N LEU P 81 15.35 -12.49 -11.92
CA LEU P 81 15.45 -11.06 -11.65
C LEU P 81 15.91 -10.76 -10.23
N LEU P 82 15.68 -11.66 -9.27
CA LEU P 82 16.09 -11.47 -7.90
C LEU P 82 17.52 -11.93 -7.63
N ASN P 83 18.12 -12.68 -8.57
CA ASN P 83 19.47 -13.21 -8.42
C ASN P 83 19.58 -14.16 -7.23
N ILE P 84 18.53 -14.95 -7.00
CA ILE P 84 18.53 -15.94 -5.92
C ILE P 84 18.40 -17.34 -6.51
N GLN P 85 18.45 -18.36 -5.65
CA GLN P 85 18.43 -19.73 -6.10
C GLN P 85 17.51 -20.59 -5.22
N PRO P 86 16.54 -21.28 -5.81
CA PRO P 86 15.72 -22.20 -5.02
C PRO P 86 16.55 -23.36 -4.52
N PRO P 87 16.18 -23.94 -3.39
CA PRO P 87 16.93 -25.08 -2.84
C PRO P 87 16.72 -26.35 -3.66
N PRO P 88 17.61 -27.32 -3.54
CA PRO P 88 17.50 -28.53 -4.40
C PRO P 88 16.23 -29.32 -4.22
N ARG P 89 15.75 -29.49 -2.99
CA ARG P 89 14.53 -30.26 -2.78
C ARG P 89 13.34 -29.59 -3.45
N ALA P 90 13.29 -28.25 -3.38
CA ALA P 90 12.24 -27.51 -4.06
C ALA P 90 12.29 -27.74 -5.56
N GLN P 91 13.49 -27.77 -6.14
CA GLN P 91 13.61 -27.97 -7.58
C GLN P 91 13.16 -29.36 -7.98
N TRP P 92 13.49 -30.37 -7.17
CA TRP P 92 13.01 -31.71 -7.46
C TRP P 92 11.49 -31.79 -7.34
N ILE P 93 10.92 -31.14 -6.33
CA ILE P 93 9.45 -31.09 -6.22
C ILE P 93 8.85 -30.42 -7.43
N ARG P 94 9.46 -29.32 -7.89
CA ARG P 94 8.97 -28.60 -9.05
C ARG P 94 8.98 -29.47 -10.29
N VAL P 95 10.06 -30.21 -10.51
CA VAL P 95 10.13 -31.04 -11.72
C VAL P 95 9.14 -32.20 -11.62
N LEU P 96 8.99 -32.79 -10.44
CA LEU P 96 8.02 -33.87 -10.26
C LEU P 96 6.60 -33.39 -10.54
N PHE P 97 6.21 -32.26 -9.97
CA PHE P 97 4.87 -31.77 -10.22
C PHE P 97 4.70 -31.19 -11.60
N GLY P 98 5.78 -30.72 -12.24
CA GLY P 98 5.68 -30.35 -13.64
C GLY P 98 5.40 -31.53 -14.54
N GLU P 99 5.99 -32.68 -14.23
CA GLU P 99 5.71 -33.88 -15.02
C GLU P 99 4.30 -34.42 -14.76
N ILE P 100 3.86 -34.38 -13.50
CA ILE P 100 2.46 -34.72 -13.20
C ILE P 100 1.52 -33.81 -13.97
N THR P 101 1.82 -32.51 -14.00
CA THR P 101 1.02 -31.55 -14.73
C THR P 101 1.04 -31.82 -16.24
N ARG P 102 2.19 -32.22 -16.77
CA ARG P 102 2.26 -32.58 -18.18
C ARG P 102 1.37 -33.78 -18.47
N LEU P 103 1.33 -34.75 -17.56
CA LEU P 103 0.39 -35.86 -17.70
C LEU P 103 -1.04 -35.36 -17.74
N LEU P 104 -1.40 -34.46 -16.82
CA LEU P 104 -2.74 -33.90 -16.79
C LEU P 104 -3.10 -33.25 -18.11
N ASN P 105 -2.20 -32.39 -18.60
CA ASN P 105 -2.46 -31.64 -19.83
C ASN P 105 -2.57 -32.57 -21.03
N HIS P 106 -1.70 -33.57 -21.12
CA HIS P 106 -1.73 -34.45 -22.27
C HIS P 106 -2.96 -35.34 -22.27
N ILE P 107 -3.39 -35.79 -21.09
CA ILE P 107 -4.66 -36.50 -21.00
C ILE P 107 -5.80 -35.64 -21.51
N MET P 108 -5.87 -34.39 -21.01
CA MET P 108 -6.95 -33.51 -21.43
C MET P 108 -6.93 -33.30 -22.94
N ALA P 109 -5.76 -33.02 -23.50
CA ALA P 109 -5.64 -32.76 -24.92
C ALA P 109 -6.04 -33.96 -25.76
N VAL P 110 -5.48 -35.13 -25.46
CA VAL P 110 -5.74 -36.30 -26.28
C VAL P 110 -7.21 -36.70 -26.20
N THR P 111 -7.78 -36.69 -24.98
CA THR P 111 -9.16 -37.14 -24.85
C THR P 111 -10.15 -36.15 -25.43
N THR P 112 -9.89 -34.84 -25.33
CA THR P 112 -10.81 -33.89 -25.95
C THR P 112 -10.68 -33.91 -27.46
N HIS P 113 -9.48 -34.16 -27.98
CA HIS P 113 -9.33 -34.37 -29.41
C HIS P 113 -10.11 -35.58 -29.89
N ALA P 114 -10.02 -36.70 -29.16
CA ALA P 114 -10.78 -37.88 -29.51
C ALA P 114 -12.28 -37.63 -29.42
N LEU P 115 -12.71 -36.87 -28.40
CA LEU P 115 -14.12 -36.55 -28.23
C LEU P 115 -14.64 -35.71 -29.38
N ASP P 116 -13.92 -34.82 -29.94
CA ASP P 116 -14.35 -34.00 -31.08
C ASP P 116 -14.52 -34.89 -32.31
N ILE P 117 -13.39 -35.78 -32.41
CA ILE P 117 -13.45 -36.69 -33.56
C ILE P 117 -14.69 -37.58 -33.47
N GLY P 118 -15.04 -38.02 -32.28
CA GLY P 118 -16.22 -38.84 -32.10
C GLY P 118 -16.03 -39.99 -31.14
N ALA P 119 -14.78 -40.28 -30.80
CA ALA P 119 -14.45 -41.36 -29.86
C ALA P 119 -14.59 -40.83 -28.44
N MET P 120 -15.78 -41.02 -27.88
CA MET P 120 -16.12 -40.40 -26.60
C MET P 120 -15.64 -41.22 -25.40
N THR P 121 -15.38 -42.50 -25.61
CA THR P 121 -15.09 -43.38 -24.47
C THR P 121 -13.78 -43.10 -23.74
N PRO P 122 -12.63 -42.88 -24.41
CA PRO P 122 -11.37 -42.76 -23.65
C PRO P 122 -11.36 -41.61 -22.66
N PHE P 123 -12.17 -40.58 -22.91
CA PHE P 123 -12.29 -39.46 -21.99
C PHE P 123 -12.64 -39.92 -20.59
N PHE P 124 -13.65 -40.78 -20.47
CA PHE P 124 -14.11 -41.22 -19.16
C PHE P 124 -13.07 -42.10 -18.48
N TRP P 125 -12.36 -42.92 -19.25
CA TRP P 125 -11.31 -43.74 -18.67
C TRP P 125 -10.18 -42.89 -18.11
N MET P 126 -9.81 -41.82 -18.82
CA MET P 126 -8.63 -41.06 -18.42
C MET P 126 -8.96 -39.99 -17.37
N PHE P 127 -10.24 -39.62 -17.25
CA PHE P 127 -10.54 -38.55 -16.30
C PHE P 127 -10.56 -39.04 -14.86
N GLU P 128 -10.67 -40.35 -14.64
CA GLU P 128 -10.45 -40.89 -13.30
C GLU P 128 -8.98 -40.73 -12.88
N GLU P 129 -8.06 -40.98 -13.81
CA GLU P 129 -6.65 -40.73 -13.54
C GLU P 129 -6.40 -39.25 -13.28
N ARG P 130 -7.03 -38.40 -14.08
CA ARG P 130 -6.93 -36.96 -13.83
C ARG P 130 -7.43 -36.61 -12.45
N GLU P 131 -8.49 -37.28 -12.01
CA GLU P 131 -9.04 -37.05 -10.67
C GLU P 131 -8.04 -37.40 -9.58
N LYS P 132 -7.36 -38.53 -9.74
CA LYS P 132 -6.34 -38.91 -8.76
C LYS P 132 -5.18 -37.90 -8.72
N MET P 133 -4.77 -37.40 -9.88
CA MET P 133 -3.73 -36.37 -9.87
C MET P 133 -4.23 -35.07 -9.24
N PHE P 134 -5.50 -34.72 -9.46
CA PHE P 134 -6.09 -33.58 -8.75
C PHE P 134 -6.02 -33.79 -7.24
N GLU P 135 -6.21 -35.02 -6.80
CA GLU P 135 -6.06 -35.33 -5.38
C GLU P 135 -4.63 -35.08 -4.91
N PHE P 136 -3.64 -35.44 -5.72
CA PHE P 136 -2.24 -35.12 -5.38
C PHE P 136 -2.05 -33.62 -5.22
N TYR P 137 -2.55 -32.86 -6.19
CA TYR P 137 -2.51 -31.39 -6.09
C TYR P 137 -3.11 -30.91 -4.78
N GLU P 138 -4.30 -31.39 -4.47
CA GLU P 138 -5.00 -30.97 -3.26
C GLU P 138 -4.26 -31.30 -1.98
N ARG P 139 -3.66 -32.49 -1.89
CA ARG P 139 -2.95 -32.84 -0.67
C ARG P 139 -1.78 -31.90 -0.40
N VAL P 140 -1.02 -31.59 -1.43
CA VAL P 140 0.10 -30.67 -1.29
C VAL P 140 -0.27 -29.19 -1.04
N SER P 141 -1.32 -28.69 -1.67
CA SER P 141 -1.69 -27.28 -1.52
C SER P 141 -3.08 -26.91 -0.99
N GLY P 142 -3.99 -27.87 -0.91
CA GLY P 142 -5.34 -27.55 -0.48
C GLY P 142 -6.28 -27.19 -1.61
N ALA P 143 -5.78 -27.22 -2.84
CA ALA P 143 -6.60 -26.89 -4.01
C ALA P 143 -6.45 -27.98 -5.07
N ARG P 144 -7.55 -28.30 -5.73
CA ARG P 144 -7.53 -29.33 -6.77
C ARG P 144 -6.80 -28.90 -8.04
N MET P 145 -6.95 -27.65 -8.44
CA MET P 145 -6.28 -27.18 -9.65
C MET P 145 -5.45 -25.90 -9.49
N HIS P 146 -6.05 -24.82 -9.01
CA HIS P 146 -5.27 -23.58 -8.84
C HIS P 146 -4.51 -23.60 -7.53
N ALA P 147 -3.47 -24.42 -7.49
CA ALA P 147 -2.71 -24.62 -6.29
C ALA P 147 -1.97 -23.44 -5.70
N ALA P 148 -1.25 -22.71 -6.57
CA ALA P 148 -0.35 -21.59 -6.26
C ALA P 148 0.85 -22.01 -5.36
N TYR P 149 1.23 -23.30 -5.48
CA TYR P 149 2.28 -23.97 -4.75
C TYR P 149 3.70 -23.53 -5.07
N ILE P 150 3.95 -23.31 -6.35
CA ILE P 150 5.27 -22.90 -6.77
C ILE P 150 5.37 -21.40 -6.63
N ARG P 151 6.32 -20.97 -5.82
CA ARG P 151 6.54 -19.56 -5.55
C ARG P 151 7.95 -19.15 -5.91
N PRO P 152 8.13 -17.88 -6.28
CA PRO P 152 9.43 -17.34 -6.65
C PRO P 152 10.58 -17.65 -5.69
N GLY P 153 10.35 -18.41 -4.62
CA GLY P 153 11.45 -18.74 -3.74
C GLY P 153 11.67 -20.24 -3.61
N GLY P 154 10.78 -21.02 -4.23
CA GLY P 154 10.75 -22.45 -4.06
C GLY P 154 9.33 -22.96 -4.12
N VAL P 155 8.89 -23.63 -3.07
CA VAL P 155 7.50 -24.04 -2.94
C VAL P 155 6.98 -23.56 -1.60
N HIS P 156 5.65 -23.48 -1.50
CA HIS P 156 5.03 -22.92 -0.31
C HIS P 156 5.17 -23.82 0.91
N GLN P 157 4.89 -25.12 0.75
CA GLN P 157 4.91 -26.05 1.86
C GLN P 157 5.61 -27.33 1.43
N ASP P 158 6.15 -28.03 2.42
CA ASP P 158 6.77 -29.33 2.19
C ASP P 158 5.70 -30.40 1.97
N LEU P 159 6.09 -31.46 1.27
CA LEU P 159 5.14 -32.52 0.97
C LEU P 159 4.64 -33.17 2.25
N PRO P 160 3.37 -33.54 2.31
CA PRO P 160 2.87 -34.27 3.48
C PRO P 160 3.50 -35.64 3.58
N LEU P 161 3.40 -36.22 4.77
CA LEU P 161 4.29 -37.30 5.17
C LEU P 161 4.04 -38.62 4.46
N GLY P 162 3.06 -38.72 3.57
CA GLY P 162 2.87 -39.96 2.85
C GLY P 162 2.53 -39.78 1.38
N LEU P 163 2.90 -38.63 0.82
CA LEU P 163 2.51 -38.31 -0.55
C LEU P 163 3.34 -39.09 -1.58
N LEU P 164 4.63 -39.29 -1.31
CA LEU P 164 5.49 -39.96 -2.28
C LEU P 164 5.03 -41.39 -2.53
N ASP P 165 4.59 -42.08 -1.48
CA ASP P 165 4.10 -43.45 -1.63
C ASP P 165 2.88 -43.51 -2.54
N ASP P 166 1.94 -42.57 -2.36
CA ASP P 166 0.75 -42.58 -3.20
C ASP P 166 1.07 -42.19 -4.64
N ILE P 167 2.00 -41.26 -4.82
CA ILE P 167 2.43 -40.92 -6.18
C ILE P 167 3.07 -42.14 -6.84
N TYR P 168 3.84 -42.91 -6.08
CA TYR P 168 4.40 -44.15 -6.62
C TYR P 168 3.31 -45.14 -6.99
N GLU P 169 2.31 -45.29 -6.13
CA GLU P 169 1.24 -46.25 -6.41
C GLU P 169 0.47 -45.87 -7.66
N PHE P 170 0.19 -44.59 -7.83
CA PHE P 170 -0.46 -44.13 -9.05
C PHE P 170 0.43 -44.36 -10.27
N SER P 171 1.73 -44.06 -10.14
CA SER P 171 2.61 -44.08 -11.30
C SER P 171 2.89 -45.49 -11.81
N LYS P 172 2.73 -46.50 -10.96
CA LYS P 172 3.02 -47.86 -11.38
C LYS P 172 1.84 -48.54 -12.06
N ASN P 173 0.69 -47.86 -12.17
CA ASN P 173 -0.45 -48.37 -12.89
C ASN P 173 -0.80 -47.59 -14.15
N PHE P 174 -0.23 -46.40 -14.34
CA PHE P 174 -0.70 -45.51 -15.40
C PHE P 174 -0.39 -46.03 -16.79
N SER P 175 0.72 -46.75 -16.93
CA SER P 175 1.15 -47.23 -18.25
C SER P 175 0.11 -48.15 -18.87
N PHE P 176 -0.57 -48.96 -18.06
CA PHE P 176 -1.66 -49.79 -18.58
C PHE P 176 -2.83 -48.95 -19.07
N ARG P 177 -3.13 -47.85 -18.41
CA ARG P 177 -4.18 -46.96 -18.91
C ARG P 177 -3.78 -46.34 -20.24
N ILE P 178 -2.52 -45.94 -20.38
CA ILE P 178 -2.05 -45.46 -21.68
C ILE P 178 -2.16 -46.56 -22.73
N ASP P 179 -1.87 -47.79 -22.33
CA ASP P 179 -1.98 -48.93 -23.26
C ASP P 179 -3.41 -49.13 -23.72
N GLU P 180 -4.38 -49.01 -22.80
CA GLU P 180 -5.78 -49.14 -23.18
C GLU P 180 -6.20 -48.02 -24.13
N LEU P 181 -5.73 -46.80 -23.86
CA LEU P 181 -5.99 -45.69 -24.78
C LEU P 181 -5.44 -46.00 -26.17
N GLU P 182 -4.21 -46.51 -26.23
CA GLU P 182 -3.60 -46.83 -27.52
C GLU P 182 -4.30 -47.97 -28.22
N GLU P 183 -4.79 -48.95 -27.46
CA GLU P 183 -5.62 -50.00 -28.06
C GLU P 183 -6.86 -49.41 -28.68
N MET P 184 -7.46 -48.42 -28.03
CA MET P 184 -8.65 -47.79 -28.58
C MET P 184 -8.34 -47.03 -29.87
N LEU P 185 -7.21 -46.32 -29.91
CA LEU P 185 -7.02 -45.32 -30.96
C LEU P 185 -5.92 -45.63 -31.97
N THR P 186 -4.77 -46.16 -31.54
CA THR P 186 -3.57 -46.09 -32.37
C THR P 186 -3.73 -46.82 -33.70
N ASN P 187 -4.31 -48.01 -33.67
CA ASN P 187 -4.39 -48.84 -34.87
C ASN P 187 -5.77 -48.85 -35.51
N ASN P 188 -6.72 -48.07 -34.97
CA ASN P 188 -8.05 -47.99 -35.56
C ASN P 188 -7.98 -47.32 -36.92
N ARG P 189 -8.54 -47.98 -37.93
CA ARG P 189 -8.51 -47.42 -39.28
C ARG P 189 -9.37 -46.17 -39.38
N ILE P 190 -10.44 -46.08 -38.60
CA ILE P 190 -11.27 -44.88 -38.62
C ILE P 190 -10.49 -43.69 -38.04
N TRP P 191 -9.81 -43.90 -36.91
CA TRP P 191 -9.02 -42.85 -36.30
C TRP P 191 -7.89 -42.39 -37.23
N ARG P 192 -7.22 -43.35 -37.87
CA ARG P 192 -6.16 -43.00 -38.80
C ARG P 192 -6.72 -42.25 -40.01
N ASN P 193 -7.89 -42.64 -40.50
CA ASN P 193 -8.53 -41.91 -41.58
C ASN P 193 -8.86 -40.49 -41.16
N ARG P 194 -9.23 -40.28 -39.91
CA ARG P 194 -9.55 -38.94 -39.44
C ARG P 194 -8.31 -38.14 -39.07
N THR P 195 -7.15 -38.78 -38.95
CA THR P 195 -5.95 -38.09 -38.48
C THR P 195 -4.77 -38.10 -39.43
N VAL P 196 -4.62 -39.14 -40.26
CA VAL P 196 -3.44 -39.22 -41.12
C VAL P 196 -3.57 -38.23 -42.27
N ASP P 197 -2.51 -37.45 -42.50
CA ASP P 197 -2.41 -36.47 -43.58
C ASP P 197 -3.36 -35.28 -43.42
N ILE P 198 -3.89 -35.06 -42.22
CA ILE P 198 -4.74 -33.92 -41.94
C ILE P 198 -3.90 -32.86 -41.22
N GLY P 199 -3.98 -31.62 -41.69
CA GLY P 199 -3.23 -30.55 -41.07
C GLY P 199 -1.72 -30.71 -41.12
N VAL P 200 -1.20 -30.99 -42.31
CA VAL P 200 0.23 -31.20 -42.50
C VAL P 200 0.93 -29.86 -42.58
N VAL P 201 1.97 -29.68 -41.77
CA VAL P 201 2.75 -28.44 -41.75
C VAL P 201 4.21 -28.80 -41.94
N THR P 202 4.90 -28.04 -42.78
CA THR P 202 6.31 -28.28 -43.03
C THR P 202 7.17 -27.69 -41.91
N ALA P 203 8.40 -28.17 -41.81
CA ALA P 203 9.34 -27.71 -40.81
C ALA P 203 9.62 -26.21 -40.93
N GLU P 204 9.86 -25.76 -42.16
CA GLU P 204 10.15 -24.36 -42.41
C GLU P 204 8.98 -23.46 -42.01
N ASP P 205 7.76 -23.89 -42.36
CA ASP P 205 6.56 -23.14 -42.00
C ASP P 205 6.34 -23.13 -40.50
N ALA P 206 6.57 -24.27 -39.85
CA ALA P 206 6.39 -24.35 -38.40
C ALA P 206 7.37 -23.42 -37.70
N LEU P 207 8.60 -23.34 -38.19
CA LEU P 207 9.58 -22.44 -37.58
C LEU P 207 9.20 -20.98 -37.79
N ASN P 208 8.80 -20.62 -39.01
CA ASN P 208 8.53 -19.22 -39.31
C ASN P 208 7.28 -18.73 -38.60
N TYR P 209 6.22 -19.54 -38.57
CA TYR P 209 4.97 -19.11 -37.95
C TYR P 209 5.07 -19.00 -36.44
N GLY P 210 6.18 -19.43 -35.84
CA GLY P 210 6.35 -19.31 -34.41
C GLY P 210 5.91 -20.51 -33.61
N PHE P 211 5.71 -21.65 -34.25
CA PHE P 211 5.25 -22.84 -33.55
C PHE P 211 6.29 -23.32 -32.56
N SER P 212 5.84 -24.11 -31.59
CA SER P 212 6.72 -24.66 -30.58
C SER P 212 6.13 -25.97 -30.09
N GLY P 213 6.95 -26.74 -29.38
CA GLY P 213 6.49 -27.97 -28.77
C GLY P 213 6.17 -29.04 -29.79
N VAL P 214 5.05 -29.73 -29.58
CA VAL P 214 4.66 -30.84 -30.44
C VAL P 214 4.46 -30.39 -31.88
N MET P 215 3.94 -29.17 -32.09
CA MET P 215 3.74 -28.67 -33.44
C MET P 215 5.06 -28.57 -34.21
N LEU P 216 6.18 -28.49 -33.51
CA LEU P 216 7.47 -28.62 -34.17
C LEU P 216 7.88 -30.08 -34.30
N ARG P 217 7.75 -30.85 -33.21
CA ARG P 217 8.32 -32.20 -33.18
C ARG P 217 7.59 -33.16 -34.10
N GLY P 218 6.31 -32.91 -34.40
CA GLY P 218 5.62 -33.74 -35.37
C GLY P 218 6.15 -33.57 -36.78
N SER P 219 6.78 -32.43 -37.07
CA SER P 219 7.36 -32.15 -38.37
C SER P 219 8.84 -32.50 -38.43
N GLY P 220 9.37 -33.22 -37.45
CA GLY P 220 10.73 -33.69 -37.48
C GLY P 220 11.77 -32.76 -36.89
N ILE P 221 11.39 -31.56 -36.47
CA ILE P 221 12.34 -30.64 -35.86
C ILE P 221 12.71 -31.15 -34.48
N GLN P 222 14.01 -31.25 -34.20
CA GLN P 222 14.52 -31.83 -32.96
C GLN P 222 14.79 -30.71 -31.98
N TRP P 223 13.77 -30.36 -31.19
CA TRP P 223 13.87 -29.24 -30.27
C TRP P 223 12.98 -29.49 -29.07
N ASP P 224 13.57 -29.55 -27.88
CA ASP P 224 12.85 -29.65 -26.63
C ASP P 224 13.59 -28.79 -25.62
N LEU P 225 12.87 -27.84 -25.00
CA LEU P 225 13.53 -26.85 -24.17
C LEU P 225 14.14 -27.48 -22.92
N ARG P 226 13.57 -28.61 -22.48
CA ARG P 226 14.15 -29.30 -21.33
C ARG P 226 15.52 -29.88 -21.66
N LYS P 227 15.76 -30.21 -22.94
CA LYS P 227 17.05 -30.75 -23.33
C LYS P 227 18.02 -29.65 -23.74
N THR P 228 17.53 -28.65 -24.49
CA THR P 228 18.43 -27.65 -25.04
C THR P 228 18.74 -26.54 -24.04
N GLN P 229 17.74 -26.08 -23.29
CA GLN P 229 17.91 -25.03 -22.31
C GLN P 229 17.31 -25.48 -20.98
N PRO P 230 17.96 -26.42 -20.30
CA PRO P 230 17.34 -27.03 -19.12
C PRO P 230 17.23 -26.06 -17.95
N TYR P 231 16.22 -26.30 -17.12
CA TYR P 231 15.95 -25.50 -15.94
C TYR P 231 15.62 -26.45 -14.80
N ASP P 232 15.81 -25.95 -13.57
CA ASP P 232 15.63 -26.74 -12.34
C ASP P 232 16.59 -27.92 -12.41
N VAL P 233 16.13 -29.17 -12.26
CA VAL P 233 16.99 -30.33 -12.30
C VAL P 233 16.72 -31.19 -13.52
N TYR P 234 16.30 -30.58 -14.64
CA TYR P 234 16.00 -31.35 -15.84
C TYR P 234 17.25 -31.92 -16.48
N ASP P 235 18.42 -31.38 -16.14
CA ASP P 235 19.65 -31.92 -16.69
C ASP P 235 20.06 -33.21 -15.98
N GLN P 236 19.42 -33.52 -14.86
CA GLN P 236 19.77 -34.71 -14.09
C GLN P 236 18.81 -35.87 -14.32
N VAL P 237 17.81 -35.73 -15.18
CA VAL P 237 16.90 -36.82 -15.48
C VAL P 237 17.12 -37.27 -16.92
N GLU P 238 16.76 -38.52 -17.18
CA GLU P 238 16.91 -39.14 -18.50
C GLU P 238 15.54 -39.40 -19.11
N PHE P 239 15.38 -39.00 -20.37
CA PHE P 239 14.15 -39.25 -21.11
C PHE P 239 14.42 -39.03 -22.58
N ASP P 240 13.59 -39.65 -23.42
CA ASP P 240 13.64 -39.47 -24.86
C ASP P 240 12.63 -38.42 -25.29
N VAL P 241 12.90 -37.83 -26.45
CA VAL P 241 12.02 -36.83 -27.03
C VAL P 241 11.36 -37.44 -28.26
N PRO P 242 10.04 -37.63 -28.27
CA PRO P 242 9.38 -38.18 -29.45
C PRO P 242 9.48 -37.23 -30.63
N ILE P 243 9.65 -37.80 -31.82
CA ILE P 243 9.79 -37.04 -33.05
C ILE P 243 8.89 -37.66 -34.11
N GLY P 244 8.18 -36.80 -34.84
CA GLY P 244 7.32 -37.25 -35.92
C GLY P 244 8.02 -37.28 -37.26
N SER P 245 7.25 -37.65 -38.28
CA SER P 245 7.83 -37.84 -39.61
C SER P 245 7.05 -37.12 -40.70
N ARG P 246 5.75 -36.89 -40.49
CA ARG P 246 4.88 -36.42 -41.53
C ARG P 246 4.23 -35.07 -41.26
N GLY P 247 4.25 -34.60 -40.02
CA GLY P 247 3.70 -33.30 -39.70
C GLY P 247 2.19 -33.23 -39.68
N ASP P 248 1.53 -34.37 -39.54
CA ASP P 248 0.07 -34.38 -39.52
C ASP P 248 -0.49 -34.58 -38.12
N CYS P 249 -1.82 -34.66 -38.03
CA CYS P 249 -2.49 -34.84 -36.75
C CYS P 249 -2.15 -36.18 -36.12
N TYR P 250 -2.01 -37.21 -36.96
CA TYR P 250 -1.69 -38.54 -36.46
C TYR P 250 -0.32 -38.59 -35.78
N ASP P 251 0.66 -37.92 -36.37
CA ASP P 251 2.00 -37.89 -35.81
C ASP P 251 2.05 -37.12 -34.50
N ARG P 252 1.23 -36.08 -34.39
CA ARG P 252 1.18 -35.27 -33.18
C ARG P 252 0.54 -36.06 -32.04
N TYR P 253 -0.43 -36.91 -32.38
CA TYR P 253 -1.07 -37.77 -31.38
C TYR P 253 -0.09 -38.81 -30.83
N LEU P 254 0.69 -39.44 -31.71
CA LEU P 254 1.71 -40.39 -31.26
C LEU P 254 2.75 -39.71 -30.40
N CYS P 255 3.16 -38.50 -30.77
CA CYS P 255 4.13 -37.75 -29.99
C CYS P 255 3.61 -37.50 -28.58
N ARG P 256 2.35 -37.12 -28.45
CA ARG P 256 1.79 -36.84 -27.13
C ARG P 256 1.69 -38.10 -26.28
N VAL P 257 1.31 -39.23 -26.88
CA VAL P 257 1.24 -40.48 -26.12
C VAL P 257 2.63 -40.87 -25.60
N GLU P 258 3.63 -40.79 -26.48
CA GLU P 258 4.98 -41.15 -26.07
C GLU P 258 5.52 -40.16 -25.04
N GLU P 259 5.07 -38.91 -25.12
CA GLU P 259 5.47 -37.89 -24.16
C GLU P 259 4.92 -38.28 -22.80
N MET P 260 3.71 -38.83 -22.78
CA MET P 260 3.08 -39.27 -21.54
C MET P 260 3.92 -40.37 -20.92
N ARG P 261 4.39 -41.30 -21.74
CA ARG P 261 5.25 -42.38 -21.26
C ARG P 261 6.57 -41.85 -20.70
N GLN P 262 7.18 -40.90 -21.40
CA GLN P 262 8.44 -40.31 -20.94
C GLN P 262 8.26 -39.53 -19.65
N SER P 263 7.10 -38.90 -19.46
CA SER P 263 6.80 -38.24 -18.20
C SER P 263 6.71 -39.25 -17.07
N LEU P 264 6.14 -40.43 -17.33
CA LEU P 264 6.15 -41.49 -16.31
C LEU P 264 7.58 -41.85 -15.95
N ARG P 265 8.45 -41.96 -16.95
CA ARG P 265 9.87 -42.23 -16.71
C ARG P 265 10.51 -41.17 -15.82
N ILE P 266 10.27 -39.90 -16.14
CA ILE P 266 10.85 -38.81 -15.35
C ILE P 266 10.30 -38.82 -13.93
N ILE P 267 9.02 -39.14 -13.77
CA ILE P 267 8.41 -39.16 -12.45
C ILE P 267 9.04 -40.26 -11.60
N SER P 268 9.30 -41.41 -12.22
CA SER P 268 9.91 -42.52 -11.51
C SER P 268 11.28 -42.10 -10.99
N GLN P 269 12.03 -41.37 -11.82
CA GLN P 269 13.35 -40.90 -11.44
C GLN P 269 13.26 -39.88 -10.32
N CYS P 270 12.32 -38.95 -10.45
CA CYS P 270 12.15 -37.93 -9.41
C CYS P 270 11.74 -38.52 -8.08
N LEU P 271 10.91 -39.56 -8.10
CA LEU P 271 10.52 -40.23 -6.86
C LEU P 271 11.72 -40.88 -6.20
N ASN P 272 12.60 -41.50 -6.99
CA ASN P 272 13.73 -42.19 -6.39
C ASN P 272 14.88 -41.26 -6.03
N LYS P 273 14.82 -39.97 -6.40
CA LYS P 273 15.95 -39.07 -6.23
C LYS P 273 15.62 -37.82 -5.42
N MET P 274 14.49 -37.80 -4.72
CA MET P 274 14.13 -36.61 -3.94
C MET P 274 15.06 -36.46 -2.75
N PRO P 275 15.77 -35.34 -2.62
CA PRO P 275 16.71 -35.17 -1.52
C PRO P 275 16.03 -34.52 -0.33
N PRO P 276 16.68 -34.50 0.83
CA PRO P 276 16.13 -33.77 1.97
C PRO P 276 16.48 -32.29 1.93
N GLY P 277 15.98 -31.53 2.89
CA GLY P 277 16.36 -30.14 3.04
C GLY P 277 15.14 -29.24 3.06
N GLU P 278 15.41 -27.94 3.06
CA GLU P 278 14.35 -26.95 3.09
C GLU P 278 13.76 -26.76 1.70
N ILE P 279 12.58 -26.13 1.68
CA ILE P 279 11.75 -26.05 0.49
C ILE P 279 11.72 -24.68 -0.14
N LYS P 280 12.16 -23.64 0.56
CA LYS P 280 12.25 -22.31 -0.03
C LYS P 280 13.60 -21.71 0.33
N VAL P 281 13.97 -20.67 -0.42
CA VAL P 281 15.30 -20.09 -0.28
C VAL P 281 15.45 -19.52 1.13
N ASP P 282 16.56 -19.88 1.77
CA ASP P 282 16.82 -19.46 3.15
C ASP P 282 17.27 -18.00 3.15
N ASP P 283 16.31 -17.13 2.80
CA ASP P 283 16.55 -15.70 2.64
C ASP P 283 15.23 -15.01 2.96
N ALA P 284 15.08 -14.55 4.20
CA ALA P 284 13.80 -14.07 4.70
C ALA P 284 13.42 -12.70 4.15
N LYS P 285 14.28 -12.06 3.37
CA LYS P 285 13.89 -10.86 2.66
C LYS P 285 13.21 -11.16 1.34
N VAL P 286 13.13 -12.44 0.97
CA VAL P 286 12.43 -12.89 -0.23
C VAL P 286 11.34 -13.89 0.12
N SER P 287 11.67 -14.91 0.89
CA SER P 287 10.74 -15.95 1.28
C SER P 287 10.31 -15.80 2.72
N PRO P 288 9.02 -15.97 3.02
CA PRO P 288 8.54 -15.76 4.37
C PRO P 288 9.14 -16.77 5.32
N PRO P 289 9.37 -16.41 6.57
CA PRO P 289 9.87 -17.37 7.56
C PRO P 289 8.76 -18.30 8.03
N LYS P 290 9.17 -19.31 8.80
CA LYS P 290 8.22 -20.22 9.40
C LYS P 290 7.43 -19.50 10.49
N ARG P 291 6.25 -20.04 10.79
CA ARG P 291 5.34 -19.38 11.72
C ARG P 291 5.87 -19.38 13.16
N ALA P 292 6.55 -20.44 13.57
CA ALA P 292 7.14 -20.46 14.91
C ALA P 292 8.21 -19.38 15.06
N GLU P 293 9.05 -19.22 14.02
CA GLU P 293 10.01 -18.11 14.02
C GLU P 293 9.31 -16.77 13.98
N MET P 294 8.25 -16.67 13.19
CA MET P 294 7.48 -15.43 13.10
C MET P 294 6.87 -15.06 14.44
N LYS P 295 6.57 -16.05 15.27
CA LYS P 295 5.98 -15.80 16.57
C LYS P 295 7.00 -15.76 17.70
N THR P 296 8.28 -16.04 17.43
CA THR P 296 9.30 -15.91 18.46
C THR P 296 10.32 -14.81 18.22
N SER P 297 10.68 -14.50 16.97
CA SER P 297 11.81 -13.64 16.69
C SER P 297 11.36 -12.31 16.10
N MET P 298 12.02 -11.22 16.53
CA MET P 298 11.64 -9.88 16.10
C MET P 298 11.90 -9.69 14.60
N GLU P 299 13.06 -10.11 14.12
CA GLU P 299 13.38 -9.98 12.70
C GLU P 299 12.41 -10.77 11.85
N SER P 300 12.07 -11.99 12.27
CA SER P 300 11.15 -12.81 11.51
C SER P 300 9.78 -12.18 11.41
N LEU P 301 9.31 -11.57 12.50
CA LEU P 301 8.02 -10.89 12.48
C LEU P 301 8.06 -9.66 11.59
N ILE P 302 9.15 -8.89 11.65
CA ILE P 302 9.27 -7.72 10.79
C ILE P 302 9.25 -8.12 9.32
N HIS P 303 10.00 -9.18 8.98
CA HIS P 303 10.07 -9.62 7.60
C HIS P 303 8.77 -10.24 7.13
N HIS P 304 8.06 -10.97 7.98
CA HIS P 304 6.73 -11.47 7.64
C HIS P 304 5.78 -10.32 7.34
N PHE P 305 5.74 -9.32 8.23
CA PHE P 305 4.90 -8.14 8.04
C PHE P 305 5.20 -7.46 6.70
N LYS P 306 6.48 -7.20 6.44
CA LYS P 306 6.82 -6.44 5.24
C LYS P 306 6.62 -7.26 3.98
N LEU P 307 6.88 -8.57 4.03
CA LEU P 307 6.70 -9.39 2.84
C LEU P 307 5.23 -9.57 2.50
N TYR P 308 4.34 -9.52 3.50
CA TYR P 308 2.93 -9.70 3.23
C TYR P 308 2.17 -8.39 3.05
N THR P 309 2.75 -7.24 3.39
CA THR P 309 2.10 -5.98 3.08
C THR P 309 2.67 -5.34 1.82
N GLU P 310 3.97 -5.06 1.82
CA GLU P 310 4.60 -4.41 0.68
C GLU P 310 5.17 -5.40 -0.33
N GLY P 311 5.70 -6.51 0.15
CA GLY P 311 6.37 -7.46 -0.71
C GLY P 311 7.82 -7.09 -0.93
N TYR P 312 8.58 -8.05 -1.45
CA TYR P 312 9.98 -7.82 -1.74
C TYR P 312 10.13 -6.93 -2.97
N GLN P 313 11.18 -6.12 -2.96
CA GLN P 313 11.55 -5.34 -4.13
C GLN P 313 12.43 -6.16 -5.05
N VAL P 314 12.26 -5.98 -6.34
CA VAL P 314 13.02 -6.69 -7.36
C VAL P 314 13.93 -5.66 -8.05
N PRO P 315 15.23 -5.93 -8.19
CA PRO P 315 16.10 -4.95 -8.82
C PRO P 315 15.67 -4.68 -10.24
N PRO P 316 15.88 -3.46 -10.74
CA PRO P 316 15.38 -3.10 -12.07
C PRO P 316 15.99 -3.98 -13.16
N GLY P 317 15.19 -4.26 -14.17
CA GLY P 317 15.68 -5.05 -15.29
C GLY P 317 14.55 -5.82 -15.94
N ALA P 318 14.84 -6.31 -17.14
CA ALA P 318 13.86 -7.05 -17.91
C ALA P 318 14.42 -8.41 -18.27
N THR P 319 13.58 -9.43 -18.20
CA THR P 319 13.96 -10.78 -18.58
C THR P 319 12.90 -11.39 -19.48
N TYR P 320 13.35 -12.28 -20.37
CA TYR P 320 12.46 -13.20 -21.07
C TYR P 320 12.82 -14.61 -20.64
N THR P 321 11.95 -15.23 -19.87
CA THR P 321 12.15 -16.59 -19.37
C THR P 321 11.16 -17.52 -20.05
N ALA P 322 11.64 -18.63 -20.59
CA ALA P 322 10.80 -19.58 -21.29
C ALA P 322 10.99 -20.96 -20.71
N ILE P 323 9.90 -21.73 -20.70
CA ILE P 323 9.94 -23.12 -20.31
C ILE P 323 9.26 -23.96 -21.38
N GLU P 324 9.46 -25.28 -21.29
CA GLU P 324 8.75 -26.23 -22.14
C GLU P 324 7.49 -26.67 -21.41
N ALA P 325 6.46 -25.84 -21.53
CA ALA P 325 5.15 -26.18 -21.01
C ALA P 325 4.54 -27.30 -21.86
N PRO P 326 3.57 -28.03 -21.32
CA PRO P 326 2.98 -29.15 -22.07
C PRO P 326 2.36 -28.76 -23.40
N LYS P 327 2.03 -27.48 -23.61
CA LYS P 327 1.47 -27.03 -24.87
C LYS P 327 2.49 -26.36 -25.79
N GLY P 328 3.75 -26.27 -25.38
CA GLY P 328 4.75 -25.60 -26.19
C GLY P 328 5.61 -24.72 -25.33
N GLU P 329 6.32 -23.80 -25.97
CA GLU P 329 7.15 -22.86 -25.22
C GLU P 329 6.28 -21.81 -24.55
N PHE P 330 6.35 -21.75 -23.22
CA PHE P 330 5.61 -20.76 -22.45
C PHE P 330 6.58 -19.75 -21.88
N GLY P 331 6.35 -18.47 -22.15
CA GLY P 331 7.30 -17.46 -21.76
C GLY P 331 6.74 -16.27 -21.02
N VAL P 332 7.61 -15.59 -20.28
CA VAL P 332 7.27 -14.35 -19.59
C VAL P 332 8.34 -13.32 -19.94
N TYR P 333 7.91 -12.16 -20.42
CA TYR P 333 8.76 -10.98 -20.51
C TYR P 333 8.38 -10.10 -19.34
N LEU P 334 9.23 -10.07 -18.33
CA LEU P 334 8.96 -9.40 -17.07
C LEU P 334 9.89 -8.21 -16.92
N VAL P 335 9.31 -7.03 -16.69
CA VAL P 335 10.04 -5.78 -16.54
C VAL P 335 9.82 -5.26 -15.13
N SER P 336 10.93 -5.10 -14.40
CA SER P 336 10.97 -4.57 -13.06
C SER P 336 11.58 -3.18 -13.08
N ASP P 337 10.95 -2.24 -12.37
CA ASP P 337 11.44 -0.88 -12.24
C ASP P 337 12.13 -0.63 -10.91
N GLY P 338 12.38 -1.67 -10.12
CA GLY P 338 13.06 -1.54 -8.86
C GLY P 338 12.18 -1.65 -7.63
N SER P 339 10.86 -1.58 -7.79
CA SER P 339 9.94 -1.61 -6.66
C SER P 339 9.38 -3.02 -6.45
N SER P 340 8.38 -3.14 -5.60
CA SER P 340 7.75 -4.42 -5.28
C SER P 340 6.60 -4.77 -6.22
N ARG P 341 6.33 -3.93 -7.21
CA ARG P 341 5.33 -4.24 -8.20
C ARG P 341 5.98 -4.36 -9.57
N PRO P 342 5.59 -5.35 -10.38
CA PRO P 342 6.13 -5.44 -11.74
C PRO P 342 5.69 -4.25 -12.58
N TYR P 343 6.62 -3.69 -13.33
CA TYR P 343 6.27 -2.62 -14.24
C TYR P 343 5.55 -3.15 -15.47
N ARG P 344 6.02 -4.26 -16.02
CA ARG P 344 5.37 -4.83 -17.20
C ARG P 344 5.46 -6.35 -17.14
N CYS P 345 4.41 -7.01 -17.59
CA CYS P 345 4.43 -8.47 -17.68
C CYS P 345 3.72 -8.87 -18.97
N LYS P 346 4.51 -9.21 -20.00
CA LYS P 346 3.98 -9.76 -21.23
C LYS P 346 4.07 -11.28 -21.16
N ILE P 347 2.98 -11.94 -21.51
CA ILE P 347 2.89 -13.39 -21.43
C ILE P 347 2.90 -13.95 -22.84
N LYS P 348 3.83 -14.86 -23.11
CA LYS P 348 3.92 -15.55 -24.39
C LYS P 348 3.31 -16.93 -24.24
N ALA P 349 2.24 -17.19 -24.99
CA ALA P 349 1.54 -18.45 -24.98
C ALA P 349 1.66 -19.12 -26.34
N PRO P 350 2.04 -20.39 -26.40
CA PRO P 350 2.17 -21.07 -27.70
C PRO P 350 0.87 -21.13 -28.48
N GLY P 351 -0.26 -21.19 -27.79
CA GLY P 351 -1.55 -21.26 -28.47
C GLY P 351 -1.83 -20.06 -29.34
N PHE P 352 -1.27 -18.90 -29.00
CA PHE P 352 -1.42 -17.71 -29.83
C PHE P 352 -0.92 -17.96 -31.25
N ALA P 353 0.33 -18.43 -31.37
CA ALA P 353 0.90 -18.68 -32.68
C ALA P 353 0.23 -19.87 -33.35
N HIS P 354 -0.11 -20.91 -32.58
CA HIS P 354 -0.76 -22.06 -33.19
C HIS P 354 -2.12 -21.69 -33.80
N LEU P 355 -2.90 -20.89 -33.08
CA LEU P 355 -4.18 -20.44 -33.61
C LEU P 355 -4.00 -19.47 -34.77
N ALA P 356 -2.96 -18.64 -34.73
CA ALA P 356 -2.67 -17.78 -35.87
C ALA P 356 -2.28 -18.57 -37.11
N GLY P 357 -1.78 -19.79 -36.94
CA GLY P 357 -1.49 -20.68 -38.06
C GLY P 357 -2.59 -21.64 -38.43
N LEU P 358 -3.65 -21.73 -37.63
CA LEU P 358 -4.79 -22.61 -37.95
C LEU P 358 -5.30 -22.39 -39.37
N ASP P 359 -5.40 -21.14 -39.81
CA ASP P 359 -5.89 -20.89 -41.17
C ASP P 359 -4.96 -21.49 -42.22
N LYS P 360 -3.65 -21.40 -42.00
CA LYS P 360 -2.70 -22.02 -42.91
C LYS P 360 -2.85 -23.54 -42.92
N MET P 361 -3.04 -24.13 -41.75
CA MET P 361 -3.05 -25.58 -41.68
C MET P 361 -4.32 -26.22 -42.23
N SER P 362 -5.36 -25.41 -42.44
CA SER P 362 -6.64 -25.93 -42.92
C SER P 362 -6.93 -25.78 -44.40
N LYS P 363 -5.93 -25.41 -45.19
CA LYS P 363 -6.11 -25.25 -46.63
C LYS P 363 -6.42 -26.59 -47.31
N GLY P 364 -7.51 -26.62 -48.09
CA GLY P 364 -7.91 -27.81 -48.79
C GLY P 364 -8.54 -28.89 -47.96
N HIS P 365 -9.12 -28.55 -46.81
CA HIS P 365 -9.73 -29.50 -45.91
C HIS P 365 -11.21 -29.19 -45.72
N MET P 366 -11.91 -30.13 -45.12
CA MET P 366 -13.35 -30.02 -44.89
C MET P 366 -13.63 -29.49 -43.48
N LEU P 367 -14.89 -29.53 -43.08
CA LEU P 367 -15.30 -29.06 -41.76
C LEU P 367 -14.76 -29.97 -40.66
N ALA P 368 -14.95 -31.28 -40.81
CA ALA P 368 -14.50 -32.23 -39.82
C ALA P 368 -12.98 -32.20 -39.68
N ASP P 369 -12.27 -31.99 -40.78
CA ASP P 369 -10.81 -31.87 -40.71
C ASP P 369 -10.41 -30.62 -39.94
N VAL P 370 -11.17 -29.53 -40.07
CA VAL P 370 -10.87 -28.33 -39.30
C VAL P 370 -11.10 -28.58 -37.82
N VAL P 371 -12.14 -29.34 -37.48
CA VAL P 371 -12.36 -29.72 -36.09
C VAL P 371 -11.17 -30.51 -35.55
N ALA P 372 -10.69 -31.47 -36.35
CA ALA P 372 -9.52 -32.25 -35.96
C ALA P 372 -8.29 -31.37 -35.78
N ILE P 373 -8.11 -30.38 -36.64
CA ILE P 373 -6.94 -29.51 -36.54
C ILE P 373 -7.00 -28.65 -35.28
N ILE P 374 -8.18 -28.10 -34.97
CA ILE P 374 -8.33 -27.37 -33.71
C ILE P 374 -8.00 -28.27 -32.53
N GLY P 375 -8.45 -29.53 -32.58
CA GLY P 375 -8.11 -30.46 -31.52
C GLY P 375 -6.62 -30.75 -31.41
N THR P 376 -5.95 -30.87 -32.56
CA THR P 376 -4.54 -31.24 -32.57
C THR P 376 -3.62 -30.08 -32.23
N GLN P 377 -4.12 -28.84 -32.27
CA GLN P 377 -3.28 -27.72 -31.86
C GLN P 377 -3.21 -27.53 -30.36
N ASP P 378 -4.08 -28.18 -29.59
CA ASP P 378 -4.06 -28.17 -28.13
C ASP P 378 -4.21 -26.74 -27.60
N ILE P 379 -5.40 -26.18 -27.83
CA ILE P 379 -5.69 -24.77 -27.56
C ILE P 379 -6.49 -24.64 -26.28
N VAL P 380 -6.02 -23.81 -25.36
CA VAL P 380 -6.79 -23.32 -24.22
C VAL P 380 -6.80 -21.80 -24.31
N PHE P 381 -8.00 -21.22 -24.26
CA PHE P 381 -8.12 -19.80 -24.59
C PHE P 381 -7.80 -18.87 -23.44
N GLY P 382 -7.63 -19.40 -22.23
CA GLY P 382 -7.10 -18.57 -21.15
C GLY P 382 -5.72 -18.05 -21.47
N GLU P 383 -4.85 -18.90 -22.02
CA GLU P 383 -3.51 -18.45 -22.39
C GLU P 383 -3.52 -17.67 -23.69
N VAL P 384 -4.46 -17.94 -24.60
CA VAL P 384 -4.50 -17.21 -25.86
C VAL P 384 -4.95 -15.78 -25.65
N ASP P 385 -6.01 -15.57 -24.86
CA ASP P 385 -6.57 -14.23 -24.71
C ASP P 385 -5.93 -13.46 -23.57
N ARG P 386 -5.75 -14.10 -22.41
CA ARG P 386 -5.21 -13.47 -21.22
C ARG P 386 -5.99 -12.20 -20.85
N GLY Q 1 -23.60 -10.68 25.54
CA GLY Q 1 -24.14 -9.43 26.02
C GLY Q 1 -25.13 -8.79 25.07
N VAL Q 2 -25.99 -9.62 24.48
CA VAL Q 2 -26.98 -9.13 23.52
C VAL Q 2 -28.00 -8.26 24.24
N ARG Q 3 -28.63 -7.38 23.48
CA ARG Q 3 -29.69 -6.50 23.96
C ARG Q 3 -30.39 -5.91 22.74
N THR Q 4 -31.70 -5.73 22.86
CA THR Q 4 -32.50 -5.24 21.75
C THR Q 4 -32.63 -3.72 21.79
N SER Q 5 -32.78 -3.14 20.62
CA SER Q 5 -33.08 -1.73 20.47
C SER Q 5 -34.56 -1.49 20.73
N PRO Q 6 -34.96 -0.23 20.92
CA PRO Q 6 -36.41 0.06 21.08
C PRO Q 6 -37.26 -0.39 19.91
N THR Q 7 -36.66 -0.75 18.78
CA THR Q 7 -37.38 -1.25 17.63
C THR Q 7 -37.51 -2.77 17.63
N GLY Q 8 -36.92 -3.44 18.63
CA GLY Q 8 -36.94 -4.88 18.68
C GLY Q 8 -35.80 -5.57 17.96
N GLU Q 9 -34.89 -4.82 17.34
CA GLU Q 9 -33.75 -5.39 16.64
C GLU Q 9 -32.61 -5.64 17.62
N LYS Q 10 -31.95 -6.78 17.44
CA LYS Q 10 -30.78 -7.10 18.25
C LYS Q 10 -29.64 -6.15 17.93
N VAL Q 11 -28.90 -5.78 18.96
CA VAL Q 11 -27.75 -4.90 18.81
C VAL Q 11 -26.52 -5.78 18.84
N THR Q 12 -25.68 -5.63 17.83
CA THR Q 12 -24.45 -6.42 17.68
C THR Q 12 -23.32 -5.99 18.61
N HIS Q 13 -22.23 -6.76 18.62
CA HIS Q 13 -21.07 -6.46 19.46
C HIS Q 13 -20.51 -5.09 19.05
N THR Q 14 -20.59 -4.82 17.76
CA THR Q 14 -20.19 -3.54 17.20
C THR Q 14 -21.09 -2.39 17.71
N GLY Q 15 -22.37 -2.68 17.97
CA GLY Q 15 -23.30 -1.70 18.47
C GLY Q 15 -24.18 -1.06 17.43
N GLN Q 16 -24.15 -1.59 16.21
CA GLN Q 16 -24.96 -1.02 15.15
C GLN Q 16 -26.35 -1.64 15.05
N ALA Q 17 -27.36 -0.78 15.09
CA ALA Q 17 -28.74 -1.18 14.94
C ALA Q 17 -29.35 -0.11 14.05
N TYR Q 18 -30.18 -0.49 13.09
CA TYR Q 18 -30.79 0.50 12.23
C TYR Q 18 -31.73 1.43 13.01
N ASP Q 19 -31.70 2.71 12.68
CA ASP Q 19 -32.53 3.71 13.32
C ASP Q 19 -34.01 3.54 12.96
N ASP Q 20 -34.89 4.15 13.73
CA ASP Q 20 -36.33 4.00 13.52
C ASP Q 20 -36.77 4.46 12.13
N GLY Q 21 -36.23 5.58 11.64
CA GLY Q 21 -36.60 6.05 10.33
C GLY Q 21 -35.75 5.53 9.18
N ASP Q 22 -34.91 4.53 9.42
CA ASP Q 22 -34.01 4.00 8.39
C ASP Q 22 -34.77 2.95 7.58
N TYR Q 23 -34.89 3.20 6.27
CA TYR Q 23 -35.59 2.27 5.40
C TYR Q 23 -34.89 0.93 5.29
N ARG Q 24 -33.58 0.88 5.55
CA ARG Q 24 -32.78 -0.32 5.30
C ARG Q 24 -33.24 -1.53 6.12
N ARG Q 25 -33.99 -1.30 7.20
CA ARG Q 25 -34.59 -2.40 7.96
C ARG Q 25 -35.47 -3.28 7.11
N VAL Q 26 -35.99 -2.76 6.00
CA VAL Q 26 -36.81 -3.55 5.09
C VAL Q 26 -36.07 -4.77 4.58
N ARG Q 27 -34.73 -4.76 4.59
CA ARG Q 27 -34.00 -5.92 4.12
C ARG Q 27 -34.14 -7.11 5.06
N PHE Q 28 -34.59 -6.90 6.29
CA PHE Q 28 -34.76 -8.00 7.22
C PHE Q 28 -36.19 -8.51 7.30
N SER Q 29 -37.17 -7.76 6.79
CA SER Q 29 -38.55 -8.23 6.84
C SER Q 29 -38.71 -9.47 5.98
N ASP Q 30 -39.43 -10.46 6.51
CA ASP Q 30 -39.58 -11.81 5.98
C ASP Q 30 -38.29 -12.62 6.05
N ARG Q 31 -37.25 -12.09 6.69
CA ARG Q 31 -35.97 -12.79 6.86
C ARG Q 31 -35.48 -12.48 8.26
N GLN Q 32 -34.20 -12.72 8.53
CA GLN Q 32 -33.63 -12.49 9.85
C GLN Q 32 -32.39 -11.61 9.74
N LYS Q 33 -31.91 -11.16 10.88
CA LYS Q 33 -30.68 -10.38 10.98
C LYS Q 33 -29.61 -11.22 11.67
N GLU Q 34 -28.48 -11.40 10.98
CA GLU Q 34 -27.38 -12.19 11.50
C GLU Q 34 -26.69 -11.48 12.65
N VAL Q 35 -26.73 -12.08 13.84
CA VAL Q 35 -26.06 -11.53 15.01
C VAL Q 35 -25.33 -12.66 15.71
N ASN Q 36 -24.04 -12.47 15.96
CA ASN Q 36 -23.26 -13.43 16.72
C ASN Q 36 -23.48 -13.19 18.21
N GLU Q 37 -23.79 -14.24 18.94
CA GLU Q 37 -24.27 -14.12 20.31
C GLU Q 37 -23.16 -14.17 21.35
N ASN Q 38 -21.95 -14.62 20.99
CA ASN Q 38 -20.85 -14.73 21.94
C ASN Q 38 -20.04 -13.44 21.86
N PHE Q 39 -20.34 -12.49 22.74
CA PHE Q 39 -19.64 -11.21 22.76
C PHE Q 39 -18.25 -11.39 23.35
N ALA Q 40 -17.22 -11.08 22.57
CA ALA Q 40 -15.85 -11.30 23.00
C ALA Q 40 -15.46 -10.40 24.17
N ILE Q 41 -15.95 -9.16 24.19
CA ILE Q 41 -15.62 -8.25 25.28
C ILE Q 41 -16.12 -8.79 26.61
N ASP Q 42 -17.29 -9.44 26.60
CA ASP Q 42 -17.83 -10.02 27.83
C ASP Q 42 -17.10 -11.30 28.21
N LEU Q 43 -16.78 -12.14 27.22
CA LEU Q 43 -16.10 -13.40 27.51
C LEU Q 43 -14.69 -13.18 28.05
N ILE Q 44 -13.97 -12.19 27.52
CA ILE Q 44 -12.63 -11.92 28.05
C ILE Q 44 -12.71 -11.26 29.42
N ALA Q 45 -13.83 -10.60 29.73
CA ALA Q 45 -13.99 -9.97 31.03
C ALA Q 45 -14.27 -10.97 32.15
N GLU Q 46 -14.53 -12.23 31.81
CA GLU Q 46 -14.78 -13.26 32.81
C GLU Q 46 -13.53 -14.00 33.23
N GLN Q 47 -12.46 -13.93 32.46
CA GLN Q 47 -11.26 -14.67 32.77
C GLN Q 47 -10.61 -14.15 34.05
N PRO Q 48 -10.16 -15.04 34.93
CA PRO Q 48 -9.51 -14.59 36.16
C PRO Q 48 -8.12 -14.03 35.90
N VAL Q 49 -7.75 -13.03 36.69
CA VAL Q 49 -6.43 -12.42 36.57
C VAL Q 49 -5.38 -13.37 37.13
N SER Q 50 -4.33 -13.61 36.35
CA SER Q 50 -3.27 -14.52 36.76
C SER Q 50 -2.27 -13.81 37.66
N GLU Q 51 -1.94 -14.43 38.79
CA GLU Q 51 -0.99 -13.90 39.74
C GLU Q 51 0.36 -14.57 39.54
N VAL Q 52 1.39 -13.77 39.29
CA VAL Q 52 2.73 -14.29 39.02
C VAL Q 52 3.74 -13.56 39.89
N GLY Q 53 4.76 -14.29 40.34
CA GLY Q 53 5.76 -13.74 41.23
C GLY Q 53 6.97 -13.16 40.54
N SER Q 54 6.75 -12.37 39.50
CA SER Q 54 7.84 -11.72 38.79
C SER Q 54 7.36 -10.37 38.26
N ARG Q 55 8.31 -9.46 38.06
CA ARG Q 55 7.95 -8.15 37.52
C ARG Q 55 7.55 -8.21 36.07
N VAL Q 56 8.17 -9.10 35.29
CA VAL Q 56 7.90 -9.20 33.85
C VAL Q 56 7.40 -10.61 33.56
N ILE Q 57 6.26 -10.71 32.90
CA ILE Q 57 5.66 -11.98 32.54
C ILE Q 57 5.65 -12.09 31.02
N SER Q 58 5.46 -13.31 30.53
CA SER Q 58 5.41 -13.56 29.10
C SER Q 58 4.08 -14.18 28.72
N CYS Q 59 3.54 -13.77 27.57
CA CYS Q 59 2.29 -14.34 27.07
C CYS Q 59 2.46 -14.68 25.60
N ASP Q 60 1.94 -15.85 25.21
CA ASP Q 60 1.89 -16.26 23.82
C ASP Q 60 0.52 -16.83 23.45
N GLY Q 61 -0.48 -16.61 24.31
CA GLY Q 61 -1.83 -17.01 24.00
C GLY Q 61 -2.14 -18.48 24.17
N GLY Q 62 -1.18 -19.27 24.64
CA GLY Q 62 -1.37 -20.71 24.75
C GLY Q 62 -1.17 -21.42 23.43
N GLY Q 63 -0.81 -22.70 23.54
CA GLY Q 63 -0.61 -23.51 22.36
C GLY Q 63 0.70 -23.34 21.65
N GLY Q 64 1.61 -22.53 22.19
CA GLY Q 64 2.91 -22.32 21.57
C GLY Q 64 2.82 -21.64 20.23
N ALA Q 65 3.11 -22.39 19.17
CA ALA Q 65 3.02 -21.88 17.80
C ALA Q 65 1.59 -21.72 17.32
N LEU Q 66 0.60 -22.18 18.08
CA LEU Q 66 -0.79 -22.01 17.73
C LEU Q 66 -1.41 -20.76 18.32
N GLY Q 67 -0.68 -20.02 19.14
CA GLY Q 67 -1.18 -18.80 19.74
C GLY Q 67 -0.83 -17.56 18.95
N HIS Q 68 -0.43 -16.51 19.65
CA HIS Q 68 0.00 -15.26 19.05
C HIS Q 68 1.51 -15.08 19.26
N PRO Q 69 2.11 -14.05 18.66
CA PRO Q 69 3.52 -13.77 18.93
C PRO Q 69 3.74 -13.49 20.41
N ARG Q 70 4.88 -13.98 20.91
CA ARG Q 70 5.19 -13.92 22.34
C ARG Q 70 5.56 -12.50 22.72
N VAL Q 71 4.95 -11.98 23.78
CA VAL Q 71 5.21 -10.62 24.24
C VAL Q 71 5.48 -10.65 25.73
N TYR Q 72 6.14 -9.60 26.18
CA TYR Q 72 6.55 -9.44 27.58
C TYR Q 72 5.81 -8.27 28.18
N ILE Q 73 5.20 -8.50 29.34
CA ILE Q 73 4.35 -7.54 30.02
C ILE Q 73 5.00 -7.15 31.34
N ASN Q 74 5.19 -5.85 31.53
CA ASN Q 74 5.68 -5.31 32.78
C ASN Q 74 4.56 -5.25 33.79
N LEU Q 75 4.88 -5.54 35.05
CA LEU Q 75 3.88 -5.61 36.12
C LEU Q 75 4.32 -4.79 37.32
N ASP Q 76 4.91 -3.62 37.09
CA ASP Q 76 5.34 -2.76 38.17
C ASP Q 76 4.23 -1.88 38.73
N LYS Q 77 3.35 -1.38 37.86
CA LYS Q 77 2.20 -0.61 38.33
C LYS Q 77 1.28 -1.50 39.14
N GLU Q 78 1.02 -1.11 40.39
CA GLU Q 78 0.15 -1.89 41.26
C GLU Q 78 -1.27 -1.37 41.30
N THR Q 79 -1.53 -0.17 40.76
CA THR Q 79 -2.90 0.32 40.66
C THR Q 79 -3.70 -0.36 39.56
N LYS Q 80 -3.03 -1.03 38.61
CA LYS Q 80 -3.73 -1.72 37.54
C LYS Q 80 -3.17 -3.12 37.36
N THR Q 81 -3.58 -3.80 36.30
CA THR Q 81 -3.04 -5.10 35.94
C THR Q 81 -2.42 -5.02 34.55
N GLY Q 82 -1.44 -5.89 34.30
CA GLY Q 82 -0.84 -5.99 32.99
C GLY Q 82 -1.74 -6.79 32.07
N THR Q 83 -2.10 -6.19 30.95
CA THR Q 83 -3.00 -6.80 29.99
C THR Q 83 -2.26 -7.11 28.71
N CYS Q 84 -2.42 -8.33 28.23
CA CYS Q 84 -1.85 -8.71 26.94
C CYS Q 84 -2.53 -7.94 25.82
N GLY Q 85 -1.72 -7.37 24.92
CA GLY Q 85 -2.27 -6.64 23.79
C GLY Q 85 -2.77 -7.51 22.67
N TYR Q 86 -2.56 -8.82 22.76
CA TYR Q 86 -2.99 -9.78 21.74
C TYR Q 86 -4.20 -10.59 22.20
N CYS Q 87 -4.12 -11.19 23.37
CA CYS Q 87 -5.10 -12.14 23.87
C CYS Q 87 -6.09 -11.51 24.85
N GLY Q 88 -5.70 -10.45 25.54
CA GLY Q 88 -6.55 -9.83 26.52
C GLY Q 88 -6.46 -10.40 27.92
N LEU Q 89 -5.62 -11.40 28.14
CA LEU Q 89 -5.45 -11.95 29.48
C LEU Q 89 -4.77 -10.93 30.38
N GLN Q 90 -5.04 -11.04 31.67
CA GLN Q 90 -4.55 -10.09 32.66
C GLN Q 90 -3.61 -10.77 33.63
N PHE Q 91 -2.60 -10.02 34.07
CA PHE Q 91 -1.58 -10.51 34.99
C PHE Q 91 -1.32 -9.46 36.05
N ARG Q 92 -0.97 -9.94 37.23
CA ARG Q 92 -0.59 -9.05 38.32
C ARG Q 92 0.39 -9.78 39.24
N GLN Q 93 1.12 -9.02 39.98
CA GLN Q 93 1.93 -9.54 41.06
C GLN Q 93 1.08 -9.71 42.31
N PRO Q 94 1.44 -10.63 43.20
CA PRO Q 94 0.74 -10.72 44.49
C PRO Q 94 0.83 -9.41 45.24
N HIS Q 95 -0.31 -8.78 45.45
CA HIS Q 95 -0.39 -7.47 46.09
C HIS Q 95 -1.10 -7.58 47.42
N HIS Q 96 -0.96 -6.53 48.22
CA HIS Q 96 -1.47 -6.46 49.60
C HIS Q 96 -1.21 -7.75 50.37
N ALA R 1 15.64 -33.83 21.79
CA ALA R 1 16.59 -34.01 20.71
C ALA R 1 16.01 -34.92 19.63
N SER R 2 14.97 -34.46 18.95
CA SER R 2 14.31 -35.24 17.92
C SER R 2 15.00 -35.09 16.58
N LYS R 3 15.01 -36.16 15.81
CA LYS R 3 15.65 -36.19 14.50
C LYS R 3 14.69 -35.69 13.43
N VAL R 4 15.28 -35.29 12.29
CA VAL R 4 14.49 -34.72 11.21
C VAL R 4 13.65 -35.80 10.55
N LYS R 5 12.34 -35.57 10.49
CA LYS R 5 11.40 -36.47 9.85
C LYS R 5 10.74 -35.74 8.69
N GLN R 6 10.78 -36.36 7.52
CA GLN R 6 10.43 -35.68 6.28
C GLN R 6 10.03 -36.75 5.27
N ASP R 7 9.13 -36.38 4.37
CA ASP R 7 8.67 -37.31 3.35
C ASP R 7 9.81 -37.59 2.38
N MET R 8 10.29 -38.83 2.38
CA MET R 8 11.43 -39.25 1.58
C MET R 8 11.11 -40.61 0.98
N PRO R 9 11.82 -40.99 -0.10
CA PRO R 9 11.66 -42.35 -0.61
C PRO R 9 12.20 -43.36 0.38
N PRO R 10 11.68 -44.59 0.37
CA PRO R 10 12.20 -45.61 1.28
C PRO R 10 13.64 -45.93 0.97
N PRO R 11 14.33 -46.56 1.93
CA PRO R 11 15.74 -46.92 1.82
C PRO R 11 15.89 -47.77 0.58
N GLY R 12 17.04 -47.68 -0.08
CA GLY R 12 17.21 -48.35 -1.34
C GLY R 12 16.30 -47.55 -2.25
N GLY R 13 15.36 -48.19 -2.92
CA GLY R 13 14.50 -47.43 -3.83
C GLY R 13 13.11 -47.98 -4.04
N TYR R 14 12.27 -47.18 -4.69
CA TYR R 14 10.92 -47.59 -5.04
C TYR R 14 10.98 -48.65 -6.13
N GLY R 15 9.94 -49.48 -6.20
CA GLY R 15 9.88 -50.51 -7.23
C GLY R 15 9.81 -49.91 -8.61
N PRO R 16 10.41 -50.59 -9.60
CA PRO R 16 10.47 -50.08 -10.97
C PRO R 16 9.08 -49.88 -11.57
N ILE R 17 8.95 -48.81 -12.36
CA ILE R 17 7.70 -48.47 -12.99
C ILE R 17 7.74 -48.69 -14.50
N ASP R 18 6.76 -49.42 -15.02
CA ASP R 18 6.66 -49.69 -16.44
C ASP R 18 6.16 -48.46 -17.20
N TYR R 19 6.78 -48.20 -18.34
CA TYR R 19 6.34 -47.09 -19.17
C TYR R 19 6.27 -47.42 -20.66
N LYS R 20 6.86 -48.52 -21.12
CA LYS R 20 6.89 -48.82 -22.54
C LYS R 20 5.53 -49.34 -23.02
N ARG R 21 5.26 -49.13 -24.30
CA ARG R 21 4.00 -49.59 -24.88
C ARG R 21 3.90 -51.11 -24.82
N ASN R 22 2.74 -51.61 -24.42
CA ASN R 22 2.48 -53.04 -24.28
C ASN R 22 1.23 -53.38 -25.07
N LEU R 23 1.41 -53.70 -26.35
CA LEU R 23 0.31 -54.09 -27.24
C LEU R 23 0.56 -55.50 -27.74
N PRO R 24 -0.07 -56.51 -27.14
CA PRO R 24 0.19 -57.90 -27.55
C PRO R 24 -0.30 -58.17 -28.96
N ARG R 25 0.13 -59.33 -29.49
CA ARG R 25 -0.23 -59.71 -30.85
C ARG R 25 -1.68 -60.17 -30.94
N ARG R 26 -2.02 -61.24 -30.20
CA ARG R 26 -3.40 -61.58 -29.88
C ARG R 26 -4.25 -61.80 -31.15
N GLY R 27 -3.94 -62.89 -31.83
CA GLY R 27 -4.77 -63.24 -32.98
C GLY R 27 -4.38 -64.58 -33.58
N LEU R 28 -5.14 -64.96 -34.59
CA LEU R 28 -4.84 -66.13 -35.42
C LEU R 28 -3.97 -65.68 -36.60
N SER R 29 -3.84 -66.55 -37.59
CA SER R 29 -3.21 -66.20 -38.85
C SER R 29 -4.28 -65.89 -39.90
#